data_7YNY
#
_entry.id   7YNY
#
_cell.length_a   250.059
_cell.length_b   117.738
_cell.length_c   128.473
_cell.angle_alpha   90.000
_cell.angle_beta   108.119
_cell.angle_gamma   90.000
#
_symmetry.space_group_name_H-M   'C 1 2 1'
#
_entity_poly.entity_id   1
_entity_poly.type   'polypeptide(L)'
_entity_poly.pdbx_seq_one_letter_code
;MGSSHHHHHHSSGLVPRGSHMASMTGGQQMGRGSMSNMDISPVKQLIDIENDDAMNTPEKGMKRPLMRTMSSVEEPQAKM
AKLRTLNVKGQLLTKTTMSINNEDYYLFKFLVNNKSIDYYGTQTQFFSLINNKTYELVLQYSRKKLLIKSYEQCEDEDLL
MTVCKSVTFQEFCANEIKSLLAKFLYGFKIYGSSNVYKLVFVILLEDNNGTINGVQVEMMSDFKRLSGAFKNHVIENEND
LFDCMYKSEEKYFNLYRIKCNHNANNYKSLSLSSNSQLERLETDDSMFEYEFQYDYTVNISRSNKIIQKHRVTGNFTSER
NIYQNSDRFVISYDTANEKIKTSIYNRMENAESKTDYDTSITLKDVTLSQLNSLIESNLVQVDVYLVTDPNNVKNNVIAG
ITKIEIDGTYEPL
;
_entity_poly.pdbx_strand_id   A,B,C,D,E,F,G,H
#
# COMPACT_ATOMS: atom_id res chain seq x y z
N LYS A 82 36.52 -14.67 52.12
CA LYS A 82 35.64 -13.85 52.93
C LYS A 82 34.32 -13.57 52.22
N LEU A 83 33.21 -13.74 52.95
CA LEU A 83 31.90 -13.35 52.44
C LEU A 83 31.85 -11.82 52.34
N ARG A 84 31.65 -11.30 51.14
CA ARG A 84 31.63 -9.86 50.95
C ARG A 84 30.25 -9.29 51.26
N THR A 85 30.21 -7.97 51.46
CA THR A 85 29.03 -7.29 51.98
C THR A 85 28.89 -5.93 51.33
N LEU A 86 27.70 -5.34 51.48
CA LEU A 86 27.38 -4.02 50.95
C LEU A 86 26.83 -3.14 52.06
N ASN A 87 26.83 -1.84 51.81
CA ASN A 87 26.29 -0.85 52.74
C ASN A 87 25.37 0.10 51.97
N VAL A 88 24.11 0.17 52.39
CA VAL A 88 23.11 1.04 51.78
C VAL A 88 22.33 1.75 52.89
N LYS A 89 21.63 2.81 52.51
CA LYS A 89 20.88 3.62 53.45
C LYS A 89 19.54 3.99 52.84
N GLY A 90 18.48 3.93 53.64
CA GLY A 90 17.19 4.33 53.12
C GLY A 90 15.97 4.15 54.01
N GLN A 91 14.93 4.92 53.70
CA GLN A 91 13.61 4.74 54.30
C GLN A 91 13.11 3.31 54.12
N LEU A 92 12.30 2.87 55.09
CA LEU A 92 11.60 1.61 55.01
C LEU A 92 10.13 1.86 54.70
N LEU A 93 9.57 1.08 53.79
CA LEU A 93 8.21 1.27 53.30
C LEU A 93 7.24 0.26 53.87
N THR A 94 7.47 -1.04 53.61
CA THR A 94 6.55 -2.09 54.01
C THR A 94 7.34 -3.25 54.60
N LYS A 95 6.68 -3.99 55.50
CA LYS A 95 7.22 -5.22 56.04
C LYS A 95 6.25 -6.35 55.76
N THR A 96 6.79 -7.49 55.32
CA THR A 96 5.98 -8.61 54.87
C THR A 96 6.63 -9.91 55.30
N THR A 97 5.80 -10.89 55.65
CA THR A 97 6.26 -12.22 56.01
C THR A 97 5.46 -13.27 55.28
N MET A 98 6.04 -14.45 55.15
CA MET A 98 5.41 -15.60 54.50
C MET A 98 6.12 -16.85 54.97
N SER A 99 5.37 -17.95 55.02
CA SER A 99 5.91 -19.24 55.44
C SER A 99 5.79 -20.21 54.26
N ILE A 100 6.92 -20.58 53.68
CA ILE A 100 6.97 -21.53 52.58
C ILE A 100 7.63 -22.80 53.11
N ASN A 101 6.84 -23.87 53.19
CA ASN A 101 7.30 -25.18 53.60
C ASN A 101 7.78 -25.16 55.05
N ASN A 102 7.04 -24.43 55.89
CA ASN A 102 7.32 -24.31 57.32
C ASN A 102 8.69 -23.71 57.59
N GLU A 103 9.20 -22.91 56.66
CA GLU A 103 10.45 -22.17 56.82
C GLU A 103 10.10 -20.69 56.70
N ASP A 104 10.04 -20.01 57.84
CA ASP A 104 9.55 -18.63 57.87
C ASP A 104 10.49 -17.71 57.11
N TYR A 105 9.92 -16.84 56.28
CA TYR A 105 10.66 -15.85 55.51
C TYR A 105 10.17 -14.45 55.87
N TYR A 106 11.09 -13.50 55.95
CA TYR A 106 10.79 -12.14 56.36
C TYR A 106 11.47 -11.16 55.43
N LEU A 107 10.71 -10.21 54.89
CA LEU A 107 11.19 -9.30 53.86
C LEU A 107 10.80 -7.87 54.17
N PHE A 108 11.66 -6.93 53.77
CA PHE A 108 11.49 -5.52 54.06
C PHE A 108 11.69 -4.72 52.78
N LYS A 109 10.69 -3.93 52.40
CA LYS A 109 10.79 -3.07 51.22
C LYS A 109 11.37 -1.73 51.64
N PHE A 110 12.62 -1.49 51.29
CA PHE A 110 13.32 -0.26 51.64
C PHE A 110 13.38 0.67 50.43
N LEU A 111 13.23 1.96 50.68
CA LEU A 111 13.40 2.97 49.64
C LEU A 111 14.86 3.43 49.63
N VAL A 112 15.64 2.85 48.73
CA VAL A 112 17.07 3.13 48.60
C VAL A 112 17.25 3.93 47.32
N ASN A 113 17.67 5.19 47.46
CA ASN A 113 17.86 6.10 46.33
C ASN A 113 16.58 6.24 45.51
N ASN A 114 15.43 6.17 46.19
CA ASN A 114 14.11 6.21 45.56
C ASN A 114 13.92 5.01 44.62
N LYS A 115 14.24 3.83 45.14
CA LYS A 115 14.00 2.56 44.45
C LYS A 115 13.39 1.57 45.43
N SER A 116 12.48 0.74 44.94
CA SER A 116 11.89 -0.32 45.75
C SER A 116 12.77 -1.55 45.67
N ILE A 117 13.64 -1.73 46.65
CA ILE A 117 14.58 -2.85 46.72
C ILE A 117 14.32 -3.61 48.00
N ASP A 118 14.14 -4.93 47.88
CA ASP A 118 13.73 -5.78 48.99
C ASP A 118 14.93 -6.48 49.61
N TYR A 119 14.91 -6.65 50.93
CA TYR A 119 15.99 -7.28 51.67
C TYR A 119 15.44 -8.29 52.67
N TYR A 120 16.24 -9.32 52.94
CA TYR A 120 15.84 -10.45 53.77
C TYR A 120 16.11 -10.18 55.25
N GLY A 121 15.31 -10.80 56.11
CA GLY A 121 15.49 -10.69 57.54
C GLY A 121 14.91 -11.89 58.26
N THR A 122 15.02 -11.86 59.59
CA THR A 122 14.49 -12.89 60.46
C THR A 122 13.36 -12.32 61.31
N GLN A 123 12.88 -13.12 62.28
CA GLN A 123 11.77 -12.69 63.11
C GLN A 123 12.19 -11.63 64.13
N THR A 124 13.50 -11.50 64.40
CA THR A 124 13.96 -10.45 65.30
C THR A 124 13.89 -9.08 64.62
N GLN A 125 14.28 -9.01 63.35
CA GLN A 125 14.21 -7.75 62.61
C GLN A 125 12.77 -7.33 62.35
N PHE A 126 11.85 -8.30 62.25
CA PHE A 126 10.46 -7.99 61.92
C PHE A 126 9.84 -7.03 62.94
N PHE A 127 10.23 -7.15 64.20
CA PHE A 127 9.66 -6.34 65.27
C PHE A 127 10.51 -5.13 65.61
N SER A 128 11.83 -5.20 65.38
CA SER A 128 12.70 -4.10 65.74
C SER A 128 12.52 -2.90 64.81
N LEU A 129 12.27 -3.16 63.53
CA LEU A 129 12.19 -2.08 62.55
C LEU A 129 10.77 -1.56 62.43
N ILE A 130 10.66 -0.28 62.09
CA ILE A 130 9.38 0.42 61.97
C ILE A 130 9.38 1.22 60.68
N ASN A 131 8.17 1.41 60.13
CA ASN A 131 8.03 2.01 58.81
C ASN A 131 8.30 3.51 58.85
N ASN A 132 8.55 4.06 57.65
CA ASN A 132 8.78 5.49 57.46
C ASN A 132 9.90 6.00 58.37
N LYS A 133 11.01 5.28 58.37
CA LYS A 133 12.16 5.60 59.23
C LYS A 133 13.43 5.24 58.49
N THR A 134 14.29 6.23 58.23
CA THR A 134 15.60 5.94 57.66
C THR A 134 16.33 4.95 58.56
N TYR A 135 16.94 3.93 57.94
CA TYR A 135 17.77 2.97 58.63
C TYR A 135 19.08 2.86 57.87
N GLU A 136 20.19 3.11 58.56
CA GLU A 136 21.49 2.81 57.98
C GLU A 136 21.67 1.30 57.96
N LEU A 137 21.79 0.73 56.76
CA LEU A 137 21.70 -0.71 56.57
C LEU A 137 23.04 -1.30 56.15
N VAL A 138 23.36 -2.47 56.72
CA VAL A 138 24.52 -3.25 56.33
C VAL A 138 24.01 -4.59 55.82
N LEU A 139 24.30 -4.89 54.55
CA LEU A 139 23.80 -6.09 53.89
C LEU A 139 24.85 -7.18 53.93
N GLN A 140 24.38 -8.44 53.93
CA GLN A 140 25.25 -9.59 53.77
C GLN A 140 24.67 -10.51 52.71
N TYR A 141 25.56 -11.13 51.92
CA TYR A 141 25.17 -12.11 50.92
C TYR A 141 25.55 -13.49 51.45
N SER A 142 24.55 -14.31 51.75
CA SER A 142 24.76 -15.66 52.23
C SER A 142 23.57 -16.50 51.84
N ARG A 143 23.84 -17.73 51.38
CA ARG A 143 22.82 -18.64 50.86
C ARG A 143 21.99 -17.96 49.76
N LYS A 144 22.69 -17.29 48.85
CA LYS A 144 22.11 -16.77 47.61
C LYS A 144 21.01 -15.74 47.88
N LYS A 145 21.12 -15.03 49.00
CA LYS A 145 20.11 -14.06 49.40
C LYS A 145 20.80 -12.84 50.00
N LEU A 146 20.12 -11.70 49.94
CA LEU A 146 20.62 -10.44 50.50
C LEU A 146 20.05 -10.29 51.91
N LEU A 147 20.88 -10.52 52.92
CA LEU A 147 20.46 -10.46 54.31
C LEU A 147 20.68 -9.07 54.89
N ILE A 148 19.87 -8.74 55.89
CA ILE A 148 20.12 -7.57 56.73
C ILE A 148 21.02 -8.04 57.86
N LYS A 149 22.33 -7.82 57.71
CA LYS A 149 23.27 -8.28 58.73
C LYS A 149 23.09 -7.51 60.03
N SER A 150 22.89 -6.20 59.94
CA SER A 150 22.73 -5.37 61.13
C SER A 150 21.93 -4.13 60.79
N TYR A 151 21.47 -3.43 61.81
CA TYR A 151 20.70 -2.22 61.66
C TYR A 151 21.18 -1.16 62.63
N GLU A 152 21.31 0.07 62.14
CA GLU A 152 21.34 1.25 62.98
C GLU A 152 20.28 2.21 62.44
N GLN A 153 20.26 3.45 62.91
CA GLN A 153 19.17 4.35 62.54
C GLN A 153 19.71 5.76 62.30
N CYS A 154 19.48 6.27 61.08
CA CYS A 154 19.69 7.68 60.78
C CYS A 154 18.40 8.42 61.14
N GLU A 155 18.32 9.72 60.80
CA GLU A 155 17.21 10.56 61.28
C GLU A 155 16.68 11.49 60.19
N ASP A 156 15.89 10.91 59.27
CA ASP A 156 14.96 11.68 58.43
C ASP A 156 15.67 12.80 57.66
N GLU A 157 16.72 12.43 56.93
CA GLU A 157 17.53 13.43 56.24
C GLU A 157 16.72 14.20 55.21
N ASP A 158 16.91 15.52 55.20
CA ASP A 158 16.27 16.42 54.26
C ASP A 158 17.25 16.80 53.16
N LEU A 159 16.80 16.74 51.91
CA LEU A 159 17.69 16.94 50.76
C LEU A 159 17.30 18.17 49.93
N LEU A 160 16.59 19.12 50.53
CA LEU A 160 16.33 20.37 49.85
C LEU A 160 17.54 21.30 49.99
N MET A 161 17.64 22.25 49.07
CA MET A 161 18.82 23.11 48.92
C MET A 161 20.04 22.24 48.57
N THR A 162 19.82 20.95 48.40
CA THR A 162 20.85 19.98 48.03
C THR A 162 20.55 19.53 46.60
N VAL A 163 21.36 19.99 45.65
CA VAL A 163 21.07 19.81 44.23
C VAL A 163 21.34 18.37 43.81
N CYS A 164 20.64 17.93 42.77
CA CYS A 164 20.81 16.60 42.21
C CYS A 164 20.96 16.69 40.70
N LYS A 165 21.75 15.77 40.15
CA LYS A 165 21.96 15.75 38.70
C LYS A 165 20.73 15.21 37.97
N SER A 166 20.07 14.20 38.55
CA SER A 166 19.02 13.48 37.85
C SER A 166 17.84 13.25 38.78
N VAL A 167 16.64 13.41 38.23
CA VAL A 167 15.40 13.03 38.89
C VAL A 167 14.84 11.80 38.20
N THR A 168 13.85 11.18 38.82
CA THR A 168 13.20 10.00 38.27
C THR A 168 11.75 10.31 37.93
N PHE A 169 11.15 9.45 37.09
CA PHE A 169 9.71 9.54 36.87
C PHE A 169 8.95 9.44 38.17
N GLN A 170 9.44 8.62 39.11
CA GLN A 170 8.78 8.46 40.39
C GLN A 170 8.62 9.78 41.13
N GLU A 171 9.66 10.61 41.11
CA GLU A 171 9.61 11.87 41.84
C GLU A 171 8.65 12.86 41.20
N PHE A 172 8.46 12.78 39.89
CA PHE A 172 7.44 13.61 39.24
C PHE A 172 6.03 13.18 39.62
N CYS A 173 5.84 11.89 39.91
CA CYS A 173 4.52 11.41 40.34
C CYS A 173 4.22 11.88 41.77
N ALA A 174 5.19 11.71 42.68
CA ALA A 174 5.01 12.20 44.04
C ALA A 174 4.85 13.71 44.11
N ASN A 175 5.06 14.42 43.00
CA ASN A 175 5.04 15.88 42.98
C ASN A 175 5.98 16.43 44.05
N GLU A 176 7.21 15.93 44.01
CA GLU A 176 8.22 16.20 45.03
C GLU A 176 8.86 17.56 44.78
N ILE A 177 8.64 18.51 45.70
CA ILE A 177 9.45 19.72 45.69
C ILE A 177 10.90 19.33 45.93
N LYS A 178 11.78 19.79 45.05
CA LYS A 178 13.11 19.20 44.97
C LYS A 178 14.07 20.22 44.38
N SER A 179 15.35 20.10 44.75
CA SER A 179 16.41 20.93 44.22
C SER A 179 17.29 20.08 43.32
N LEU A 180 17.34 20.44 42.03
CA LEU A 180 18.17 19.72 41.07
C LEU A 180 18.89 20.72 40.17
N LEU A 181 19.83 20.20 39.40
CA LEU A 181 20.56 21.00 38.42
C LEU A 181 19.90 20.89 37.05
N ALA A 182 19.86 22.01 36.35
CA ALA A 182 19.38 22.06 34.98
C ALA A 182 20.31 22.94 34.15
N LYS A 183 20.16 22.86 32.83
CA LYS A 183 20.80 23.77 31.91
C LYS A 183 19.74 24.68 31.33
N PHE A 184 19.88 25.98 31.54
CA PHE A 184 18.92 26.92 30.98
C PHE A 184 19.12 27.04 29.48
N LEU A 185 18.04 26.87 28.72
CA LEU A 185 18.08 27.10 27.29
C LEU A 185 17.70 28.54 26.99
N TYR A 186 16.42 28.87 27.08
CA TYR A 186 15.92 30.18 26.68
C TYR A 186 14.53 30.40 27.25
N GLY A 187 14.15 31.67 27.30
CA GLY A 187 12.86 32.05 27.86
C GLY A 187 12.22 33.16 27.05
N PHE A 188 10.89 33.21 27.12
CA PHE A 188 10.11 34.15 26.34
C PHE A 188 8.81 34.43 27.08
N LYS A 189 8.13 35.49 26.65
CA LYS A 189 6.81 35.83 27.18
C LYS A 189 5.75 35.28 26.25
N ILE A 190 4.75 34.61 26.83
CA ILE A 190 3.75 33.90 26.04
C ILE A 190 2.85 34.90 25.34
N TYR A 191 2.46 34.57 24.10
CA TYR A 191 1.56 35.42 23.33
C TYR A 191 0.21 35.58 24.01
N GLY A 192 -0.42 36.72 23.79
CA GLY A 192 -1.75 36.98 24.30
C GLY A 192 -1.79 37.30 25.78
N SER A 193 -0.91 36.68 26.55
CA SER A 193 -0.85 36.92 27.99
C SER A 193 -0.17 38.26 28.28
N SER A 194 -0.52 38.85 29.42
CA SER A 194 0.01 40.13 29.83
C SER A 194 0.94 40.05 31.03
N ASN A 195 1.01 38.89 31.69
CA ASN A 195 1.82 38.78 32.90
C ASN A 195 2.27 37.34 33.15
N VAL A 196 2.45 36.56 32.09
CA VAL A 196 2.81 35.15 32.19
C VAL A 196 3.98 34.85 31.27
N TYR A 197 5.03 34.26 31.82
CA TYR A 197 6.27 34.00 31.09
C TYR A 197 6.58 32.51 31.14
N LYS A 198 7.45 32.06 30.23
CA LYS A 198 7.76 30.65 30.08
C LYS A 198 9.26 30.45 29.96
N LEU A 199 9.78 29.50 30.74
CA LEU A 199 11.18 29.13 30.70
C LEU A 199 11.33 27.71 30.12
N VAL A 200 12.45 27.49 29.44
CA VAL A 200 12.76 26.21 28.82
C VAL A 200 14.10 25.74 29.39
N PHE A 201 14.10 24.56 30.00
CA PHE A 201 15.29 23.99 30.62
C PHE A 201 15.61 22.64 29.97
N VAL A 202 16.82 22.15 30.26
CA VAL A 202 17.22 20.79 29.98
C VAL A 202 17.62 20.16 31.30
N ILE A 203 16.95 19.06 31.67
CA ILE A 203 17.24 18.34 32.90
C ILE A 203 17.53 16.88 32.55
N LEU A 204 18.16 16.19 33.48
CA LEU A 204 18.46 14.77 33.35
C LEU A 204 17.36 13.99 34.07
N LEU A 205 16.68 13.09 33.35
CA LEU A 205 15.55 12.35 33.89
C LEU A 205 15.89 10.86 33.82
N GLU A 206 16.11 10.27 34.99
CA GLU A 206 16.40 8.84 35.10
C GLU A 206 15.11 8.05 35.11
N ASP A 207 14.90 7.19 34.11
CA ASP A 207 13.63 6.50 33.97
C ASP A 207 13.54 5.34 34.96
N ASN A 208 12.56 4.47 34.74
CA ASN A 208 12.34 3.31 35.59
C ASN A 208 13.26 2.15 35.25
N ASN A 209 14.10 2.29 34.23
CA ASN A 209 15.02 1.23 33.81
C ASN A 209 16.47 1.53 34.18
N GLY A 210 16.74 2.70 34.76
CA GLY A 210 18.09 3.07 35.13
C GLY A 210 18.84 3.90 34.10
N THR A 211 18.22 4.24 32.99
CA THR A 211 18.86 5.04 31.95
C THR A 211 18.55 6.51 32.16
N ILE A 212 19.58 7.36 32.06
CA ILE A 212 19.46 8.80 32.29
C ILE A 212 19.59 9.50 30.94
N ASN A 213 18.56 10.26 30.58
CA ASN A 213 18.54 11.01 29.32
C ASN A 213 18.20 12.46 29.59
N GLY A 214 18.83 13.36 28.82
CA GLY A 214 18.56 14.77 28.94
C GLY A 214 17.34 15.18 28.14
N VAL A 215 16.36 15.79 28.80
CA VAL A 215 15.10 16.14 28.16
C VAL A 215 14.83 17.62 28.34
N GLN A 216 14.01 18.16 27.43
CA GLN A 216 13.57 19.54 27.51
C GLN A 216 12.37 19.63 28.43
N VAL A 217 12.44 20.50 29.44
CA VAL A 217 11.35 20.68 30.38
C VAL A 217 10.92 22.15 30.37
N GLU A 218 9.63 22.39 30.53
CA GLU A 218 9.07 23.74 30.59
C GLU A 218 8.69 24.14 32.00
N MET A 219 8.37 25.42 32.14
CA MET A 219 8.24 26.10 33.41
C MET A 219 7.42 27.36 33.21
N MET A 220 6.33 27.50 33.96
CA MET A 220 5.57 28.73 33.96
C MET A 220 5.69 29.43 35.31
N SER A 221 5.77 30.75 35.25
CA SER A 221 5.79 31.61 36.42
C SER A 221 5.40 33.01 35.97
N ASP A 222 5.18 33.89 36.93
CA ASP A 222 4.75 35.26 36.64
C ASP A 222 5.87 36.25 36.96
N PHE A 223 5.65 37.50 36.55
CA PHE A 223 6.67 38.53 36.70
C PHE A 223 7.03 38.76 38.16
N LYS A 224 6.05 38.68 39.05
CA LYS A 224 6.30 38.92 40.47
C LYS A 224 7.16 37.81 41.07
N ARG A 225 6.77 36.56 40.85
CA ARG A 225 7.59 35.44 41.32
C ARG A 225 8.96 35.43 40.66
N LEU A 226 9.03 35.83 39.39
CA LEU A 226 10.31 35.85 38.69
C LEU A 226 11.18 37.03 39.11
N SER A 227 10.56 38.16 39.49
CA SER A 227 11.34 39.30 39.94
C SER A 227 12.17 38.96 41.17
N GLY A 228 11.65 38.08 42.02
CA GLY A 228 12.37 37.71 43.24
C GLY A 228 12.96 36.32 43.18
N ALA A 229 12.69 35.58 42.10
CA ALA A 229 13.21 34.22 42.00
C ALA A 229 14.72 34.20 41.77
N PHE A 230 15.21 35.05 40.88
CA PHE A 230 16.61 35.01 40.47
C PHE A 230 17.50 35.50 41.61
N LYS A 231 18.27 34.58 42.17
CA LYS A 231 19.21 34.92 43.24
C LYS A 231 20.30 35.83 42.71
N ASN A 232 20.65 36.84 43.51
CA ASN A 232 21.74 37.78 43.22
C ASN A 232 21.49 38.65 41.99
N HIS A 233 20.23 38.84 41.60
CA HIS A 233 19.92 39.74 40.49
C HIS A 233 18.66 40.52 40.82
N VAL A 234 18.79 41.85 40.82
CA VAL A 234 17.65 42.73 41.06
C VAL A 234 16.86 42.87 39.77
N ILE A 235 15.61 42.40 39.79
CA ILE A 235 14.70 42.50 38.65
C ILE A 235 13.46 43.25 39.14
N GLU A 236 13.29 44.48 38.69
CA GLU A 236 12.16 45.30 39.09
C GLU A 236 11.17 45.58 37.97
N ASN A 237 11.53 45.25 36.72
CA ASN A 237 10.71 45.62 35.58
C ASN A 237 10.88 44.58 34.48
N GLU A 238 9.82 44.38 33.69
CA GLU A 238 9.81 43.33 32.67
C GLU A 238 11.05 43.40 31.81
N ASN A 239 11.51 44.61 31.50
CA ASN A 239 12.66 44.77 30.61
C ASN A 239 13.93 44.21 31.26
N ASP A 240 14.05 44.31 32.59
CA ASP A 240 15.16 43.66 33.29
C ASP A 240 15.03 42.15 33.22
N LEU A 241 13.83 41.62 33.44
CA LEU A 241 13.60 40.19 33.40
C LEU A 241 14.11 39.60 32.09
N PHE A 242 13.78 40.24 30.98
CA PHE A 242 14.27 39.79 29.68
C PHE A 242 15.78 39.93 29.56
N ASP A 243 16.36 40.95 30.19
CA ASP A 243 17.80 41.15 30.09
C ASP A 243 18.55 40.11 30.91
N CYS A 244 17.92 39.58 31.96
CA CYS A 244 18.54 38.56 32.79
C CYS A 244 18.49 37.17 32.15
N MET A 245 17.48 36.90 31.33
CA MET A 245 17.43 35.61 30.64
C MET A 245 18.42 35.56 29.48
N TYR A 246 18.43 36.60 28.65
CA TYR A 246 19.29 36.60 27.47
C TYR A 246 20.77 36.58 27.87
N LYS A 247 21.11 37.09 29.06
CA LYS A 247 22.45 36.88 29.58
C LYS A 247 22.66 35.44 30.01
N SER A 248 21.69 34.87 30.72
CA SER A 248 21.78 33.53 31.27
C SER A 248 21.51 32.44 30.23
N GLU A 249 21.39 32.80 28.96
CA GLU A 249 21.02 31.84 27.93
C GLU A 249 22.19 30.89 27.65
N GLU A 250 21.91 29.58 27.70
CA GLU A 250 22.86 28.48 27.53
C GLU A 250 23.80 28.33 28.72
N LYS A 251 23.45 28.85 29.89
CA LYS A 251 24.23 28.62 31.10
C LYS A 251 23.55 27.56 31.97
N TYR A 252 24.27 27.15 33.01
CA TYR A 252 23.82 26.09 33.92
C TYR A 252 23.37 26.69 35.23
N PHE A 253 22.25 26.20 35.76
CA PHE A 253 21.57 26.82 36.89
C PHE A 253 21.25 25.78 37.95
N ASN A 254 21.50 26.16 39.21
CA ASN A 254 21.06 25.37 40.35
C ASN A 254 19.62 25.75 40.68
N LEU A 255 18.69 24.84 40.48
CA LEU A 255 17.29 25.06 40.80
C LEU A 255 17.02 24.52 42.20
N TYR A 256 16.65 25.41 43.12
CA TYR A 256 16.45 25.06 44.51
C TYR A 256 14.96 25.02 44.81
N ARG A 257 14.48 23.87 45.30
CA ARG A 257 13.09 23.70 45.73
C ARG A 257 12.12 23.94 44.57
N ILE A 258 12.28 23.14 43.52
CA ILE A 258 11.40 23.16 42.36
C ILE A 258 10.44 21.98 42.47
N LYS A 259 9.14 22.26 42.35
CA LYS A 259 8.15 21.19 42.38
C LYS A 259 8.01 20.60 40.99
N CYS A 260 8.26 19.30 40.87
CA CYS A 260 8.11 18.58 39.62
C CYS A 260 6.66 18.12 39.50
N ASN A 261 5.95 18.67 38.52
CA ASN A 261 4.50 18.51 38.44
C ASN A 261 4.14 17.29 37.60
N HIS A 262 2.99 16.72 37.92
CA HIS A 262 2.34 15.74 37.06
C HIS A 262 0.87 16.09 37.11
N ASN A 263 0.19 16.07 35.97
CA ASN A 263 -1.16 16.62 35.91
C ASN A 263 -2.14 15.61 35.34
N ALA A 264 -3.43 15.87 35.59
CA ALA A 264 -4.51 15.09 34.98
C ALA A 264 -4.23 14.91 33.50
N ASN A 265 -3.80 15.98 32.85
CA ASN A 265 -3.25 15.91 31.50
C ASN A 265 -1.75 15.67 31.66
N ASN A 266 -1.31 14.43 31.41
CA ASN A 266 -0.11 13.86 32.02
C ASN A 266 1.22 14.56 31.73
N TYR A 267 1.20 15.65 30.98
CA TYR A 267 2.46 16.33 30.68
C TYR A 267 3.11 16.85 31.96
N LYS A 268 4.42 16.63 32.07
CA LYS A 268 5.20 16.98 33.25
C LYS A 268 5.89 18.32 33.05
N SER A 269 5.98 19.09 34.14
CA SER A 269 6.53 20.44 34.06
C SER A 269 7.23 20.79 35.37
N LEU A 270 7.83 21.98 35.40
CA LEU A 270 8.47 22.54 36.58
C LEU A 270 7.69 23.76 37.04
N SER A 271 7.81 24.08 38.33
CA SER A 271 7.03 25.16 38.92
C SER A 271 7.86 25.91 39.96
N LEU A 272 7.60 27.22 40.07
CA LEU A 272 8.22 28.05 41.11
C LEU A 272 7.31 28.05 42.33
N SER A 273 7.67 27.27 43.34
CA SER A 273 7.17 27.57 44.67
C SER A 273 7.63 28.97 45.05
N SER A 274 6.75 29.70 45.74
CA SER A 274 7.00 31.13 45.99
C SER A 274 8.29 31.39 46.76
N ASN A 275 8.98 30.35 47.23
CA ASN A 275 10.26 30.48 47.92
C ASN A 275 11.34 29.63 47.25
N SER A 276 11.40 29.67 45.92
CA SER A 276 12.38 28.93 45.15
C SER A 276 13.43 29.90 44.61
N GLN A 277 14.68 29.43 44.53
CA GLN A 277 15.79 30.23 44.04
C GLN A 277 16.32 29.63 42.74
N LEU A 278 16.67 30.51 41.80
CA LEU A 278 17.28 30.12 40.53
C LEU A 278 18.67 30.75 40.50
N GLU A 279 19.69 29.94 40.79
CA GLU A 279 21.04 30.42 41.06
C GLU A 279 21.98 29.96 39.94
N ARG A 280 22.66 30.91 39.32
CA ARG A 280 23.52 30.65 38.17
C ARG A 280 24.90 30.22 38.63
N LEU A 281 25.52 29.32 37.85
CA LEU A 281 26.81 28.75 38.20
C LEU A 281 28.00 29.47 37.56
N GLU A 282 27.81 30.03 36.36
CA GLU A 282 28.83 30.85 35.69
C GLU A 282 30.08 30.02 35.34
N THR A 283 29.85 28.91 34.64
CA THR A 283 30.87 28.12 33.96
C THR A 283 31.80 27.39 34.93
N ASP A 284 33.09 27.78 34.97
CA ASP A 284 34.12 27.14 35.78
C ASP A 284 34.51 25.74 35.28
N ASP A 285 34.47 25.53 33.96
CA ASP A 285 35.07 24.35 33.32
C ASP A 285 34.57 22.99 33.79
N SER A 286 33.72 22.95 34.82
CA SER A 286 33.06 21.68 35.12
C SER A 286 31.95 21.39 34.11
N MET A 287 31.59 22.37 33.27
CA MET A 287 30.52 22.20 32.29
C MET A 287 30.87 21.15 31.24
N PHE A 288 32.15 20.88 31.02
CA PHE A 288 32.54 19.94 29.96
C PHE A 288 31.89 18.58 30.15
N GLU A 289 31.88 18.08 31.39
CA GLU A 289 31.28 16.77 31.65
C GLU A 289 29.78 16.77 31.37
N TYR A 290 29.13 17.94 31.44
CA TYR A 290 27.68 18.00 31.47
C TYR A 290 27.04 18.26 30.11
N GLU A 291 27.71 19.00 29.21
CA GLU A 291 27.10 19.33 27.92
C GLU A 291 26.80 18.10 27.09
N PHE A 292 27.60 17.03 27.24
CA PHE A 292 27.29 15.80 26.53
C PHE A 292 26.02 15.15 27.04
N GLN A 293 25.68 15.38 28.32
CA GLN A 293 24.54 14.74 28.93
C GLN A 293 23.24 15.47 28.61
N TYR A 294 23.28 16.81 28.61
CA TYR A 294 22.08 17.63 28.45
C TYR A 294 21.75 17.82 26.98
N ASP A 295 21.50 16.69 26.30
CA ASP A 295 21.15 16.66 24.88
C ASP A 295 19.65 16.43 24.78
N TYR A 296 18.89 17.52 24.76
CA TYR A 296 17.44 17.40 24.71
C TYR A 296 17.02 16.90 23.33
N THR A 297 16.33 15.75 23.30
CA THR A 297 15.75 15.22 22.07
C THR A 297 14.23 15.20 22.11
N VAL A 298 13.62 15.33 23.28
CA VAL A 298 12.17 15.33 23.44
C VAL A 298 11.82 16.32 24.55
N ASN A 299 10.69 17.02 24.37
CA ASN A 299 10.19 17.95 25.38
C ASN A 299 9.11 17.26 26.20
N ILE A 300 9.37 17.10 27.50
CA ILE A 300 8.47 16.36 28.37
C ILE A 300 7.25 17.16 28.80
N SER A 301 7.14 18.41 28.37
CA SER A 301 5.97 19.23 28.69
C SER A 301 4.93 19.25 27.57
N ARG A 302 5.27 18.71 26.39
CA ARG A 302 4.36 18.57 25.29
C ARG A 302 4.45 17.15 24.74
N SER A 303 3.56 16.83 23.80
CA SER A 303 3.46 15.49 23.23
C SER A 303 3.85 15.53 21.76
N ASN A 304 4.91 14.81 21.40
CA ASN A 304 5.45 14.71 20.04
C ASN A 304 5.99 16.03 19.51
N LYS A 305 6.19 17.03 20.36
CA LYS A 305 6.65 18.34 19.92
C LYS A 305 7.72 18.85 20.86
N ILE A 306 8.62 19.67 20.33
CA ILE A 306 9.64 20.34 21.12
C ILE A 306 9.51 21.83 20.88
N ILE A 307 10.25 22.60 21.68
CA ILE A 307 10.39 24.04 21.48
C ILE A 307 11.74 24.30 20.85
N GLN A 308 11.76 25.13 19.81
CA GLN A 308 13.00 25.58 19.20
C GLN A 308 12.99 27.08 19.06
N LYS A 309 14.19 27.67 19.03
CA LYS A 309 14.38 29.12 19.07
C LYS A 309 15.14 29.54 17.82
N HIS A 310 14.65 30.57 17.15
CA HIS A 310 15.20 31.01 15.88
C HIS A 310 15.46 32.51 15.91
N ARG A 311 16.43 32.94 15.12
CA ARG A 311 16.74 34.35 14.95
C ARG A 311 16.26 34.78 13.57
N VAL A 312 15.42 35.81 13.54
CA VAL A 312 14.90 36.33 12.27
C VAL A 312 15.97 37.18 11.61
N THR A 313 16.33 36.84 10.39
CA THR A 313 17.34 37.53 9.62
C THR A 313 16.81 38.18 8.35
N GLY A 314 15.84 37.55 7.69
CA GLY A 314 15.39 38.02 6.40
C GLY A 314 13.93 38.46 6.33
N ASN A 315 13.23 38.02 5.29
CA ASN A 315 11.90 38.52 4.95
C ASN A 315 10.88 38.04 5.98
N PHE A 316 10.46 38.96 6.85
CA PHE A 316 9.38 38.70 7.80
C PHE A 316 8.07 39.18 7.18
N THR A 317 7.10 38.28 7.06
CA THR A 317 5.83 38.57 6.42
C THR A 317 4.68 38.14 7.33
N SER A 318 3.64 38.97 7.41
CA SER A 318 2.54 38.75 8.33
C SER A 318 1.22 38.98 7.62
N GLU A 319 0.25 38.10 7.90
CA GLU A 319 -1.05 38.08 7.24
C GLU A 319 -2.11 37.55 8.19
N ARG A 320 -3.33 38.12 8.15
CA ARG A 320 -4.40 37.76 9.07
C ARG A 320 -5.33 36.78 8.37
N ASN A 321 -5.24 35.52 8.76
CA ASN A 321 -6.12 34.51 8.20
C ASN A 321 -7.00 33.95 9.28
N ILE A 322 -8.24 34.40 9.33
CA ILE A 322 -9.14 33.79 10.28
C ILE A 322 -9.78 32.62 9.56
N TYR A 323 -9.60 31.41 10.09
CA TYR A 323 -10.13 30.22 9.43
C TYR A 323 -11.47 29.82 10.04
N GLN A 324 -12.02 28.71 9.53
CA GLN A 324 -13.20 28.11 10.17
C GLN A 324 -12.92 27.72 11.61
N ASN A 325 -11.70 27.26 11.89
CA ASN A 325 -11.40 26.66 13.18
C ASN A 325 -10.82 27.64 14.20
N SER A 326 -10.10 28.68 13.76
CA SER A 326 -9.48 29.59 14.71
C SER A 326 -9.06 30.88 14.00
N ASP A 327 -8.76 31.89 14.82
CA ASP A 327 -8.25 33.17 14.35
C ASP A 327 -6.73 33.17 14.52
N ARG A 328 -6.01 33.38 13.42
CA ARG A 328 -4.59 33.07 13.36
C ARG A 328 -3.84 34.16 12.61
N PHE A 329 -2.53 34.20 12.80
CA PHE A 329 -1.64 35.03 11.99
C PHE A 329 -0.70 34.09 11.25
N VAL A 330 -0.64 34.20 9.93
CA VAL A 330 0.26 33.39 9.12
C VAL A 330 1.55 34.17 8.94
N ILE A 331 2.67 33.59 9.39
CA ILE A 331 3.95 34.28 9.47
C ILE A 331 5.03 33.41 8.84
N SER A 332 5.93 34.03 8.09
CA SER A 332 7.03 33.34 7.41
C SER A 332 8.26 34.23 7.43
N TYR A 333 9.37 33.67 7.91
CA TYR A 333 10.60 34.44 8.08
C TYR A 333 11.79 33.62 7.59
N ASP A 334 12.93 34.29 7.50
CA ASP A 334 14.19 33.67 7.09
C ASP A 334 15.15 33.64 8.27
N THR A 335 15.72 32.47 8.54
CA THR A 335 16.88 32.35 9.40
C THR A 335 18.11 32.21 8.53
N ALA A 336 19.28 32.14 9.17
CA ALA A 336 20.48 31.79 8.43
C ALA A 336 20.41 30.39 7.85
N ASN A 337 19.43 29.59 8.27
CA ASN A 337 19.32 28.19 7.85
C ASN A 337 18.43 28.07 6.62
N GLU A 338 17.13 28.32 6.79
CA GLU A 338 16.16 28.20 5.72
C GLU A 338 15.00 29.16 6.00
N LYS A 339 13.96 29.08 5.20
CA LYS A 339 12.73 29.82 5.44
C LYS A 339 11.70 28.92 6.11
N ILE A 340 10.92 29.50 7.01
CA ILE A 340 10.00 28.76 7.87
C ILE A 340 8.60 29.32 7.68
N LYS A 341 7.64 28.43 7.45
CA LYS A 341 6.23 28.79 7.49
C LYS A 341 5.66 28.34 8.83
N THR A 342 4.89 29.22 9.46
CA THR A 342 4.28 28.91 10.74
C THR A 342 3.03 29.78 10.88
N SER A 343 2.40 29.70 12.04
CA SER A 343 1.19 30.46 12.32
C SER A 343 1.02 30.58 13.82
N ILE A 344 0.49 31.72 14.26
CA ILE A 344 0.28 31.98 15.69
C ILE A 344 -1.21 32.14 15.93
N TYR A 345 -1.70 31.54 17.01
CA TYR A 345 -3.11 31.58 17.38
C TYR A 345 -3.37 32.82 18.22
N ASN A 346 -4.33 33.64 17.78
CA ASN A 346 -4.58 34.91 18.44
C ASN A 346 -5.46 34.71 19.67
N ARG A 347 -5.05 35.33 20.78
CA ARG A 347 -5.78 35.28 22.03
C ARG A 347 -5.45 36.55 22.83
N MET A 348 -6.39 36.97 23.67
CA MET A 348 -6.18 38.13 24.52
C MET A 348 -6.55 37.77 25.94
N GLU A 349 -5.69 38.14 26.88
CA GLU A 349 -5.88 37.79 28.29
C GLU A 349 -6.79 38.82 28.96
N ASN A 350 -8.03 38.42 29.21
CA ASN A 350 -8.90 39.08 30.18
C ASN A 350 -9.23 40.52 29.79
N ALA A 351 -9.24 40.83 28.49
CA ALA A 351 -9.74 42.11 28.02
C ALA A 351 -11.24 42.18 28.30
N GLU A 352 -11.64 43.02 29.24
CA GLU A 352 -12.94 42.91 29.90
C GLU A 352 -13.91 43.99 29.46
N SER A 353 -15.17 43.59 29.24
CA SER A 353 -16.30 44.50 29.05
C SER A 353 -16.00 45.55 27.98
N LYS A 354 -15.30 45.13 26.92
CA LYS A 354 -14.76 46.13 26.02
C LYS A 354 -14.27 45.41 24.76
N THR A 355 -14.27 46.14 23.65
CA THR A 355 -13.80 45.59 22.38
C THR A 355 -12.28 45.70 22.29
N ASP A 356 -11.58 45.30 23.35
CA ASP A 356 -10.12 45.29 23.37
C ASP A 356 -9.55 44.00 22.80
N TYR A 357 -10.29 43.34 21.91
CA TYR A 357 -9.74 42.25 21.12
C TYR A 357 -9.63 42.60 19.65
N ASP A 358 -10.69 43.17 19.08
CA ASP A 358 -10.63 43.58 17.67
C ASP A 358 -9.69 44.74 17.47
N THR A 359 -9.69 45.71 18.39
CA THR A 359 -8.84 46.88 18.23
C THR A 359 -7.39 46.61 18.63
N SER A 360 -7.12 45.54 19.38
CA SER A 360 -5.77 45.25 19.82
C SER A 360 -5.05 44.23 18.95
N ILE A 361 -5.77 43.31 18.30
CA ILE A 361 -5.12 42.36 17.41
C ILE A 361 -4.69 43.05 16.12
N THR A 362 -5.55 43.90 15.56
CA THR A 362 -5.14 44.72 14.42
C THR A 362 -3.99 45.64 14.81
N LEU A 363 -3.90 46.00 16.09
CA LEU A 363 -2.75 46.77 16.58
C LEU A 363 -1.48 45.95 16.50
N LYS A 364 -1.53 44.70 16.96
CA LYS A 364 -0.36 43.83 16.87
C LYS A 364 -0.04 43.45 15.43
N ASP A 365 -1.04 43.45 14.55
CA ASP A 365 -0.77 43.23 13.13
C ASP A 365 0.05 44.37 12.55
N VAL A 366 -0.22 45.60 13.00
CA VAL A 366 0.60 46.74 12.60
C VAL A 366 2.04 46.55 13.08
N THR A 367 2.21 46.07 14.31
CA THR A 367 3.54 45.81 14.84
C THR A 367 4.25 44.73 14.03
N LEU A 368 3.49 43.85 13.36
CA LEU A 368 4.09 42.73 12.64
C LEU A 368 4.53 43.13 11.23
N SER A 369 3.69 43.90 10.52
CA SER A 369 4.06 44.35 9.18
C SER A 369 5.10 45.46 9.20
N GLN A 370 5.36 46.07 10.36
CA GLN A 370 6.49 46.97 10.51
C GLN A 370 7.80 46.24 10.73
N LEU A 371 7.73 44.97 11.18
CA LEU A 371 8.91 44.29 11.68
C LEU A 371 10.00 44.17 10.62
N ASN A 372 9.62 43.82 9.39
CA ASN A 372 10.62 43.65 8.34
C ASN A 372 11.39 44.95 8.10
N SER A 373 10.71 46.09 8.17
CA SER A 373 11.39 47.37 8.03
C SER A 373 12.47 47.54 9.08
N LEU A 374 12.21 47.05 10.29
CA LEU A 374 13.13 47.24 11.41
C LEU A 374 14.31 46.28 11.36
N ILE A 375 14.10 45.05 10.86
CA ILE A 375 15.19 44.09 10.81
C ILE A 375 16.18 44.45 9.71
N GLU A 376 15.70 45.01 8.60
CA GLU A 376 16.58 45.41 7.51
C GLU A 376 17.54 46.51 7.97
N SER A 377 17.00 47.60 8.49
CA SER A 377 17.80 48.71 9.00
C SER A 377 18.43 48.39 10.35
N ASN A 378 18.26 47.18 10.85
CA ASN A 378 18.89 46.73 12.10
C ASN A 378 18.47 47.59 13.28
N LEU A 379 17.19 47.99 13.31
CA LEU A 379 16.67 48.72 14.46
C LEU A 379 16.24 47.77 15.58
N VAL A 380 15.60 46.66 15.23
CA VAL A 380 15.28 45.63 16.22
C VAL A 380 15.70 44.29 15.66
N GLN A 381 15.96 43.34 16.56
CA GLN A 381 16.16 41.95 16.20
C GLN A 381 15.01 41.13 16.78
N VAL A 382 14.49 40.19 16.00
CA VAL A 382 13.33 39.41 16.37
C VAL A 382 13.77 38.00 16.70
N ASP A 383 13.30 37.48 17.84
CA ASP A 383 13.55 36.12 18.28
C ASP A 383 12.22 35.37 18.32
N VAL A 384 12.09 34.36 17.46
CA VAL A 384 10.87 33.57 17.38
C VAL A 384 11.07 32.27 18.15
N TYR A 385 10.16 32.00 19.08
CA TYR A 385 10.17 30.77 19.86
C TYR A 385 9.10 29.86 19.30
N LEU A 386 9.50 28.68 18.86
CA LEU A 386 8.70 27.86 17.95
C LEU A 386 8.43 26.50 18.59
N VAL A 387 7.16 26.20 18.82
CA VAL A 387 6.74 24.87 19.25
C VAL A 387 6.63 24.00 18.00
N THR A 388 7.56 23.06 17.84
CA THR A 388 7.73 22.35 16.59
C THR A 388 7.78 20.84 16.81
N ASP A 389 7.26 20.10 15.81
CA ASP A 389 7.37 18.65 15.71
C ASP A 389 8.67 18.28 14.98
N PRO A 390 9.49 17.40 15.54
CA PRO A 390 10.80 17.12 14.93
C PRO A 390 10.70 16.37 13.62
N ASN A 391 9.90 15.29 13.60
CA ASN A 391 9.75 14.48 12.40
C ASN A 391 9.17 15.30 11.26
N ASN A 392 8.00 15.91 11.50
CA ASN A 392 7.34 16.75 10.51
C ASN A 392 7.59 18.21 10.88
N VAL A 393 8.46 18.87 10.12
CA VAL A 393 8.86 20.24 10.39
C VAL A 393 7.71 21.16 9.98
N LYS A 394 6.66 20.57 9.41
CA LYS A 394 5.50 21.36 9.00
C LYS A 394 4.71 21.85 10.20
N ASN A 395 4.62 21.05 11.26
CA ASN A 395 3.83 21.37 12.45
C ASN A 395 4.54 22.48 13.24
N ASN A 396 4.39 23.71 12.77
CA ASN A 396 5.03 24.87 13.38
C ASN A 396 3.99 25.81 13.93
N VAL A 397 4.12 26.15 15.22
CA VAL A 397 3.34 27.21 15.83
C VAL A 397 4.29 28.05 16.69
N ILE A 398 4.01 29.34 16.76
CA ILE A 398 4.80 30.25 17.57
C ILE A 398 4.18 30.37 18.95
N ALA A 399 5.03 30.30 19.98
CA ALA A 399 4.58 30.51 21.35
C ALA A 399 4.99 31.86 21.91
N GLY A 400 5.99 32.51 21.33
CA GLY A 400 6.43 33.81 21.77
C GLY A 400 7.37 34.47 20.79
N ILE A 401 7.29 35.80 20.67
CA ILE A 401 8.16 36.57 19.80
C ILE A 401 8.67 37.76 20.60
N THR A 402 9.99 37.84 20.75
CA THR A 402 10.63 38.89 21.54
C THR A 402 11.47 39.76 20.62
N LYS A 403 11.19 41.06 20.61
CA LYS A 403 11.97 42.00 19.82
C LYS A 403 13.09 42.57 20.67
N ILE A 404 14.33 42.40 20.20
CA ILE A 404 15.51 42.93 20.88
C ILE A 404 15.88 44.24 20.19
N GLU A 405 15.68 45.35 20.89
CA GLU A 405 15.99 46.67 20.33
C GLU A 405 17.42 47.05 20.60
N ILE A 406 17.98 47.89 19.71
CA ILE A 406 19.38 48.30 19.80
C ILE A 406 19.69 48.95 21.13
N ASP A 407 18.70 49.64 21.70
CA ASP A 407 18.87 50.45 22.90
C ASP A 407 18.46 49.70 24.17
N GLY A 408 18.66 48.39 24.20
CA GLY A 408 18.45 47.60 25.40
C GLY A 408 17.01 47.32 25.76
N THR A 409 16.05 47.97 25.10
CA THR A 409 14.64 47.79 25.42
C THR A 409 14.14 46.50 24.78
N TYR A 410 13.24 45.80 25.47
CA TYR A 410 12.71 44.53 24.99
C TYR A 410 11.20 44.63 24.79
N GLU A 411 10.74 44.26 23.60
CA GLU A 411 9.31 44.14 23.31
C GLU A 411 8.96 42.69 23.00
N PRO A 412 8.22 42.00 23.87
CA PRO A 412 7.64 40.72 23.47
C PRO A 412 6.25 40.91 22.89
N LEU A 413 5.60 39.82 22.49
CA LEU A 413 4.25 39.92 21.95
C LEU A 413 3.30 38.95 22.66
N LYS B 82 -40.63 51.48 -3.36
CA LYS B 82 -40.16 51.93 -2.06
C LYS B 82 -38.82 51.29 -1.71
N LEU B 83 -37.98 52.05 -1.00
CA LEU B 83 -36.67 51.57 -0.56
C LEU B 83 -36.79 51.02 0.85
N ARG B 84 -36.25 49.82 1.07
CA ARG B 84 -36.36 49.15 2.35
C ARG B 84 -35.19 49.51 3.25
N THR B 85 -35.38 49.30 4.56
CA THR B 85 -34.40 49.68 5.56
C THR B 85 -34.14 48.52 6.52
N LEU B 86 -33.12 48.70 7.36
CA LEU B 86 -32.73 47.70 8.36
C LEU B 86 -32.29 48.40 9.63
N ASN B 87 -32.55 47.76 10.76
CA ASN B 87 -32.19 48.27 12.08
C ASN B 87 -31.22 47.32 12.74
N VAL B 88 -30.02 47.81 13.07
CA VAL B 88 -29.00 47.01 13.73
C VAL B 88 -28.43 47.79 14.90
N LYS B 89 -28.06 47.06 15.94
CA LYS B 89 -27.37 47.61 17.11
C LYS B 89 -25.99 46.96 17.23
N GLY B 90 -24.96 47.78 17.31
CA GLY B 90 -23.61 47.28 17.47
C GLY B 90 -22.71 48.27 18.19
N GLN B 91 -21.40 48.09 18.06
CA GLN B 91 -20.44 48.97 18.71
C GLN B 91 -19.32 49.28 17.72
N LEU B 92 -19.01 50.56 17.57
CA LEU B 92 -18.02 50.99 16.58
C LEU B 92 -16.64 50.50 16.95
N LEU B 93 -15.95 49.90 15.98
CA LEU B 93 -14.57 49.45 16.16
C LEU B 93 -13.57 50.38 15.50
N THR B 94 -13.62 50.49 14.17
CA THR B 94 -12.67 51.29 13.41
C THR B 94 -13.42 52.19 12.43
N LYS B 95 -12.70 53.16 11.88
CA LYS B 95 -13.22 54.10 10.89
C LYS B 95 -12.18 54.28 9.81
N THR B 96 -12.52 53.95 8.57
CA THR B 96 -11.54 53.89 7.48
C THR B 96 -11.99 54.74 6.32
N THR B 97 -11.03 55.41 5.67
CA THR B 97 -11.29 56.29 4.53
C THR B 97 -10.24 56.10 3.45
N MET B 98 -10.68 56.11 2.20
CA MET B 98 -9.78 56.00 1.05
C MET B 98 -10.42 56.72 -0.14
N SER B 99 -9.74 56.69 -1.28
CA SER B 99 -10.22 57.36 -2.49
C SER B 99 -10.05 56.44 -3.69
N ILE B 100 -10.96 56.58 -4.65
CA ILE B 100 -10.93 55.85 -5.92
C ILE B 100 -11.44 56.78 -7.02
N ASN B 101 -10.53 57.26 -7.87
CA ASN B 101 -10.86 58.05 -9.06
C ASN B 101 -11.75 59.26 -8.70
N ASN B 102 -11.21 60.08 -7.79
CA ASN B 102 -11.86 61.33 -7.39
C ASN B 102 -13.26 61.08 -6.82
N GLU B 103 -13.47 59.91 -6.22
CA GLU B 103 -14.74 59.56 -5.59
C GLU B 103 -14.41 58.91 -4.25
N ASP B 104 -14.64 59.63 -3.16
CA ASP B 104 -14.25 59.18 -1.83
C ASP B 104 -15.31 58.27 -1.22
N TYR B 105 -14.89 57.49 -0.23
CA TYR B 105 -15.78 56.63 0.53
C TYR B 105 -15.35 56.62 1.99
N TYR B 106 -16.31 56.37 2.88
CA TYR B 106 -16.07 56.36 4.32
C TYR B 106 -16.84 55.18 4.92
N LEU B 107 -16.16 54.35 5.70
CA LEU B 107 -16.73 53.09 6.14
C LEU B 107 -16.43 52.85 7.61
N PHE B 108 -17.30 52.07 8.25
CA PHE B 108 -17.27 51.85 9.68
C PHE B 108 -17.46 50.37 9.98
N LYS B 109 -16.59 49.82 10.83
CA LYS B 109 -16.70 48.44 11.28
C LYS B 109 -17.45 48.40 12.60
N PHE B 110 -18.62 47.76 12.60
CA PHE B 110 -19.47 47.69 13.78
C PHE B 110 -19.56 46.26 14.29
N LEU B 111 -19.71 46.13 15.62
CA LEU B 111 -19.78 44.83 16.27
C LEU B 111 -21.24 44.46 16.54
N VAL B 112 -21.96 44.21 15.44
CA VAL B 112 -23.37 43.85 15.51
C VAL B 112 -23.47 42.37 15.87
N ASN B 113 -23.88 42.08 17.11
CA ASN B 113 -24.01 40.71 17.62
C ASN B 113 -22.67 40.00 17.73
N ASN B 114 -21.63 40.75 18.11
CA ASN B 114 -20.27 40.22 18.17
C ASN B 114 -19.84 39.71 16.79
N LYS B 115 -20.00 40.57 15.79
CA LYS B 115 -19.73 40.28 14.39
C LYS B 115 -19.17 41.54 13.75
N SER B 116 -18.19 41.38 12.86
CA SER B 116 -17.58 42.53 12.19
C SER B 116 -18.27 42.76 10.85
N ILE B 117 -19.18 43.72 10.81
CA ILE B 117 -19.88 44.11 9.58
C ILE B 117 -19.51 45.54 9.25
N ASP B 118 -19.28 45.82 7.97
CA ASP B 118 -18.81 47.10 7.50
C ASP B 118 -19.95 47.85 6.83
N TYR B 119 -20.11 49.14 7.17
CA TYR B 119 -21.21 49.95 6.66
C TYR B 119 -20.67 51.25 6.08
N TYR B 120 -21.28 51.69 4.98
CA TYR B 120 -20.96 52.98 4.40
C TYR B 120 -21.56 54.11 5.24
N GLY B 121 -20.91 55.26 5.21
CA GLY B 121 -21.38 56.42 5.95
C GLY B 121 -20.78 57.70 5.42
N THR B 122 -21.37 58.80 5.84
CA THR B 122 -20.95 60.12 5.36
C THR B 122 -19.78 60.66 6.17
N GLN B 123 -19.07 61.62 5.57
CA GLN B 123 -17.97 62.28 6.26
C GLN B 123 -18.43 63.00 7.51
N THR B 124 -19.66 63.52 7.50
CA THR B 124 -20.23 64.12 8.71
C THR B 124 -20.26 63.11 9.85
N GLN B 125 -20.64 61.86 9.54
CA GLN B 125 -20.65 60.80 10.55
C GLN B 125 -19.24 60.45 10.99
N PHE B 126 -18.27 60.53 10.08
CA PHE B 126 -16.90 60.13 10.37
C PHE B 126 -16.35 60.90 11.57
N PHE B 127 -16.48 62.22 11.54
CA PHE B 127 -16.02 63.04 12.66
C PHE B 127 -16.91 62.90 13.88
N SER B 128 -18.18 62.53 13.67
CA SER B 128 -19.17 62.56 14.74
C SER B 128 -19.05 61.36 15.66
N LEU B 129 -19.07 60.15 15.08
CA LEU B 129 -19.15 58.94 15.89
C LEU B 129 -17.89 58.73 16.72
N ILE B 130 -18.04 57.89 17.74
CA ILE B 130 -16.99 57.62 18.73
C ILE B 130 -16.60 56.16 18.61
N ASN B 131 -15.30 55.90 18.62
CA ASN B 131 -14.81 54.52 18.63
C ASN B 131 -15.07 53.87 19.97
N ASN B 132 -15.25 52.55 19.93
CA ASN B 132 -15.62 51.76 21.12
C ASN B 132 -16.85 52.32 21.82
N LYS B 133 -17.79 52.87 21.05
CA LYS B 133 -19.03 53.35 21.65
C LYS B 133 -20.24 52.80 20.90
N THR B 134 -21.23 52.37 21.69
CA THR B 134 -22.39 51.68 21.17
C THR B 134 -23.29 52.63 20.37
N TYR B 135 -23.77 52.16 19.22
CA TYR B 135 -24.67 52.94 18.37
C TYR B 135 -25.70 52.00 17.78
N GLU B 136 -26.97 52.40 17.82
CA GLU B 136 -28.04 51.66 17.16
C GLU B 136 -28.32 52.34 15.83
N LEU B 137 -28.33 51.54 14.76
CA LEU B 137 -28.23 52.07 13.40
C LEU B 137 -29.48 51.75 12.61
N VAL B 138 -29.85 52.68 11.73
CA VAL B 138 -30.86 52.45 10.70
C VAL B 138 -30.14 52.47 9.36
N LEU B 139 -30.38 51.45 8.55
CA LEU B 139 -29.62 51.19 7.33
C LEU B 139 -30.57 51.16 6.15
N GLN B 140 -30.21 51.85 5.07
CA GLN B 140 -31.00 51.82 3.84
C GLN B 140 -30.18 51.23 2.70
N TYR B 141 -30.85 50.44 1.88
CA TYR B 141 -30.24 49.82 0.71
C TYR B 141 -30.39 50.76 -0.48
N SER B 142 -29.29 51.42 -0.86
CA SER B 142 -29.32 52.40 -1.94
C SER B 142 -27.95 52.45 -2.61
N ARG B 143 -27.96 52.54 -3.94
CA ARG B 143 -26.74 52.53 -4.76
C ARG B 143 -25.91 51.28 -4.48
N LYS B 144 -26.59 50.13 -4.36
CA LYS B 144 -25.94 48.83 -4.26
C LYS B 144 -25.02 48.76 -3.05
N LYS B 145 -25.43 49.41 -1.96
CA LYS B 145 -24.67 49.47 -0.73
C LYS B 145 -25.63 49.42 0.45
N LEU B 146 -25.08 49.17 1.63
CA LEU B 146 -25.78 49.42 2.89
C LEU B 146 -25.21 50.68 3.52
N LEU B 147 -25.97 51.76 3.49
CA LEU B 147 -25.56 53.03 4.07
C LEU B 147 -26.27 53.25 5.39
N ILE B 148 -25.56 53.87 6.33
CA ILE B 148 -26.13 54.23 7.62
C ILE B 148 -27.05 55.43 7.40
N LYS B 149 -28.37 55.18 7.42
CA LYS B 149 -29.31 56.26 7.17
C LYS B 149 -29.45 57.18 8.38
N SER B 150 -29.49 56.60 9.58
CA SER B 150 -29.47 57.37 10.81
C SER B 150 -28.70 56.58 11.85
N TYR B 151 -28.08 57.30 12.78
CA TYR B 151 -27.46 56.66 13.94
C TYR B 151 -28.01 57.27 15.23
N GLU B 152 -28.19 56.41 16.22
CA GLU B 152 -28.72 56.78 17.52
C GLU B 152 -27.75 56.31 18.58
N GLN B 153 -27.61 57.09 19.64
CA GLN B 153 -26.69 56.76 20.72
C GLN B 153 -27.36 55.77 21.68
N CYS B 154 -26.83 54.56 21.74
CA CYS B 154 -27.11 53.60 22.81
C CYS B 154 -25.87 53.51 23.69
N GLU B 155 -26.02 52.94 24.89
CA GLU B 155 -24.93 53.10 25.85
C GLU B 155 -24.87 51.87 26.73
N ASP B 156 -23.80 51.07 26.58
CA ASP B 156 -23.48 49.94 27.45
C ASP B 156 -24.57 48.88 27.54
N GLU B 157 -24.71 48.03 26.51
CA GLU B 157 -25.64 46.91 26.64
C GLU B 157 -24.95 45.77 27.39
N ASP B 158 -25.69 45.17 28.32
CA ASP B 158 -25.12 44.16 29.23
C ASP B 158 -25.53 42.77 28.78
N LEU B 159 -24.54 41.90 28.59
CA LEU B 159 -24.80 40.50 28.27
C LEU B 159 -24.47 39.54 29.41
N LEU B 160 -23.87 40.01 30.50
CA LEU B 160 -23.73 39.16 31.68
C LEU B 160 -25.09 38.89 32.31
N MET B 161 -25.19 37.71 32.92
CA MET B 161 -26.43 37.17 33.48
C MET B 161 -27.54 37.10 32.44
N THR B 162 -27.16 37.17 31.16
CA THR B 162 -28.05 36.96 30.03
C THR B 162 -27.54 35.72 29.31
N VAL B 163 -28.32 34.65 29.34
CA VAL B 163 -27.85 33.36 28.85
C VAL B 163 -27.89 33.35 27.32
N CYS B 164 -26.76 33.04 26.70
CA CYS B 164 -26.64 32.93 25.25
C CYS B 164 -26.72 31.46 24.88
N LYS B 165 -27.63 31.11 23.96
CA LYS B 165 -27.73 29.72 23.55
C LYS B 165 -26.43 29.24 22.91
N SER B 166 -25.65 30.15 22.32
CA SER B 166 -24.41 29.80 21.67
C SER B 166 -23.37 30.87 21.95
N VAL B 167 -22.10 30.51 21.71
CA VAL B 167 -20.98 31.42 21.79
C VAL B 167 -20.08 31.17 20.58
N THR B 168 -19.17 32.10 20.34
CA THR B 168 -18.31 32.07 19.16
C THR B 168 -16.87 31.77 19.56
N PHE B 169 -16.08 31.35 18.56
CA PHE B 169 -14.66 31.13 18.79
C PHE B 169 -13.97 32.40 19.28
N GLN B 170 -14.43 33.56 18.80
CA GLN B 170 -13.83 34.83 19.20
C GLN B 170 -14.09 35.14 20.66
N GLU B 171 -15.22 34.68 21.21
CA GLU B 171 -15.48 34.89 22.63
C GLU B 171 -14.59 34.03 23.51
N PHE B 172 -14.03 32.95 22.98
CA PHE B 172 -12.96 32.24 23.68
C PHE B 172 -11.62 32.95 23.52
N CYS B 173 -11.44 33.68 22.41
CA CYS B 173 -10.17 34.37 22.18
C CYS B 173 -10.03 35.58 23.09
N ALA B 174 -11.03 36.47 23.09
CA ALA B 174 -11.01 37.63 23.98
C ALA B 174 -11.03 37.23 25.46
N ASN B 175 -11.21 35.96 25.76
CA ASN B 175 -11.31 35.47 27.13
C ASN B 175 -12.41 36.23 27.89
N GLU B 176 -13.57 36.34 27.24
CA GLU B 176 -14.66 37.14 27.74
C GLU B 176 -15.55 36.34 28.68
N ILE B 177 -15.93 36.97 29.79
CA ILE B 177 -16.85 36.37 30.76
C ILE B 177 -18.27 36.63 30.27
N LYS B 178 -18.97 35.55 29.92
CA LYS B 178 -20.37 35.59 29.50
C LYS B 178 -21.21 34.68 30.41
N SER B 179 -22.43 34.42 29.97
CA SER B 179 -23.30 33.42 30.57
C SER B 179 -23.99 32.68 29.43
N LEU B 180 -23.89 31.36 29.41
CA LEU B 180 -24.64 30.60 28.40
C LEU B 180 -25.40 29.45 29.05
N LEU B 181 -26.34 28.92 28.28
CA LEU B 181 -27.07 27.72 28.60
C LEU B 181 -26.30 26.50 28.10
N ALA B 182 -26.18 25.48 28.95
CA ALA B 182 -25.38 24.31 28.64
C ALA B 182 -26.06 23.07 29.21
N LYS B 183 -25.54 21.91 28.82
CA LYS B 183 -26.04 20.61 29.29
C LYS B 183 -24.92 19.89 30.02
N PHE B 184 -25.08 19.72 31.32
CA PHE B 184 -24.11 18.98 32.12
C PHE B 184 -24.19 17.50 31.78
N LEU B 185 -23.06 16.92 31.38
CA LEU B 185 -23.02 15.48 31.09
C LEU B 185 -22.78 14.69 32.38
N TYR B 186 -21.57 14.80 32.93
CA TYR B 186 -21.16 14.03 34.10
C TYR B 186 -19.88 14.60 34.67
N GLY B 187 -19.76 14.55 35.99
CA GLY B 187 -18.63 15.14 36.67
C GLY B 187 -18.04 14.20 37.70
N PHE B 188 -16.75 14.40 37.99
CA PHE B 188 -16.00 13.49 38.85
C PHE B 188 -14.84 14.25 39.48
N LYS B 189 -14.04 13.53 40.27
CA LYS B 189 -12.83 14.05 40.90
C LYS B 189 -11.61 13.46 40.21
N ILE B 190 -10.57 14.28 40.04
CA ILE B 190 -9.39 13.86 39.30
C ILE B 190 -8.56 12.90 40.16
N TYR B 191 -8.20 11.76 39.57
CA TYR B 191 -7.33 10.81 40.26
C TYR B 191 -5.95 11.43 40.48
N GLY B 192 -5.39 11.16 41.66
CA GLY B 192 -4.13 11.75 42.05
C GLY B 192 -4.24 13.12 42.71
N SER B 193 -5.41 13.75 42.63
CA SER B 193 -5.65 15.05 43.24
C SER B 193 -6.57 14.89 44.45
N SER B 194 -6.51 15.89 45.33
CA SER B 194 -7.34 15.92 46.52
C SER B 194 -8.48 16.93 46.41
N ASN B 195 -8.20 18.13 45.91
CA ASN B 195 -9.11 19.25 45.97
C ASN B 195 -9.54 19.74 44.60
N VAL B 196 -9.39 18.92 43.56
CA VAL B 196 -9.66 19.33 42.20
C VAL B 196 -10.74 18.41 41.61
N TYR B 197 -11.82 19.01 41.14
CA TYR B 197 -12.90 18.29 40.49
C TYR B 197 -13.07 18.79 39.07
N LYS B 198 -13.69 17.95 38.23
CA LYS B 198 -13.86 18.25 36.81
C LYS B 198 -15.33 18.13 36.45
N LEU B 199 -15.84 19.14 35.75
CA LEU B 199 -17.20 19.13 35.22
C LEU B 199 -17.14 19.11 33.70
N VAL B 200 -17.95 18.25 33.10
CA VAL B 200 -18.03 18.12 31.64
C VAL B 200 -19.39 18.65 31.20
N PHE B 201 -19.38 19.54 30.21
CA PHE B 201 -20.59 20.16 29.70
C PHE B 201 -20.67 19.95 28.20
N VAL B 202 -21.87 20.16 27.65
CA VAL B 202 -22.07 20.21 26.21
C VAL B 202 -22.62 21.59 25.89
N ILE B 203 -21.87 22.35 25.09
CA ILE B 203 -22.29 23.70 24.72
C ILE B 203 -22.36 23.78 23.20
N LEU B 204 -22.60 24.98 22.68
CA LEU B 204 -22.73 25.20 21.24
C LEU B 204 -21.77 26.31 20.83
N LEU B 205 -20.80 25.97 19.99
CA LEU B 205 -19.91 26.96 19.40
C LEU B 205 -20.36 27.35 18.00
N GLU B 206 -20.04 28.58 17.64
CA GLU B 206 -20.26 29.11 16.30
C GLU B 206 -18.90 29.39 15.66
N ASP B 207 -18.58 28.65 14.61
CA ASP B 207 -17.46 29.02 13.76
C ASP B 207 -17.89 30.14 12.80
N ASN B 208 -16.91 30.80 12.20
CA ASN B 208 -17.24 31.94 11.35
C ASN B 208 -18.04 31.52 10.12
N ASN B 209 -18.02 30.23 9.77
CA ASN B 209 -18.83 29.74 8.67
C ASN B 209 -20.32 29.87 8.95
N GLY B 210 -20.71 30.09 10.20
CA GLY B 210 -22.10 30.26 10.56
C GLY B 210 -22.81 29.01 11.03
N THR B 211 -22.12 27.88 11.10
CA THR B 211 -22.72 26.63 11.56
C THR B 211 -22.60 26.52 13.07
N ILE B 212 -23.65 25.96 13.69
CA ILE B 212 -23.73 25.81 15.14
C ILE B 212 -23.56 24.33 15.45
N ASN B 213 -22.48 24.00 16.16
CA ASN B 213 -22.14 22.61 16.46
C ASN B 213 -22.16 22.38 17.96
N GLY B 214 -22.67 21.22 18.36
CA GLY B 214 -22.62 20.82 19.76
C GLY B 214 -21.27 20.20 20.07
N VAL B 215 -20.59 20.74 21.08
CA VAL B 215 -19.27 20.25 21.46
C VAL B 215 -19.22 20.02 22.96
N GLN B 216 -18.27 19.20 23.36
CA GLN B 216 -18.01 18.88 24.75
C GLN B 216 -16.97 19.85 25.29
N VAL B 217 -17.31 20.54 26.38
CA VAL B 217 -16.37 21.46 27.01
C VAL B 217 -16.09 20.96 28.42
N GLU B 218 -14.88 21.22 28.91
CA GLU B 218 -14.47 20.81 30.23
C GLU B 218 -14.28 22.02 31.15
N MET B 219 -14.51 21.79 32.44
CA MET B 219 -14.54 22.83 33.46
C MET B 219 -13.83 22.30 34.69
N MET B 220 -12.95 23.12 35.27
CA MET B 220 -12.28 22.75 36.50
C MET B 220 -12.44 23.83 37.54
N SER B 221 -12.54 23.40 38.79
CA SER B 221 -12.66 24.28 39.94
C SER B 221 -12.45 23.42 41.19
N ASP B 222 -12.09 24.09 42.28
CA ASP B 222 -11.84 23.38 43.53
C ASP B 222 -13.16 23.10 44.25
N PHE B 223 -13.05 22.51 45.43
CA PHE B 223 -14.25 22.17 46.20
C PHE B 223 -14.98 23.42 46.66
N LYS B 224 -14.24 24.46 47.08
CA LYS B 224 -14.85 25.68 47.59
C LYS B 224 -15.66 26.39 46.51
N ARG B 225 -15.01 26.85 45.45
CA ARG B 225 -15.71 27.58 44.40
C ARG B 225 -16.87 26.78 43.83
N LEU B 226 -16.78 25.45 43.86
CA LEU B 226 -17.88 24.63 43.37
C LEU B 226 -19.07 24.66 44.32
N SER B 227 -18.81 24.61 45.63
CA SER B 227 -19.90 24.54 46.60
C SER B 227 -20.82 25.76 46.50
N GLY B 228 -20.23 26.95 46.39
CA GLY B 228 -21.00 28.17 46.23
C GLY B 228 -21.41 28.49 44.82
N ALA B 229 -20.89 27.75 43.83
CA ALA B 229 -21.26 28.00 42.44
C ALA B 229 -22.69 27.55 42.17
N PHE B 230 -23.11 26.43 42.76
CA PHE B 230 -24.42 25.88 42.51
C PHE B 230 -25.46 26.71 43.25
N LYS B 231 -26.18 27.55 42.51
CA LYS B 231 -27.24 28.36 43.09
C LYS B 231 -28.36 27.47 43.61
N ASN B 232 -28.92 27.85 44.76
CA ASN B 232 -30.06 27.16 45.37
C ASN B 232 -29.74 25.72 45.74
N HIS B 233 -28.47 25.43 46.04
CA HIS B 233 -28.07 24.11 46.50
C HIS B 233 -27.00 24.24 47.58
N VAL B 234 -27.16 23.44 48.63
CA VAL B 234 -26.28 23.47 49.80
C VAL B 234 -25.31 22.31 49.69
N ILE B 235 -24.03 22.61 49.51
CA ILE B 235 -22.96 21.62 49.48
C ILE B 235 -22.03 21.91 50.63
N GLU B 236 -22.06 21.05 51.65
CA GLU B 236 -21.26 21.27 52.86
C GLU B 236 -20.00 20.39 52.91
N ASN B 237 -19.97 19.29 52.18
CA ASN B 237 -18.83 18.39 52.18
C ASN B 237 -18.69 17.78 50.80
N GLU B 238 -17.58 17.05 50.59
CA GLU B 238 -17.34 16.40 49.30
C GLU B 238 -18.50 15.48 48.93
N ASN B 239 -19.06 14.79 49.93
CA ASN B 239 -20.06 13.77 49.65
C ASN B 239 -21.29 14.36 48.98
N ASP B 240 -21.69 15.57 49.38
CA ASP B 240 -22.86 16.20 48.78
C ASP B 240 -22.60 16.66 47.35
N LEU B 241 -21.37 17.10 47.05
CA LEU B 241 -21.04 17.52 45.69
C LEU B 241 -21.28 16.39 44.70
N PHE B 242 -20.77 15.19 45.01
CA PHE B 242 -20.99 14.04 44.14
C PHE B 242 -22.47 13.70 44.05
N ASP B 243 -23.20 13.80 45.17
CA ASP B 243 -24.62 13.50 45.16
C ASP B 243 -25.41 14.55 44.40
N CYS B 244 -24.90 15.79 44.35
CA CYS B 244 -25.54 16.82 43.54
C CYS B 244 -25.21 16.64 42.05
N MET B 245 -23.96 16.29 41.74
CA MET B 245 -23.57 16.09 40.34
C MET B 245 -24.32 14.95 39.70
N TYR B 246 -24.50 13.84 40.44
CA TYR B 246 -25.22 12.69 39.88
C TYR B 246 -26.69 12.97 39.73
N LYS B 247 -27.25 13.85 40.54
CA LYS B 247 -28.62 14.32 40.32
C LYS B 247 -28.68 15.49 39.35
N SER B 248 -27.54 16.03 38.94
CA SER B 248 -27.48 17.08 37.93
C SER B 248 -27.17 16.55 36.55
N GLU B 249 -26.94 15.25 36.41
CA GLU B 249 -26.53 14.68 35.13
C GLU B 249 -27.63 14.81 34.10
N GLU B 250 -27.23 15.13 32.87
CA GLU B 250 -28.10 15.22 31.69
C GLU B 250 -29.19 16.29 31.85
N LYS B 251 -29.05 17.20 32.80
CA LYS B 251 -29.98 18.31 32.93
C LYS B 251 -29.38 19.57 32.32
N TYR B 252 -30.26 20.45 31.84
CA TYR B 252 -29.81 21.68 31.20
C TYR B 252 -29.54 22.75 32.26
N PHE B 253 -28.37 23.38 32.15
CA PHE B 253 -27.92 24.39 33.09
C PHE B 253 -27.87 25.75 32.42
N ASN B 254 -28.27 26.78 33.16
CA ASN B 254 -27.85 28.15 32.85
C ASN B 254 -26.57 28.43 33.62
N LEU B 255 -25.48 28.62 32.89
CA LEU B 255 -24.22 29.04 33.47
C LEU B 255 -24.20 30.56 33.55
N TYR B 256 -23.56 31.09 34.58
CA TYR B 256 -23.56 32.54 34.81
C TYR B 256 -22.14 33.02 35.09
N ARG B 257 -21.74 34.06 34.36
CA ARG B 257 -20.44 34.71 34.55
C ARG B 257 -19.28 33.71 34.42
N ILE B 258 -19.36 32.83 33.43
CA ILE B 258 -18.32 31.85 33.18
C ILE B 258 -17.32 32.41 32.18
N LYS B 259 -16.03 32.26 32.48
CA LYS B 259 -14.96 32.74 31.61
C LYS B 259 -14.57 31.64 30.63
N CYS B 260 -14.42 32.01 29.36
CA CYS B 260 -13.94 31.12 28.32
C CYS B 260 -12.45 31.38 28.12
N ASN B 261 -11.62 30.36 28.29
CA ASN B 261 -10.18 30.53 28.26
C ASN B 261 -9.54 29.85 27.06
N HIS B 262 -8.27 30.19 26.86
CA HIS B 262 -7.50 29.82 25.68
C HIS B 262 -6.03 29.91 26.08
N ASN B 263 -5.26 28.87 25.80
CA ASN B 263 -3.95 28.69 26.41
C ASN B 263 -2.84 28.72 25.35
N ALA B 264 -1.60 28.62 25.83
CA ALA B 264 -0.46 28.39 24.92
C ALA B 264 -0.74 27.20 24.03
N ASN B 265 -1.16 26.09 24.62
CA ASN B 265 -1.55 24.93 23.80
C ASN B 265 -3.03 24.99 23.42
N ASN B 266 -3.54 26.19 23.12
CA ASN B 266 -4.97 26.37 22.78
C ASN B 266 -5.89 25.71 23.79
N TYR B 267 -6.49 24.56 23.45
CA TYR B 267 -7.28 23.79 24.41
C TYR B 267 -8.39 24.61 25.07
N LYS B 268 -9.48 24.86 24.36
CA LYS B 268 -10.50 25.80 24.84
C LYS B 268 -11.34 25.17 25.93
N SER B 269 -11.44 25.85 27.08
CA SER B 269 -12.17 25.30 28.22
C SER B 269 -12.85 26.43 29.00
N LEU B 270 -13.67 26.02 29.96
CA LEU B 270 -14.36 26.92 30.86
C LEU B 270 -13.64 26.93 32.22
N SER B 271 -14.02 27.90 33.06
CA SER B 271 -13.42 28.01 34.38
C SER B 271 -14.32 28.87 35.27
N LEU B 272 -14.41 28.51 36.55
CA LEU B 272 -15.22 29.26 37.49
C LEU B 272 -14.46 30.50 37.97
N SER B 273 -15.13 31.64 37.91
CA SER B 273 -14.66 32.84 38.58
C SER B 273 -14.93 32.71 40.08
N SER B 274 -14.66 33.78 40.82
CA SER B 274 -15.01 33.78 42.24
C SER B 274 -16.46 34.18 42.48
N ASN B 275 -17.15 34.72 41.47
CA ASN B 275 -18.57 35.09 41.58
C ASN B 275 -19.31 34.62 40.33
N SER B 276 -19.50 33.31 40.22
CA SER B 276 -20.25 32.68 39.15
C SER B 276 -21.39 31.87 39.74
N GLN B 277 -22.30 31.40 38.87
CA GLN B 277 -23.39 30.54 39.30
C GLN B 277 -23.69 29.48 38.25
N LEU B 278 -24.15 28.33 38.74
CA LEU B 278 -24.59 27.21 37.91
C LEU B 278 -26.00 26.88 38.36
N GLU B 279 -26.99 27.06 37.47
CA GLU B 279 -28.38 26.92 37.84
C GLU B 279 -29.03 25.76 37.08
N ARG B 280 -29.79 24.95 37.81
CA ARG B 280 -30.45 23.76 37.27
C ARG B 280 -31.83 24.15 36.75
N LEU B 281 -31.90 24.54 35.48
CA LEU B 281 -33.18 24.69 34.78
C LEU B 281 -33.42 23.47 33.91
N GLU B 282 -34.11 22.48 34.48
CA GLU B 282 -34.78 21.48 33.68
C GLU B 282 -36.30 21.73 33.68
N THR B 283 -36.70 22.96 34.00
CA THR B 283 -38.10 23.31 34.12
C THR B 283 -38.79 23.34 32.75
N ASP B 284 -38.08 23.84 31.74
CA ASP B 284 -38.63 24.00 30.40
C ASP B 284 -39.01 22.64 29.81
N ASP B 285 -40.19 22.57 29.16
CA ASP B 285 -40.52 21.33 28.46
C ASP B 285 -39.78 21.24 27.15
N SER B 286 -39.71 22.36 26.40
CA SER B 286 -39.08 22.39 25.10
C SER B 286 -37.56 22.25 25.23
N MET B 287 -37.12 21.26 25.99
CA MET B 287 -35.79 20.69 25.86
C MET B 287 -35.70 19.82 24.62
N PHE B 288 -36.84 19.49 24.02
CA PHE B 288 -36.85 18.57 22.89
C PHE B 288 -36.06 19.11 21.71
N GLU B 289 -36.15 20.40 21.44
CA GLU B 289 -35.48 20.98 20.30
C GLU B 289 -33.98 21.01 20.51
N TYR B 290 -33.55 21.16 21.76
CA TYR B 290 -32.12 21.24 22.08
C TYR B 290 -31.44 19.89 21.91
N GLU B 291 -32.14 18.79 22.22
CA GLU B 291 -31.53 17.47 22.34
C GLU B 291 -30.67 17.13 21.14
N PHE B 292 -31.27 17.10 19.95
CA PHE B 292 -30.55 16.73 18.73
C PHE B 292 -29.35 17.61 18.50
N GLN B 293 -29.50 18.92 18.71
CA GLN B 293 -28.39 19.85 18.53
C GLN B 293 -27.28 19.61 19.56
N TYR B 294 -27.66 19.52 20.83
CA TYR B 294 -26.68 19.35 21.90
C TYR B 294 -26.13 17.92 21.93
N ASP B 295 -25.61 17.45 20.80
CA ASP B 295 -24.94 16.16 20.70
C ASP B 295 -23.47 16.41 20.37
N TYR B 296 -22.59 16.09 21.33
CA TYR B 296 -21.18 16.38 21.18
C TYR B 296 -20.50 15.36 20.27
N THR B 297 -19.61 15.86 19.41
CA THR B 297 -18.83 15.04 18.49
C THR B 297 -17.34 15.12 18.73
N VAL B 298 -16.83 16.27 19.18
CA VAL B 298 -15.43 16.43 19.54
C VAL B 298 -15.36 17.16 20.88
N ASN B 299 -14.15 17.23 21.42
CA ASN B 299 -13.88 17.95 22.67
C ASN B 299 -12.93 19.09 22.34
N ILE B 300 -13.39 20.33 22.51
CA ILE B 300 -12.51 21.47 22.32
C ILE B 300 -11.42 21.50 23.39
N SER B 301 -11.74 21.04 24.60
CA SER B 301 -10.77 21.11 25.69
C SER B 301 -9.63 20.12 25.51
N ARG B 302 -9.91 18.95 24.94
CA ARG B 302 -8.92 17.90 24.75
C ARG B 302 -8.91 17.51 23.29
N SER B 303 -7.77 17.72 22.62
CA SER B 303 -7.69 17.46 21.19
C SER B 303 -7.74 15.95 20.92
N ASN B 304 -8.58 15.56 19.95
CA ASN B 304 -8.65 14.19 19.45
C ASN B 304 -8.97 13.19 20.55
N LYS B 305 -9.74 13.63 21.54
CA LYS B 305 -10.25 12.76 22.60
C LYS B 305 -11.67 13.15 22.94
N ILE B 306 -12.40 12.21 23.51
CA ILE B 306 -13.70 12.46 24.11
C ILE B 306 -13.74 11.76 25.46
N ILE B 307 -14.40 12.37 26.41
CA ILE B 307 -14.60 11.74 27.72
C ILE B 307 -15.88 10.93 27.66
N GLN B 308 -15.82 9.71 28.21
CA GLN B 308 -16.97 8.82 28.22
C GLN B 308 -17.09 8.17 29.59
N LYS B 309 -18.27 8.26 30.18
CA LYS B 309 -18.54 7.61 31.46
C LYS B 309 -19.09 6.22 31.23
N HIS B 310 -18.60 5.26 32.00
CA HIS B 310 -19.01 3.88 31.88
C HIS B 310 -19.41 3.36 33.27
N ARG B 311 -20.44 2.53 33.31
CA ARG B 311 -20.87 1.86 34.53
C ARG B 311 -20.28 0.46 34.52
N VAL B 312 -19.36 0.19 35.45
CA VAL B 312 -18.77 -1.14 35.57
C VAL B 312 -19.86 -2.10 36.01
N THR B 313 -20.07 -3.15 35.24
CA THR B 313 -21.09 -4.15 35.53
C THR B 313 -20.52 -5.54 35.82
N GLY B 314 -19.36 -5.88 35.25
CA GLY B 314 -18.82 -7.21 35.42
C GLY B 314 -17.42 -7.25 35.99
N ASN B 315 -16.63 -8.23 35.54
CA ASN B 315 -15.31 -8.48 36.11
C ASN B 315 -14.43 -7.26 36.00
N PHE B 316 -14.00 -6.74 37.16
CA PHE B 316 -13.12 -5.58 37.25
C PHE B 316 -11.75 -6.06 37.72
N THR B 317 -10.73 -5.79 36.92
CA THR B 317 -9.36 -6.21 37.25
C THR B 317 -8.45 -4.99 37.29
N SER B 318 -7.44 -5.07 38.16
CA SER B 318 -6.47 -4.00 38.34
C SER B 318 -5.16 -4.61 38.80
N GLU B 319 -4.06 -4.00 38.37
CA GLU B 319 -2.74 -4.57 38.65
C GLU B 319 -1.69 -3.48 38.66
N ARG B 320 -0.87 -3.47 39.70
CA ARG B 320 0.27 -2.54 39.75
C ARG B 320 1.27 -2.92 38.66
N ASN B 321 1.75 -1.92 37.94
CA ASN B 321 2.60 -2.16 36.78
C ASN B 321 3.34 -0.88 36.44
N ILE B 322 4.65 -0.88 36.60
CA ILE B 322 5.49 0.22 36.15
C ILE B 322 6.03 -0.12 34.76
N TYR B 323 6.07 0.87 33.89
CA TYR B 323 6.70 0.74 32.59
C TYR B 323 7.97 1.58 32.54
N GLN B 324 8.69 1.45 31.43
CA GLN B 324 9.91 2.23 31.24
C GLN B 324 9.63 3.73 31.21
N ASN B 325 8.39 4.13 30.91
CA ASN B 325 8.06 5.54 30.76
C ASN B 325 7.29 6.12 31.95
N SER B 326 6.27 5.42 32.45
CA SER B 326 5.44 6.00 33.51
C SER B 326 4.84 4.92 34.38
N ASP B 327 4.25 5.37 35.50
CA ASP B 327 3.66 4.50 36.52
C ASP B 327 2.15 4.49 36.33
N ARG B 328 1.58 3.30 36.08
CA ARG B 328 0.17 3.18 35.72
C ARG B 328 -0.45 1.97 36.40
N PHE B 329 -1.75 1.78 36.16
CA PHE B 329 -2.49 0.61 36.61
C PHE B 329 -3.17 -0.04 35.42
N VAL B 330 -2.82 -1.29 35.13
CA VAL B 330 -3.49 -2.04 34.09
C VAL B 330 -4.91 -2.36 34.58
N ILE B 331 -5.91 -1.95 33.81
CA ILE B 331 -7.30 -2.12 34.20
C ILE B 331 -8.09 -2.64 33.01
N SER B 332 -8.85 -3.71 33.22
CA SER B 332 -9.70 -4.32 32.20
C SER B 332 -11.03 -4.68 32.86
N TYR B 333 -12.04 -3.83 32.66
CA TYR B 333 -13.32 -3.98 33.32
C TYR B 333 -14.42 -4.23 32.30
N ASP B 334 -15.55 -4.72 32.79
CA ASP B 334 -16.71 -5.02 31.96
C ASP B 334 -17.82 -4.01 32.20
N THR B 335 -18.41 -3.52 31.12
CA THR B 335 -19.70 -2.86 31.14
C THR B 335 -20.71 -3.77 30.45
N ALA B 336 -21.99 -3.42 30.58
CA ALA B 336 -23.00 -4.12 29.81
C ALA B 336 -22.80 -3.94 28.32
N ASN B 337 -22.09 -2.87 27.92
CA ASN B 337 -21.90 -2.56 26.51
C ASN B 337 -20.76 -3.38 25.91
N GLU B 338 -19.54 -3.16 26.39
CA GLU B 338 -18.37 -3.90 25.91
C GLU B 338 -17.43 -4.13 27.08
N LYS B 339 -16.24 -4.67 26.79
CA LYS B 339 -15.15 -4.74 27.75
C LYS B 339 -14.07 -3.74 27.35
N ILE B 340 -13.67 -2.89 28.30
CA ILE B 340 -12.67 -1.86 28.06
C ILE B 340 -11.39 -2.29 28.75
N LYS B 341 -10.34 -2.55 27.97
CA LYS B 341 -8.99 -2.60 28.50
C LYS B 341 -8.41 -1.20 28.45
N THR B 342 -7.91 -0.73 29.58
CA THR B 342 -7.50 0.67 29.68
C THR B 342 -6.38 0.76 30.73
N SER B 343 -6.12 1.98 31.19
CA SER B 343 -5.01 2.24 32.10
C SER B 343 -5.26 3.59 32.77
N ILE B 344 -4.66 3.77 33.94
CA ILE B 344 -4.73 5.04 34.68
C ILE B 344 -3.35 5.34 35.24
N TYR B 345 -2.89 6.57 35.04
CA TYR B 345 -1.52 6.95 35.39
C TYR B 345 -1.42 7.26 36.88
N ASN B 346 -0.47 6.64 37.55
CA ASN B 346 -0.26 6.88 38.97
C ASN B 346 0.42 8.22 39.20
N ARG B 347 -0.12 9.00 40.12
CA ARG B 347 0.39 10.31 40.46
C ARG B 347 -0.20 10.70 41.80
N MET B 348 0.54 11.51 42.57
CA MET B 348 0.08 11.94 43.89
C MET B 348 0.48 13.38 44.09
N GLU B 349 -0.51 14.27 44.18
CA GLU B 349 -0.24 15.68 44.38
C GLU B 349 0.38 15.93 45.75
N ASN B 350 1.54 16.56 45.75
CA ASN B 350 2.06 17.28 46.93
C ASN B 350 2.37 16.32 48.08
N ALA B 351 2.90 15.15 47.77
CA ALA B 351 3.37 14.21 48.79
C ALA B 351 4.72 14.71 49.29
N GLU B 352 4.72 15.39 50.44
CA GLU B 352 5.90 16.08 50.94
C GLU B 352 6.36 15.49 52.26
N SER B 353 7.68 15.47 52.45
CA SER B 353 8.31 14.96 53.67
C SER B 353 7.81 13.56 54.03
N LYS B 354 7.37 12.81 53.02
CA LYS B 354 6.75 11.52 53.23
C LYS B 354 7.13 10.57 52.11
N THR B 355 7.45 9.34 52.48
CA THR B 355 7.57 8.25 51.52
C THR B 355 6.23 7.71 51.08
N ASP B 356 5.16 8.43 51.41
CA ASP B 356 3.81 7.91 51.31
C ASP B 356 3.29 7.86 49.88
N TYR B 357 4.01 8.40 48.90
CA TYR B 357 3.60 8.16 47.52
C TYR B 357 3.58 6.67 47.22
N ASP B 358 4.63 5.97 47.64
CA ASP B 358 4.71 4.54 47.39
C ASP B 358 3.58 3.78 48.09
N THR B 359 3.28 4.16 49.34
CA THR B 359 2.29 3.42 50.11
C THR B 359 0.86 3.85 49.79
N SER B 360 0.64 5.11 49.42
CA SER B 360 -0.72 5.56 49.11
C SER B 360 -1.24 4.90 47.84
N ILE B 361 -0.36 4.57 46.89
CA ILE B 361 -0.81 3.90 45.67
C ILE B 361 -1.12 2.44 45.95
N THR B 362 -0.28 1.78 46.74
CA THR B 362 -0.59 0.41 47.15
C THR B 362 -1.85 0.37 48.01
N LEU B 363 -2.11 1.43 48.79
CA LEU B 363 -3.41 1.57 49.43
C LEU B 363 -4.52 1.68 48.40
N LYS B 364 -4.27 2.40 47.31
CA LYS B 364 -5.23 2.45 46.22
C LYS B 364 -5.29 1.12 45.47
N ASP B 365 -4.17 0.38 45.41
CA ASP B 365 -4.20 -0.95 44.82
C ASP B 365 -5.14 -1.87 45.58
N VAL B 366 -5.10 -1.80 46.91
CA VAL B 366 -6.06 -2.56 47.73
C VAL B 366 -7.47 -2.11 47.42
N THR B 367 -7.70 -0.79 47.43
CA THR B 367 -9.02 -0.25 47.12
C THR B 367 -9.46 -0.59 45.71
N LEU B 368 -8.53 -0.98 44.82
CA LEU B 368 -8.87 -1.37 43.47
C LEU B 368 -9.14 -2.88 43.37
N SER B 369 -8.24 -3.70 43.92
CA SER B 369 -8.41 -5.16 43.87
C SER B 369 -9.51 -5.67 44.80
N GLN B 370 -10.26 -4.77 45.43
CA GLN B 370 -11.46 -5.13 46.17
C GLN B 370 -12.74 -4.67 45.50
N LEU B 371 -12.64 -3.88 44.41
CA LEU B 371 -13.82 -3.36 43.76
C LEU B 371 -14.64 -4.46 43.11
N ASN B 372 -13.97 -5.49 42.56
CA ASN B 372 -14.68 -6.57 41.90
C ASN B 372 -15.66 -7.26 42.85
N SER B 373 -15.14 -7.76 43.98
CA SER B 373 -16.01 -8.43 44.95
C SER B 373 -17.11 -7.51 45.45
N LEU B 374 -16.83 -6.21 45.56
CA LEU B 374 -17.84 -5.27 46.03
C LEU B 374 -18.93 -5.03 44.97
N ILE B 375 -18.58 -5.11 43.69
CA ILE B 375 -19.57 -4.87 42.65
C ILE B 375 -20.49 -6.08 42.47
N GLU B 376 -19.95 -7.29 42.63
CA GLU B 376 -20.78 -8.49 42.56
C GLU B 376 -21.89 -8.44 43.61
N SER B 377 -21.53 -8.09 44.83
CA SER B 377 -22.48 -8.05 45.94
C SER B 377 -23.37 -6.82 45.91
N ASN B 378 -23.26 -5.99 44.87
CA ASN B 378 -24.10 -4.80 44.68
C ASN B 378 -24.01 -3.84 45.86
N LEU B 379 -22.94 -3.92 46.63
CA LEU B 379 -22.72 -3.01 47.74
C LEU B 379 -22.13 -1.67 47.30
N VAL B 380 -21.43 -1.66 46.16
CA VAL B 380 -20.95 -0.42 45.55
C VAL B 380 -21.27 -0.49 44.06
N GLN B 381 -21.12 0.65 43.40
CA GLN B 381 -21.17 0.73 41.95
C GLN B 381 -20.10 1.72 41.49
N VAL B 382 -19.45 1.41 40.38
CA VAL B 382 -18.29 2.16 39.92
C VAL B 382 -18.63 2.81 38.58
N ASP B 383 -18.58 4.13 38.54
CA ASP B 383 -18.63 4.90 37.29
C ASP B 383 -17.20 5.27 36.91
N VAL B 384 -16.65 4.55 35.94
CA VAL B 384 -15.33 4.88 35.42
C VAL B 384 -15.49 5.95 34.35
N TYR B 385 -14.77 7.05 34.51
CA TYR B 385 -14.78 8.15 33.55
C TYR B 385 -13.54 8.02 32.68
N LEU B 386 -13.75 7.79 31.39
CA LEU B 386 -12.70 7.39 30.47
C LEU B 386 -12.40 8.49 29.47
N VAL B 387 -11.12 8.81 29.31
CA VAL B 387 -10.66 9.65 28.20
C VAL B 387 -10.26 8.71 27.07
N THR B 388 -11.03 8.72 25.99
CA THR B 388 -10.85 7.77 24.90
C THR B 388 -10.81 8.52 23.57
N ASP B 389 -10.07 7.95 22.63
CA ASP B 389 -10.02 8.50 21.28
C ASP B 389 -11.27 8.09 20.50
N PRO B 390 -11.86 8.99 19.72
CA PRO B 390 -13.12 8.65 19.04
C PRO B 390 -13.02 7.47 18.08
N ASN B 391 -12.00 7.44 17.22
CA ASN B 391 -11.87 6.38 16.24
C ASN B 391 -11.10 5.17 16.75
N ASN B 392 -10.16 5.37 17.67
CA ASN B 392 -9.32 4.30 18.20
C ASN B 392 -9.72 4.04 19.64
N VAL B 393 -10.40 2.92 19.88
CA VAL B 393 -10.82 2.54 21.23
C VAL B 393 -9.59 2.01 21.98
N LYS B 394 -8.45 1.96 21.28
CA LYS B 394 -7.22 1.50 21.91
C LYS B 394 -6.66 2.55 22.88
N ASN B 395 -6.63 3.81 22.44
CA ASN B 395 -6.07 4.89 23.25
C ASN B 395 -7.05 5.28 24.36
N ASN B 396 -7.18 4.38 25.33
CA ASN B 396 -8.03 4.58 26.49
C ASN B 396 -7.16 4.94 27.69
N VAL B 397 -7.51 6.03 28.37
CA VAL B 397 -6.88 6.41 29.63
C VAL B 397 -7.97 6.88 30.60
N ILE B 398 -7.82 6.51 31.85
CA ILE B 398 -8.85 6.73 32.87
C ILE B 398 -8.64 8.10 33.49
N ALA B 399 -9.69 8.93 33.45
CA ALA B 399 -9.64 10.28 34.00
C ALA B 399 -10.02 10.33 35.47
N GLY B 400 -11.07 9.60 35.85
CA GLY B 400 -11.51 9.58 37.23
C GLY B 400 -12.47 8.45 37.53
N ILE B 401 -12.43 7.94 38.75
CA ILE B 401 -13.30 6.84 39.18
C ILE B 401 -14.14 7.34 40.35
N THR B 402 -15.45 7.26 40.19
CA THR B 402 -16.40 7.53 41.27
C THR B 402 -17.03 6.21 41.69
N LYS B 403 -17.36 6.10 42.98
CA LYS B 403 -17.95 4.88 43.52
C LYS B 403 -19.21 5.23 44.29
N ILE B 404 -20.32 4.61 43.90
CA ILE B 404 -21.62 4.83 44.53
C ILE B 404 -21.92 3.64 45.42
N GLU B 405 -21.95 3.87 46.73
CA GLU B 405 -22.22 2.81 47.70
C GLU B 405 -23.67 2.81 48.13
N ILE B 406 -24.08 1.68 48.72
CA ILE B 406 -25.42 1.58 49.31
C ILE B 406 -25.61 2.65 50.38
N ASP B 407 -24.51 3.11 50.99
CA ASP B 407 -24.58 4.04 52.10
C ASP B 407 -25.12 5.40 51.71
N GLY B 408 -25.11 5.73 50.42
CA GLY B 408 -25.25 7.08 49.96
C GLY B 408 -23.94 7.84 49.87
N THR B 409 -22.92 7.38 50.59
CA THR B 409 -21.59 7.97 50.49
C THR B 409 -21.00 7.76 49.10
N TYR B 410 -20.15 8.69 48.68
CA TYR B 410 -19.49 8.64 47.39
C TYR B 410 -17.98 8.66 47.64
N GLU B 411 -17.25 7.78 46.95
CA GLU B 411 -15.82 7.59 47.20
C GLU B 411 -15.06 7.63 45.88
N PRO B 412 -14.43 8.75 45.56
CA PRO B 412 -13.53 8.79 44.40
C PRO B 412 -12.19 8.16 44.75
N LEU B 413 -11.32 8.07 43.75
CA LEU B 413 -9.99 7.52 43.97
C LEU B 413 -8.91 8.55 43.66
N LYS C 82 40.04 -47.88 -22.19
CA LYS C 82 39.34 -48.92 -21.43
C LYS C 82 38.07 -48.36 -20.79
N LEU C 83 37.18 -49.26 -20.36
CA LEU C 83 35.95 -48.85 -19.71
C LEU C 83 36.23 -48.42 -18.28
N ARG C 84 35.26 -47.73 -17.68
CA ARG C 84 35.37 -47.24 -16.32
C ARG C 84 34.25 -47.82 -15.46
N THR C 85 34.56 -48.00 -14.17
CA THR C 85 33.65 -48.61 -13.22
C THR C 85 33.61 -47.78 -11.95
N LEU C 86 32.60 -48.04 -11.12
CA LEU C 86 32.44 -47.38 -9.83
C LEU C 86 32.19 -48.41 -8.75
N ASN C 87 32.81 -48.21 -7.59
CA ASN C 87 32.67 -49.10 -6.45
C ASN C 87 31.78 -48.42 -5.42
N VAL C 88 30.69 -49.10 -5.05
CA VAL C 88 29.75 -48.59 -4.05
C VAL C 88 29.38 -49.74 -3.12
N LYS C 89 29.05 -49.39 -1.87
CA LYS C 89 28.59 -50.35 -0.89
C LYS C 89 27.29 -49.86 -0.30
N GLY C 90 26.29 -50.74 -0.24
CA GLY C 90 24.99 -50.38 0.28
C GLY C 90 24.19 -51.60 0.65
N GLN C 91 22.89 -51.40 0.79
CA GLN C 91 22.00 -52.46 1.25
C GLN C 91 20.72 -52.42 0.43
N LEU C 92 20.32 -53.58 -0.10
CA LEU C 92 19.19 -53.64 -1.01
C LEU C 92 17.88 -53.44 -0.27
N LEU C 93 16.96 -52.70 -0.90
CA LEU C 93 15.64 -52.44 -0.35
C LEU C 93 14.56 -53.12 -1.19
N THR C 94 14.37 -52.68 -2.44
CA THR C 94 13.40 -53.29 -3.33
C THR C 94 14.08 -53.64 -4.65
N LYS C 95 13.51 -54.63 -5.34
CA LYS C 95 13.93 -54.96 -6.70
C LYS C 95 12.71 -55.03 -7.59
N THR C 96 12.65 -54.15 -8.58
CA THR C 96 11.51 -54.01 -9.47
C THR C 96 11.86 -54.56 -10.85
N THR C 97 10.85 -55.10 -11.53
CA THR C 97 11.00 -55.54 -12.90
C THR C 97 9.86 -54.99 -13.76
N MET C 98 10.16 -54.80 -15.03
CA MET C 98 9.24 -54.18 -15.98
C MET C 98 9.74 -54.51 -17.38
N SER C 99 8.89 -54.29 -18.38
CA SER C 99 9.23 -54.66 -19.74
C SER C 99 8.86 -53.54 -20.70
N ILE C 100 9.74 -53.30 -21.68
CA ILE C 100 9.55 -52.29 -22.71
C ILE C 100 10.07 -52.85 -24.03
N ASN C 101 9.23 -52.84 -25.06
CA ASN C 101 9.57 -53.34 -26.39
C ASN C 101 10.14 -54.76 -26.34
N ASN C 102 9.40 -55.65 -25.68
CA ASN C 102 9.77 -57.06 -25.56
C ASN C 102 11.16 -57.23 -24.94
N GLU C 103 11.53 -56.29 -24.07
CA GLU C 103 12.81 -56.33 -23.37
C GLU C 103 12.53 -56.17 -21.87
N ASP C 104 12.91 -57.19 -21.09
CA ASP C 104 12.51 -57.29 -19.69
C ASP C 104 13.64 -56.74 -18.83
N TYR C 105 13.37 -55.64 -18.13
CA TYR C 105 14.38 -54.92 -17.36
C TYR C 105 14.24 -55.22 -15.86
N TYR C 106 15.32 -54.93 -15.13
CA TYR C 106 15.37 -55.19 -13.69
C TYR C 106 16.01 -54.02 -12.98
N LEU C 107 15.38 -53.56 -11.90
CA LEU C 107 15.87 -52.44 -11.12
C LEU C 107 16.08 -52.88 -9.68
N PHE C 108 17.11 -52.33 -9.03
CA PHE C 108 17.47 -52.68 -7.66
C PHE C 108 17.62 -51.40 -6.83
N LYS C 109 16.59 -51.07 -6.07
CA LYS C 109 16.63 -49.89 -5.20
C LYS C 109 17.54 -50.16 -4.02
N PHE C 110 18.65 -49.44 -3.95
CA PHE C 110 19.66 -49.63 -2.91
C PHE C 110 19.69 -48.41 -2.00
N LEU C 111 20.24 -48.62 -0.80
CA LEU C 111 20.46 -47.54 0.17
C LEU C 111 21.97 -47.38 0.35
N VAL C 112 22.58 -46.56 -0.51
CA VAL C 112 24.01 -46.29 -0.46
C VAL C 112 24.18 -44.86 0.05
N ASN C 113 24.90 -44.72 1.17
CA ASN C 113 25.10 -43.42 1.83
C ASN C 113 23.76 -42.76 2.19
N ASN C 114 22.76 -43.58 2.53
CA ASN C 114 21.43 -43.11 2.87
C ASN C 114 20.78 -42.36 1.70
N LYS C 115 21.02 -42.86 0.48
CA LYS C 115 20.44 -42.31 -0.73
C LYS C 115 19.72 -43.43 -1.47
N SER C 116 18.43 -43.25 -1.73
CA SER C 116 17.65 -44.23 -2.47
C SER C 116 18.04 -44.15 -3.94
N ILE C 117 18.86 -45.09 -4.40
CA ILE C 117 19.39 -45.08 -5.76
C ILE C 117 18.96 -46.36 -6.46
N ASP C 118 18.62 -46.24 -7.74
CA ASP C 118 18.21 -47.37 -8.57
C ASP C 118 19.34 -47.76 -9.50
N TYR C 119 19.81 -49.01 -9.39
CA TYR C 119 20.86 -49.54 -10.25
C TYR C 119 20.31 -50.63 -11.15
N TYR C 120 20.82 -50.70 -12.38
CA TYR C 120 20.38 -51.69 -13.34
C TYR C 120 21.00 -53.04 -13.04
N GLY C 121 20.26 -54.10 -13.38
CA GLY C 121 20.77 -55.45 -13.25
C GLY C 121 20.07 -56.38 -14.21
N THR C 122 20.62 -57.58 -14.34
CA THR C 122 20.11 -58.59 -15.25
C THR C 122 19.26 -59.60 -14.49
N GLN C 123 18.78 -60.62 -15.21
CA GLN C 123 17.95 -61.64 -14.60
C GLN C 123 18.74 -62.50 -13.60
N THR C 124 20.04 -62.65 -13.82
CA THR C 124 20.84 -63.48 -12.93
C THR C 124 20.91 -62.89 -11.53
N GLN C 125 21.20 -61.59 -11.43
CA GLN C 125 21.27 -60.94 -10.13
C GLN C 125 19.93 -60.87 -9.44
N PHE C 126 18.83 -60.93 -10.20
CA PHE C 126 17.50 -60.79 -9.60
C PHE C 126 17.23 -61.88 -8.58
N PHE C 127 17.89 -63.03 -8.70
CA PHE C 127 17.78 -64.10 -7.73
C PHE C 127 19.04 -64.25 -6.89
N SER C 128 20.08 -63.48 -7.16
CA SER C 128 21.32 -63.55 -6.40
C SER C 128 21.34 -62.63 -5.19
N LEU C 129 20.44 -61.64 -5.13
CA LEU C 129 20.47 -60.62 -4.11
C LEU C 129 19.20 -60.69 -3.27
N ILE C 130 19.36 -60.69 -1.95
CA ILE C 130 18.24 -60.68 -1.01
C ILE C 130 18.10 -59.28 -0.43
N ASN C 131 16.86 -58.83 -0.30
CA ASN C 131 16.59 -57.51 0.26
C ASN C 131 17.05 -57.45 1.71
N ASN C 132 17.30 -56.22 2.18
CA ASN C 132 17.68 -55.94 3.56
C ASN C 132 19.03 -56.57 3.92
N LYS C 133 19.90 -56.75 2.93
CA LYS C 133 21.19 -57.38 3.16
C LYS C 133 22.27 -56.56 2.48
N THR C 134 23.34 -56.26 3.21
CA THR C 134 24.36 -55.32 2.74
C THR C 134 25.25 -55.98 1.68
N TYR C 135 25.46 -55.26 0.57
CA TYR C 135 26.25 -55.76 -0.53
C TYR C 135 27.36 -54.79 -0.89
N GLU C 136 28.47 -55.33 -1.37
CA GLU C 136 29.55 -54.56 -1.97
C GLU C 136 29.38 -54.62 -3.48
N LEU C 137 29.27 -53.46 -4.12
CA LEU C 137 28.95 -53.38 -5.53
C LEU C 137 30.08 -52.72 -6.31
N VAL C 138 30.34 -53.27 -7.50
CA VAL C 138 31.20 -52.66 -8.50
C VAL C 138 30.31 -52.35 -9.69
N LEU C 139 30.08 -51.07 -9.95
CA LEU C 139 29.17 -50.67 -11.01
C LEU C 139 29.91 -50.61 -12.35
N GLN C 140 29.18 -50.28 -13.41
CA GLN C 140 29.77 -50.13 -14.73
C GLN C 140 28.83 -49.29 -15.60
N TYR C 141 29.39 -48.25 -16.22
CA TYR C 141 28.60 -47.35 -17.07
C TYR C 141 28.69 -47.85 -18.50
N SER C 142 27.72 -48.67 -18.88
CA SER C 142 27.65 -49.27 -20.22
C SER C 142 26.33 -48.89 -20.87
N ARG C 143 26.38 -48.48 -22.14
CA ARG C 143 25.21 -48.11 -22.92
C ARG C 143 24.39 -47.01 -22.22
N LYS C 144 25.09 -45.99 -21.72
CA LYS C 144 24.46 -44.82 -21.12
C LYS C 144 23.54 -45.21 -19.95
N LYS C 145 23.91 -46.28 -19.25
CA LYS C 145 23.17 -46.75 -18.08
C LYS C 145 24.20 -47.16 -17.01
N LEU C 146 23.71 -47.52 -15.84
CA LEU C 146 24.55 -47.92 -14.72
C LEU C 146 24.25 -49.37 -14.37
N LEU C 147 25.15 -50.29 -14.74
CA LEU C 147 24.97 -51.71 -14.53
C LEU C 147 25.81 -52.19 -13.36
N ILE C 148 25.30 -53.22 -12.67
CA ILE C 148 26.04 -53.86 -11.58
C ILE C 148 26.96 -54.90 -12.19
N LYS C 149 28.28 -54.65 -12.13
CA LYS C 149 29.24 -55.58 -12.71
C LYS C 149 29.43 -56.80 -11.82
N SER C 150 29.83 -56.59 -10.57
CA SER C 150 30.05 -57.67 -9.62
C SER C 150 29.47 -57.28 -8.27
N TYR C 151 29.43 -58.25 -7.36
CA TYR C 151 28.76 -58.06 -6.08
C TYR C 151 29.29 -59.06 -5.07
N GLU C 152 29.40 -58.62 -3.81
CA GLU C 152 29.69 -59.47 -2.67
C GLU C 152 28.86 -59.00 -1.49
N GLN C 153 28.84 -59.80 -0.43
CA GLN C 153 28.02 -59.54 0.74
C GLN C 153 28.88 -59.08 1.91
N CYS C 154 28.52 -57.92 2.46
CA CYS C 154 28.97 -57.50 3.79
C CYS C 154 27.87 -57.86 4.79
N GLU C 155 28.26 -58.41 5.93
CA GLU C 155 27.31 -59.00 6.86
C GLU C 155 27.04 -58.04 8.03
N ASP C 156 25.89 -57.39 7.97
CA ASP C 156 25.24 -56.76 9.13
C ASP C 156 26.22 -55.89 9.92
N GLU C 157 26.72 -54.86 9.25
CA GLU C 157 27.68 -53.96 9.88
C GLU C 157 26.97 -52.98 10.82
N ASP C 158 27.67 -52.63 11.90
CA ASP C 158 27.15 -51.77 12.95
C ASP C 158 28.05 -50.56 13.09
N LEU C 159 27.47 -49.36 12.98
CA LEU C 159 28.24 -48.12 13.03
C LEU C 159 27.99 -47.33 14.32
N LEU C 160 27.51 -47.99 15.37
CA LEU C 160 27.37 -47.30 16.64
C LEU C 160 28.73 -47.13 17.30
N MET C 161 28.85 -46.07 18.11
CA MET C 161 30.13 -45.59 18.64
C MET C 161 31.08 -45.13 17.54
N THR C 162 30.67 -45.25 16.28
CA THR C 162 31.48 -44.79 15.15
C THR C 162 31.05 -43.37 14.81
N VAL C 163 31.75 -42.39 15.38
CA VAL C 163 31.36 -41.00 15.24
C VAL C 163 31.43 -40.59 13.78
N CYS C 164 30.37 -39.94 13.30
CA CYS C 164 30.33 -39.40 11.95
C CYS C 164 29.99 -37.91 12.02
N LYS C 165 30.50 -37.17 11.03
CA LYS C 165 30.42 -35.72 11.09
C LYS C 165 29.00 -35.21 10.89
N SER C 166 28.19 -35.92 10.11
CA SER C 166 26.89 -35.40 9.71
C SER C 166 25.80 -36.45 9.89
N VAL C 167 24.56 -35.95 10.04
CA VAL C 167 23.36 -36.76 10.00
C VAL C 167 22.42 -36.16 8.97
N THR C 168 21.42 -36.93 8.58
CA THR C 168 20.47 -36.52 7.55
C THR C 168 19.11 -36.26 8.17
N PHE C 169 18.23 -35.64 7.36
CA PHE C 169 16.84 -35.47 7.78
C PHE C 169 16.12 -36.81 7.90
N GLN C 170 16.49 -37.78 7.05
CA GLN C 170 15.83 -39.07 7.07
C GLN C 170 16.08 -39.80 8.40
N GLU C 171 17.25 -39.59 9.01
CA GLU C 171 17.57 -40.27 10.25
C GLU C 171 16.74 -39.73 11.42
N PHE C 172 16.36 -38.46 11.36
CA PHE C 172 15.46 -37.92 12.37
C PHE C 172 14.04 -38.46 12.20
N CYS C 173 13.66 -38.87 10.99
CA CYS C 173 12.38 -39.53 10.78
C CYS C 173 12.45 -40.99 11.21
N ALA C 174 13.47 -41.71 10.74
CA ALA C 174 13.67 -43.09 11.17
C ALA C 174 13.89 -43.20 12.67
N ASN C 175 14.21 -42.09 13.33
CA ASN C 175 14.40 -42.03 14.78
C ASN C 175 15.46 -43.04 15.22
N GLU C 176 16.70 -42.75 14.81
CA GLU C 176 17.80 -43.69 14.96
C GLU C 176 18.60 -43.40 16.22
N ILE C 177 19.32 -44.42 16.67
CA ILE C 177 20.41 -44.27 17.63
C ILE C 177 21.69 -44.08 16.84
N LYS C 178 22.36 -42.95 17.03
CA LYS C 178 23.63 -42.73 16.36
C LYS C 178 24.59 -42.00 17.29
N SER C 179 25.88 -42.31 17.13
CA SER C 179 26.97 -41.62 17.80
C SER C 179 27.56 -40.63 16.79
N LEU C 180 27.39 -39.33 17.05
CA LEU C 180 27.86 -38.31 16.12
C LEU C 180 28.70 -37.27 16.85
N LEU C 181 29.33 -36.41 16.06
CA LEU C 181 30.12 -35.30 16.55
C LEU C 181 29.29 -34.02 16.54
N ALA C 182 29.22 -33.36 17.68
CA ALA C 182 28.52 -32.10 17.84
C ALA C 182 29.40 -31.13 18.60
N LYS C 183 28.91 -29.90 18.76
CA LYS C 183 29.67 -28.83 19.39
C LYS C 183 28.80 -28.19 20.47
N PHE C 184 29.24 -28.29 21.72
CA PHE C 184 28.42 -27.78 22.81
C PHE C 184 28.31 -26.27 22.76
N LEU C 185 27.22 -25.77 23.31
CA LEU C 185 26.85 -24.37 23.33
C LEU C 185 26.07 -24.17 24.62
N TYR C 186 26.25 -23.01 25.26
CA TYR C 186 25.36 -22.62 26.35
C TYR C 186 25.13 -23.73 27.37
N GLY C 187 23.86 -24.10 27.59
CA GLY C 187 23.53 -25.11 28.57
C GLY C 187 23.00 -24.50 29.86
N PHE C 188 21.78 -24.84 30.25
CA PHE C 188 21.10 -24.13 31.33
C PHE C 188 20.02 -25.02 31.93
N LYS C 189 19.32 -24.47 32.93
CA LYS C 189 18.18 -25.12 33.54
C LYS C 189 16.89 -24.48 33.05
N ILE C 190 15.91 -25.31 32.71
CA ILE C 190 14.63 -24.80 32.24
C ILE C 190 13.84 -24.22 33.41
N TYR C 191 13.39 -22.98 33.24
CA TYR C 191 12.67 -22.26 34.28
C TYR C 191 11.47 -23.06 34.78
N GLY C 192 11.28 -23.04 36.10
CA GLY C 192 10.15 -23.68 36.74
C GLY C 192 10.23 -25.17 36.89
N SER C 193 11.31 -25.80 36.42
CA SER C 193 11.45 -27.25 36.44
C SER C 193 12.35 -27.68 37.60
N SER C 194 11.97 -28.78 38.26
CA SER C 194 12.76 -29.30 39.36
C SER C 194 14.11 -29.83 38.89
N ASN C 195 14.17 -30.39 37.69
CA ASN C 195 15.41 -31.02 37.26
C ASN C 195 15.70 -30.90 35.77
N VAL C 196 14.80 -30.35 34.97
CA VAL C 196 14.99 -30.48 33.54
C VAL C 196 16.05 -29.48 33.09
N TYR C 197 17.14 -30.00 32.54
CA TYR C 197 18.21 -29.16 32.00
C TYR C 197 18.21 -29.30 30.50
N LYS C 198 18.49 -28.21 29.81
CA LYS C 198 18.57 -28.18 28.36
C LYS C 198 20.00 -27.91 27.94
N LEU C 199 20.54 -28.74 27.07
CA LEU C 199 21.85 -28.54 26.50
C LEU C 199 21.69 -28.24 25.01
N VAL C 200 22.41 -27.22 24.54
CA VAL C 200 22.29 -26.76 23.16
C VAL C 200 23.55 -27.15 22.40
N PHE C 201 23.36 -27.79 21.25
CA PHE C 201 24.45 -28.29 20.43
C PHE C 201 24.28 -27.76 19.02
N VAL C 202 25.38 -27.74 18.26
CA VAL C 202 25.34 -27.47 16.84
C VAL C 202 25.82 -28.72 16.11
N ILE C 203 24.95 -29.28 15.28
CA ILE C 203 25.23 -30.50 14.54
C ILE C 203 25.23 -30.17 13.06
N LEU C 204 26.09 -30.87 12.31
CA LEU C 204 26.16 -30.72 10.86
C LEU C 204 25.10 -31.63 10.25
N LEU C 205 24.02 -31.04 9.75
CA LEU C 205 22.85 -31.77 9.30
C LEU C 205 22.73 -31.65 7.79
N GLU C 206 22.54 -32.80 7.12
CA GLU C 206 22.44 -32.87 5.67
C GLU C 206 20.98 -32.90 5.25
N ASP C 207 20.57 -31.91 4.47
CA ASP C 207 19.31 -32.05 3.75
C ASP C 207 19.48 -33.06 2.63
N ASN C 208 18.37 -33.53 2.08
CA ASN C 208 18.43 -34.55 1.04
C ASN C 208 18.78 -34.00 -0.35
N ASN C 209 19.33 -32.79 -0.43
CA ASN C 209 19.95 -32.30 -1.66
C ASN C 209 21.47 -32.35 -1.62
N GLY C 210 22.07 -32.55 -0.44
CA GLY C 210 23.51 -32.68 -0.33
C GLY C 210 24.23 -31.52 0.32
N THR C 211 23.51 -30.46 0.70
CA THR C 211 24.13 -29.30 1.33
C THR C 211 24.15 -29.50 2.84
N ILE C 212 25.34 -29.45 3.42
CA ILE C 212 25.54 -29.73 4.84
C ILE C 212 25.58 -28.40 5.58
N ASN C 213 24.50 -28.10 6.30
CA ASN C 213 24.40 -26.88 7.07
C ASN C 213 24.57 -27.16 8.56
N GLY C 214 25.17 -26.20 9.26
CA GLY C 214 25.27 -26.28 10.70
C GLY C 214 24.04 -25.68 11.35
N VAL C 215 23.32 -26.48 12.15
CA VAL C 215 22.09 -26.03 12.78
C VAL C 215 22.17 -26.30 14.28
N GLN C 216 21.26 -25.67 14.99
CA GLN C 216 21.24 -25.68 16.45
C GLN C 216 20.25 -26.74 16.90
N VAL C 217 20.64 -27.57 17.86
CA VAL C 217 19.80 -28.67 18.32
C VAL C 217 19.77 -28.68 19.84
N GLU C 218 18.68 -29.18 20.40
CA GLU C 218 18.42 -29.10 21.83
C GLU C 218 18.27 -30.50 22.43
N MET C 219 18.85 -30.68 23.62
CA MET C 219 18.80 -31.95 24.35
C MET C 219 18.27 -31.67 25.74
N MET C 220 17.06 -32.13 26.03
CA MET C 220 16.47 -32.01 27.36
C MET C 220 16.63 -33.33 28.08
N SER C 221 17.09 -33.27 29.32
CA SER C 221 17.30 -34.50 30.07
C SER C 221 17.36 -34.20 31.56
N ASP C 222 16.91 -35.18 32.35
CA ASP C 222 17.01 -35.13 33.79
C ASP C 222 18.45 -35.20 34.26
N PHE C 223 18.66 -34.77 35.52
CA PHE C 223 19.98 -34.82 36.15
C PHE C 223 20.52 -36.24 36.21
N LYS C 224 19.63 -37.21 36.41
CA LYS C 224 20.05 -38.60 36.62
C LYS C 224 20.95 -39.08 35.49
N ARG C 225 20.46 -39.04 34.26
CA ARG C 225 21.27 -39.47 33.12
C ARG C 225 22.46 -38.54 32.91
N LEU C 226 22.27 -37.23 33.13
CA LEU C 226 23.33 -36.27 32.89
C LEU C 226 24.54 -36.50 33.79
N SER C 227 24.32 -37.01 35.01
CA SER C 227 25.43 -37.19 35.94
C SER C 227 26.43 -38.20 35.40
N GLY C 228 25.95 -39.34 34.89
CA GLY C 228 26.82 -40.33 34.28
C GLY C 228 27.02 -40.20 32.80
N ALA C 229 26.30 -39.29 32.14
CA ALA C 229 26.44 -39.13 30.70
C ALA C 229 27.82 -38.60 30.33
N PHE C 230 28.33 -37.65 31.10
CA PHE C 230 29.60 -37.02 30.78
C PHE C 230 30.74 -37.97 31.09
N LYS C 231 31.32 -38.55 30.04
CA LYS C 231 32.48 -39.42 30.21
C LYS C 231 33.62 -38.65 30.84
N ASN C 232 34.34 -39.32 31.75
CA ASN C 232 35.56 -38.84 32.40
C ASN C 232 35.33 -37.72 33.41
N HIS C 233 34.09 -37.27 33.63
CA HIS C 233 33.81 -36.24 34.61
C HIS C 233 32.67 -36.71 35.52
N VAL C 234 32.91 -36.65 36.82
CA VAL C 234 31.94 -37.10 37.82
C VAL C 234 31.10 -35.91 38.28
N ILE C 235 29.80 -36.13 38.45
CA ILE C 235 28.86 -35.10 38.86
C ILE C 235 27.98 -35.70 39.95
N GLU C 236 28.19 -35.27 41.20
CA GLU C 236 27.42 -35.80 42.32
C GLU C 236 26.25 -34.93 42.72
N ASN C 237 26.22 -33.66 42.33
CA ASN C 237 25.15 -32.76 42.72
C ASN C 237 25.03 -31.66 41.68
N GLU C 238 23.91 -30.93 41.75
CA GLU C 238 23.59 -29.93 40.73
C GLU C 238 24.70 -28.91 40.57
N ASN C 239 25.36 -28.54 41.66
CA ASN C 239 26.42 -27.55 41.60
C ASN C 239 27.58 -28.05 40.75
N ASP C 240 27.79 -29.37 40.69
CA ASP C 240 28.85 -29.93 39.87
C ASP C 240 28.50 -29.89 38.39
N LEU C 241 27.21 -29.97 38.06
CA LEU C 241 26.80 -30.02 36.65
C LEU C 241 27.16 -28.74 35.93
N PHE C 242 26.81 -27.59 36.51
CA PHE C 242 27.02 -26.32 35.83
C PHE C 242 28.50 -26.05 35.56
N ASP C 243 29.38 -26.53 36.43
CA ASP C 243 30.81 -26.39 36.20
C ASP C 243 31.24 -27.13 34.94
N CYS C 244 30.82 -28.41 34.83
CA CYS C 244 31.17 -29.20 33.66
C CYS C 244 30.53 -28.66 32.38
N MET C 245 29.47 -27.85 32.51
CA MET C 245 28.88 -27.21 31.34
C MET C 245 29.66 -25.96 30.94
N TYR C 246 29.96 -25.10 31.91
CA TYR C 246 30.69 -23.87 31.60
C TYR C 246 32.10 -24.17 31.12
N LYS C 247 32.78 -25.11 31.77
CA LYS C 247 34.11 -25.51 31.30
C LYS C 247 34.06 -26.26 29.98
N SER C 248 32.87 -26.57 29.48
CA SER C 248 32.72 -27.24 28.19
C SER C 248 31.96 -26.39 27.17
N GLU C 249 31.79 -25.09 27.43
CA GLU C 249 31.14 -24.24 26.43
C GLU C 249 32.09 -24.00 25.26
N GLU C 250 31.57 -24.22 24.05
CA GLU C 250 32.26 -24.10 22.77
C GLU C 250 33.33 -25.16 22.57
N LYS C 251 33.47 -26.12 23.48
CA LYS C 251 34.32 -27.28 23.23
C LYS C 251 33.58 -28.29 22.36
N TYR C 252 34.35 -29.16 21.72
CA TYR C 252 33.80 -30.17 20.81
C TYR C 252 33.58 -31.47 21.55
N PHE C 253 32.49 -32.15 21.22
CA PHE C 253 32.05 -33.38 21.90
C PHE C 253 31.83 -34.49 20.89
N ASN C 254 32.33 -35.69 21.19
CA ASN C 254 31.85 -36.90 20.53
C ASN C 254 30.66 -37.44 21.32
N LEU C 255 29.46 -37.08 20.85
CA LEU C 255 28.25 -37.63 21.44
C LEU C 255 28.13 -39.11 21.07
N TYR C 256 27.66 -39.92 22.02
CA TYR C 256 27.59 -41.36 21.84
C TYR C 256 26.18 -41.86 22.11
N ARG C 257 25.63 -42.64 21.17
CA ARG C 257 24.34 -43.32 21.35
C ARG C 257 23.21 -42.33 21.61
N ILE C 258 23.21 -41.22 20.89
CA ILE C 258 22.15 -40.23 21.05
C ILE C 258 21.00 -40.62 20.13
N LYS C 259 19.76 -40.38 20.58
CA LYS C 259 18.58 -40.68 19.81
C LYS C 259 18.05 -39.41 19.15
N CYS C 260 17.82 -39.48 17.85
CA CYS C 260 17.19 -38.38 17.11
C CYS C 260 15.68 -38.51 17.21
N ASN C 261 14.99 -37.38 17.33
CA ASN C 261 13.56 -37.40 17.55
C ASN C 261 12.82 -36.53 16.55
N HIS C 262 11.52 -36.73 16.52
CA HIS C 262 10.60 -36.15 15.54
C HIS C 262 9.21 -36.30 16.12
N ASN C 263 8.37 -35.28 16.00
CA ASN C 263 7.17 -35.21 16.82
C ASN C 263 5.95 -34.88 15.98
N ALA C 264 4.78 -34.91 16.63
CA ALA C 264 3.55 -34.43 16.00
C ALA C 264 3.75 -33.02 15.45
N ASN C 265 4.11 -32.09 16.33
CA ASN C 265 4.81 -30.87 15.91
C ASN C 265 6.26 -31.26 15.75
N ASN C 266 6.67 -31.52 14.50
CA ASN C 266 7.93 -32.18 14.15
C ASN C 266 9.08 -31.92 15.11
N TYR C 267 9.58 -30.69 15.19
CA TYR C 267 10.48 -30.24 16.26
C TYR C 267 11.61 -31.25 16.50
N LYS C 268 12.52 -31.32 15.54
CA LYS C 268 13.60 -32.31 15.61
C LYS C 268 14.62 -31.93 16.68
N SER C 269 14.94 -32.89 17.56
CA SER C 269 15.84 -32.63 18.68
C SER C 269 16.54 -33.92 19.08
N LEU C 270 17.40 -33.81 20.10
CA LEU C 270 18.15 -34.93 20.65
C LEU C 270 17.69 -35.24 22.07
N SER C 271 18.10 -36.41 22.57
CA SER C 271 17.73 -36.88 23.89
C SER C 271 18.63 -38.05 24.27
N LEU C 272 18.92 -38.18 25.56
CA LEU C 272 19.82 -39.23 26.02
C LEU C 272 19.07 -40.55 26.22
N SER C 273 19.82 -41.64 26.23
CA SER C 273 19.36 -42.93 26.70
C SER C 273 20.19 -43.33 27.91
N SER C 274 19.80 -44.43 28.55
CA SER C 274 20.53 -44.91 29.72
C SER C 274 21.97 -45.22 29.38
N ASN C 275 22.21 -45.80 28.21
CA ASN C 275 23.53 -46.20 27.77
C ASN C 275 24.03 -45.24 26.68
N SER C 276 24.39 -44.04 27.13
CA SER C 276 24.88 -42.96 26.28
C SER C 276 25.97 -42.21 27.03
N GLN C 277 26.96 -41.70 26.30
CA GLN C 277 28.00 -40.87 26.88
C GLN C 277 28.25 -39.62 26.06
N LEU C 278 28.80 -38.63 26.75
CA LEU C 278 29.22 -37.35 26.17
C LEU C 278 30.70 -37.19 26.48
N GLU C 279 31.53 -37.12 25.45
CA GLU C 279 32.98 -37.09 25.62
C GLU C 279 33.54 -35.77 25.12
N ARG C 280 34.23 -35.05 26.00
CA ARG C 280 34.93 -33.83 25.62
C ARG C 280 36.09 -34.17 24.70
N LEU C 281 36.03 -33.70 23.46
CA LEU C 281 37.06 -34.03 22.48
C LEU C 281 38.28 -33.12 22.55
N GLU C 282 38.14 -31.94 23.17
CA GLU C 282 39.26 -31.04 23.41
C GLU C 282 39.90 -30.57 22.10
N TYR C 290 37.47 -30.27 13.54
CA TYR C 290 36.62 -29.13 13.18
C TYR C 290 36.62 -28.94 11.67
N GLU C 291 37.13 -27.78 11.21
CA GLU C 291 37.33 -27.51 9.79
C GLU C 291 36.04 -27.59 8.98
N PHE C 292 34.91 -27.29 9.61
CA PHE C 292 33.64 -27.18 8.90
C PHE C 292 32.83 -26.08 9.57
N GLN C 293 31.89 -25.51 8.81
CA GLN C 293 31.17 -24.32 9.25
C GLN C 293 30.14 -24.71 10.30
N TYR C 294 30.49 -24.51 11.58
CA TYR C 294 29.59 -24.75 12.69
C TYR C 294 28.74 -23.54 13.03
N ASP C 295 28.69 -22.55 12.15
CA ASP C 295 27.79 -21.43 12.37
C ASP C 295 26.35 -21.88 12.15
N TYR C 296 25.47 -21.49 13.07
CA TYR C 296 24.07 -21.85 12.98
C TYR C 296 23.24 -20.65 12.54
N THR C 297 22.34 -20.90 11.59
CA THR C 297 21.36 -19.92 11.17
C THR C 297 19.97 -20.22 11.71
N VAL C 298 19.70 -21.47 12.10
CA VAL C 298 18.38 -21.91 12.51
C VAL C 298 18.53 -23.01 13.53
N ASN C 299 17.55 -23.13 14.41
CA ASN C 299 17.42 -24.23 15.34
C ASN C 299 16.40 -25.21 14.79
N ILE C 300 16.78 -26.47 14.61
CA ILE C 300 15.83 -27.46 14.11
C ILE C 300 14.78 -27.76 15.17
N SER C 301 15.15 -27.68 16.45
CA SER C 301 14.19 -27.92 17.52
C SER C 301 13.12 -26.83 17.54
N ARG C 302 13.52 -25.58 17.35
CA ARG C 302 12.59 -24.46 17.41
C ARG C 302 12.04 -24.13 16.03
N SER C 303 10.83 -23.59 16.01
CA SER C 303 10.23 -23.09 14.78
C SER C 303 10.40 -21.57 14.76
N ASN C 304 11.25 -21.09 13.85
CA ASN C 304 11.50 -19.68 13.55
C ASN C 304 12.25 -18.93 14.65
N LYS C 305 12.73 -19.60 15.69
CA LYS C 305 13.58 -18.95 16.69
C LYS C 305 14.92 -19.67 16.81
N ILE C 306 15.77 -19.11 17.69
CA ILE C 306 17.08 -19.65 18.03
C ILE C 306 17.37 -19.34 19.50
N ILE C 307 18.51 -19.79 20.01
CA ILE C 307 18.90 -19.60 21.40
C ILE C 307 20.22 -18.85 21.44
N GLN C 308 20.31 -17.85 22.32
CA GLN C 308 21.56 -17.13 22.56
C GLN C 308 21.72 -16.87 24.05
N LYS C 309 22.97 -16.65 24.45
CA LYS C 309 23.34 -16.37 25.83
C LYS C 309 23.90 -14.95 25.93
N HIS C 310 23.37 -14.18 26.87
CA HIS C 310 23.77 -12.79 27.08
C HIS C 310 24.34 -12.66 28.48
N ARG C 311 25.62 -12.32 28.57
CA ARG C 311 26.21 -12.00 29.87
C ARG C 311 25.66 -10.66 30.34
N VAL C 312 24.75 -10.70 31.32
CA VAL C 312 24.18 -9.47 31.86
C VAL C 312 25.29 -8.66 32.52
N THR C 313 25.48 -7.44 32.05
CA THR C 313 26.48 -6.54 32.60
C THR C 313 25.92 -5.27 33.21
N GLY C 314 24.72 -4.84 32.79
CA GLY C 314 24.22 -3.54 33.20
C GLY C 314 22.93 -3.54 33.98
N ASN C 315 22.06 -2.58 33.67
CA ASN C 315 20.86 -2.34 34.46
C ASN C 315 19.89 -3.50 34.31
N PHE C 316 19.62 -4.19 35.41
CA PHE C 316 18.66 -5.29 35.46
C PHE C 316 17.42 -4.82 36.20
N THR C 317 16.26 -4.86 35.54
CA THR C 317 15.00 -4.47 36.13
C THR C 317 13.96 -5.55 35.87
N SER C 318 13.10 -5.79 36.86
CA SER C 318 12.09 -6.83 36.74
C SER C 318 10.85 -6.43 37.52
N GLU C 319 9.69 -6.79 36.98
CA GLU C 319 8.40 -6.54 37.64
C GLU C 319 7.39 -7.53 37.08
N ARG C 320 6.61 -8.16 37.95
CA ARG C 320 5.68 -9.18 37.54
C ARG C 320 4.45 -8.56 36.89
N ASN C 321 4.06 -9.07 35.73
CA ASN C 321 2.93 -8.54 34.98
C ASN C 321 2.07 -9.70 34.49
N ILE C 322 0.87 -9.84 35.03
CA ILE C 322 -0.11 -10.75 34.45
C ILE C 322 -0.82 -10.04 33.31
N TYR C 323 -1.02 -10.74 32.21
CA TYR C 323 -1.64 -10.18 31.03
C TYR C 323 -2.94 -10.95 30.73
N GLN C 324 -3.73 -10.39 29.81
CA GLN C 324 -4.92 -11.09 29.36
C GLN C 324 -4.60 -12.46 28.79
N ASN C 325 -3.35 -12.71 28.40
CA ASN C 325 -2.97 -13.97 27.77
C ASN C 325 -2.14 -14.90 28.66
N SER C 326 -1.42 -14.39 29.66
CA SER C 326 -0.57 -15.24 30.48
C SER C 326 -0.05 -14.45 31.68
N ASP C 327 0.78 -15.12 32.48
CA ASP C 327 1.45 -14.54 33.65
C ASP C 327 2.94 -14.51 33.36
N ARG C 328 3.53 -13.31 33.39
CA ARG C 328 4.90 -13.12 32.93
C ARG C 328 5.66 -12.20 33.89
N PHE C 329 6.98 -12.29 33.82
CA PHE C 329 7.87 -11.23 34.30
C PHE C 329 8.40 -10.46 33.11
N VAL C 330 8.48 -9.14 33.24
CA VAL C 330 9.08 -8.29 32.22
C VAL C 330 10.47 -7.90 32.70
N ILE C 331 11.48 -8.19 31.88
CA ILE C 331 12.87 -8.04 32.27
C ILE C 331 13.60 -7.17 31.24
N SER C 332 14.44 -6.27 31.72
CA SER C 332 15.27 -5.42 30.89
C SER C 332 16.70 -5.48 31.43
N TYR C 333 17.65 -5.81 30.56
CA TYR C 333 19.04 -5.92 30.97
C TYR C 333 19.95 -5.43 29.85
N ASP C 334 21.15 -5.01 30.24
CA ASP C 334 22.14 -4.49 29.31
C ASP C 334 23.27 -5.49 29.13
N THR C 335 23.77 -5.57 27.90
CA THR C 335 24.98 -6.32 27.60
C THR C 335 26.04 -5.36 27.08
N ALA C 336 27.24 -5.90 26.83
CA ALA C 336 28.32 -5.08 26.31
C ALA C 336 27.99 -4.46 24.96
N ASN C 337 26.89 -4.85 24.33
CA ASN C 337 26.49 -4.36 23.02
C ASN C 337 25.25 -3.49 23.05
N GLU C 338 24.16 -3.95 23.65
CA GLU C 338 22.92 -3.18 23.67
C GLU C 338 22.20 -3.40 24.99
N LYS C 339 20.97 -2.92 25.07
CA LYS C 339 20.03 -3.25 26.13
C LYS C 339 18.91 -4.09 25.53
N ILE C 340 18.52 -5.14 26.24
CA ILE C 340 17.51 -6.09 25.77
C ILE C 340 16.28 -5.99 26.65
N LYS C 341 15.15 -5.64 26.05
CA LYS C 341 13.85 -5.82 26.69
C LYS C 341 13.31 -7.18 26.28
N THR C 342 12.70 -7.88 27.23
CA THR C 342 12.24 -9.25 27.02
C THR C 342 11.27 -9.61 28.14
N SER C 343 10.90 -10.89 28.21
CA SER C 343 9.91 -11.36 29.16
C SER C 343 10.10 -12.85 29.40
N ILE C 344 9.79 -13.30 30.61
CA ILE C 344 9.86 -14.71 30.97
C ILE C 344 8.48 -15.16 31.42
N TYR C 345 8.16 -16.41 31.14
CA TYR C 345 6.83 -16.97 31.38
C TYR C 345 6.82 -17.74 32.70
N ASN C 346 5.81 -17.49 33.52
CA ASN C 346 5.74 -18.07 34.86
C ASN C 346 5.09 -19.44 34.80
N ARG C 347 5.66 -20.38 35.56
CA ARG C 347 5.21 -21.76 35.61
C ARG C 347 5.94 -22.44 36.77
N MET C 348 5.39 -23.57 37.20
CA MET C 348 5.89 -24.24 38.40
C MET C 348 5.58 -25.74 38.33
N GLU C 349 6.57 -26.55 38.69
CA GLU C 349 6.45 -28.00 38.70
C GLU C 349 6.58 -28.50 40.13
N ASN C 350 5.89 -29.61 40.42
CA ASN C 350 5.91 -30.23 41.76
C ASN C 350 5.51 -29.23 42.85
N ALA C 351 4.44 -28.48 42.57
CA ALA C 351 3.83 -27.58 43.56
C ALA C 351 2.31 -27.73 43.52
N GLU C 352 1.85 -28.98 43.44
CA GLU C 352 0.43 -29.28 43.36
C GLU C 352 -0.20 -29.30 44.76
N SER C 353 -1.52 -29.07 44.78
CA SER C 353 -2.31 -29.05 46.02
C SER C 353 -1.63 -28.19 47.09
N LYS C 354 -1.16 -27.03 46.69
CA LYS C 354 -0.36 -26.20 47.58
C LYS C 354 -0.32 -24.77 47.06
N THR C 355 -0.37 -23.82 47.99
CA THR C 355 -0.17 -22.42 47.66
C THR C 355 1.27 -22.09 47.29
N ASP C 356 2.16 -23.08 47.11
CA ASP C 356 3.55 -22.78 46.79
C ASP C 356 3.72 -22.04 45.47
N TYR C 357 2.75 -22.15 44.56
CA TYR C 357 2.89 -21.43 43.29
C TYR C 357 2.92 -19.93 43.52
N ASP C 358 1.93 -19.41 44.26
CA ASP C 358 1.85 -17.97 44.47
C ASP C 358 2.95 -17.46 45.40
N THR C 359 3.43 -18.29 46.32
CA THR C 359 4.43 -17.83 47.27
C THR C 359 5.84 -17.92 46.71
N SER C 360 6.16 -18.98 45.97
CA SER C 360 7.51 -19.13 45.44
C SER C 360 7.80 -18.11 44.33
N ILE C 361 6.78 -17.73 43.56
CA ILE C 361 6.98 -16.73 42.52
C ILE C 361 7.26 -15.36 43.15
N THR C 362 6.45 -14.97 44.14
CA THR C 362 6.72 -13.73 44.86
C THR C 362 8.10 -13.76 45.49
N LEU C 363 8.57 -14.93 45.90
CA LEU C 363 9.93 -15.04 46.41
C LEU C 363 10.96 -14.93 45.30
N LYS C 364 10.57 -15.29 44.07
CA LYS C 364 11.47 -15.15 42.93
C LYS C 364 11.62 -13.69 42.53
N ASP C 365 10.52 -12.92 42.59
CA ASP C 365 10.60 -11.50 42.29
C ASP C 365 11.61 -10.78 43.17
N VAL C 366 11.74 -11.22 44.43
CA VAL C 366 12.77 -10.66 45.29
C VAL C 366 14.16 -11.04 44.80
N THR C 367 14.34 -12.31 44.42
CA THR C 367 15.61 -12.74 43.86
C THR C 367 15.94 -11.98 42.58
N LEU C 368 14.91 -11.61 41.80
CA LEU C 368 15.14 -10.85 40.59
C LEU C 368 15.43 -9.37 40.88
N SER C 369 14.66 -8.76 41.80
CA SER C 369 14.89 -7.37 42.14
C SER C 369 16.18 -7.16 42.93
N GLN C 370 16.94 -8.22 43.19
CA GLN C 370 18.23 -8.11 43.87
C GLN C 370 19.42 -8.35 42.95
N LEU C 371 19.18 -8.81 41.71
CA LEU C 371 20.28 -9.12 40.81
C LEU C 371 21.11 -7.88 40.51
N ASN C 372 20.45 -6.78 40.12
CA ASN C 372 21.17 -5.54 39.82
C ASN C 372 22.03 -5.11 41.00
N SER C 373 21.54 -5.30 42.22
CA SER C 373 22.34 -4.95 43.40
C SER C 373 23.61 -5.79 43.45
N LEU C 374 23.50 -7.09 43.16
CA LEU C 374 24.66 -7.98 43.28
C LEU C 374 25.64 -7.79 42.13
N ILE C 375 25.15 -7.44 40.94
CA ILE C 375 26.04 -7.27 39.80
C ILE C 375 26.86 -5.98 39.93
N GLU C 376 26.25 -4.92 40.44
CA GLU C 376 27.00 -3.69 40.70
C GLU C 376 28.14 -3.96 41.67
N SER C 377 27.84 -4.63 42.78
CA SER C 377 28.86 -5.05 43.74
C SER C 377 29.65 -6.26 43.27
N ASN C 378 29.34 -6.80 42.09
CA ASN C 378 30.06 -7.92 41.48
C ASN C 378 30.05 -9.17 42.35
N LEU C 379 29.08 -9.27 43.27
CA LEU C 379 28.94 -10.50 44.04
C LEU C 379 28.55 -11.67 43.15
N VAL C 380 27.81 -11.40 42.07
CA VAL C 380 27.42 -12.43 41.12
C VAL C 380 27.61 -11.92 39.71
N GLN C 381 27.83 -12.84 38.79
CA GLN C 381 27.65 -12.60 37.36
C GLN C 381 26.44 -13.41 36.89
N VAL C 382 25.74 -12.88 35.90
CA VAL C 382 24.48 -13.45 35.43
C VAL C 382 24.58 -13.75 33.95
N ASP C 383 24.22 -14.97 33.56
CA ASP C 383 24.06 -15.36 32.17
C ASP C 383 22.58 -15.62 31.92
N VAL C 384 22.04 -15.01 30.87
CA VAL C 384 20.64 -15.16 30.51
C VAL C 384 20.55 -15.88 29.17
N TYR C 385 19.91 -17.05 29.17
CA TYR C 385 19.70 -17.84 27.96
C TYR C 385 18.32 -17.51 27.41
N LEU C 386 18.29 -16.97 26.19
CA LEU C 386 17.11 -16.33 25.65
C LEU C 386 16.77 -16.92 24.29
N VAL C 387 15.49 -17.20 24.07
CA VAL C 387 14.99 -17.67 22.77
C VAL C 387 14.57 -16.44 21.98
N THR C 388 15.35 -16.09 20.96
CA THR C 388 15.13 -14.88 20.18
C THR C 388 14.71 -15.24 18.75
N ASP C 389 13.92 -14.35 18.16
CA ASP C 389 13.55 -14.47 16.76
C ASP C 389 14.58 -13.74 15.91
N PRO C 390 15.27 -14.41 14.98
CA PRO C 390 16.30 -13.72 14.20
C PRO C 390 15.77 -12.58 13.35
N ASN C 391 14.49 -12.59 13.00
CA ASN C 391 13.92 -11.51 12.21
C ASN C 391 13.54 -10.33 13.09
N ASN C 392 12.74 -10.57 14.12
CA ASN C 392 12.24 -9.53 15.01
C ASN C 392 12.79 -9.79 16.41
N VAL C 393 13.52 -8.81 16.94
CA VAL C 393 14.16 -8.98 18.25
C VAL C 393 13.13 -8.53 19.30
N LYS C 394 11.89 -8.34 18.86
CA LYS C 394 10.77 -8.13 19.78
C LYS C 394 10.21 -9.44 20.33
N ASN C 395 10.21 -10.50 19.52
CA ASN C 395 9.74 -11.82 19.96
C ASN C 395 10.80 -12.51 20.84
N ASN C 396 11.08 -11.87 21.97
CA ASN C 396 12.08 -12.34 22.91
C ASN C 396 11.40 -13.06 24.07
N VAL C 397 11.91 -14.23 24.42
CA VAL C 397 11.39 -15.02 25.53
C VAL C 397 12.57 -15.69 26.24
N ILE C 398 12.64 -15.53 27.56
CA ILE C 398 13.74 -16.09 28.35
C ILE C 398 13.44 -17.55 28.64
N ALA C 399 14.46 -18.39 28.50
CA ALA C 399 14.35 -19.81 28.81
C ALA C 399 15.09 -20.22 30.07
N GLY C 400 16.12 -19.49 30.48
CA GLY C 400 16.86 -19.83 31.67
C GLY C 400 17.85 -18.77 32.09
N ILE C 401 18.07 -18.63 33.40
CA ILE C 401 19.00 -17.66 33.96
C ILE C 401 19.90 -18.39 34.95
N THR C 402 21.21 -18.39 34.69
CA THR C 402 22.18 -19.03 35.55
C THR C 402 22.97 -17.96 36.29
N LYS C 403 22.87 -17.96 37.62
CA LYS C 403 23.55 -16.97 38.44
C LYS C 403 24.90 -17.51 38.88
N ILE C 404 25.97 -16.85 38.46
CA ILE C 404 27.33 -17.27 38.74
C ILE C 404 27.84 -16.48 39.94
N GLU C 405 28.22 -17.18 41.01
CA GLU C 405 28.65 -16.55 42.24
C GLU C 405 30.15 -16.68 42.43
N ILE C 406 30.69 -15.82 43.32
CA ILE C 406 32.13 -15.68 43.46
C ILE C 406 32.77 -16.91 44.07
N ASP C 407 32.02 -17.66 44.89
CA ASP C 407 32.59 -18.76 45.66
C ASP C 407 32.75 -20.04 44.86
N GLY C 408 32.21 -20.10 43.64
CA GLY C 408 32.14 -21.35 42.90
C GLY C 408 30.78 -22.01 42.93
N THR C 409 29.78 -21.38 43.53
CA THR C 409 28.43 -21.90 43.58
C THR C 409 27.62 -21.35 42.41
N TYR C 410 26.70 -22.16 41.90
CA TYR C 410 25.76 -21.75 40.87
C TYR C 410 24.34 -21.87 41.40
N GLU C 411 23.51 -20.90 41.04
CA GLU C 411 22.07 -20.97 41.32
C GLU C 411 21.30 -20.56 40.07
N PRO C 412 20.59 -21.49 39.43
CA PRO C 412 19.74 -21.12 38.30
C PRO C 412 18.34 -20.73 38.77
N LEU C 413 17.61 -20.08 37.86
CA LEU C 413 16.23 -19.71 38.10
C LEU C 413 15.29 -20.53 37.22
N LYS D 82 -28.41 -0.97 59.05
CA LYS D 82 -27.67 -2.19 59.37
C LYS D 82 -26.55 -2.42 58.35
N LEU D 83 -25.33 -2.58 58.86
CA LEU D 83 -24.16 -2.76 58.01
C LEU D 83 -24.15 -4.17 57.44
N ARG D 84 -24.20 -4.27 56.11
CA ARG D 84 -24.23 -5.57 55.43
C ARG D 84 -22.85 -6.21 55.45
N THR D 85 -22.82 -7.52 55.63
CA THR D 85 -21.57 -8.28 55.73
C THR D 85 -21.58 -9.43 54.75
N LEU D 86 -20.39 -9.93 54.44
CA LEU D 86 -20.21 -11.03 53.50
C LEU D 86 -19.41 -12.15 54.13
N ASN D 87 -19.49 -13.32 53.50
CA ASN D 87 -18.79 -14.52 53.96
C ASN D 87 -18.00 -15.11 52.80
N VAL D 88 -16.71 -15.31 53.00
CA VAL D 88 -15.85 -15.96 52.02
C VAL D 88 -14.90 -16.89 52.77
N LYS D 89 -14.32 -17.85 52.03
CA LYS D 89 -13.42 -18.83 52.63
C LYS D 89 -12.22 -19.01 51.71
N GLY D 90 -11.03 -18.91 52.27
CA GLY D 90 -9.83 -19.01 51.48
C GLY D 90 -8.62 -19.42 52.29
N GLN D 91 -7.44 -19.12 51.74
CA GLN D 91 -6.17 -19.52 52.32
C GLN D 91 -5.24 -18.32 52.40
N LEU D 92 -4.56 -18.19 53.54
CA LEU D 92 -3.62 -17.09 53.73
C LEU D 92 -2.32 -17.37 52.98
N LEU D 93 -1.84 -16.37 52.25
CA LEU D 93 -0.56 -16.45 51.56
C LEU D 93 0.50 -15.63 52.27
N THR D 94 0.31 -14.31 52.36
CA THR D 94 1.21 -13.43 53.07
C THR D 94 0.40 -12.46 53.91
N LYS D 95 1.06 -11.84 54.89
CA LYS D 95 0.46 -10.80 55.71
C LYS D 95 1.41 -9.62 55.78
N THR D 96 0.87 -8.43 55.53
CA THR D 96 1.67 -7.22 55.31
C THR D 96 1.27 -6.14 56.30
N THR D 97 2.22 -5.22 56.55
CA THR D 97 1.99 -4.10 57.44
C THR D 97 2.62 -2.84 56.86
N MET D 98 1.94 -1.71 57.06
CA MET D 98 2.41 -0.42 56.59
C MET D 98 1.84 0.66 57.49
N SER D 99 2.45 1.84 57.43
CA SER D 99 2.03 2.97 58.26
C SER D 99 1.93 4.22 57.39
N ILE D 100 0.74 4.83 57.36
CA ILE D 100 0.49 6.05 56.62
C ILE D 100 -0.02 7.08 57.61
N ASN D 101 0.83 8.05 57.97
CA ASN D 101 0.48 9.13 58.90
C ASN D 101 0.21 8.59 60.30
N ASN D 102 1.12 7.77 60.81
CA ASN D 102 1.02 7.15 62.13
C ASN D 102 -0.33 6.45 62.29
N GLU D 103 -0.72 5.70 61.26
CA GLU D 103 -1.96 4.93 61.25
C GLU D 103 -1.58 3.52 60.80
N ASP D 104 -1.36 2.64 61.78
CA ASP D 104 -0.85 1.30 61.48
C ASP D 104 -1.90 0.51 60.71
N TYR D 105 -1.57 0.14 59.47
CA TYR D 105 -2.41 -0.70 58.63
C TYR D 105 -1.89 -2.13 58.65
N TYR D 106 -2.82 -3.08 58.55
CA TYR D 106 -2.48 -4.51 58.57
C TYR D 106 -3.27 -5.20 57.47
N LEU D 107 -2.56 -5.69 56.46
CA LEU D 107 -3.18 -6.29 55.28
C LEU D 107 -2.76 -7.75 55.16
N PHE D 108 -3.69 -8.59 54.72
CA PHE D 108 -3.50 -10.03 54.66
C PHE D 108 -3.90 -10.51 53.28
N LYS D 109 -2.93 -11.06 52.54
CA LYS D 109 -3.18 -11.56 51.19
C LYS D 109 -3.75 -12.96 51.25
N PHE D 110 -5.00 -13.12 50.85
CA PHE D 110 -5.71 -14.39 50.95
C PHE D 110 -6.00 -14.96 49.56
N LEU D 111 -6.04 -16.28 49.49
CA LEU D 111 -6.31 -17.01 48.25
C LEU D 111 -7.78 -17.42 48.26
N VAL D 112 -8.62 -16.62 47.61
CA VAL D 112 -10.07 -16.81 47.60
C VAL D 112 -10.47 -17.24 46.20
N ASN D 113 -10.92 -18.50 46.07
CA ASN D 113 -11.33 -19.08 44.79
C ASN D 113 -10.20 -19.10 43.77
N ASN D 114 -8.95 -19.12 44.26
CA ASN D 114 -7.73 -19.11 43.46
C ASN D 114 -7.48 -17.73 42.85
N LYS D 115 -7.88 -16.68 43.56
CA LYS D 115 -7.61 -15.30 43.17
C LYS D 115 -6.99 -14.58 44.36
N SER D 116 -5.78 -14.08 44.19
CA SER D 116 -5.10 -13.35 45.26
C SER D 116 -5.83 -12.04 45.54
N ILE D 117 -6.50 -11.96 46.70
CA ILE D 117 -7.19 -10.75 47.13
C ILE D 117 -6.60 -10.31 48.47
N ASP D 118 -6.51 -9.00 48.67
CA ASP D 118 -5.98 -8.43 49.89
C ASP D 118 -7.11 -7.93 50.79
N TYR D 119 -6.99 -8.18 52.09
CA TYR D 119 -7.99 -7.77 53.06
C TYR D 119 -7.32 -6.95 54.16
N TYR D 120 -7.98 -5.87 54.56
CA TYR D 120 -7.52 -5.10 55.70
C TYR D 120 -7.66 -5.92 56.98
N GLY D 121 -6.88 -5.55 57.98
CA GLY D 121 -6.96 -6.24 59.25
C GLY D 121 -6.38 -5.39 60.36
N THR D 122 -6.40 -5.96 61.57
CA THR D 122 -5.89 -5.31 62.76
C THR D 122 -4.67 -6.05 63.28
N GLN D 123 -3.99 -5.43 64.24
CA GLN D 123 -2.87 -6.08 64.92
C GLN D 123 -3.32 -7.35 65.63
N THR D 124 -4.61 -7.47 65.93
CA THR D 124 -5.18 -8.71 66.46
C THR D 124 -4.92 -9.86 65.50
N GLN D 125 -5.51 -9.78 64.30
CA GLN D 125 -5.35 -10.84 63.30
C GLN D 125 -3.92 -10.96 62.80
N PHE D 126 -3.06 -9.98 63.08
CA PHE D 126 -1.68 -10.03 62.59
C PHE D 126 -0.91 -11.16 63.22
N PHE D 127 -0.83 -11.18 64.56
CA PHE D 127 -0.18 -12.28 65.26
C PHE D 127 -1.02 -13.53 65.29
N SER D 128 -2.34 -13.40 65.09
CA SER D 128 -3.23 -14.56 65.19
C SER D 128 -3.06 -15.50 64.01
N LEU D 129 -3.16 -14.97 62.79
CA LEU D 129 -3.14 -15.81 61.60
C LEU D 129 -1.72 -16.21 61.24
N ILE D 130 -1.59 -17.43 60.72
CA ILE D 130 -0.31 -17.97 60.27
C ILE D 130 -0.42 -18.33 58.79
N ASN D 131 0.71 -18.27 58.11
CA ASN D 131 0.73 -18.38 56.65
C ASN D 131 0.49 -19.82 56.20
N ASN D 132 0.01 -19.96 54.97
CA ASN D 132 -0.23 -21.26 54.33
C ASN D 132 -1.19 -22.12 55.16
N LYS D 133 -2.29 -21.52 55.60
CA LYS D 133 -3.30 -22.23 56.36
C LYS D 133 -4.69 -21.73 56.00
N THR D 134 -5.62 -22.67 55.83
CA THR D 134 -6.97 -22.34 55.41
C THR D 134 -7.77 -21.72 56.55
N TYR D 135 -8.58 -20.71 56.22
CA TYR D 135 -9.42 -20.03 57.20
C TYR D 135 -10.80 -19.79 56.62
N GLU D 136 -11.72 -19.43 57.51
CA GLU D 136 -13.05 -18.94 57.13
C GLU D 136 -13.18 -17.51 57.64
N LEU D 137 -13.70 -16.62 56.78
CA LEU D 137 -13.67 -15.19 57.06
C LEU D 137 -15.07 -14.60 56.99
N VAL D 138 -15.27 -13.55 57.78
CA VAL D 138 -16.46 -12.70 57.71
C VAL D 138 -15.99 -11.28 57.45
N LEU D 139 -16.58 -10.63 56.45
CA LEU D 139 -16.10 -9.35 55.95
C LEU D 139 -17.13 -8.26 56.23
N GLN D 140 -16.65 -7.11 56.67
CA GLN D 140 -17.49 -5.95 56.95
C GLN D 140 -16.95 -4.75 56.18
N TYR D 141 -17.88 -3.92 55.67
CA TYR D 141 -17.54 -2.78 54.83
C TYR D 141 -17.69 -1.51 55.67
N SER D 142 -16.59 -1.09 56.29
CA SER D 142 -16.56 0.12 57.10
C SER D 142 -15.34 0.95 56.72
N ARG D 143 -15.46 2.27 56.88
CA ARG D 143 -14.46 3.23 56.39
C ARG D 143 -14.15 3.01 54.92
N LYS D 144 -15.12 2.46 54.18
CA LYS D 144 -14.97 2.18 52.75
C LYS D 144 -13.79 1.23 52.52
N LYS D 145 -13.66 0.26 53.42
CA LYS D 145 -12.56 -0.69 53.44
C LYS D 145 -13.15 -2.06 53.72
N LEU D 146 -12.40 -3.12 53.35
CA LEU D 146 -12.80 -4.48 53.64
C LEU D 146 -11.97 -5.00 54.81
N LEU D 147 -12.62 -5.19 55.95
CA LEU D 147 -11.95 -5.56 57.20
C LEU D 147 -12.40 -6.94 57.65
N ILE D 148 -11.45 -7.71 58.16
CA ILE D 148 -11.74 -9.03 58.71
C ILE D 148 -12.45 -8.87 60.05
N LYS D 149 -13.79 -8.85 60.01
CA LYS D 149 -14.56 -8.59 61.22
C LYS D 149 -14.44 -9.74 62.22
N SER D 150 -14.59 -10.98 61.74
CA SER D 150 -14.50 -12.16 62.61
C SER D 150 -14.02 -13.33 61.79
N TYR D 151 -12.91 -13.93 62.19
CA TYR D 151 -12.29 -15.02 61.46
C TYR D 151 -12.48 -16.34 62.21
N GLU D 152 -12.77 -17.39 61.46
CA GLU D 152 -12.83 -18.75 61.99
C GLU D 152 -11.57 -19.50 61.54
N GLN D 153 -11.58 -20.82 61.64
CA GLN D 153 -10.46 -21.64 61.19
C GLN D 153 -11.01 -22.94 60.59
N CYS D 154 -10.97 -23.04 59.27
CA CYS D 154 -11.26 -24.30 58.60
C CYS D 154 -9.96 -25.09 58.42
N GLU D 155 -10.11 -26.34 57.97
CA GLU D 155 -8.98 -27.22 57.78
C GLU D 155 -8.75 -27.43 56.28
N ASP D 156 -7.70 -28.19 55.95
CA ASP D 156 -7.32 -28.39 54.56
C ASP D 156 -8.47 -28.92 53.73
N GLU D 157 -8.61 -28.38 52.52
CA GLU D 157 -9.71 -28.70 51.62
C GLU D 157 -9.16 -29.41 50.39
N ASP D 158 -9.74 -30.56 50.07
CA ASP D 158 -9.35 -31.33 48.89
C ASP D 158 -10.44 -31.22 47.84
N LEU D 159 -10.05 -30.80 46.63
CA LEU D 159 -10.99 -30.64 45.53
C LEU D 159 -10.76 -31.65 44.42
N LEU D 160 -9.96 -32.69 44.67
CA LEU D 160 -9.83 -33.79 43.74
C LEU D 160 -11.15 -34.55 43.66
N MET D 161 -11.37 -35.20 42.50
CA MET D 161 -12.60 -35.93 42.21
C MET D 161 -13.81 -34.98 42.23
N THR D 162 -13.57 -33.70 42.41
CA THR D 162 -14.61 -32.67 42.46
C THR D 162 -14.49 -31.87 41.16
N VAL D 163 -15.31 -32.26 40.16
CA VAL D 163 -15.20 -31.65 38.84
C VAL D 163 -15.60 -30.19 38.88
N CYS D 164 -14.95 -29.39 38.03
CA CYS D 164 -15.25 -27.98 37.87
C CYS D 164 -15.44 -27.68 36.39
N LYS D 165 -16.38 -26.79 36.09
CA LYS D 165 -16.60 -26.40 34.70
C LYS D 165 -15.47 -25.53 34.16
N SER D 166 -14.63 -24.97 35.02
CA SER D 166 -13.62 -24.00 34.58
C SER D 166 -12.31 -24.20 35.32
N VAL D 167 -11.24 -23.70 34.71
CA VAL D 167 -9.90 -23.64 35.31
C VAL D 167 -9.32 -22.26 35.04
N THR D 168 -8.06 -22.05 35.41
CA THR D 168 -7.39 -20.77 35.20
C THR D 168 -6.00 -20.98 34.63
N PHE D 169 -5.48 -19.93 33.99
CA PHE D 169 -4.09 -19.92 33.56
C PHE D 169 -3.12 -20.27 34.69
N GLN D 170 -3.34 -19.73 35.89
CA GLN D 170 -2.43 -20.03 36.99
C GLN D 170 -2.46 -21.51 37.34
N GLU D 171 -3.62 -22.16 37.23
CA GLU D 171 -3.68 -23.59 37.50
C GLU D 171 -2.80 -24.37 36.54
N PHE D 172 -2.80 -23.99 35.25
CA PHE D 172 -1.85 -24.56 34.31
C PHE D 172 -0.42 -24.21 34.70
N CYS D 173 -0.20 -22.99 35.16
CA CYS D 173 1.14 -22.58 35.61
C CYS D 173 1.55 -23.38 36.84
N ALA D 174 0.66 -23.49 37.82
CA ALA D 174 0.94 -24.29 39.00
C ALA D 174 0.97 -25.79 38.70
N ASN D 175 0.55 -26.20 37.51
CA ASN D 175 0.55 -27.60 37.08
C ASN D 175 -0.31 -28.47 38.00
N GLU D 176 -1.50 -27.98 38.32
CA GLU D 176 -2.36 -28.63 39.29
C GLU D 176 -2.97 -29.91 38.72
N ILE D 177 -3.03 -30.94 39.55
CA ILE D 177 -3.87 -32.11 39.28
C ILE D 177 -5.28 -31.78 39.75
N LYS D 178 -6.23 -31.73 38.82
CA LYS D 178 -7.55 -31.23 39.11
C LYS D 178 -8.59 -32.06 38.36
N SER D 179 -9.80 -32.11 38.91
CA SER D 179 -10.93 -32.72 38.24
C SER D 179 -11.77 -31.63 37.57
N LEU D 180 -12.22 -31.91 36.35
CA LEU D 180 -12.78 -30.85 35.53
C LEU D 180 -13.70 -31.45 34.46
N LEU D 181 -14.75 -30.69 34.12
CA LEU D 181 -15.74 -31.12 33.15
C LEU D 181 -15.35 -30.66 31.75
N ALA D 182 -15.38 -31.59 30.79
CA ALA D 182 -14.93 -31.29 29.44
C ALA D 182 -15.74 -32.10 28.43
N LYS D 183 -15.66 -31.67 27.18
CA LYS D 183 -16.24 -32.38 26.03
C LYS D 183 -15.15 -33.16 25.32
N PHE D 184 -15.50 -34.35 24.82
CA PHE D 184 -14.49 -35.22 24.21
C PHE D 184 -14.08 -34.82 22.80
N LEU D 185 -15.03 -34.39 21.97
CA LEU D 185 -14.82 -34.29 20.53
C LEU D 185 -14.30 -35.60 19.96
N TYR D 186 -13.01 -35.65 19.61
CA TYR D 186 -12.49 -36.71 18.75
C TYR D 186 -11.00 -36.97 18.99
N GLY D 187 -10.60 -38.21 18.71
CA GLY D 187 -9.26 -38.68 19.01
C GLY D 187 -8.80 -39.76 18.06
N PHE D 188 -7.49 -39.95 17.99
CA PHE D 188 -6.86 -40.72 16.93
C PHE D 188 -5.52 -41.26 17.41
N LYS D 189 -4.93 -42.15 16.61
CA LYS D 189 -3.56 -42.59 16.82
C LYS D 189 -2.62 -41.71 16.02
N ILE D 190 -1.52 -41.29 16.67
CA ILE D 190 -0.56 -40.40 16.02
C ILE D 190 0.15 -41.14 14.90
N TYR D 191 0.26 -40.48 13.75
CA TYR D 191 0.96 -41.06 12.61
C TYR D 191 2.42 -41.34 12.94
N GLY D 192 2.95 -42.40 12.35
CA GLY D 192 4.34 -42.78 12.56
C GLY D 192 4.54 -43.51 13.87
N SER D 193 3.80 -43.12 14.89
CA SER D 193 3.88 -43.77 16.20
C SER D 193 3.27 -45.17 16.12
N SER D 194 3.11 -45.80 17.28
CA SER D 194 2.58 -47.15 17.34
C SER D 194 1.94 -47.41 18.70
N ASN D 195 2.31 -46.61 19.69
CA ASN D 195 1.85 -46.78 21.06
C ASN D 195 1.19 -45.55 21.67
N VAL D 196 1.24 -44.41 21.00
CA VAL D 196 0.82 -43.13 21.57
C VAL D 196 -0.45 -42.65 20.85
N TYR D 197 -1.43 -42.21 21.63
CA TYR D 197 -2.71 -41.76 21.11
C TYR D 197 -2.98 -40.35 21.64
N LYS D 198 -3.82 -39.61 20.90
CA LYS D 198 -4.15 -38.23 21.25
C LYS D 198 -5.65 -38.09 21.40
N LEU D 199 -6.09 -37.38 22.44
CA LEU D 199 -7.50 -37.13 22.70
C LEU D 199 -7.71 -35.63 22.79
N VAL D 200 -8.66 -35.10 22.04
CA VAL D 200 -8.78 -33.65 21.82
C VAL D 200 -10.08 -33.16 22.43
N PHE D 201 -10.01 -32.59 23.62
CA PHE D 201 -11.19 -32.12 24.35
C PHE D 201 -11.48 -30.64 24.10
N VAL D 202 -12.65 -30.20 24.60
CA VAL D 202 -13.00 -28.79 24.74
C VAL D 202 -13.25 -28.52 26.21
N ILE D 203 -12.58 -27.51 26.75
CA ILE D 203 -12.71 -27.13 28.14
C ILE D 203 -13.06 -25.64 28.20
N LEU D 204 -13.52 -25.21 29.38
CA LEU D 204 -13.74 -23.80 29.66
C LEU D 204 -12.55 -23.28 30.45
N LEU D 205 -11.87 -22.28 29.89
CA LEU D 205 -10.72 -21.66 30.53
C LEU D 205 -11.07 -20.23 30.89
N GLU D 206 -10.70 -19.83 32.10
CA GLU D 206 -10.93 -18.46 32.58
C GLU D 206 -9.61 -17.70 32.56
N ASP D 207 -9.53 -16.67 31.72
CA ASP D 207 -8.36 -15.81 31.75
C ASP D 207 -8.43 -14.87 32.95
N ASN D 208 -7.26 -14.34 33.32
CA ASN D 208 -7.17 -13.50 34.51
C ASN D 208 -7.93 -12.18 34.38
N ASN D 209 -8.48 -11.88 33.21
CA ASN D 209 -9.30 -10.70 33.03
C ASN D 209 -10.76 -10.92 33.41
N GLY D 210 -11.12 -12.14 33.80
CA GLY D 210 -12.45 -12.45 34.29
C GLY D 210 -13.33 -13.26 33.36
N THR D 211 -13.05 -13.22 32.06
CA THR D 211 -13.91 -13.87 31.09
C THR D 211 -13.65 -15.38 31.03
N ILE D 212 -14.68 -16.13 30.67
CA ILE D 212 -14.59 -17.58 30.51
C ILE D 212 -14.95 -17.91 29.07
N ASN D 213 -14.06 -18.63 28.39
CA ASN D 213 -14.22 -18.95 26.98
C ASN D 213 -13.83 -20.39 26.73
N GLY D 214 -14.61 -21.07 25.89
CA GLY D 214 -14.34 -22.46 25.56
C GLY D 214 -13.16 -22.61 24.63
N VAL D 215 -12.12 -23.33 25.08
CA VAL D 215 -10.93 -23.56 24.30
C VAL D 215 -10.77 -25.04 24.04
N GLN D 216 -10.03 -25.35 22.97
CA GLN D 216 -9.74 -26.73 22.59
C GLN D 216 -8.42 -27.15 23.26
N VAL D 217 -8.43 -28.33 23.88
CA VAL D 217 -7.24 -28.84 24.56
C VAL D 217 -6.95 -30.24 24.05
N GLU D 218 -5.67 -30.59 24.05
CA GLU D 218 -5.19 -31.89 23.60
C GLU D 218 -4.68 -32.69 24.78
N MET D 219 -4.91 -34.01 24.74
CA MET D 219 -4.38 -34.91 25.75
C MET D 219 -3.67 -36.06 25.05
N MET D 220 -2.43 -36.31 25.44
CA MET D 220 -1.66 -37.44 24.93
C MET D 220 -1.46 -38.47 26.04
N SER D 221 -1.54 -39.74 25.66
CA SER D 221 -1.31 -40.85 26.57
C SER D 221 -1.15 -42.11 25.73
N ASP D 222 -0.56 -43.13 26.34
CA ASP D 222 -0.33 -44.40 25.68
C ASP D 222 -1.47 -45.38 25.98
N PHE D 223 -1.42 -46.53 25.30
CA PHE D 223 -2.51 -47.49 25.40
C PHE D 223 -2.60 -48.12 26.79
N LYS D 224 -1.46 -48.30 27.46
CA LYS D 224 -1.45 -48.89 28.80
C LYS D 224 -2.29 -48.06 29.76
N ARG D 225 -2.01 -46.75 29.84
CA ARG D 225 -2.77 -45.89 30.74
C ARG D 225 -4.23 -45.79 30.31
N LEU D 226 -4.47 -45.75 29.00
CA LEU D 226 -5.82 -45.54 28.49
C LEU D 226 -6.75 -46.72 28.72
N SER D 227 -6.20 -47.91 28.99
CA SER D 227 -7.07 -49.05 29.25
C SER D 227 -7.80 -48.91 30.57
N GLY D 228 -7.09 -48.47 31.62
CA GLY D 228 -7.67 -48.25 32.92
C GLY D 228 -8.15 -46.85 33.18
N ALA D 229 -7.96 -45.93 32.22
CA ALA D 229 -8.41 -44.55 32.40
C ALA D 229 -9.91 -44.42 32.22
N PHE D 230 -10.51 -45.25 31.36
CA PHE D 230 -11.94 -45.18 31.07
C PHE D 230 -12.70 -45.88 32.17
N LYS D 231 -13.11 -45.10 33.17
CA LYS D 231 -14.01 -45.60 34.21
C LYS D 231 -15.27 -46.16 33.58
N ASN D 232 -15.65 -47.37 34.00
CA ASN D 232 -16.82 -48.09 33.51
C ASN D 232 -16.69 -48.53 32.06
N HIS D 233 -15.48 -48.70 31.55
CA HIS D 233 -15.25 -49.32 30.26
C HIS D 233 -13.99 -50.17 30.31
N VAL D 234 -14.11 -51.41 29.83
CA VAL D 234 -12.99 -52.33 29.74
C VAL D 234 -12.53 -52.35 28.29
N ILE D 235 -11.24 -52.06 28.08
CA ILE D 235 -10.63 -52.04 26.76
C ILE D 235 -9.66 -53.20 26.69
N GLU D 236 -9.97 -54.20 25.85
CA GLU D 236 -9.06 -55.34 25.69
C GLU D 236 -7.95 -55.05 24.69
N ASN D 237 -8.28 -54.61 23.48
CA ASN D 237 -7.31 -54.47 22.41
C ASN D 237 -7.46 -53.12 21.71
N GLU D 238 -6.64 -52.91 20.69
CA GLU D 238 -6.61 -51.62 19.99
C GLU D 238 -7.94 -51.31 19.33
N ASN D 239 -8.54 -52.31 18.67
CA ASN D 239 -9.81 -52.10 18.00
C ASN D 239 -10.91 -51.68 18.95
N ASP D 240 -10.73 -51.92 20.25
CA ASP D 240 -11.75 -51.51 21.23
C ASP D 240 -11.57 -50.05 21.64
N LEU D 241 -10.33 -49.59 21.77
CA LEU D 241 -10.09 -48.18 22.12
C LEU D 241 -10.68 -47.25 21.06
N PHE D 242 -10.40 -47.54 19.78
CA PHE D 242 -10.95 -46.72 18.70
C PHE D 242 -12.47 -46.80 18.66
N ASP D 243 -13.01 -48.02 18.79
CA ASP D 243 -14.45 -48.19 18.79
C ASP D 243 -15.08 -47.61 20.06
N CYS D 244 -14.27 -47.38 21.10
CA CYS D 244 -14.75 -46.74 22.32
C CYS D 244 -14.74 -45.22 22.19
N MET D 245 -13.69 -44.66 21.56
CA MET D 245 -13.60 -43.22 21.38
C MET D 245 -14.70 -42.72 20.45
N TYR D 246 -14.96 -43.45 19.36
CA TYR D 246 -15.98 -43.03 18.41
C TYR D 246 -17.37 -43.00 19.04
N LYS D 247 -17.59 -43.79 20.08
CA LYS D 247 -18.82 -43.67 20.84
C LYS D 247 -18.82 -42.46 21.75
N SER D 248 -17.66 -41.84 21.98
CA SER D 248 -17.52 -40.72 22.89
C SER D 248 -17.48 -39.37 22.18
N GLU D 249 -17.43 -39.37 20.84
CA GLU D 249 -17.62 -38.20 19.99
C GLU D 249 -18.60 -37.18 20.58
N GLU D 250 -18.21 -35.90 20.63
CA GLU D 250 -18.98 -34.85 21.30
C GLU D 250 -19.83 -35.32 22.47
N LYS D 251 -19.18 -35.84 23.51
CA LYS D 251 -19.92 -36.28 24.67
C LYS D 251 -19.10 -35.92 25.91
N TYR D 252 -19.79 -35.47 26.95
CA TYR D 252 -19.12 -34.82 28.07
C TYR D 252 -18.55 -35.83 29.05
N PHE D 253 -17.35 -35.53 29.55
CA PHE D 253 -16.66 -36.35 30.54
C PHE D 253 -16.43 -35.56 31.81
N ASN D 254 -16.72 -36.19 32.96
CA ASN D 254 -16.18 -35.75 34.24
C ASN D 254 -14.75 -36.27 34.31
N LEU D 255 -13.82 -35.50 33.74
CA LEU D 255 -12.41 -35.84 33.86
C LEU D 255 -11.99 -35.72 35.33
N TYR D 256 -11.58 -36.83 35.91
CA TYR D 256 -11.19 -36.91 37.31
C TYR D 256 -9.67 -36.99 37.42
N ARG D 257 -9.08 -36.11 38.24
CA ARG D 257 -7.66 -36.15 38.58
C ARG D 257 -6.78 -36.04 37.33
N ILE D 258 -7.04 -35.02 36.52
CA ILE D 258 -6.29 -34.78 35.29
C ILE D 258 -5.32 -33.63 35.53
N LYS D 259 -4.04 -33.86 35.27
CA LYS D 259 -3.01 -32.85 35.51
C LYS D 259 -2.96 -31.86 34.36
N CYS D 260 -3.23 -30.59 34.64
CA CYS D 260 -3.00 -29.52 33.67
C CYS D 260 -1.51 -29.23 33.59
N ASN D 261 -1.03 -28.96 32.38
CA ASN D 261 0.39 -29.07 32.08
C ASN D 261 0.86 -27.83 31.32
N HIS D 262 2.11 -27.46 31.53
CA HIS D 262 2.67 -26.23 30.99
C HIS D 262 4.16 -26.47 30.72
N ASN D 263 4.65 -26.01 29.57
CA ASN D 263 5.96 -26.44 29.07
C ASN D 263 6.86 -25.24 28.76
N ALA D 264 8.13 -25.56 28.51
CA ALA D 264 9.12 -24.54 28.15
C ALA D 264 8.64 -23.70 26.98
N ASN D 265 8.11 -24.37 25.95
CA ASN D 265 7.48 -23.62 24.85
C ASN D 265 5.97 -23.53 25.10
N ASN D 266 5.56 -23.18 26.33
CA ASN D 266 4.13 -23.10 26.72
C ASN D 266 3.31 -24.34 26.40
N TYR D 267 2.54 -24.35 25.31
CA TYR D 267 1.82 -25.53 24.86
C TYR D 267 1.02 -26.18 25.99
N LYS D 268 0.07 -25.41 26.53
CA LYS D 268 -0.75 -25.91 27.63
C LYS D 268 -1.52 -27.15 27.21
N SER D 269 -1.33 -28.25 27.93
CA SER D 269 -1.87 -29.55 27.57
C SER D 269 -2.52 -30.21 28.77
N LEU D 270 -3.12 -31.37 28.53
CA LEU D 270 -3.74 -32.18 29.57
C LEU D 270 -2.94 -33.46 29.74
N SER D 271 -2.49 -33.71 30.97
CA SER D 271 -1.70 -34.89 31.29
C SER D 271 -2.56 -35.90 32.04
N LEU D 272 -2.35 -37.18 31.75
CA LEU D 272 -3.17 -38.27 32.27
C LEU D 272 -2.32 -39.10 33.23
N SER D 273 -2.60 -38.98 34.53
CA SER D 273 -1.82 -39.66 35.55
C SER D 273 -2.21 -41.14 35.63
N SER D 274 -1.40 -41.91 36.35
CA SER D 274 -1.65 -43.34 36.48
C SER D 274 -2.93 -43.63 37.24
N ASN D 275 -3.34 -42.74 38.14
CA ASN D 275 -4.57 -42.92 38.88
C ASN D 275 -5.63 -41.88 38.50
N SER D 276 -5.91 -41.78 37.21
CA SER D 276 -6.94 -40.88 36.70
C SER D 276 -8.14 -41.69 36.21
N GLN D 277 -9.33 -41.08 36.31
CA GLN D 277 -10.55 -41.67 35.80
C GLN D 277 -11.17 -40.76 34.75
N LEU D 278 -11.54 -41.32 33.61
CA LEU D 278 -12.35 -40.65 32.61
C LEU D 278 -13.75 -41.26 32.68
N GLU D 279 -14.71 -40.47 33.14
CA GLU D 279 -16.04 -40.98 33.47
C GLU D 279 -17.06 -40.31 32.54
N ARG D 280 -17.55 -41.08 31.58
CA ARG D 280 -18.56 -40.60 30.64
C ARG D 280 -19.85 -40.25 31.35
N LEU D 281 -20.57 -39.27 30.82
CA LEU D 281 -21.88 -38.89 31.35
C LEU D 281 -23.00 -39.50 30.50
N GLU D 289 -27.33 -27.57 25.93
CA GLU D 289 -27.47 -26.30 26.65
C GLU D 289 -26.18 -25.99 27.41
N TYR D 290 -25.21 -26.89 27.26
CA TYR D 290 -23.84 -26.62 27.63
C TYR D 290 -22.99 -26.26 26.43
N GLU D 291 -23.45 -26.61 25.23
CA GLU D 291 -22.65 -26.42 24.02
C GLU D 291 -22.38 -24.95 23.73
N PHE D 292 -23.24 -24.06 24.21
CA PHE D 292 -23.07 -22.63 23.93
C PHE D 292 -21.78 -22.10 24.54
N GLN D 293 -21.43 -22.57 25.74
CA GLN D 293 -20.15 -22.19 26.32
C GLN D 293 -18.99 -22.92 25.65
N TYR D 294 -19.19 -24.21 25.36
CA TYR D 294 -18.12 -25.07 24.84
C TYR D 294 -17.97 -24.92 23.31
N ASP D 295 -17.77 -23.68 22.88
CA ASP D 295 -17.51 -23.35 21.49
C ASP D 295 -16.08 -22.81 21.40
N TYR D 296 -15.25 -23.44 20.57
CA TYR D 296 -13.82 -23.18 20.58
C TYR D 296 -13.38 -22.40 19.34
N THR D 297 -12.46 -21.47 19.55
CA THR D 297 -11.78 -20.73 18.50
C THR D 297 -10.32 -21.12 18.38
N VAL D 298 -9.62 -21.25 19.51
CA VAL D 298 -8.20 -21.56 19.51
C VAL D 298 -7.96 -22.86 20.27
N ASN D 299 -6.82 -23.47 19.98
CA ASN D 299 -6.34 -24.65 20.68
C ASN D 299 -5.16 -24.21 21.55
N ILE D 300 -5.31 -24.37 22.88
CA ILE D 300 -4.22 -23.95 23.77
C ILE D 300 -3.02 -24.87 23.65
N SER D 301 -3.19 -26.06 23.07
CA SER D 301 -2.08 -27.00 22.92
C SER D 301 -1.24 -26.73 21.68
N ARG D 302 -1.73 -25.92 20.74
CA ARG D 302 -1.01 -25.61 19.52
C ARG D 302 -0.91 -24.11 19.35
N SER D 303 0.01 -23.69 18.48
CA SER D 303 0.30 -22.28 18.23
C SER D 303 -0.43 -21.83 16.98
N ASN D 304 -1.50 -21.04 17.17
CA ASN D 304 -2.30 -20.50 16.07
C ASN D 304 -2.82 -21.61 15.16
N LYS D 305 -3.26 -22.71 15.78
CA LYS D 305 -3.68 -23.90 15.05
C LYS D 305 -4.75 -24.61 15.86
N ILE D 306 -5.71 -25.22 15.17
CA ILE D 306 -6.74 -26.06 15.79
C ILE D 306 -6.74 -27.40 15.08
N ILE D 307 -7.49 -28.35 15.64
CA ILE D 307 -7.68 -29.66 15.02
C ILE D 307 -9.11 -29.79 14.55
N GLN D 308 -9.27 -30.27 13.32
CA GLN D 308 -10.56 -30.49 12.68
C GLN D 308 -10.57 -31.90 12.12
N LYS D 309 -11.69 -32.61 12.31
CA LYS D 309 -11.82 -33.99 11.85
C LYS D 309 -12.68 -34.01 10.60
N HIS D 310 -12.12 -34.49 9.50
CA HIS D 310 -12.84 -34.61 8.23
C HIS D 310 -13.20 -36.05 7.95
N ARG D 311 -14.24 -36.23 7.14
CA ARG D 311 -14.68 -37.55 6.68
C ARG D 311 -14.50 -37.59 5.18
N VAL D 312 -13.58 -38.44 4.72
CA VAL D 312 -13.22 -38.49 3.30
C VAL D 312 -14.37 -39.10 2.53
N THR D 313 -14.96 -38.33 1.63
CA THR D 313 -16.10 -38.78 0.82
C THR D 313 -15.72 -39.09 -0.62
N GLY D 314 -14.82 -38.33 -1.22
CA GLY D 314 -14.55 -38.47 -2.64
C GLY D 314 -13.14 -38.90 -3.00
N ASN D 315 -12.56 -38.23 -3.98
CA ASN D 315 -11.29 -38.66 -4.54
C ASN D 315 -10.16 -38.47 -3.54
N PHE D 316 -9.40 -39.55 -3.32
CA PHE D 316 -8.27 -39.56 -2.40
C PHE D 316 -7.03 -39.95 -3.17
N THR D 317 -6.00 -39.10 -3.15
CA THR D 317 -4.79 -39.31 -3.92
C THR D 317 -3.59 -39.03 -3.03
N SER D 318 -2.77 -40.06 -2.81
CA SER D 318 -1.55 -39.94 -2.01
C SER D 318 -0.33 -40.25 -2.88
N GLU D 319 0.77 -39.57 -2.58
CA GLU D 319 1.95 -39.63 -3.43
C GLU D 319 3.19 -39.33 -2.60
N ARG D 320 4.18 -40.23 -2.66
CA ARG D 320 5.45 -39.99 -1.98
C ARG D 320 6.14 -38.78 -2.59
N ASN D 321 6.65 -37.90 -1.73
CA ASN D 321 7.30 -36.68 -2.15
C ASN D 321 8.26 -36.24 -1.07
N ILE D 322 9.55 -36.11 -1.41
CA ILE D 322 10.56 -35.65 -0.48
C ILE D 322 10.86 -34.18 -0.77
N TYR D 323 11.13 -33.42 0.29
CA TYR D 323 11.39 -31.99 0.19
C TYR D 323 12.80 -31.68 0.69
N GLN D 324 13.24 -30.45 0.42
CA GLN D 324 14.51 -29.98 0.95
C GLN D 324 14.52 -30.00 2.47
N ASN D 325 13.37 -29.75 3.09
CA ASN D 325 13.28 -29.69 4.55
C ASN D 325 12.71 -30.95 5.19
N SER D 326 12.00 -31.78 4.44
CA SER D 326 11.19 -32.82 5.07
C SER D 326 10.85 -33.92 4.07
N ASP D 327 10.33 -35.01 4.61
CA ASP D 327 9.78 -36.14 3.86
C ASP D 327 8.29 -36.21 4.18
N ARG D 328 7.44 -35.95 3.20
CA ARG D 328 6.00 -35.84 3.44
C ARG D 328 5.24 -36.73 2.44
N PHE D 329 3.90 -36.67 2.55
CA PHE D 329 2.99 -37.38 1.66
C PHE D 329 2.01 -36.36 1.09
N VAL D 330 1.94 -36.25 -0.23
CA VAL D 330 1.03 -35.31 -0.89
C VAL D 330 -0.36 -35.93 -0.94
N ILE D 331 -1.31 -35.30 -0.27
CA ILE D 331 -2.64 -35.86 -0.07
C ILE D 331 -3.70 -34.87 -0.53
N SER D 332 -4.74 -35.37 -1.19
CA SER D 332 -5.85 -34.56 -1.66
C SER D 332 -7.11 -35.39 -1.55
N TYR D 333 -7.95 -35.10 -0.54
CA TYR D 333 -9.19 -35.82 -0.33
C TYR D 333 -10.39 -34.90 -0.52
N ASP D 334 -11.57 -35.50 -0.50
CA ASP D 334 -12.83 -34.78 -0.71
C ASP D 334 -13.76 -35.08 0.46
N THR D 335 -14.19 -34.04 1.15
CA THR D 335 -15.31 -34.14 2.08
C THR D 335 -16.57 -33.63 1.40
N ALA D 336 -17.70 -33.77 2.09
CA ALA D 336 -18.94 -33.21 1.57
C ALA D 336 -18.85 -31.70 1.45
N ASN D 337 -18.03 -31.07 2.30
CA ASN D 337 -17.94 -29.61 2.32
C ASN D 337 -17.15 -29.10 1.12
N GLU D 338 -15.90 -29.55 0.97
CA GLU D 338 -15.04 -29.11 -0.11
C GLU D 338 -13.88 -30.08 -0.24
N LYS D 339 -13.01 -29.82 -1.22
CA LYS D 339 -11.79 -30.59 -1.40
C LYS D 339 -10.67 -29.99 -0.55
N ILE D 340 -9.79 -30.86 -0.07
CA ILE D 340 -8.68 -30.44 0.78
C ILE D 340 -7.39 -31.01 0.21
N LYS D 341 -6.46 -30.14 -0.18
CA LYS D 341 -5.08 -30.51 -0.38
C LYS D 341 -4.33 -30.32 0.93
N THR D 342 -3.45 -31.25 1.25
CA THR D 342 -2.77 -31.22 2.54
C THR D 342 -1.49 -32.06 2.45
N SER D 343 -0.86 -32.27 3.60
CA SER D 343 0.39 -33.01 3.70
C SER D 343 0.36 -33.85 4.97
N ILE D 344 1.36 -34.72 5.12
CA ILE D 344 1.59 -35.40 6.39
C ILE D 344 3.07 -35.78 6.47
N TYR D 345 3.70 -35.47 7.59
CA TYR D 345 5.13 -35.66 7.75
C TYR D 345 5.41 -37.10 8.16
N ASN D 346 6.38 -37.74 7.52
CA ASN D 346 6.72 -39.13 7.81
C ASN D 346 7.71 -39.21 8.96
N ARG D 347 7.40 -40.08 9.92
CA ARG D 347 8.30 -40.42 11.00
C ARG D 347 8.05 -41.88 11.37
N MET D 348 8.95 -42.44 12.16
CA MET D 348 8.83 -43.81 12.62
C MET D 348 9.45 -43.89 14.01
N GLU D 349 8.67 -44.36 14.98
CA GLU D 349 9.12 -44.37 16.38
C GLU D 349 9.96 -45.62 16.64
N ASN D 350 11.28 -45.44 16.56
CA ASN D 350 12.24 -46.36 17.14
C ASN D 350 12.27 -47.70 16.41
N ALA D 351 12.67 -47.68 15.13
CA ALA D 351 12.92 -48.88 14.35
C ALA D 351 14.43 -48.98 14.13
N GLU D 352 15.06 -49.91 14.83
CA GLU D 352 16.51 -49.87 15.06
C GLU D 352 17.25 -50.93 14.26
N SER D 353 18.42 -50.54 13.74
CA SER D 353 19.35 -51.47 13.09
C SER D 353 18.68 -52.20 11.92
N LYS D 354 17.80 -51.51 11.22
CA LYS D 354 17.02 -52.12 10.16
C LYS D 354 16.84 -51.13 9.02
N THR D 355 16.42 -51.64 7.87
CA THR D 355 15.95 -50.82 6.78
C THR D 355 14.47 -50.52 6.89
N ASP D 356 13.86 -50.75 8.06
CA ASP D 356 12.41 -50.71 8.15
C ASP D 356 11.84 -49.35 7.82
N TYR D 357 12.60 -48.27 8.01
CA TYR D 357 12.07 -46.96 7.65
C TYR D 357 11.72 -46.92 6.16
N ASP D 358 12.71 -47.21 5.31
CA ASP D 358 12.47 -47.14 3.86
C ASP D 358 11.46 -48.17 3.40
N THR D 359 11.37 -49.32 4.07
CA THR D 359 10.48 -50.37 3.60
C THR D 359 9.11 -50.36 4.27
N SER D 360 9.01 -49.86 5.50
CA SER D 360 7.68 -49.70 6.10
C SER D 360 6.98 -48.45 5.61
N ILE D 361 7.69 -47.53 4.96
CA ILE D 361 7.06 -46.37 4.35
C ILE D 361 6.60 -46.68 2.93
N THR D 362 7.45 -47.33 2.13
CA THR D 362 6.99 -47.83 0.84
C THR D 362 5.84 -48.80 1.02
N LEU D 363 5.78 -49.48 2.16
CA LEU D 363 4.60 -50.26 2.52
C LEU D 363 3.41 -49.35 2.79
N LYS D 364 3.65 -48.16 3.37
CA LYS D 364 2.57 -47.23 3.65
C LYS D 364 2.11 -46.48 2.40
N ASP D 365 3.03 -46.20 1.48
CA ASP D 365 2.64 -45.64 0.18
C ASP D 365 1.65 -46.56 -0.52
N VAL D 366 1.75 -47.87 -0.29
CA VAL D 366 0.81 -48.82 -0.88
C VAL D 366 -0.57 -48.66 -0.24
N THR D 367 -0.63 -48.71 1.09
CA THR D 367 -1.91 -48.63 1.79
C THR D 367 -2.63 -47.33 1.48
N LEU D 368 -1.88 -46.24 1.29
CA LEU D 368 -2.50 -44.97 0.92
C LEU D 368 -3.09 -45.04 -0.48
N SER D 369 -2.31 -45.52 -1.46
CA SER D 369 -2.75 -45.64 -2.84
C SER D 369 -3.75 -46.78 -3.07
N GLN D 370 -4.33 -47.33 -2.00
CA GLN D 370 -5.47 -48.24 -2.10
C GLN D 370 -6.74 -47.66 -1.50
N LEU D 371 -6.63 -46.60 -0.69
CA LEU D 371 -7.78 -46.07 0.04
C LEU D 371 -8.93 -45.70 -0.91
N ASN D 372 -8.62 -44.96 -1.97
CA ASN D 372 -9.64 -44.55 -2.93
C ASN D 372 -10.45 -45.75 -3.40
N SER D 373 -9.77 -46.83 -3.76
CA SER D 373 -10.47 -48.04 -4.19
C SER D 373 -11.41 -48.55 -3.12
N LEU D 374 -11.01 -48.44 -1.86
CA LEU D 374 -11.82 -48.93 -0.75
C LEU D 374 -12.85 -47.93 -0.25
N ILE D 375 -12.67 -46.63 -0.55
CA ILE D 375 -13.70 -45.66 -0.21
C ILE D 375 -14.83 -45.70 -1.24
N GLU D 376 -14.49 -45.90 -2.52
CA GLU D 376 -15.52 -46.09 -3.54
C GLU D 376 -16.38 -47.31 -3.22
N SER D 377 -15.76 -48.38 -2.73
CA SER D 377 -16.43 -49.64 -2.50
C SER D 377 -17.11 -49.71 -1.14
N ASN D 378 -16.94 -48.68 -0.30
CA ASN D 378 -17.52 -48.62 1.04
C ASN D 378 -17.05 -49.76 1.93
N LEU D 379 -15.94 -50.42 1.57
CA LEU D 379 -15.32 -51.38 2.47
C LEU D 379 -14.80 -50.71 3.73
N VAL D 380 -14.33 -49.47 3.61
CA VAL D 380 -13.79 -48.72 4.74
C VAL D 380 -14.25 -47.27 4.65
N GLN D 381 -14.40 -46.64 5.82
CA GLN D 381 -14.62 -45.21 5.93
C GLN D 381 -13.36 -44.56 6.52
N VAL D 382 -13.03 -43.38 6.04
CA VAL D 382 -11.78 -42.71 6.39
C VAL D 382 -12.07 -41.41 7.11
N ASP D 383 -11.43 -41.23 8.27
CA ASP D 383 -11.54 -40.01 9.08
C ASP D 383 -10.15 -39.39 9.15
N VAL D 384 -10.02 -38.16 8.65
CA VAL D 384 -8.74 -37.46 8.60
C VAL D 384 -8.75 -36.38 9.68
N TYR D 385 -7.91 -36.55 10.68
CA TYR D 385 -7.72 -35.56 11.74
C TYR D 385 -6.63 -34.59 11.31
N LEU D 386 -6.93 -33.30 11.33
CA LEU D 386 -6.13 -32.30 10.63
C LEU D 386 -5.81 -31.13 11.55
N VAL D 387 -4.52 -30.84 11.70
CA VAL D 387 -4.08 -29.62 12.38
C VAL D 387 -4.12 -28.48 11.37
N THR D 388 -5.10 -27.59 11.53
CA THR D 388 -5.35 -26.53 10.56
C THR D 388 -5.26 -25.16 11.22
N ASP D 389 -4.76 -24.20 10.44
CA ASP D 389 -4.70 -22.81 10.87
C ASP D 389 -6.02 -22.13 10.56
N PRO D 390 -6.74 -21.59 11.56
CA PRO D 390 -8.04 -20.97 11.26
C PRO D 390 -7.92 -19.85 10.25
N ASN D 391 -6.87 -19.04 10.38
CA ASN D 391 -6.71 -17.85 9.58
C ASN D 391 -6.42 -18.21 8.12
N ASN D 392 -5.41 -19.05 7.91
CA ASN D 392 -4.95 -19.46 6.60
C ASN D 392 -5.21 -20.95 6.45
N VAL D 393 -6.08 -21.31 5.48
CA VAL D 393 -6.39 -22.71 5.25
C VAL D 393 -5.29 -23.43 4.48
N LYS D 394 -4.19 -22.75 4.17
CA LYS D 394 -3.05 -23.40 3.50
C LYS D 394 -2.13 -24.12 4.48
N ASN D 395 -2.19 -23.80 5.77
CA ASN D 395 -1.40 -24.49 6.78
C ASN D 395 -2.18 -25.73 7.23
N ASN D 396 -2.11 -26.77 6.39
CA ASN D 396 -2.78 -28.03 6.66
C ASN D 396 -1.75 -29.15 6.70
N VAL D 397 -1.62 -29.77 7.87
CA VAL D 397 -0.81 -30.97 8.05
C VAL D 397 -1.64 -31.97 8.83
N ILE D 398 -1.54 -33.24 8.46
CA ILE D 398 -2.35 -34.30 9.06
C ILE D 398 -1.67 -34.81 10.32
N ALA D 399 -2.41 -34.83 11.42
CA ALA D 399 -1.90 -35.33 12.69
C ALA D 399 -2.12 -36.83 12.88
N GLY D 400 -3.03 -37.42 12.10
CA GLY D 400 -3.32 -38.84 12.21
C GLY D 400 -4.51 -39.24 11.37
N ILE D 401 -4.66 -40.54 11.11
CA ILE D 401 -5.75 -41.06 10.30
C ILE D 401 -6.31 -42.31 10.98
N THR D 402 -7.62 -42.47 10.92
CA THR D 402 -8.31 -43.63 11.45
C THR D 402 -9.24 -44.18 10.36
N LYS D 403 -9.27 -45.51 10.24
CA LYS D 403 -10.01 -46.17 9.17
C LYS D 403 -11.10 -47.06 9.77
N ILE D 404 -12.34 -46.84 9.34
CA ILE D 404 -13.51 -47.52 9.88
C ILE D 404 -13.91 -48.62 8.90
N GLU D 405 -13.65 -49.88 9.26
CA GLU D 405 -13.98 -50.98 8.38
C GLU D 405 -15.39 -51.51 8.65
N ILE D 406 -15.83 -52.40 7.76
CA ILE D 406 -17.23 -52.85 7.77
C ILE D 406 -17.47 -53.81 8.95
N ASP D 407 -16.59 -54.81 9.11
CA ASP D 407 -16.80 -55.85 10.10
C ASP D 407 -16.47 -55.40 11.53
N GLY D 408 -16.20 -54.11 11.73
CA GLY D 408 -15.95 -53.57 13.05
C GLY D 408 -14.49 -53.32 13.37
N THR D 409 -13.57 -53.75 12.52
CA THR D 409 -12.16 -53.51 12.80
C THR D 409 -11.79 -52.06 12.54
N TYR D 410 -10.70 -51.63 13.17
CA TYR D 410 -10.23 -50.25 13.09
C TYR D 410 -8.72 -50.25 12.91
N GLU D 411 -8.25 -49.75 11.77
CA GLU D 411 -6.81 -49.62 11.52
C GLU D 411 -6.43 -48.15 11.49
N PRO D 412 -5.52 -47.70 12.33
CA PRO D 412 -4.98 -46.35 12.18
C PRO D 412 -3.70 -46.36 11.35
N LEU D 413 -2.95 -45.27 11.37
CA LEU D 413 -1.67 -45.20 10.70
C LEU D 413 -0.62 -44.53 11.58
N LYS E 82 23.06 26.58 -54.71
CA LYS E 82 22.85 25.35 -55.45
C LYS E 82 21.78 24.48 -54.78
N LEU E 83 20.90 23.90 -55.60
CA LEU E 83 19.91 22.96 -55.09
C LEU E 83 20.53 21.59 -54.91
N ARG E 84 20.12 20.88 -53.86
CA ARG E 84 20.68 19.58 -53.51
C ARG E 84 19.58 18.53 -53.51
N THR E 85 19.94 17.31 -53.94
CA THR E 85 18.97 16.25 -54.13
C THR E 85 19.57 14.93 -53.63
N LEU E 86 18.84 13.83 -53.85
CA LEU E 86 19.26 12.50 -53.45
C LEU E 86 18.85 11.50 -54.52
N ASN E 87 19.32 10.26 -54.35
CA ASN E 87 18.99 9.16 -55.25
C ASN E 87 18.73 7.90 -54.45
N VAL E 88 17.62 7.22 -54.74
CA VAL E 88 17.13 6.09 -53.96
C VAL E 88 16.67 4.99 -54.91
N LYS E 89 16.05 3.96 -54.34
CA LYS E 89 15.57 2.80 -55.08
C LYS E 89 14.37 2.22 -54.34
N GLY E 90 13.22 2.11 -55.03
CA GLY E 90 12.03 1.70 -54.32
C GLY E 90 10.93 1.15 -55.21
N GLN E 91 9.88 0.66 -54.54
CA GLN E 91 8.72 0.04 -55.16
C GLN E 91 7.47 0.86 -54.86
N LEU E 92 6.54 0.92 -55.83
CA LEU E 92 5.52 2.00 -55.84
C LEU E 92 4.42 1.81 -54.80
N LEU E 93 3.91 0.58 -54.64
CA LEU E 93 2.67 0.39 -53.88
C LEU E 93 1.52 1.18 -54.52
N THR E 94 1.18 2.34 -53.95
CA THR E 94 0.02 3.09 -54.38
C THR E 94 0.40 4.46 -54.92
N LYS E 95 -0.59 5.13 -55.51
CA LYS E 95 -0.48 6.53 -55.92
C LYS E 95 -1.81 7.19 -55.61
N THR E 96 -1.75 8.46 -55.17
CA THR E 96 -2.94 9.14 -54.65
C THR E 96 -2.93 10.59 -55.06
N THR E 97 -4.07 11.06 -55.56
CA THR E 97 -4.27 12.46 -55.93
C THR E 97 -5.29 13.11 -55.01
N MET E 98 -5.14 14.41 -54.81
CA MET E 98 -6.03 15.19 -53.96
C MET E 98 -5.88 16.67 -54.31
N SER E 99 -6.95 17.43 -54.09
CA SER E 99 -7.01 18.82 -54.50
C SER E 99 -7.13 19.73 -53.29
N ILE E 100 -6.31 20.78 -53.25
CA ILE E 100 -6.37 21.83 -52.23
C ILE E 100 -6.48 23.16 -52.96
N ASN E 101 -7.66 23.78 -52.90
CA ASN E 101 -7.91 25.08 -53.51
C ASN E 101 -7.47 25.11 -54.97
N ASN E 102 -7.99 24.15 -55.75
CA ASN E 102 -7.78 24.08 -57.19
C ASN E 102 -6.31 23.86 -57.55
N GLU E 103 -5.58 23.14 -56.70
CA GLU E 103 -4.19 22.79 -56.96
C GLU E 103 -4.02 21.30 -56.74
N ASP E 104 -3.82 20.56 -57.83
CA ASP E 104 -3.81 19.10 -57.78
C ASP E 104 -2.49 18.60 -57.22
N TYR E 105 -2.58 17.75 -56.19
CA TYR E 105 -1.42 17.15 -55.55
C TYR E 105 -1.41 15.65 -55.83
N TYR E 106 -0.28 15.17 -56.36
CA TYR E 106 -0.12 13.75 -56.68
C TYR E 106 0.95 13.17 -55.77
N LEU E 107 0.58 12.13 -55.03
CA LEU E 107 1.45 11.54 -54.01
C LEU E 107 1.62 10.06 -54.30
N PHE E 108 2.87 9.61 -54.29
CA PHE E 108 3.22 8.23 -54.60
C PHE E 108 3.87 7.59 -53.39
N LYS E 109 3.26 6.52 -52.89
CA LYS E 109 3.93 5.71 -51.90
C LYS E 109 5.17 5.07 -52.54
N PHE E 110 6.16 4.74 -51.71
CA PHE E 110 7.28 3.90 -52.11
C PHE E 110 7.78 3.08 -50.94
N LEU E 111 8.27 1.89 -51.27
CA LEU E 111 8.81 0.93 -50.32
C LEU E 111 10.33 0.91 -50.48
N VAL E 112 11.01 1.71 -49.68
CA VAL E 112 12.47 1.77 -49.67
C VAL E 112 12.95 1.23 -48.34
N ASN E 113 13.84 0.24 -48.41
CA ASN E 113 14.38 -0.42 -47.21
C ASN E 113 13.27 -0.84 -46.27
N ASN E 114 12.22 -1.43 -46.85
CA ASN E 114 11.16 -2.11 -46.12
C ASN E 114 10.28 -1.12 -45.38
N LYS E 115 10.15 0.08 -45.93
CA LYS E 115 9.50 1.20 -45.25
C LYS E 115 8.74 2.04 -46.27
N SER E 116 7.55 2.50 -45.89
CA SER E 116 6.66 3.22 -46.80
C SER E 116 6.86 4.72 -46.62
N ILE E 117 7.53 5.35 -47.58
CA ILE E 117 7.78 6.79 -47.57
C ILE E 117 6.99 7.40 -48.72
N ASP E 118 6.42 8.59 -48.50
CA ASP E 118 5.62 9.28 -49.50
C ASP E 118 6.45 10.34 -50.23
N TYR E 119 6.13 10.53 -51.50
CA TYR E 119 6.80 11.52 -52.34
C TYR E 119 5.78 12.32 -53.12
N TYR E 120 6.21 13.50 -53.57
CA TYR E 120 5.41 14.34 -54.44
C TYR E 120 5.77 14.08 -55.90
N GLY E 121 4.86 14.44 -56.78
CA GLY E 121 5.11 14.31 -58.20
C GLY E 121 4.17 15.20 -58.99
N THR E 122 4.25 15.07 -60.30
CA THR E 122 3.39 15.81 -61.22
C THR E 122 2.51 14.83 -61.98
N GLN E 123 1.56 15.40 -62.72
CA GLN E 123 0.69 14.58 -63.57
C GLN E 123 1.46 13.88 -64.67
N THR E 124 2.66 14.38 -65.01
CA THR E 124 3.51 13.69 -65.97
C THR E 124 3.93 12.32 -65.45
N GLN E 125 4.17 12.20 -64.14
CA GLN E 125 4.62 10.95 -63.54
C GLN E 125 3.50 10.13 -62.90
N PHE E 126 2.31 10.70 -62.75
CA PHE E 126 1.20 9.94 -62.19
C PHE E 126 0.87 8.73 -63.08
N PHE E 127 0.73 8.97 -64.37
CA PHE E 127 0.47 7.88 -65.30
C PHE E 127 1.74 7.15 -65.70
N SER E 128 2.89 7.83 -65.66
CA SER E 128 4.15 7.23 -66.07
C SER E 128 4.56 6.07 -65.18
N LEU E 129 4.06 6.01 -63.95
CA LEU E 129 4.39 4.96 -63.00
C LEU E 129 3.29 3.90 -62.97
N ILE E 130 3.70 2.66 -62.67
CA ILE E 130 2.76 1.56 -62.50
C ILE E 130 3.01 0.93 -61.13
N ASN E 131 1.93 0.49 -60.48
CA ASN E 131 2.03 -0.04 -59.14
C ASN E 131 2.86 -1.33 -59.13
N ASN E 132 3.58 -1.54 -58.03
CA ASN E 132 4.35 -2.76 -57.79
C ASN E 132 5.52 -2.91 -58.76
N LYS E 133 6.23 -1.81 -59.02
CA LYS E 133 7.37 -1.82 -59.92
C LYS E 133 8.59 -1.22 -59.25
N THR E 134 9.71 -1.93 -59.33
CA THR E 134 10.97 -1.45 -58.78
C THR E 134 11.49 -0.29 -59.62
N TYR E 135 12.12 0.71 -59.00
CA TYR E 135 12.57 1.89 -59.74
C TYR E 135 13.93 2.40 -59.35
N GLU E 136 14.20 3.67 -59.66
CA GLU E 136 15.47 4.30 -59.30
C GLU E 136 15.07 5.75 -59.33
N LEU E 137 14.98 6.41 -58.18
CA LEU E 137 14.42 7.76 -58.19
C LEU E 137 15.47 8.82 -57.87
N VAL E 138 15.28 9.98 -58.46
CA VAL E 138 16.01 11.20 -58.10
C VAL E 138 15.01 12.12 -57.41
N LEU E 139 15.33 12.50 -56.17
CA LEU E 139 14.38 13.20 -55.30
C LEU E 139 14.83 14.64 -55.12
N GLN E 140 14.00 15.58 -55.54
CA GLN E 140 14.34 17.00 -55.48
C GLN E 140 13.67 17.64 -54.27
N TYR E 141 14.44 18.48 -53.57
CA TYR E 141 13.89 19.30 -52.49
C TYR E 141 13.72 20.72 -53.00
N SER E 142 12.46 21.13 -53.17
CA SER E 142 12.14 22.45 -53.70
C SER E 142 10.79 22.88 -53.15
N ARG E 143 10.70 24.14 -52.74
CA ARG E 143 9.50 24.68 -52.09
C ARG E 143 9.07 23.81 -50.92
N LYS E 144 10.06 23.36 -50.14
CA LYS E 144 9.85 22.62 -48.90
C LYS E 144 9.03 21.34 -49.10
N LYS E 145 9.21 20.70 -50.25
CA LYS E 145 8.58 19.43 -50.57
C LYS E 145 9.62 18.50 -51.19
N LEU E 146 9.21 17.27 -51.51
CA LEU E 146 10.06 16.29 -52.18
C LEU E 146 9.32 15.78 -53.42
N LEU E 147 9.55 16.45 -54.55
CA LEU E 147 9.04 15.96 -55.83
C LEU E 147 10.02 14.96 -56.43
N ILE E 148 9.48 14.01 -57.19
CA ILE E 148 10.31 13.07 -57.94
C ILE E 148 10.76 13.78 -59.21
N LYS E 149 12.00 14.24 -59.23
CA LYS E 149 12.52 14.97 -60.38
C LYS E 149 12.54 14.07 -61.62
N SER E 150 13.40 13.06 -61.60
CA SER E 150 13.55 12.13 -62.71
C SER E 150 13.62 10.71 -62.18
N TYR E 151 13.06 9.79 -62.96
CA TYR E 151 13.03 8.38 -62.59
C TYR E 151 13.58 7.53 -63.71
N GLU E 152 14.44 6.58 -63.35
CA GLU E 152 14.78 5.47 -64.23
C GLU E 152 13.96 4.28 -63.77
N GLN E 153 14.42 3.06 -64.06
CA GLN E 153 13.61 1.90 -63.69
C GLN E 153 14.48 0.65 -63.70
N CYS E 154 14.56 -0.02 -62.56
CA CYS E 154 15.16 -1.35 -62.47
C CYS E 154 14.03 -2.35 -62.25
N GLU E 155 14.40 -3.59 -61.96
CA GLU E 155 13.36 -4.57 -61.65
C GLU E 155 14.05 -5.77 -61.02
N ASP E 156 13.29 -6.53 -60.24
CA ASP E 156 13.67 -7.89 -59.84
C ASP E 156 14.88 -7.93 -58.90
N GLU E 157 14.94 -7.00 -57.96
CA GLU E 157 16.05 -7.00 -57.01
C GLU E 157 15.93 -8.20 -56.08
N ASP E 158 17.03 -8.94 -55.91
CA ASP E 158 17.04 -10.16 -55.11
C ASP E 158 17.91 -9.96 -53.87
N LEU E 159 17.32 -10.18 -52.70
CA LEU E 159 18.05 -10.17 -51.44
C LEU E 159 18.29 -11.56 -50.89
N LEU E 160 17.86 -12.61 -51.59
CA LEU E 160 18.15 -13.97 -51.16
C LEU E 160 19.59 -14.31 -51.48
N MET E 161 20.18 -15.16 -50.64
CA MET E 161 21.62 -15.46 -50.63
C MET E 161 22.45 -14.22 -50.37
N THR E 162 21.82 -13.10 -50.04
CA THR E 162 22.47 -11.82 -49.78
C THR E 162 22.20 -11.49 -48.31
N VAL E 163 23.22 -11.68 -47.46
CA VAL E 163 23.01 -11.55 -46.03
C VAL E 163 22.57 -10.14 -45.66
N CYS E 164 21.82 -10.04 -44.56
CA CYS E 164 21.32 -8.77 -44.05
C CYS E 164 21.59 -8.71 -42.55
N LYS E 165 22.03 -7.55 -42.07
CA LYS E 165 22.37 -7.43 -40.66
C LYS E 165 21.12 -7.48 -39.77
N SER E 166 20.08 -6.74 -40.13
CA SER E 166 18.90 -6.62 -39.31
C SER E 166 17.65 -6.93 -40.13
N VAL E 167 16.53 -7.08 -39.42
CA VAL E 167 15.24 -7.31 -40.03
C VAL E 167 14.21 -6.44 -39.31
N THR E 168 13.38 -5.75 -40.07
CA THR E 168 12.20 -5.13 -39.48
C THR E 168 11.20 -6.22 -39.11
N PHE E 169 10.33 -5.91 -38.14
CA PHE E 169 9.29 -6.86 -37.80
C PHE E 169 8.16 -6.88 -38.82
N GLN E 170 8.16 -5.95 -39.77
CA GLN E 170 7.27 -6.07 -40.92
C GLN E 170 7.64 -7.26 -41.79
N GLU E 171 8.94 -7.57 -41.87
CA GLU E 171 9.37 -8.80 -42.56
C GLU E 171 8.80 -10.03 -41.88
N PHE E 172 8.61 -9.98 -40.55
CA PHE E 172 8.01 -11.10 -39.84
C PHE E 172 6.50 -11.16 -40.10
N CYS E 173 5.84 -10.00 -40.17
CA CYS E 173 4.41 -9.99 -40.43
C CYS E 173 4.10 -10.48 -41.84
N ALA E 174 4.88 -10.05 -42.83
CA ALA E 174 4.68 -10.49 -44.20
C ALA E 174 5.07 -11.95 -44.42
N ASN E 175 5.61 -12.62 -43.41
CA ASN E 175 6.15 -13.97 -43.53
C ASN E 175 7.16 -14.04 -44.67
N GLU E 176 8.09 -13.09 -44.65
CA GLU E 176 9.10 -12.97 -45.68
C GLU E 176 10.28 -13.89 -45.40
N ILE E 177 10.77 -14.55 -46.43
CA ILE E 177 12.02 -15.31 -46.37
C ILE E 177 13.15 -14.36 -46.72
N LYS E 178 14.28 -14.51 -46.06
CA LYS E 178 15.38 -13.57 -46.19
C LYS E 178 16.64 -14.25 -45.68
N SER E 179 17.79 -13.79 -46.18
CA SER E 179 19.07 -14.19 -45.65
C SER E 179 19.51 -13.17 -44.60
N LEU E 180 19.86 -13.66 -43.41
CA LEU E 180 20.18 -12.77 -42.30
C LEU E 180 21.38 -13.31 -41.53
N LEU E 181 22.05 -12.41 -40.83
CA LEU E 181 23.22 -12.74 -40.01
C LEU E 181 22.79 -12.87 -38.56
N ALA E 182 23.02 -14.04 -37.97
CA ALA E 182 22.68 -14.31 -36.58
C ALA E 182 23.89 -14.87 -35.86
N LYS E 183 23.83 -14.81 -34.53
CA LYS E 183 24.82 -15.46 -33.68
C LYS E 183 24.18 -16.68 -33.04
N PHE E 184 24.73 -17.86 -33.31
CA PHE E 184 24.30 -19.05 -32.60
C PHE E 184 24.68 -18.93 -31.13
N LEU E 185 23.71 -19.21 -30.26
CA LEU E 185 23.97 -19.24 -28.82
C LEU E 185 24.22 -20.68 -28.36
N TYR E 186 23.22 -21.54 -28.49
CA TYR E 186 23.27 -22.93 -28.05
C TYR E 186 22.01 -23.64 -28.51
N GLY E 187 22.14 -24.94 -28.76
CA GLY E 187 21.03 -25.76 -29.17
C GLY E 187 20.99 -27.06 -28.40
N PHE E 188 19.88 -27.77 -28.52
CA PHE E 188 19.62 -28.95 -27.72
C PHE E 188 18.43 -29.70 -28.31
N LYS E 189 18.09 -30.81 -27.67
CA LYS E 189 16.98 -31.66 -28.08
C LYS E 189 15.84 -31.48 -27.09
N ILE E 190 14.63 -31.25 -27.62
CA ILE E 190 13.47 -30.98 -26.78
C ILE E 190 13.12 -32.21 -25.96
N TYR E 191 12.70 -32.00 -24.72
CA TYR E 191 12.41 -33.11 -23.82
C TYR E 191 11.20 -33.90 -24.29
N GLY E 192 11.27 -35.22 -24.14
CA GLY E 192 10.21 -36.12 -24.53
C GLY E 192 10.08 -36.34 -26.02
N SER E 193 10.58 -35.42 -26.83
CA SER E 193 10.51 -35.58 -28.28
C SER E 193 11.47 -36.66 -28.75
N SER E 194 11.19 -37.19 -29.95
CA SER E 194 12.02 -38.23 -30.53
C SER E 194 12.87 -37.74 -31.70
N ASN E 195 12.47 -36.65 -32.37
CA ASN E 195 13.13 -36.26 -33.60
C ASN E 195 13.08 -34.75 -33.84
N VAL E 196 13.07 -33.96 -32.77
CA VAL E 196 13.01 -32.50 -32.87
C VAL E 196 14.14 -31.90 -32.04
N TYR E 197 14.76 -30.86 -32.57
CA TYR E 197 15.81 -30.13 -31.88
C TYR E 197 15.51 -28.64 -31.96
N LYS E 198 16.02 -27.89 -30.98
CA LYS E 198 15.78 -26.46 -30.88
C LYS E 198 17.10 -25.71 -31.01
N LEU E 199 17.11 -24.72 -31.89
CA LEU E 199 18.24 -23.82 -32.09
C LEU E 199 17.88 -22.43 -31.58
N VAL E 200 18.80 -21.80 -30.87
CA VAL E 200 18.59 -20.48 -30.28
C VAL E 200 19.65 -19.54 -30.84
N PHE E 201 19.21 -18.57 -31.64
CA PHE E 201 20.09 -17.56 -32.20
C PHE E 201 19.82 -16.21 -31.54
N VAL E 202 20.76 -15.28 -31.75
CA VAL E 202 20.57 -13.88 -31.44
C VAL E 202 20.67 -13.10 -32.75
N ILE E 203 19.60 -12.39 -33.10
CA ILE E 203 19.60 -11.60 -34.31
C ILE E 203 19.41 -10.12 -33.94
N LEU E 204 19.47 -9.25 -34.93
CA LEU E 204 19.22 -7.83 -34.75
C LEU E 204 17.88 -7.49 -35.39
N LEU E 205 16.95 -7.00 -34.58
CA LEU E 205 15.60 -6.72 -35.04
C LEU E 205 15.32 -5.24 -34.88
N GLU E 206 14.76 -4.63 -35.93
CA GLU E 206 14.45 -3.21 -35.96
C GLU E 206 12.97 -3.00 -35.68
N ASP E 207 12.66 -2.23 -34.64
CA ASP E 207 11.29 -1.77 -34.47
C ASP E 207 11.02 -0.63 -35.44
N ASN E 208 9.73 -0.35 -35.64
CA ASN E 208 9.35 0.66 -36.63
C ASN E 208 9.66 2.08 -36.19
N ASN E 209 10.30 2.28 -35.03
CA ASN E 209 10.73 3.59 -34.58
C ASN E 209 12.19 3.87 -34.92
N GLY E 210 12.87 2.94 -35.60
CA GLY E 210 14.21 3.19 -36.11
C GLY E 210 15.35 2.64 -35.28
N THR E 211 15.06 1.90 -34.21
CA THR E 211 16.09 1.43 -33.29
C THR E 211 16.24 -0.09 -33.41
N ILE E 212 17.47 -0.55 -33.58
CA ILE E 212 17.78 -1.96 -33.72
C ILE E 212 18.25 -2.50 -32.38
N ASN E 213 17.68 -3.62 -31.94
CA ASN E 213 18.03 -4.23 -30.67
C ASN E 213 18.36 -5.71 -30.87
N GLY E 214 19.39 -6.16 -30.18
CA GLY E 214 19.75 -7.57 -30.21
C GLY E 214 18.75 -8.38 -29.39
N VAL E 215 18.09 -9.35 -30.01
CA VAL E 215 17.06 -10.14 -29.37
C VAL E 215 17.35 -11.62 -29.57
N GLN E 216 16.64 -12.44 -28.79
CA GLN E 216 16.78 -13.89 -28.82
C GLN E 216 15.67 -14.49 -29.65
N VAL E 217 15.98 -15.54 -30.41
CA VAL E 217 15.00 -16.20 -31.27
C VAL E 217 15.25 -17.71 -31.23
N GLU E 218 14.16 -18.47 -31.26
CA GLU E 218 14.20 -19.93 -31.27
C GLU E 218 13.96 -20.45 -32.68
N MET E 219 14.38 -21.69 -32.91
CA MET E 219 14.30 -22.28 -34.25
C MET E 219 14.27 -23.79 -34.11
N MET E 220 13.18 -24.43 -34.52
CA MET E 220 13.01 -25.87 -34.41
C MET E 220 13.12 -26.54 -35.77
N SER E 221 13.63 -27.76 -35.76
CA SER E 221 13.76 -28.55 -36.98
C SER E 221 13.98 -30.01 -36.59
N ASP E 222 13.69 -30.90 -37.52
CA ASP E 222 13.93 -32.32 -37.32
C ASP E 222 15.38 -32.64 -37.70
N PHE E 223 15.76 -33.91 -37.50
CA PHE E 223 17.15 -34.30 -37.73
C PHE E 223 17.48 -34.42 -39.22
N LYS E 224 16.50 -34.83 -40.04
CA LYS E 224 16.75 -34.94 -41.48
C LYS E 224 17.19 -33.61 -42.06
N ARG E 225 16.42 -32.55 -41.80
CA ARG E 225 16.80 -31.23 -42.30
C ARG E 225 18.10 -30.75 -41.67
N LEU E 226 18.28 -31.00 -40.37
CA LEU E 226 19.46 -30.55 -39.67
C LEU E 226 20.72 -31.31 -40.05
N SER E 227 20.60 -32.40 -40.82
CA SER E 227 21.77 -33.17 -41.20
C SER E 227 22.61 -32.45 -42.23
N GLY E 228 21.97 -31.86 -43.25
CA GLY E 228 22.69 -31.22 -44.33
C GLY E 228 22.52 -29.71 -44.37
N ALA E 229 21.72 -29.16 -43.45
CA ALA E 229 21.60 -27.71 -43.38
C ALA E 229 22.91 -27.06 -42.98
N PHE E 230 23.76 -27.79 -42.26
CA PHE E 230 25.09 -27.29 -41.88
C PHE E 230 26.00 -27.39 -43.10
N LYS E 231 26.18 -26.26 -43.78
CA LYS E 231 27.07 -26.20 -44.93
C LYS E 231 28.49 -26.57 -44.51
N ASN E 232 29.15 -27.38 -45.35
CA ASN E 232 30.52 -27.83 -45.12
C ASN E 232 30.66 -28.67 -43.85
N HIS E 233 29.57 -29.28 -43.39
CA HIS E 233 29.60 -30.17 -42.24
C HIS E 233 28.77 -31.40 -42.56
N VAL E 234 29.36 -32.58 -42.39
CA VAL E 234 28.69 -33.84 -42.64
C VAL E 234 28.20 -34.40 -41.30
N ILE E 235 26.89 -34.54 -41.18
CA ILE E 235 26.25 -34.98 -39.95
C ILE E 235 25.47 -36.26 -40.28
N GLU E 236 26.01 -37.40 -39.89
CA GLU E 236 25.43 -38.69 -40.24
C GLU E 236 24.46 -39.21 -39.19
N ASN E 237 24.59 -38.77 -37.95
CA ASN E 237 23.74 -39.26 -36.88
C ASN E 237 23.58 -38.16 -35.83
N GLU E 238 22.60 -38.35 -34.96
CA GLU E 238 22.41 -37.47 -33.81
C GLU E 238 23.70 -37.15 -33.09
N ASN E 239 24.45 -38.20 -32.71
CA ASN E 239 25.69 -37.99 -31.97
C ASN E 239 26.66 -37.12 -32.74
N ASP E 240 26.57 -37.13 -34.08
CA ASP E 240 27.35 -36.20 -34.88
C ASP E 240 26.81 -34.78 -34.75
N LEU E 241 25.48 -34.63 -34.76
CA LEU E 241 24.88 -33.30 -34.76
C LEU E 241 25.25 -32.51 -33.51
N PHE E 242 25.18 -33.16 -32.34
CA PHE E 242 25.51 -32.46 -31.09
C PHE E 242 26.94 -31.97 -31.09
N ASP E 243 27.87 -32.77 -31.64
CA ASP E 243 29.25 -32.32 -31.74
C ASP E 243 29.39 -31.15 -32.70
N CYS E 244 28.65 -31.18 -33.81
CA CYS E 244 28.62 -30.04 -34.72
C CYS E 244 27.97 -28.82 -34.09
N MET E 245 26.99 -29.04 -33.20
CA MET E 245 26.29 -27.94 -32.56
C MET E 245 27.14 -27.30 -31.47
N TYR E 246 27.87 -28.11 -30.71
CA TYR E 246 28.63 -27.58 -29.58
C TYR E 246 29.84 -26.78 -30.05
N LYS E 247 30.45 -27.15 -31.18
CA LYS E 247 31.52 -26.34 -31.73
C LYS E 247 31.01 -25.03 -32.29
N SER E 248 29.73 -24.95 -32.64
CA SER E 248 29.14 -23.77 -33.26
C SER E 248 28.62 -22.75 -32.26
N GLU E 249 28.82 -22.97 -30.97
CA GLU E 249 28.25 -22.10 -29.95
C GLU E 249 29.03 -20.79 -29.86
N GLU E 250 28.29 -19.69 -29.73
CA GLU E 250 28.85 -18.33 -29.71
C GLU E 250 29.67 -18.03 -30.96
N LYS E 251 29.32 -18.64 -32.07
CA LYS E 251 29.90 -18.31 -33.36
C LYS E 251 28.82 -17.74 -34.28
N TYR E 252 29.24 -16.87 -35.18
CA TYR E 252 28.29 -16.20 -36.07
C TYR E 252 27.92 -17.10 -37.25
N PHE E 253 26.62 -17.21 -37.50
CA PHE E 253 26.09 -17.91 -38.67
C PHE E 253 25.44 -16.96 -39.66
N ASN E 254 25.77 -17.18 -40.93
CA ASN E 254 25.01 -16.64 -42.06
C ASN E 254 23.82 -17.57 -42.28
N LEU E 255 22.63 -17.12 -41.93
CA LEU E 255 21.42 -17.93 -42.06
C LEU E 255 20.81 -17.61 -43.42
N TYR E 256 21.14 -18.43 -44.43
CA TYR E 256 20.67 -18.18 -45.78
C TYR E 256 19.22 -18.62 -45.95
N ARG E 257 18.42 -17.75 -46.57
CA ARG E 257 17.07 -18.06 -47.06
C ARG E 257 16.21 -18.76 -46.00
N ILE E 258 16.26 -18.21 -44.77
CA ILE E 258 15.47 -18.69 -43.65
C ILE E 258 14.19 -17.87 -43.56
N LYS E 259 13.11 -18.51 -43.10
CA LYS E 259 11.79 -17.88 -43.05
C LYS E 259 11.52 -17.28 -41.69
N CYS E 260 10.95 -16.08 -41.68
CA CYS E 260 10.45 -15.44 -40.46
C CYS E 260 8.97 -15.73 -40.32
N ASN E 261 8.53 -15.92 -39.08
CA ASN E 261 7.25 -16.55 -38.78
C ASN E 261 6.49 -15.67 -37.80
N HIS E 262 5.18 -15.56 -37.97
CA HIS E 262 4.36 -14.84 -37.00
C HIS E 262 3.07 -15.62 -36.84
N ASN E 263 2.94 -16.34 -35.72
CA ASN E 263 1.98 -17.42 -35.57
C ASN E 263 0.59 -16.90 -35.17
N ALA E 264 -0.38 -17.83 -35.21
CA ALA E 264 -1.75 -17.56 -34.78
C ALA E 264 -1.77 -16.91 -33.41
N ASN E 265 -1.36 -17.66 -32.39
CA ASN E 265 -0.93 -17.03 -31.14
C ASN E 265 0.36 -16.28 -31.44
N ASN E 266 0.29 -14.95 -31.50
CA ASN E 266 1.39 -14.14 -32.02
C ASN E 266 2.69 -14.45 -31.31
N TYR E 267 3.64 -15.02 -32.05
CA TYR E 267 4.97 -15.34 -31.60
C TYR E 267 5.86 -15.16 -32.82
N LYS E 268 7.15 -14.89 -32.61
CA LYS E 268 8.06 -14.61 -33.72
C LYS E 268 9.23 -15.59 -33.66
N SER E 269 9.43 -16.34 -34.75
CA SER E 269 10.41 -17.42 -34.74
C SER E 269 11.05 -17.56 -36.11
N LEU E 270 12.26 -18.13 -36.11
CA LEU E 270 12.98 -18.51 -37.32
C LEU E 270 12.75 -19.98 -37.61
N SER E 271 12.67 -20.33 -38.89
CA SER E 271 12.39 -21.70 -39.29
C SER E 271 13.19 -22.08 -40.52
N LEU E 272 13.53 -23.36 -40.61
CA LEU E 272 14.23 -23.89 -41.76
C LEU E 272 13.26 -24.14 -42.92
N SER E 273 13.79 -24.03 -44.13
CA SER E 273 13.09 -24.48 -45.33
C SER E 273 13.64 -25.84 -45.74
N SER E 274 13.16 -26.35 -46.88
CA SER E 274 13.65 -27.62 -47.38
C SER E 274 15.03 -27.49 -48.03
N ASN E 275 15.54 -26.29 -48.20
CA ASN E 275 16.79 -26.09 -48.91
C ASN E 275 17.54 -24.86 -48.38
N SER E 276 17.70 -24.77 -47.06
CA SER E 276 18.50 -23.73 -46.45
C SER E 276 19.84 -24.30 -46.01
N GLN E 277 20.82 -23.41 -45.84
CA GLN E 277 22.14 -23.82 -45.37
C GLN E 277 22.61 -22.88 -44.28
N LEU E 278 23.47 -23.42 -43.42
CA LEU E 278 23.89 -22.75 -42.19
C LEU E 278 25.41 -22.80 -42.14
N GLU E 279 26.10 -21.76 -42.62
CA GLU E 279 27.55 -21.76 -42.50
C GLU E 279 27.98 -20.85 -41.37
N ARG E 280 29.03 -21.26 -40.67
CA ARG E 280 29.63 -20.46 -39.63
C ARG E 280 30.47 -19.37 -40.28
N LEU E 281 30.15 -18.11 -39.98
CA LEU E 281 31.07 -17.04 -40.34
C LEU E 281 32.43 -17.24 -39.69
N GLU E 282 32.44 -17.92 -38.53
CA GLU E 282 33.64 -18.20 -37.75
C GLU E 282 34.31 -16.93 -37.27
N THR E 283 35.48 -17.09 -36.65
CA THR E 283 36.31 -15.97 -36.20
C THR E 283 36.55 -14.96 -37.32
N ASP E 284 36.23 -13.69 -37.03
CA ASP E 284 36.45 -12.56 -37.94
C ASP E 284 36.69 -11.28 -37.18
N ASP E 285 37.32 -10.34 -37.87
CA ASP E 285 37.53 -8.97 -37.41
C ASP E 285 36.19 -8.23 -37.34
N SER E 286 36.28 -6.95 -36.98
CA SER E 286 35.12 -6.11 -36.71
C SER E 286 34.15 -6.82 -35.79
N MET E 287 34.64 -7.85 -35.12
CA MET E 287 33.76 -8.60 -34.26
C MET E 287 33.28 -7.71 -33.17
N PHE E 288 34.13 -6.85 -32.63
CA PHE E 288 33.74 -6.06 -31.47
C PHE E 288 32.57 -5.15 -31.75
N GLU E 289 32.57 -4.52 -32.91
CA GLU E 289 31.45 -3.68 -33.27
C GLU E 289 30.16 -4.47 -33.21
N TYR E 290 30.23 -5.78 -33.32
CA TYR E 290 29.00 -6.56 -33.37
C TYR E 290 28.61 -7.08 -31.98
N GLU E 291 29.59 -7.49 -31.16
CA GLU E 291 29.25 -8.13 -29.89
C GLU E 291 28.41 -7.23 -29.00
N PHE E 292 28.62 -5.91 -29.07
CA PHE E 292 27.84 -4.99 -28.23
C PHE E 292 26.36 -5.11 -28.54
N GLN E 293 26.01 -5.14 -29.83
CA GLN E 293 24.63 -5.03 -30.26
C GLN E 293 23.86 -6.31 -29.98
N TYR E 294 24.50 -7.46 -30.18
CA TYR E 294 23.88 -8.77 -30.03
C TYR E 294 23.72 -9.16 -28.56
N ASP E 295 24.04 -8.30 -27.62
CA ASP E 295 23.69 -8.55 -26.24
C ASP E 295 22.19 -8.35 -26.07
N TYR E 296 21.52 -9.36 -25.52
CA TYR E 296 20.08 -9.48 -25.60
C TYR E 296 19.46 -9.44 -24.20
N THR E 297 18.26 -8.88 -24.13
CA THR E 297 17.47 -8.87 -22.90
C THR E 297 16.11 -9.52 -23.06
N VAL E 298 15.70 -9.89 -24.28
CA VAL E 298 14.38 -10.43 -24.52
C VAL E 298 14.47 -11.59 -25.51
N ASN E 299 13.45 -12.44 -25.48
CA ASN E 299 13.27 -13.51 -26.44
C ASN E 299 11.94 -13.28 -27.15
N ILE E 300 11.96 -13.26 -28.49
CA ILE E 300 10.74 -13.07 -29.26
C ILE E 300 9.99 -14.37 -29.49
N SER E 301 10.51 -15.49 -29.01
CA SER E 301 9.85 -16.78 -29.14
C SER E 301 9.23 -17.26 -27.84
N ARG E 302 9.27 -16.46 -26.78
CA ARG E 302 8.71 -16.82 -25.49
C ARG E 302 7.73 -15.73 -25.04
N SER E 303 7.03 -16.01 -23.94
CA SER E 303 6.07 -15.07 -23.36
C SER E 303 6.73 -14.40 -22.15
N ASN E 304 7.49 -13.35 -22.43
CA ASN E 304 8.22 -12.59 -21.41
C ASN E 304 9.20 -13.49 -20.65
N LYS E 305 9.93 -14.31 -21.40
CA LYS E 305 10.95 -15.18 -20.82
C LYS E 305 12.17 -15.16 -21.73
N ILE E 306 13.24 -15.82 -21.30
CA ILE E 306 14.43 -16.06 -22.09
C ILE E 306 14.86 -17.51 -21.89
N ILE E 307 15.96 -17.88 -22.53
CA ILE E 307 16.52 -19.22 -22.40
C ILE E 307 17.94 -19.08 -21.86
N GLN E 308 18.33 -20.02 -21.00
CA GLN E 308 19.65 -20.00 -20.38
C GLN E 308 20.24 -21.41 -20.39
N LYS E 309 21.57 -21.48 -20.51
CA LYS E 309 22.29 -22.74 -20.37
C LYS E 309 23.16 -22.68 -19.12
N HIS E 310 22.85 -23.54 -18.16
CA HIS E 310 23.65 -23.69 -16.96
C HIS E 310 24.46 -24.97 -17.04
N ARG E 311 25.72 -24.90 -16.60
CA ARG E 311 26.59 -26.06 -16.55
C ARG E 311 26.44 -26.71 -15.17
N VAL E 312 25.77 -27.86 -15.14
CA VAL E 312 25.58 -28.57 -13.87
C VAL E 312 26.93 -29.07 -13.38
N THR E 313 27.29 -28.68 -12.16
CA THR E 313 28.56 -29.09 -11.56
C THR E 313 28.43 -29.63 -10.15
N GLY E 314 27.27 -29.54 -9.52
CA GLY E 314 27.14 -29.92 -8.13
C GLY E 314 26.11 -30.98 -7.82
N ASN E 315 25.14 -30.65 -6.98
CA ASN E 315 24.19 -31.61 -6.45
C ASN E 315 22.94 -31.63 -7.32
N PHE E 316 22.84 -32.64 -8.19
CA PHE E 316 21.67 -32.85 -9.03
C PHE E 316 20.71 -33.78 -8.28
N THR E 317 19.50 -33.29 -8.00
CA THR E 317 18.52 -34.05 -7.22
C THR E 317 17.21 -34.12 -8.01
N SER E 318 16.90 -35.29 -8.54
CA SER E 318 15.68 -35.54 -9.27
C SER E 318 14.72 -36.36 -8.43
N GLU E 319 13.43 -36.15 -8.65
CA GLU E 319 12.40 -36.89 -7.93
C GLU E 319 11.04 -36.72 -8.60
N ARG E 320 10.36 -37.84 -8.85
CA ARG E 320 9.08 -37.79 -9.54
C ARG E 320 8.01 -37.15 -8.66
N ASN E 321 7.19 -36.30 -9.28
CA ASN E 321 6.17 -35.57 -8.54
C ASN E 321 5.02 -35.21 -9.46
N ILE E 322 3.80 -35.57 -9.05
CA ILE E 322 2.59 -35.12 -9.75
C ILE E 322 1.93 -34.03 -8.92
N TYR E 323 1.45 -32.99 -9.60
CA TYR E 323 0.67 -31.94 -8.98
C TYR E 323 -0.77 -32.03 -9.46
N GLN E 324 -1.62 -31.19 -8.87
CA GLN E 324 -3.02 -31.14 -9.31
C GLN E 324 -3.15 -30.72 -10.77
N ASN E 325 -2.17 -29.98 -11.29
CA ASN E 325 -2.25 -29.45 -12.64
C ASN E 325 -1.71 -30.42 -13.69
N SER E 326 -0.52 -30.98 -13.47
CA SER E 326 0.11 -31.81 -14.50
C SER E 326 1.22 -32.66 -13.87
N ASP E 327 1.98 -33.33 -14.73
CA ASP E 327 3.03 -34.27 -14.36
C ASP E 327 4.39 -33.62 -14.60
N ARG E 328 5.23 -33.58 -13.57
CA ARG E 328 6.51 -32.89 -13.66
C ARG E 328 7.60 -33.68 -12.93
N PHE E 329 8.84 -33.21 -13.08
CA PHE E 329 9.99 -33.68 -12.33
C PHE E 329 10.57 -32.51 -11.56
N VAL E 330 10.58 -32.61 -10.24
CA VAL E 330 11.21 -31.58 -9.40
C VAL E 330 12.72 -31.78 -9.46
N ILE E 331 13.42 -30.79 -10.02
CA ILE E 331 14.85 -30.88 -10.26
C ILE E 331 15.54 -29.68 -9.62
N SER E 332 16.69 -29.92 -9.00
CA SER E 332 17.49 -28.87 -8.38
C SER E 332 18.95 -29.22 -8.52
N TYR E 333 19.76 -28.25 -8.94
CA TYR E 333 21.17 -28.50 -9.22
C TYR E 333 22.01 -27.28 -8.88
N ASP E 334 23.32 -27.49 -8.84
CA ASP E 334 24.30 -26.45 -8.58
C ASP E 334 25.05 -26.09 -9.86
N THR E 335 25.39 -24.82 -9.99
CA THR E 335 26.30 -24.34 -11.02
C THR E 335 27.51 -23.69 -10.35
N ALA E 336 28.43 -23.19 -11.16
CA ALA E 336 29.50 -22.36 -10.63
C ALA E 336 29.00 -21.02 -10.12
N ASN E 337 27.72 -20.72 -10.34
CA ASN E 337 27.14 -19.44 -9.97
C ASN E 337 26.26 -19.56 -8.74
N GLU E 338 25.10 -20.21 -8.87
CA GLU E 338 24.14 -20.35 -7.79
C GLU E 338 23.50 -21.74 -7.84
N LYS E 339 22.54 -21.97 -6.96
CA LYS E 339 21.74 -23.20 -6.95
C LYS E 339 20.34 -22.89 -7.45
N ILE E 340 19.85 -23.69 -8.38
CA ILE E 340 18.55 -23.48 -9.03
C ILE E 340 17.61 -24.58 -8.58
N LYS E 341 16.39 -24.20 -8.21
CA LYS E 341 15.27 -25.13 -8.07
C LYS E 341 14.35 -24.92 -9.25
N THR E 342 14.02 -26.00 -9.95
CA THR E 342 13.26 -25.90 -11.18
C THR E 342 12.37 -27.13 -11.33
N SER E 343 11.67 -27.19 -12.46
CA SER E 343 10.78 -28.29 -12.79
C SER E 343 10.94 -28.62 -14.27
N ILE E 344 10.40 -29.77 -14.66
CA ILE E 344 10.28 -30.11 -16.08
C ILE E 344 9.00 -30.90 -16.29
N TYR E 345 8.22 -30.49 -17.27
CA TYR E 345 6.94 -31.13 -17.55
C TYR E 345 7.18 -32.41 -18.36
N ASN E 346 6.38 -33.43 -18.09
CA ASN E 346 6.56 -34.74 -18.71
C ASN E 346 5.63 -34.93 -19.89
N ARG E 347 6.16 -35.48 -20.98
CA ARG E 347 5.38 -35.74 -22.18
C ARG E 347 6.09 -36.81 -23.00
N MET E 348 5.35 -37.39 -23.93
CA MET E 348 5.85 -38.42 -24.84
C MET E 348 5.36 -38.11 -26.24
N GLU E 349 6.16 -38.53 -27.23
CA GLU E 349 5.82 -38.34 -28.64
C GLU E 349 5.71 -39.70 -29.30
N ASN E 350 4.55 -39.97 -29.91
CA ASN E 350 4.31 -41.17 -30.70
C ASN E 350 4.40 -42.43 -29.84
N ALA E 351 3.58 -42.46 -28.79
CA ALA E 351 3.37 -43.64 -27.97
C ALA E 351 1.89 -43.99 -28.06
N GLU E 352 1.57 -45.03 -28.82
CA GLU E 352 0.19 -45.33 -29.17
C GLU E 352 -0.22 -46.70 -28.65
N SER E 353 -1.42 -46.76 -28.08
CA SER E 353 -2.03 -48.00 -27.60
C SER E 353 -1.05 -48.84 -26.79
N LYS E 354 -0.35 -48.18 -25.88
CA LYS E 354 0.73 -48.84 -25.16
C LYS E 354 0.94 -48.17 -23.81
N THR E 355 1.31 -49.00 -22.83
CA THR E 355 1.74 -48.61 -21.49
C THR E 355 3.11 -47.99 -21.48
N ASP E 356 3.69 -47.76 -22.66
CA ASP E 356 5.08 -47.36 -22.73
C ASP E 356 5.33 -46.03 -22.03
N TYR E 357 4.39 -45.09 -22.15
CA TYR E 357 4.59 -43.78 -21.51
C TYR E 357 4.90 -43.94 -20.02
N ASP E 358 4.18 -44.81 -19.33
CA ASP E 358 4.42 -45.03 -17.91
C ASP E 358 5.82 -45.60 -17.68
N THR E 359 6.13 -46.71 -18.35
CA THR E 359 7.44 -47.33 -18.17
C THR E 359 8.56 -46.48 -18.77
N SER E 360 8.24 -45.64 -19.77
CA SER E 360 9.27 -44.77 -20.33
C SER E 360 9.68 -43.68 -19.35
N ILE E 361 8.73 -43.12 -18.61
CA ILE E 361 9.07 -42.11 -17.62
C ILE E 361 9.91 -42.73 -16.51
N THR E 362 9.56 -43.95 -16.09
CA THR E 362 10.34 -44.61 -15.05
C THR E 362 11.75 -44.91 -15.53
N LEU E 363 11.95 -45.07 -16.85
CA LEU E 363 13.30 -45.06 -17.40
C LEU E 363 13.99 -43.74 -17.09
N LYS E 364 13.35 -42.62 -17.43
CA LYS E 364 13.98 -41.32 -17.23
C LYS E 364 14.18 -41.00 -15.77
N ASP E 365 13.31 -41.49 -14.88
CA ASP E 365 13.55 -41.30 -13.45
C ASP E 365 14.81 -42.03 -13.01
N VAL E 366 15.00 -43.26 -13.47
CA VAL E 366 16.23 -43.99 -13.19
C VAL E 366 17.42 -43.25 -13.79
N THR E 367 17.29 -42.82 -15.05
CA THR E 367 18.37 -42.10 -15.72
C THR E 367 18.69 -40.79 -15.01
N LEU E 368 17.66 -40.07 -14.57
CA LEU E 368 17.86 -38.83 -13.83
C LEU E 368 18.57 -39.10 -12.51
N SER E 369 18.01 -39.97 -11.68
CA SER E 369 18.58 -40.27 -10.37
C SER E 369 19.96 -40.88 -10.45
N GLN E 370 20.47 -41.18 -11.65
CA GLN E 370 21.83 -41.65 -11.83
C GLN E 370 22.78 -40.56 -12.30
N LEU E 371 22.27 -39.44 -12.80
CA LEU E 371 23.13 -38.36 -13.28
C LEU E 371 24.11 -37.92 -12.20
N ASN E 372 23.62 -37.70 -10.98
CA ASN E 372 24.46 -37.24 -9.89
C ASN E 372 25.67 -38.14 -9.69
N SER E 373 25.48 -39.45 -9.84
CA SER E 373 26.59 -40.38 -9.70
C SER E 373 27.63 -40.15 -10.79
N LEU E 374 27.22 -39.71 -11.97
CA LEU E 374 28.13 -39.58 -13.10
C LEU E 374 28.84 -38.25 -13.13
N ILE E 375 28.16 -37.16 -12.74
CA ILE E 375 28.82 -35.85 -12.67
C ILE E 375 29.90 -35.87 -11.60
N GLU E 376 29.60 -36.43 -10.44
CA GLU E 376 30.55 -36.47 -9.33
C GLU E 376 31.80 -37.26 -9.72
N SER E 377 31.61 -38.37 -10.41
CA SER E 377 32.73 -39.18 -10.91
C SER E 377 33.26 -38.69 -12.25
N ASN E 378 32.84 -37.50 -12.70
CA ASN E 378 33.24 -36.92 -13.98
C ASN E 378 33.21 -37.93 -15.11
N LEU E 379 32.15 -38.73 -15.17
CA LEU E 379 31.91 -39.58 -16.33
C LEU E 379 31.06 -38.88 -17.39
N VAL E 380 30.27 -37.89 -17.00
CA VAL E 380 29.53 -37.04 -17.93
C VAL E 380 29.51 -35.62 -17.37
N GLN E 381 28.99 -34.70 -18.19
CA GLN E 381 28.63 -33.36 -17.76
C GLN E 381 27.27 -33.03 -18.32
N VAL E 382 26.52 -32.19 -17.60
CA VAL E 382 25.12 -31.93 -17.89
C VAL E 382 24.96 -30.49 -18.36
N ASP E 383 24.27 -30.30 -19.47
CA ASP E 383 23.83 -29.00 -19.95
C ASP E 383 22.33 -28.91 -19.75
N VAL E 384 21.91 -28.05 -18.83
CA VAL E 384 20.49 -27.81 -18.58
C VAL E 384 20.09 -26.52 -19.29
N TYR E 385 19.19 -26.63 -20.25
CA TYR E 385 18.72 -25.49 -21.03
C TYR E 385 17.41 -25.02 -20.41
N LEU E 386 17.43 -23.84 -19.80
CA LEU E 386 16.36 -23.37 -18.92
C LEU E 386 15.57 -22.26 -19.59
N VAL E 387 14.26 -22.42 -19.68
CA VAL E 387 13.35 -21.35 -20.06
C VAL E 387 13.01 -20.57 -18.79
N THR E 388 13.57 -19.37 -18.67
CA THR E 388 13.50 -18.61 -17.43
C THR E 388 13.01 -17.19 -17.70
N ASP E 389 12.42 -16.58 -16.66
CA ASP E 389 11.98 -15.20 -16.68
C ASP E 389 13.07 -14.29 -16.12
N PRO E 390 13.37 -13.16 -16.75
CA PRO E 390 14.40 -12.27 -16.20
C PRO E 390 13.98 -11.62 -14.89
N ASN E 391 12.71 -11.26 -14.77
CA ASN E 391 12.22 -10.59 -13.55
C ASN E 391 12.08 -11.60 -12.41
N ASN E 392 11.00 -12.37 -12.41
CA ASN E 392 10.79 -13.40 -11.41
C ASN E 392 11.56 -14.65 -11.81
N VAL E 393 12.66 -14.93 -11.10
CA VAL E 393 13.49 -16.08 -11.42
C VAL E 393 12.89 -17.38 -10.88
N LYS E 394 11.83 -17.30 -10.08
CA LYS E 394 11.16 -18.52 -9.64
C LYS E 394 10.42 -19.22 -10.78
N ASN E 395 10.20 -18.54 -11.91
CA ASN E 395 9.60 -19.16 -13.08
C ASN E 395 10.70 -19.90 -13.85
N ASN E 396 10.99 -21.11 -13.39
CA ASN E 396 12.06 -21.93 -13.96
C ASN E 396 11.48 -23.26 -14.43
N VAL E 397 11.60 -23.53 -15.72
CA VAL E 397 11.26 -24.82 -16.30
C VAL E 397 12.35 -25.21 -17.28
N ILE E 398 12.69 -26.49 -17.30
CA ILE E 398 13.72 -26.99 -18.21
C ILE E 398 13.10 -27.28 -19.56
N ALA E 399 13.78 -26.89 -20.63
CA ALA E 399 13.33 -27.18 -21.99
C ALA E 399 13.97 -28.43 -22.56
N GLY E 400 15.18 -28.76 -22.13
CA GLY E 400 15.87 -29.93 -22.60
C GLY E 400 17.21 -30.04 -21.90
N ILE E 401 17.77 -31.25 -21.94
CA ILE E 401 19.03 -31.54 -21.29
C ILE E 401 19.92 -32.32 -22.24
N THR E 402 21.18 -31.92 -22.34
CA THR E 402 22.18 -32.65 -23.10
C THR E 402 23.18 -33.26 -22.13
N LYS E 403 23.43 -34.56 -22.27
CA LYS E 403 24.45 -35.25 -21.50
C LYS E 403 25.68 -35.42 -22.36
N ILE E 404 26.79 -34.84 -21.92
CA ILE E 404 28.02 -34.77 -22.69
C ILE E 404 28.97 -35.80 -22.07
N GLU E 405 29.04 -36.98 -22.66
CA GLU E 405 29.83 -38.05 -22.06
C GLU E 405 31.29 -37.96 -22.47
N ILE E 406 32.16 -38.46 -21.58
CA ILE E 406 33.60 -38.50 -21.81
C ILE E 406 33.94 -39.15 -23.13
N ASP E 407 33.11 -40.10 -23.57
CA ASP E 407 33.34 -40.84 -24.80
C ASP E 407 33.24 -39.97 -26.04
N GLY E 408 32.82 -38.71 -25.90
CA GLY E 408 32.32 -37.95 -27.01
C GLY E 408 30.88 -38.28 -27.36
N THR E 409 30.28 -39.25 -26.66
CA THR E 409 28.91 -39.65 -26.92
C THR E 409 27.95 -38.64 -26.30
N TYR E 410 26.86 -38.34 -27.01
CA TYR E 410 25.86 -37.38 -26.56
C TYR E 410 24.53 -38.10 -26.40
N GLU E 411 24.07 -38.27 -25.16
CA GLU E 411 22.73 -38.80 -24.89
C GLU E 411 21.87 -37.66 -24.37
N PRO E 412 21.11 -37.00 -25.22
CA PRO E 412 20.21 -35.96 -24.71
C PRO E 412 19.04 -36.59 -23.98
N LEU E 413 18.15 -35.76 -23.46
CA LEU E 413 16.99 -36.27 -22.74
C LEU E 413 15.72 -35.62 -23.29
N LYS F 82 -18.85 -63.41 5.13
CA LYS F 82 -18.36 -63.42 3.75
C LYS F 82 -17.44 -62.23 3.47
N LEU F 83 -16.16 -62.51 3.25
CA LEU F 83 -15.22 -61.44 2.91
C LEU F 83 -15.55 -60.88 1.54
N ARG F 84 -15.65 -59.55 1.46
CA ARG F 84 -16.14 -58.88 0.26
C ARG F 84 -15.00 -58.70 -0.74
N THR F 85 -15.37 -58.64 -2.03
CA THR F 85 -14.42 -58.69 -3.13
C THR F 85 -14.70 -57.58 -4.13
N LEU F 86 -13.79 -57.43 -5.08
CA LEU F 86 -13.85 -56.37 -6.08
C LEU F 86 -13.20 -56.84 -7.38
N ASN F 87 -13.81 -56.46 -8.51
CA ASN F 87 -13.36 -56.85 -9.84
C ASN F 87 -12.87 -55.63 -10.61
N VAL F 88 -11.67 -55.72 -11.15
CA VAL F 88 -11.09 -54.65 -11.99
C VAL F 88 -10.25 -55.29 -13.08
N LYS F 89 -9.92 -54.48 -14.08
CA LYS F 89 -9.15 -54.93 -15.25
C LYS F 89 -8.08 -53.90 -15.58
N GLY F 90 -6.87 -54.38 -15.87
CA GLY F 90 -5.79 -53.48 -16.19
C GLY F 90 -4.57 -54.23 -16.68
N GLN F 91 -3.52 -53.47 -16.96
CA GLN F 91 -2.27 -54.02 -17.48
C GLN F 91 -1.17 -53.93 -16.42
N LEU F 92 -0.41 -55.00 -16.29
CA LEU F 92 0.77 -54.99 -15.43
C LEU F 92 1.82 -54.04 -16.00
N LEU F 93 2.22 -53.06 -15.19
CA LEU F 93 3.29 -52.15 -15.54
C LEU F 93 4.63 -52.62 -14.97
N THR F 94 4.70 -52.72 -13.65
CA THR F 94 5.88 -53.22 -12.96
C THR F 94 5.44 -54.17 -11.87
N LYS F 95 6.39 -54.98 -11.39
CA LYS F 95 6.16 -55.83 -10.24
C LYS F 95 7.39 -55.74 -9.34
N THR F 96 7.17 -55.52 -8.05
CA THR F 96 8.23 -55.25 -7.10
C THR F 96 8.11 -56.21 -5.93
N THR F 97 9.25 -56.65 -5.41
CA THR F 97 9.31 -57.44 -4.20
C THR F 97 10.23 -56.76 -3.19
N MET F 98 10.06 -57.12 -1.93
CA MET F 98 10.86 -56.56 -0.85
C MET F 98 10.66 -57.43 0.38
N SER F 99 11.30 -57.04 1.49
CA SER F 99 11.32 -57.86 2.70
C SER F 99 11.26 -56.95 3.92
N ILE F 100 10.33 -57.23 4.82
CA ILE F 100 10.16 -56.48 6.05
C ILE F 100 10.26 -57.46 7.22
N ASN F 101 11.34 -57.35 7.99
CA ASN F 101 11.61 -58.26 9.11
C ASN F 101 11.54 -59.71 8.66
N ASN F 102 12.14 -59.99 7.50
CA ASN F 102 12.14 -61.31 6.88
C ASN F 102 10.71 -61.81 6.66
N GLU F 103 9.93 -60.99 5.96
CA GLU F 103 8.54 -61.30 5.60
C GLU F 103 8.32 -60.79 4.19
N ASP F 104 8.26 -61.70 3.22
CA ASP F 104 8.30 -61.32 1.81
C ASP F 104 6.93 -60.84 1.33
N TYR F 105 6.93 -59.71 0.61
CA TYR F 105 5.75 -59.15 -0.01
C TYR F 105 5.95 -59.05 -1.51
N TYR F 106 4.85 -59.03 -2.26
CA TYR F 106 4.90 -58.99 -3.72
C TYR F 106 3.86 -58.01 -4.22
N LEU F 107 4.32 -56.94 -4.87
CA LEU F 107 3.48 -55.82 -5.25
C LEU F 107 3.45 -55.65 -6.76
N PHE F 108 2.26 -55.39 -7.29
CA PHE F 108 2.03 -55.28 -8.72
C PHE F 108 1.49 -53.90 -9.02
N LYS F 109 2.29 -53.07 -9.69
CA LYS F 109 1.84 -51.76 -10.12
C LYS F 109 1.04 -51.93 -11.40
N PHE F 110 -0.28 -51.93 -11.28
CA PHE F 110 -1.18 -52.17 -12.40
C PHE F 110 -1.70 -50.84 -12.96
N LEU F 111 -2.64 -50.93 -13.91
CA LEU F 111 -3.13 -49.76 -14.64
C LEU F 111 -4.65 -49.91 -14.82
N VAL F 112 -5.40 -49.38 -13.87
CA VAL F 112 -6.85 -49.53 -13.82
C VAL F 112 -7.49 -48.18 -14.12
N ASN F 113 -8.30 -48.14 -15.19
CA ASN F 113 -9.00 -46.93 -15.62
C ASN F 113 -8.05 -45.73 -15.68
N ASN F 114 -6.86 -45.97 -16.23
CA ASN F 114 -5.86 -44.92 -16.47
C ASN F 114 -5.37 -44.33 -15.14
N LYS F 115 -5.10 -45.20 -14.17
CA LYS F 115 -4.50 -44.81 -12.90
C LYS F 115 -3.48 -45.86 -12.50
N SER F 116 -2.60 -45.49 -11.57
CA SER F 116 -1.55 -46.38 -11.07
C SER F 116 -1.92 -46.83 -9.66
N ILE F 117 -2.45 -48.04 -9.55
CA ILE F 117 -2.81 -48.64 -8.28
C ILE F 117 -1.87 -49.82 -8.01
N ASP F 118 -1.49 -49.99 -6.76
CA ASP F 118 -0.61 -51.07 -6.33
C ASP F 118 -1.43 -52.15 -5.64
N TYR F 119 -1.28 -53.40 -6.07
CA TYR F 119 -2.04 -54.51 -5.53
C TYR F 119 -1.10 -55.55 -4.94
N TYR F 120 -1.40 -55.96 -3.71
CA TYR F 120 -0.67 -57.05 -3.08
C TYR F 120 -0.97 -58.36 -3.78
N GLY F 121 0.06 -59.18 -3.95
CA GLY F 121 -0.10 -60.52 -4.47
C GLY F 121 0.71 -61.51 -3.65
N THR F 122 0.63 -62.76 -4.07
CA THR F 122 1.46 -63.80 -3.49
C THR F 122 2.64 -64.09 -4.41
N GLN F 123 3.52 -64.98 -3.96
CA GLN F 123 4.69 -65.33 -4.75
C GLN F 123 4.29 -65.92 -6.10
N THR F 124 3.12 -66.54 -6.18
CA THR F 124 2.72 -67.25 -7.40
C THR F 124 2.39 -66.28 -8.53
N GLN F 125 1.59 -65.25 -8.24
CA GLN F 125 1.21 -64.30 -9.29
C GLN F 125 2.42 -63.59 -9.88
N PHE F 126 3.40 -63.25 -9.02
CA PHE F 126 4.60 -62.55 -9.45
C PHE F 126 5.28 -63.23 -10.63
N PHE F 127 4.99 -64.50 -10.84
CA PHE F 127 5.69 -65.32 -11.82
C PHE F 127 4.89 -65.51 -13.11
N SER F 128 3.57 -65.65 -13.00
CA SER F 128 2.73 -65.95 -14.15
C SER F 128 2.25 -64.70 -14.88
N LEU F 129 2.41 -63.52 -14.29
CA LEU F 129 2.01 -62.28 -14.94
C LEU F 129 3.18 -61.67 -15.69
N ILE F 130 2.97 -61.33 -16.96
CA ILE F 130 3.97 -60.67 -17.79
C ILE F 130 3.62 -59.19 -17.88
N ASN F 131 4.64 -58.34 -17.78
CA ASN F 131 4.42 -56.91 -17.85
C ASN F 131 3.88 -56.50 -19.21
N ASN F 132 3.30 -55.30 -19.25
CA ASN F 132 2.69 -54.74 -20.47
C ASN F 132 1.65 -55.69 -21.06
N LYS F 133 0.91 -56.39 -20.21
CA LYS F 133 -0.11 -57.26 -20.75
C LYS F 133 -1.35 -57.22 -19.85
N THR F 134 -2.52 -57.22 -20.48
CA THR F 134 -3.77 -56.95 -19.78
C THR F 134 -4.23 -58.18 -18.98
N TYR F 135 -4.69 -57.94 -17.75
CA TYR F 135 -5.14 -59.02 -16.88
C TYR F 135 -6.43 -58.61 -16.19
N GLU F 136 -7.50 -59.35 -16.44
CA GLU F 136 -8.74 -59.19 -15.70
C GLU F 136 -8.58 -59.79 -14.31
N LEU F 137 -8.58 -58.94 -13.29
CA LEU F 137 -8.26 -59.36 -11.93
C LEU F 137 -9.52 -59.51 -11.08
N VAL F 138 -9.35 -60.18 -9.95
CA VAL F 138 -10.39 -60.33 -8.92
C VAL F 138 -9.71 -60.13 -7.57
N LEU F 139 -10.04 -59.05 -6.88
CA LEU F 139 -9.35 -58.64 -5.67
C LEU F 139 -10.18 -58.98 -4.44
N GLN F 140 -9.49 -59.17 -3.31
CA GLN F 140 -10.13 -59.46 -2.04
C GLN F 140 -9.51 -58.62 -0.94
N TYR F 141 -10.35 -58.01 -0.12
CA TYR F 141 -9.89 -57.25 1.05
C TYR F 141 -9.74 -58.22 2.21
N SER F 142 -8.50 -58.62 2.48
CA SER F 142 -8.21 -59.53 3.58
C SER F 142 -6.95 -59.06 4.28
N ARG F 143 -7.01 -58.98 5.61
CA ARG F 143 -5.88 -58.54 6.43
C ARG F 143 -5.51 -57.09 6.14
N LYS F 144 -6.52 -56.23 5.96
CA LYS F 144 -6.33 -54.80 5.75
C LYS F 144 -5.47 -54.51 4.52
N LYS F 145 -5.50 -55.41 3.54
CA LYS F 145 -4.76 -55.27 2.30
C LYS F 145 -5.61 -55.80 1.15
N LEU F 146 -5.25 -55.39 -0.06
CA LEU F 146 -5.94 -55.82 -1.27
C LEU F 146 -5.07 -56.84 -2.00
N LEU F 147 -5.45 -58.11 -1.92
CA LEU F 147 -4.70 -59.18 -2.55
C LEU F 147 -5.34 -59.58 -3.86
N ILE F 148 -4.50 -59.94 -4.84
CA ILE F 148 -4.98 -60.45 -6.11
C ILE F 148 -5.44 -61.89 -5.93
N LYS F 149 -6.73 -62.08 -5.68
CA LYS F 149 -7.24 -63.42 -5.41
C LYS F 149 -7.12 -64.32 -6.63
N SER F 150 -7.64 -63.89 -7.76
CA SER F 150 -7.59 -64.67 -8.99
C SER F 150 -7.40 -63.74 -10.17
N TYR F 151 -6.81 -64.27 -11.24
CA TYR F 151 -6.48 -63.47 -12.42
C TYR F 151 -6.80 -64.26 -13.69
N GLU F 152 -7.27 -63.54 -14.71
CA GLU F 152 -7.44 -64.07 -16.05
C GLU F 152 -6.99 -63.01 -17.04
N GLN F 153 -6.43 -63.46 -18.16
CA GLN F 153 -5.83 -62.56 -19.13
C GLN F 153 -6.84 -62.19 -20.21
N CYS F 154 -7.11 -60.90 -20.34
CA CYS F 154 -7.69 -60.33 -21.54
C CYS F 154 -6.55 -59.81 -22.41
N GLU F 155 -6.74 -59.84 -23.73
CA GLU F 155 -5.70 -59.39 -24.65
C GLU F 155 -6.03 -58.05 -25.26
N ASP F 156 -5.20 -57.05 -24.92
CA ASP F 156 -4.98 -55.83 -25.70
C ASP F 156 -6.30 -55.15 -26.08
N GLU F 157 -6.97 -54.59 -25.07
CA GLU F 157 -8.25 -53.95 -25.34
C GLU F 157 -8.02 -52.67 -26.14
N ASP F 158 -8.83 -52.48 -27.18
CA ASP F 158 -8.75 -51.33 -28.05
C ASP F 158 -10.00 -50.48 -27.88
N LEU F 159 -9.81 -49.18 -27.66
CA LEU F 159 -10.92 -48.26 -27.41
C LEU F 159 -11.06 -47.21 -28.51
N LEU F 160 -10.50 -47.46 -29.70
CA LEU F 160 -10.69 -46.52 -30.79
C LEU F 160 -12.12 -46.63 -31.32
N MET F 161 -12.67 -45.50 -31.75
CA MET F 161 -14.06 -45.29 -32.13
C MET F 161 -15.02 -45.40 -30.95
N THR F 162 -14.52 -45.67 -29.74
CA THR F 162 -15.34 -45.78 -28.54
C THR F 162 -15.26 -44.45 -27.80
N VAL F 163 -16.38 -43.72 -27.78
CA VAL F 163 -16.38 -42.37 -27.24
C VAL F 163 -16.22 -42.43 -25.71
N CYS F 164 -15.38 -41.54 -25.19
CA CYS F 164 -15.24 -41.34 -23.76
C CYS F 164 -15.91 -40.04 -23.36
N LYS F 165 -16.60 -40.06 -22.21
CA LYS F 165 -17.10 -38.81 -21.65
C LYS F 165 -15.96 -37.85 -21.38
N SER F 166 -14.82 -38.36 -20.92
CA SER F 166 -13.73 -37.51 -20.49
C SER F 166 -12.40 -38.17 -20.82
N VAL F 167 -11.35 -37.35 -20.81
CA VAL F 167 -9.97 -37.79 -20.96
C VAL F 167 -9.14 -37.10 -19.90
N THR F 168 -8.04 -37.73 -19.51
CA THR F 168 -7.20 -37.21 -18.43
C THR F 168 -6.03 -36.41 -18.99
N PHE F 169 -5.35 -35.68 -18.10
CA PHE F 169 -4.11 -35.02 -18.47
C PHE F 169 -3.11 -36.02 -19.02
N GLN F 170 -3.07 -37.22 -18.43
CA GLN F 170 -2.08 -38.21 -18.80
C GLN F 170 -2.20 -38.64 -20.26
N GLU F 171 -3.42 -38.67 -20.79
CA GLU F 171 -3.60 -39.04 -22.19
C GLU F 171 -3.03 -37.97 -23.12
N PHE F 172 -3.01 -36.71 -22.68
CA PHE F 172 -2.32 -35.68 -23.44
C PHE F 172 -0.80 -35.86 -23.38
N CYS F 173 -0.29 -36.37 -22.26
CA CYS F 173 1.15 -36.57 -22.13
C CYS F 173 1.64 -37.67 -23.05
N ALA F 174 0.94 -38.81 -23.06
CA ALA F 174 1.34 -39.94 -23.89
C ALA F 174 1.11 -39.64 -25.37
N ASN F 175 0.57 -38.46 -25.66
CA ASN F 175 0.21 -38.04 -27.02
C ASN F 175 -0.70 -39.08 -27.68
N GLU F 176 -1.79 -39.37 -26.99
CA GLU F 176 -2.70 -40.44 -27.41
C GLU F 176 -3.60 -40.01 -28.56
N ILE F 177 -3.80 -40.91 -29.50
CA ILE F 177 -4.96 -40.88 -30.37
C ILE F 177 -6.14 -41.40 -29.58
N LYS F 178 -7.17 -40.57 -29.40
CA LYS F 178 -8.29 -40.92 -28.55
C LYS F 178 -9.58 -40.45 -29.21
N SER F 179 -10.64 -41.26 -29.07
CA SER F 179 -11.96 -40.91 -29.58
C SER F 179 -12.85 -40.60 -28.37
N LEU F 180 -13.08 -39.31 -28.13
CA LEU F 180 -13.84 -38.88 -26.97
C LEU F 180 -15.05 -38.07 -27.42
N LEU F 181 -15.89 -37.73 -26.44
CA LEU F 181 -17.08 -36.92 -26.66
C LEU F 181 -16.76 -35.46 -26.34
N ALA F 182 -17.19 -34.57 -27.22
CA ALA F 182 -16.93 -33.14 -27.07
C ALA F 182 -18.13 -32.35 -27.57
N LYS F 183 -18.14 -31.07 -27.24
CA LYS F 183 -19.16 -30.15 -27.73
C LYS F 183 -18.47 -29.03 -28.50
N PHE F 184 -19.06 -28.67 -29.65
CA PHE F 184 -18.54 -27.62 -30.50
C PHE F 184 -19.05 -26.26 -30.04
N LEU F 185 -18.15 -25.29 -29.90
CA LEU F 185 -18.57 -23.93 -29.58
C LEU F 185 -18.45 -23.02 -30.79
N TYR F 186 -17.23 -22.76 -31.26
CA TYR F 186 -16.98 -21.73 -32.25
C TYR F 186 -16.16 -22.29 -33.40
N GLY F 187 -16.26 -21.61 -34.55
CA GLY F 187 -15.46 -21.94 -35.72
C GLY F 187 -15.16 -20.73 -36.58
N PHE F 188 -13.91 -20.57 -37.01
CA PHE F 188 -13.51 -19.42 -37.79
C PHE F 188 -12.16 -19.69 -38.44
N LYS F 189 -11.78 -18.84 -39.38
CA LYS F 189 -10.46 -18.87 -40.00
C LYS F 189 -9.61 -17.76 -39.40
N ILE F 190 -8.36 -18.10 -39.04
CA ILE F 190 -7.50 -17.17 -38.33
C ILE F 190 -7.21 -15.96 -39.23
N TYR F 191 -7.04 -14.80 -38.60
CA TYR F 191 -6.70 -13.59 -39.34
C TYR F 191 -5.37 -13.75 -40.07
N GLY F 192 -5.30 -13.19 -41.27
CA GLY F 192 -4.10 -13.23 -42.07
C GLY F 192 -3.94 -14.52 -42.87
N SER F 193 -4.42 -15.62 -42.31
CA SER F 193 -4.23 -16.91 -42.94
C SER F 193 -5.15 -17.08 -44.16
N SER F 194 -4.79 -18.04 -45.01
CA SER F 194 -5.56 -18.36 -46.20
C SER F 194 -6.14 -19.76 -46.15
N ASN F 195 -5.36 -20.74 -45.73
CA ASN F 195 -5.73 -22.15 -45.84
C ASN F 195 -5.64 -22.86 -44.49
N VAL F 196 -5.93 -22.16 -43.40
CA VAL F 196 -5.85 -22.71 -42.05
C VAL F 196 -7.13 -22.38 -41.30
N TYR F 197 -7.69 -23.37 -40.61
CA TYR F 197 -8.92 -23.19 -39.86
C TYR F 197 -8.76 -23.74 -38.46
N LYS F 198 -9.53 -23.19 -37.52
CA LYS F 198 -9.42 -23.57 -36.11
C LYS F 198 -10.82 -23.75 -35.53
N LEU F 199 -11.01 -24.86 -34.81
CA LEU F 199 -12.27 -25.17 -34.16
C LEU F 199 -12.09 -25.16 -32.64
N VAL F 200 -13.16 -24.76 -31.95
CA VAL F 200 -13.17 -24.67 -30.49
C VAL F 200 -14.08 -25.77 -29.96
N PHE F 201 -13.62 -26.48 -28.94
CA PHE F 201 -14.37 -27.58 -28.34
C PHE F 201 -14.32 -27.48 -26.82
N VAL F 202 -15.33 -28.07 -26.19
CA VAL F 202 -15.35 -28.26 -24.74
C VAL F 202 -15.30 -29.76 -24.50
N ILE F 203 -14.21 -30.23 -23.90
CA ILE F 203 -14.06 -31.63 -23.54
C ILE F 203 -14.05 -31.74 -22.03
N LEU F 204 -14.70 -32.78 -21.50
CA LEU F 204 -14.52 -33.10 -20.09
C LEU F 204 -13.11 -33.62 -19.88
N LEU F 205 -12.41 -33.05 -18.90
CA LEU F 205 -11.01 -33.38 -18.69
C LEU F 205 -10.78 -33.60 -17.20
N GLU F 206 -10.42 -34.83 -16.84
CA GLU F 206 -10.22 -35.21 -15.45
C GLU F 206 -8.80 -34.86 -15.02
N ASP F 207 -8.68 -34.15 -13.91
CA ASP F 207 -7.36 -33.88 -13.35
C ASP F 207 -6.82 -35.13 -12.66
N ASN F 208 -5.58 -35.05 -12.23
CA ASN F 208 -4.97 -36.18 -11.53
C ASN F 208 -5.29 -36.27 -10.04
N ASN F 209 -6.12 -35.38 -9.49
CA ASN F 209 -6.75 -35.66 -8.20
C ASN F 209 -8.11 -36.32 -8.31
N GLY F 210 -8.57 -36.63 -9.53
CA GLY F 210 -9.81 -37.37 -9.74
C GLY F 210 -11.01 -36.53 -10.15
N THR F 211 -10.97 -35.21 -9.94
CA THR F 211 -12.12 -34.38 -10.28
C THR F 211 -12.14 -34.02 -11.77
N ILE F 212 -13.33 -34.05 -12.37
CA ILE F 212 -13.51 -33.73 -13.79
C ILE F 212 -14.11 -32.34 -13.91
N ASN F 213 -13.58 -31.56 -14.84
CA ASN F 213 -14.17 -30.27 -15.23
C ASN F 213 -14.21 -30.15 -16.74
N GLY F 214 -15.14 -29.33 -17.22
CA GLY F 214 -15.18 -29.00 -18.64
C GLY F 214 -14.14 -27.95 -18.94
N VAL F 215 -13.32 -28.23 -19.96
CA VAL F 215 -12.26 -27.32 -20.38
C VAL F 215 -12.49 -26.97 -21.84
N GLN F 216 -12.22 -25.71 -22.19
CA GLN F 216 -12.33 -25.25 -23.56
C GLN F 216 -11.03 -25.57 -24.30
N VAL F 217 -11.12 -26.45 -25.30
CA VAL F 217 -9.93 -26.95 -25.99
C VAL F 217 -9.96 -26.49 -27.44
N GLU F 218 -8.77 -26.21 -27.98
CA GLU F 218 -8.61 -25.74 -29.34
C GLU F 218 -8.13 -26.86 -30.25
N MET F 219 -8.19 -26.60 -31.55
CA MET F 219 -7.86 -27.58 -32.56
C MET F 219 -7.59 -26.87 -33.87
N MET F 220 -6.48 -27.20 -34.52
CA MET F 220 -6.13 -26.61 -35.79
C MET F 220 -5.96 -27.69 -36.86
N SER F 221 -6.52 -27.41 -38.03
CA SER F 221 -6.31 -28.24 -39.21
C SER F 221 -6.64 -27.38 -40.42
N ASP F 222 -6.15 -27.81 -41.58
CA ASP F 222 -6.28 -27.08 -42.82
C ASP F 222 -7.66 -27.36 -43.44
N PHE F 223 -7.88 -26.89 -44.67
CA PHE F 223 -9.18 -27.10 -45.30
C PHE F 223 -9.33 -28.52 -45.81
N LYS F 224 -8.23 -29.14 -46.27
CA LYS F 224 -8.33 -30.45 -46.90
C LYS F 224 -8.73 -31.52 -45.89
N ARG F 225 -8.04 -31.59 -44.75
CA ARG F 225 -8.49 -32.47 -43.68
C ARG F 225 -9.93 -32.17 -43.30
N LEU F 226 -10.24 -30.89 -43.09
CA LEU F 226 -11.56 -30.49 -42.62
C LEU F 226 -12.66 -30.76 -43.64
N SER F 227 -12.31 -31.09 -44.88
CA SER F 227 -13.32 -31.29 -45.91
C SER F 227 -14.06 -32.60 -45.72
N GLY F 228 -13.32 -33.71 -45.64
CA GLY F 228 -13.93 -35.02 -45.56
C GLY F 228 -14.01 -35.58 -44.15
N ALA F 229 -13.27 -34.98 -43.22
CA ALA F 229 -13.31 -35.45 -41.84
C ALA F 229 -14.73 -35.36 -41.27
N PHE F 230 -15.46 -34.31 -41.63
CA PHE F 230 -16.85 -34.21 -41.23
C PHE F 230 -17.66 -35.36 -41.81
N LYS F 231 -18.08 -36.27 -40.95
CA LYS F 231 -18.82 -37.45 -41.39
C LYS F 231 -20.25 -37.05 -41.75
N ASN F 232 -20.74 -37.60 -42.87
CA ASN F 232 -22.09 -37.42 -43.37
C ASN F 232 -22.39 -35.98 -43.79
N HIS F 233 -21.36 -35.19 -44.06
CA HIS F 233 -21.51 -33.90 -44.73
C HIS F 233 -20.27 -33.68 -45.59
N VAL F 234 -20.48 -33.62 -46.90
CA VAL F 234 -19.38 -33.32 -47.82
C VAL F 234 -19.18 -31.82 -47.87
N ILE F 235 -17.91 -31.41 -47.92
CA ILE F 235 -17.54 -30.00 -47.97
C ILE F 235 -16.61 -29.79 -49.16
N GLU F 236 -17.06 -29.00 -50.13
CA GLU F 236 -16.31 -28.79 -51.36
C GLU F 236 -15.52 -27.49 -51.37
N ASN F 237 -15.99 -26.46 -50.66
CA ASN F 237 -15.39 -25.15 -50.76
C ASN F 237 -15.40 -24.47 -49.40
N GLU F 238 -14.72 -23.32 -49.34
CA GLU F 238 -14.64 -22.55 -48.09
C GLU F 238 -16.02 -22.15 -47.60
N ASN F 239 -16.85 -21.60 -48.50
CA ASN F 239 -18.15 -21.08 -48.10
C ASN F 239 -19.07 -22.17 -47.59
N ASP F 240 -18.86 -23.42 -48.05
CA ASP F 240 -19.62 -24.54 -47.53
C ASP F 240 -19.11 -24.97 -46.16
N LEU F 241 -17.79 -24.94 -45.96
CA LEU F 241 -17.23 -25.27 -44.65
C LEU F 241 -17.80 -24.36 -43.56
N PHE F 242 -17.95 -23.07 -43.86
CA PHE F 242 -18.51 -22.15 -42.88
C PHE F 242 -19.99 -22.41 -42.63
N ASP F 243 -20.71 -22.84 -43.67
CA ASP F 243 -22.10 -23.26 -43.47
C ASP F 243 -22.18 -24.52 -42.64
N CYS F 244 -21.20 -25.40 -42.76
CA CYS F 244 -21.18 -26.66 -42.02
C CYS F 244 -20.83 -26.47 -40.54
N MET F 245 -20.45 -25.27 -40.13
CA MET F 245 -20.06 -25.00 -38.75
C MET F 245 -21.06 -24.18 -37.96
N TYR F 246 -21.79 -23.27 -38.63
CA TYR F 246 -22.63 -22.34 -37.89
C TYR F 246 -23.90 -23.01 -37.36
N LYS F 247 -24.42 -24.01 -38.06
CA LYS F 247 -25.49 -24.82 -37.50
C LYS F 247 -24.95 -25.79 -36.46
N SER F 248 -23.70 -26.24 -36.62
CA SER F 248 -23.07 -27.16 -35.68
C SER F 248 -22.72 -26.51 -34.35
N GLU F 249 -22.86 -25.18 -34.24
CA GLU F 249 -22.50 -24.49 -33.02
C GLU F 249 -23.40 -24.93 -31.87
N GLU F 250 -22.78 -25.19 -30.72
CA GLU F 250 -23.47 -25.69 -29.52
C GLU F 250 -24.14 -27.04 -29.77
N LYS F 251 -23.53 -27.88 -30.59
CA LYS F 251 -24.00 -29.24 -30.84
C LYS F 251 -22.89 -30.22 -30.49
N TYR F 252 -23.27 -31.36 -29.92
CA TYR F 252 -22.28 -32.33 -29.47
C TYR F 252 -21.66 -33.09 -30.64
N PHE F 253 -20.34 -33.20 -30.62
CA PHE F 253 -19.56 -33.99 -31.57
C PHE F 253 -18.91 -35.20 -30.92
N ASN F 254 -19.12 -36.36 -31.53
CA ASN F 254 -18.33 -37.55 -31.26
C ASN F 254 -17.07 -37.46 -32.12
N LEU F 255 -15.93 -37.27 -31.47
CA LEU F 255 -14.66 -37.10 -32.17
C LEU F 255 -13.96 -38.45 -32.26
N TYR F 256 -13.47 -38.77 -33.45
CA TYR F 256 -12.90 -40.10 -33.73
C TYR F 256 -11.44 -39.95 -34.12
N ARG F 257 -10.56 -40.58 -33.33
CA ARG F 257 -9.13 -40.65 -33.62
C ARG F 257 -8.51 -39.26 -33.71
N ILE F 258 -8.55 -38.55 -32.59
CA ILE F 258 -8.02 -37.19 -32.49
C ILE F 258 -6.74 -37.23 -31.67
N LYS F 259 -5.72 -36.48 -32.13
CA LYS F 259 -4.42 -36.48 -31.47
C LYS F 259 -4.39 -35.43 -30.37
N CYS F 260 -4.27 -35.89 -29.14
CA CYS F 260 -4.09 -35.03 -27.98
C CYS F 260 -2.60 -34.87 -27.76
N ASN F 261 -2.15 -33.67 -27.41
CA ASN F 261 -0.76 -33.35 -27.65
C ASN F 261 -0.20 -32.18 -26.85
N HIS F 262 0.99 -32.38 -26.26
CA HIS F 262 1.81 -31.32 -25.70
C HIS F 262 2.82 -30.75 -26.69
N ASN F 263 3.48 -29.69 -26.23
CA ASN F 263 4.37 -28.86 -27.00
C ASN F 263 5.45 -28.34 -26.07
N ALA F 264 6.42 -27.61 -26.62
CA ALA F 264 7.40 -26.92 -25.77
C ALA F 264 6.70 -25.97 -24.83
N ASN F 265 5.94 -25.02 -25.39
CA ASN F 265 4.87 -24.35 -24.65
C ASN F 265 3.73 -25.34 -24.55
N ASN F 266 3.54 -25.94 -23.37
CA ASN F 266 2.69 -27.13 -23.21
C ASN F 266 1.45 -27.10 -24.10
N TYR F 267 0.68 -26.00 -24.05
CA TYR F 267 -0.44 -25.73 -24.96
C TYR F 267 -1.17 -26.98 -25.43
N LYS F 268 -1.84 -27.67 -24.52
CA LYS F 268 -2.53 -28.91 -24.80
C LYS F 268 -3.67 -28.69 -25.79
N SER F 269 -3.69 -29.48 -26.86
CA SER F 269 -4.59 -29.20 -27.97
C SER F 269 -4.84 -30.46 -28.79
N LEU F 270 -5.64 -30.32 -29.84
CA LEU F 270 -6.03 -31.43 -30.70
C LEU F 270 -5.63 -31.15 -32.14
N SER F 271 -5.34 -32.22 -32.88
CA SER F 271 -5.01 -32.12 -34.29
C SER F 271 -5.68 -33.25 -35.06
N LEU F 272 -6.04 -32.98 -36.30
CA LEU F 272 -6.71 -33.97 -37.15
C LEU F 272 -5.67 -34.80 -37.87
N SER F 273 -5.63 -36.09 -37.55
CA SER F 273 -4.92 -37.04 -38.37
C SER F 273 -5.67 -37.23 -39.70
N SER F 274 -5.14 -38.09 -40.55
CA SER F 274 -5.82 -38.37 -41.81
C SER F 274 -6.98 -39.34 -41.64
N ASN F 275 -6.98 -40.15 -40.59
CA ASN F 275 -8.02 -41.15 -40.35
C ASN F 275 -8.96 -40.71 -39.23
N SER F 276 -9.46 -39.47 -39.31
CA SER F 276 -10.32 -38.91 -38.27
C SER F 276 -11.65 -38.51 -38.88
N GLN F 277 -12.70 -38.59 -38.06
CA GLN F 277 -14.07 -38.35 -38.52
C GLN F 277 -14.83 -37.59 -37.44
N LEU F 278 -15.32 -36.41 -37.78
CA LEU F 278 -16.08 -35.57 -36.86
C LEU F 278 -17.56 -35.69 -37.21
N GLU F 279 -18.32 -36.33 -36.33
CA GLU F 279 -19.69 -36.72 -36.60
C GLU F 279 -20.60 -36.11 -35.54
N ARG F 280 -21.76 -35.60 -35.98
CA ARG F 280 -22.62 -34.78 -35.14
C ARG F 280 -23.56 -35.66 -34.34
N LEU F 281 -23.65 -35.41 -33.04
CA LEU F 281 -24.57 -36.19 -32.21
C LEU F 281 -26.02 -35.92 -32.59
N GLU F 282 -26.36 -34.65 -32.87
CA GLU F 282 -27.73 -34.24 -33.26
C GLU F 282 -28.81 -34.64 -32.27
N THR F 283 -28.49 -34.94 -31.01
CA THR F 283 -29.53 -35.16 -30.00
C THR F 283 -29.16 -34.41 -28.73
N ASP F 284 -29.64 -33.17 -28.66
CA ASP F 284 -29.74 -32.39 -27.43
C ASP F 284 -30.29 -33.18 -26.24
N ASP F 285 -31.39 -33.90 -26.43
CA ASP F 285 -32.09 -34.56 -25.33
C ASP F 285 -31.20 -35.52 -24.54
N SER F 286 -31.26 -35.40 -23.21
CA SER F 286 -30.65 -36.33 -22.23
C SER F 286 -29.17 -36.48 -22.55
N MET F 287 -28.65 -37.70 -22.72
CA MET F 287 -27.24 -37.93 -23.08
C MET F 287 -26.37 -37.33 -21.99
N PHE F 288 -25.35 -36.53 -22.30
CA PHE F 288 -24.40 -36.06 -21.30
C PHE F 288 -24.22 -34.55 -21.32
N GLU F 289 -25.27 -33.74 -21.50
CA GLU F 289 -24.99 -32.37 -21.09
C GLU F 289 -25.19 -32.23 -19.60
N TYR F 290 -25.70 -33.27 -18.96
CA TYR F 290 -26.10 -33.21 -17.54
C TYR F 290 -25.15 -32.57 -16.53
N GLU F 291 -25.72 -32.03 -15.46
CA GLU F 291 -24.94 -31.33 -14.45
C GLU F 291 -24.14 -30.23 -15.12
N PHE F 292 -24.51 -29.89 -16.36
CA PHE F 292 -23.77 -28.87 -17.13
C PHE F 292 -22.27 -29.01 -16.87
N GLN F 293 -21.79 -30.24 -17.04
CA GLN F 293 -20.37 -30.55 -16.89
C GLN F 293 -19.54 -29.76 -17.90
N TYR F 294 -20.14 -29.42 -19.04
CA TYR F 294 -19.47 -28.72 -20.13
C TYR F 294 -19.52 -27.21 -19.95
N ASP F 295 -19.07 -26.74 -18.78
CA ASP F 295 -18.92 -25.32 -18.52
C ASP F 295 -17.50 -24.90 -18.87
N TYR F 296 -17.37 -23.88 -19.73
CA TYR F 296 -16.07 -23.41 -20.15
C TYR F 296 -15.66 -22.22 -19.30
N THR F 297 -14.70 -22.44 -18.41
CA THR F 297 -14.08 -21.39 -17.63
C THR F 297 -12.59 -21.25 -17.88
N VAL F 298 -11.96 -22.26 -18.46
CA VAL F 298 -10.53 -22.26 -18.74
C VAL F 298 -10.29 -22.86 -20.12
N ASN F 299 -9.29 -22.33 -20.82
CA ASN F 299 -8.85 -22.86 -22.09
C ASN F 299 -7.49 -23.53 -21.89
N ILE F 300 -7.38 -24.80 -22.28
CA ILE F 300 -6.13 -25.53 -22.08
C ILE F 300 -5.17 -25.37 -23.25
N SER F 301 -5.60 -24.71 -24.33
CA SER F 301 -4.71 -24.36 -25.43
C SER F 301 -4.28 -22.91 -25.40
N ARG F 302 -4.73 -22.16 -24.40
CA ARG F 302 -4.38 -20.76 -24.22
C ARG F 302 -3.86 -20.56 -22.80
N SER F 303 -3.04 -19.53 -22.61
CA SER F 303 -2.51 -19.20 -21.29
C SER F 303 -3.44 -18.21 -20.60
N ASN F 304 -4.19 -18.69 -19.60
CA ASN F 304 -5.06 -17.87 -18.76
C ASN F 304 -6.06 -17.04 -19.56
N LYS F 305 -6.40 -17.48 -20.77
CA LYS F 305 -7.34 -16.73 -21.60
C LYS F 305 -8.31 -17.70 -22.27
N ILE F 306 -9.54 -17.24 -22.46
CA ILE F 306 -10.60 -18.03 -23.05
C ILE F 306 -11.12 -17.30 -24.28
N ILE F 307 -11.69 -18.07 -25.20
CA ILE F 307 -12.23 -17.52 -26.44
C ILE F 307 -13.74 -17.36 -26.30
N GLN F 308 -14.27 -16.24 -26.78
CA GLN F 308 -15.68 -15.93 -26.66
C GLN F 308 -16.17 -15.30 -27.96
N LYS F 309 -17.33 -15.75 -28.43
CA LYS F 309 -17.96 -15.20 -29.63
C LYS F 309 -18.86 -14.03 -29.27
N HIS F 310 -18.77 -12.97 -30.08
CA HIS F 310 -19.59 -11.78 -29.87
C HIS F 310 -20.30 -11.42 -31.17
N ARG F 311 -21.60 -11.18 -31.08
CA ARG F 311 -22.39 -10.73 -32.21
C ARG F 311 -22.37 -9.20 -32.25
N VAL F 312 -21.85 -8.65 -33.35
CA VAL F 312 -21.72 -7.20 -33.48
C VAL F 312 -23.09 -6.59 -33.76
N THR F 313 -23.40 -5.49 -33.06
CA THR F 313 -24.67 -4.81 -33.23
C THR F 313 -24.51 -3.38 -33.76
N GLY F 314 -23.75 -2.54 -33.06
CA GLY F 314 -23.72 -1.13 -33.39
C GLY F 314 -22.45 -0.59 -34.01
N ASN F 315 -21.93 0.48 -33.44
CA ASN F 315 -20.83 1.23 -34.04
C ASN F 315 -19.58 0.39 -34.15
N PHE F 316 -19.12 0.16 -35.37
CA PHE F 316 -17.88 -0.58 -35.64
C PHE F 316 -16.81 0.40 -36.08
N THR F 317 -15.75 0.52 -35.29
CA THR F 317 -14.69 1.50 -35.51
C THR F 317 -13.38 0.78 -35.77
N SER F 318 -12.74 1.09 -36.89
CA SER F 318 -11.45 0.52 -37.23
C SER F 318 -10.51 1.62 -37.70
N GLU F 319 -9.23 1.45 -37.38
CA GLU F 319 -8.19 2.39 -37.78
C GLU F 319 -6.86 1.68 -37.61
N ARG F 320 -5.90 2.04 -38.46
CA ARG F 320 -4.59 1.40 -38.42
C ARG F 320 -3.64 2.17 -37.51
N ASN F 321 -2.97 1.43 -36.63
CA ASN F 321 -1.92 1.97 -35.78
C ASN F 321 -0.71 1.05 -35.86
N ILE F 322 0.45 1.64 -36.14
CA ILE F 322 1.73 0.95 -35.96
C ILE F 322 2.33 1.42 -34.65
N TYR F 323 2.46 0.51 -33.68
CA TYR F 323 3.09 0.84 -32.43
C TYR F 323 4.59 0.53 -32.49
N GLN F 324 5.28 0.90 -31.41
CA GLN F 324 6.71 0.62 -31.29
C GLN F 324 7.00 -0.87 -31.44
N ASN F 325 6.05 -1.73 -31.08
CA ASN F 325 6.31 -3.17 -31.03
C ASN F 325 5.73 -3.95 -32.21
N SER F 326 4.50 -3.69 -32.63
CA SER F 326 3.92 -4.50 -33.71
C SER F 326 2.82 -3.72 -34.43
N ASP F 327 2.60 -4.12 -35.69
CA ASP F 327 1.52 -3.55 -36.48
C ASP F 327 0.17 -4.09 -36.02
N ARG F 328 -0.84 -3.21 -36.01
CA ARG F 328 -2.14 -3.57 -35.47
C ARG F 328 -3.23 -2.72 -36.10
N PHE F 329 -4.47 -3.18 -35.96
CA PHE F 329 -5.67 -2.39 -36.16
C PHE F 329 -6.38 -2.23 -34.83
N VAL F 330 -6.73 -1.00 -34.49
CA VAL F 330 -7.50 -0.73 -33.27
C VAL F 330 -8.99 -0.78 -33.63
N ILE F 331 -9.70 -1.73 -33.05
CA ILE F 331 -11.09 -2.01 -33.41
C ILE F 331 -11.96 -1.89 -32.18
N SER F 332 -13.16 -1.35 -32.35
CA SER F 332 -14.08 -1.11 -31.25
C SER F 332 -15.51 -1.27 -31.76
N TYR F 333 -16.29 -2.14 -31.12
CA TYR F 333 -17.63 -2.47 -31.62
C TYR F 333 -18.62 -2.56 -30.46
N ASP F 334 -19.89 -2.36 -30.81
CA ASP F 334 -21.02 -2.58 -29.90
C ASP F 334 -21.51 -4.01 -30.02
N THR F 335 -21.88 -4.59 -28.87
CA THR F 335 -22.74 -5.75 -28.83
C THR F 335 -23.99 -5.39 -28.04
N ALA F 336 -24.98 -6.28 -28.05
CA ALA F 336 -26.13 -6.11 -27.19
C ALA F 336 -25.72 -6.07 -25.72
N ASN F 337 -24.52 -6.56 -25.41
CA ASN F 337 -24.03 -6.66 -24.04
C ASN F 337 -23.27 -5.40 -23.61
N GLU F 338 -22.14 -5.11 -24.23
CA GLU F 338 -21.36 -3.93 -23.86
C GLU F 338 -20.70 -3.34 -25.11
N LYS F 339 -19.61 -2.59 -24.87
CA LYS F 339 -18.75 -2.00 -25.89
C LYS F 339 -17.35 -2.56 -25.70
N ILE F 340 -16.76 -3.09 -26.77
CA ILE F 340 -15.45 -3.74 -26.69
C ILE F 340 -14.47 -2.98 -27.57
N LYS F 341 -13.45 -2.40 -26.95
CA LYS F 341 -12.29 -1.87 -27.67
C LYS F 341 -11.20 -2.93 -27.66
N THR F 342 -10.61 -3.18 -28.83
CA THR F 342 -9.62 -4.24 -28.95
C THR F 342 -8.64 -3.88 -30.05
N SER F 343 -7.79 -4.85 -30.41
CA SER F 343 -6.84 -4.70 -31.49
C SER F 343 -6.71 -6.03 -32.22
N ILE F 344 -5.93 -6.05 -33.29
CA ILE F 344 -5.70 -7.27 -34.05
C ILE F 344 -4.33 -7.17 -34.71
N TYR F 345 -3.53 -8.22 -34.57
CA TYR F 345 -2.15 -8.20 -35.06
C TYR F 345 -2.12 -8.58 -36.53
N ASN F 346 -1.53 -7.71 -37.35
CA ASN F 346 -1.50 -7.91 -38.79
C ASN F 346 -0.42 -8.92 -39.15
N ARG F 347 -0.83 -9.97 -39.86
CA ARG F 347 0.07 -10.99 -40.37
C ARG F 347 -0.37 -11.35 -41.78
N MET F 348 0.57 -11.88 -42.55
CA MET F 348 0.30 -12.24 -43.94
C MET F 348 1.08 -13.48 -44.31
N GLU F 349 0.39 -14.43 -44.93
CA GLU F 349 0.98 -15.67 -45.41
C GLU F 349 1.27 -15.57 -46.90
N ASN F 350 2.36 -16.21 -47.32
CA ASN F 350 2.68 -16.40 -48.74
C ASN F 350 2.90 -15.08 -49.47
N ALA F 351 3.69 -14.19 -48.86
CA ALA F 351 4.17 -12.99 -49.53
C ALA F 351 5.52 -13.30 -50.15
N GLU F 352 5.55 -13.50 -51.47
CA GLU F 352 6.68 -14.10 -52.17
C GLU F 352 7.20 -13.17 -53.25
N SER F 353 8.18 -12.33 -52.89
CA SER F 353 8.73 -11.31 -53.79
C SER F 353 7.65 -10.32 -54.21
N LYS F 354 6.75 -10.01 -53.28
CA LYS F 354 5.65 -9.08 -53.52
C LYS F 354 5.51 -8.15 -52.33
N THR F 355 5.36 -6.87 -52.61
CA THR F 355 5.02 -5.87 -51.60
C THR F 355 3.57 -5.95 -51.20
N ASP F 356 2.88 -7.01 -51.61
CA ASP F 356 1.44 -7.12 -51.44
C ASP F 356 1.01 -7.27 -49.99
N TYR F 357 1.95 -7.34 -49.04
CA TYR F 357 1.55 -7.40 -47.64
C TYR F 357 0.90 -6.09 -47.21
N ASP F 358 1.58 -4.97 -47.45
CA ASP F 358 0.94 -3.67 -47.24
C ASP F 358 -0.32 -3.53 -48.08
N THR F 359 -0.28 -4.03 -49.31
CA THR F 359 -1.35 -3.71 -50.24
C THR F 359 -2.62 -4.50 -49.91
N SER F 360 -2.47 -5.68 -49.31
CA SER F 360 -3.61 -6.46 -48.82
C SER F 360 -4.05 -6.07 -47.42
N ILE F 361 -3.16 -5.49 -46.61
CA ILE F 361 -3.58 -4.97 -45.31
C ILE F 361 -4.40 -3.69 -45.52
N THR F 362 -3.94 -2.80 -46.40
CA THR F 362 -4.77 -1.67 -46.80
C THR F 362 -6.05 -2.14 -47.49
N LEU F 363 -5.98 -3.26 -48.22
CA LEU F 363 -7.19 -3.87 -48.75
C LEU F 363 -8.09 -4.35 -47.62
N LYS F 364 -7.49 -4.80 -46.51
CA LYS F 364 -8.28 -5.10 -45.31
C LYS F 364 -8.65 -3.83 -44.55
N ASP F 365 -7.86 -2.77 -44.71
CA ASP F 365 -8.25 -1.48 -44.14
C ASP F 365 -9.55 -0.98 -44.73
N VAL F 366 -9.71 -1.10 -46.05
CA VAL F 366 -10.96 -0.70 -46.69
C VAL F 366 -12.09 -1.61 -46.26
N THR F 367 -11.82 -2.92 -46.15
CA THR F 367 -12.85 -3.86 -45.71
C THR F 367 -13.43 -3.47 -44.37
N LEU F 368 -12.59 -2.93 -43.48
CA LEU F 368 -13.00 -2.65 -42.10
C LEU F 368 -13.83 -1.38 -41.99
N SER F 369 -13.41 -0.31 -42.67
CA SER F 369 -14.19 0.93 -42.64
C SER F 369 -15.51 0.79 -43.37
N GLN F 370 -15.66 -0.22 -44.22
CA GLN F 370 -16.94 -0.49 -44.86
C GLN F 370 -17.89 -1.24 -43.95
N LEU F 371 -17.36 -1.99 -42.98
CA LEU F 371 -18.19 -2.91 -42.21
C LEU F 371 -19.25 -2.19 -41.40
N ASN F 372 -18.93 -1.01 -40.86
CA ASN F 372 -19.91 -0.28 -40.07
C ASN F 372 -21.15 0.03 -40.90
N SER F 373 -20.96 0.52 -42.13
CA SER F 373 -22.09 0.82 -43.00
C SER F 373 -22.85 -0.45 -43.38
N LEU F 374 -22.12 -1.55 -43.60
CA LEU F 374 -22.78 -2.80 -43.97
C LEU F 374 -23.65 -3.35 -42.85
N ILE F 375 -23.25 -3.15 -41.60
CA ILE F 375 -24.00 -3.70 -40.47
C ILE F 375 -25.26 -2.87 -40.20
N GLU F 376 -25.17 -1.55 -40.32
CA GLU F 376 -26.34 -0.69 -40.13
C GLU F 376 -27.49 -1.13 -41.01
N SER F 377 -27.21 -1.46 -42.27
CA SER F 377 -28.22 -1.77 -43.26
C SER F 377 -28.64 -3.24 -43.26
N ASN F 378 -28.13 -4.05 -42.33
CA ASN F 378 -28.42 -5.48 -42.24
C ASN F 378 -28.05 -6.22 -43.52
N LEU F 379 -27.18 -5.62 -44.35
CA LEU F 379 -26.70 -6.30 -45.55
C LEU F 379 -25.82 -7.49 -45.19
N VAL F 380 -25.06 -7.39 -44.11
CA VAL F 380 -24.24 -8.47 -43.59
C VAL F 380 -24.35 -8.47 -42.07
N GLN F 381 -23.87 -9.55 -41.46
CA GLN F 381 -23.70 -9.62 -40.02
C GLN F 381 -22.32 -10.18 -39.71
N VAL F 382 -21.68 -9.64 -38.67
CA VAL F 382 -20.29 -9.92 -38.36
C VAL F 382 -20.21 -10.59 -37.00
N ASP F 383 -19.47 -11.69 -36.93
CA ASP F 383 -19.17 -12.38 -35.67
C ASP F 383 -17.72 -12.15 -35.33
N VAL F 384 -17.46 -11.74 -34.09
CA VAL F 384 -16.11 -11.48 -33.61
C VAL F 384 -15.76 -12.56 -32.59
N TYR F 385 -14.83 -13.43 -32.96
CA TYR F 385 -14.30 -14.42 -32.03
C TYR F 385 -13.12 -13.80 -31.32
N LEU F 386 -13.27 -13.58 -30.01
CA LEU F 386 -12.34 -12.79 -29.22
C LEU F 386 -11.61 -13.67 -28.23
N VAL F 387 -10.33 -13.37 -28.02
CA VAL F 387 -9.51 -14.03 -27.01
C VAL F 387 -9.42 -13.06 -25.83
N THR F 388 -10.17 -13.34 -24.77
CA THR F 388 -10.29 -12.43 -23.65
C THR F 388 -9.79 -13.08 -22.37
N ASP F 389 -9.32 -12.24 -21.45
CA ASP F 389 -8.99 -12.69 -20.11
C ASP F 389 -10.24 -12.68 -19.24
N PRO F 390 -10.51 -13.74 -18.50
CA PRO F 390 -11.78 -13.80 -17.74
C PRO F 390 -11.84 -12.82 -16.59
N ASN F 391 -10.71 -12.50 -15.96
CA ASN F 391 -10.69 -11.56 -14.84
C ASN F 391 -10.48 -10.12 -15.33
N ASN F 392 -9.41 -9.89 -16.07
CA ASN F 392 -9.10 -8.57 -16.60
C ASN F 392 -9.64 -8.47 -18.03
N VAL F 393 -10.97 -8.39 -18.12
CA VAL F 393 -11.68 -8.55 -19.38
C VAL F 393 -11.33 -7.49 -20.42
N LYS F 394 -10.60 -6.44 -20.03
CA LYS F 394 -10.17 -5.46 -21.02
C LYS F 394 -9.04 -5.98 -21.89
N ASN F 395 -8.34 -7.03 -21.46
CA ASN F 395 -7.37 -7.70 -22.32
C ASN F 395 -8.11 -8.39 -23.46
N ASN F 396 -7.87 -7.94 -24.68
CA ASN F 396 -8.63 -8.42 -25.83
C ASN F 396 -7.74 -8.43 -27.06
N VAL F 397 -7.63 -9.59 -27.71
CA VAL F 397 -7.06 -9.70 -29.05
C VAL F 397 -8.05 -10.46 -29.92
N ILE F 398 -8.21 -10.01 -31.15
CA ILE F 398 -9.09 -10.69 -32.10
C ILE F 398 -8.33 -11.84 -32.74
N ALA F 399 -8.97 -13.02 -32.77
CA ALA F 399 -8.40 -14.19 -33.42
C ALA F 399 -8.87 -14.34 -34.86
N GLY F 400 -10.14 -14.05 -35.13
CA GLY F 400 -10.67 -14.11 -36.48
C GLY F 400 -11.98 -13.35 -36.57
N ILE F 401 -12.37 -13.03 -37.80
CA ILE F 401 -13.62 -12.34 -38.08
C ILE F 401 -14.32 -13.08 -39.20
N THR F 402 -15.61 -13.36 -39.01
CA THR F 402 -16.45 -13.99 -40.02
C THR F 402 -17.65 -13.08 -40.28
N LYS F 403 -17.95 -12.85 -41.56
CA LYS F 403 -19.01 -11.94 -41.96
C LYS F 403 -20.08 -12.74 -42.70
N ILE F 404 -21.28 -12.75 -42.15
CA ILE F 404 -22.41 -13.49 -42.72
C ILE F 404 -23.21 -12.54 -43.60
N GLU F 405 -23.35 -12.86 -44.88
CA GLU F 405 -24.06 -12.03 -45.83
C GLU F 405 -25.51 -12.48 -46.01
N ILE F 406 -26.33 -11.58 -46.55
CA ILE F 406 -27.73 -11.91 -46.79
C ILE F 406 -27.85 -12.99 -47.86
N ASP F 407 -26.94 -13.02 -48.83
CA ASP F 407 -26.95 -14.09 -49.82
C ASP F 407 -26.60 -15.44 -49.21
N GLY F 408 -26.00 -15.44 -48.03
CA GLY F 408 -25.52 -16.65 -47.40
C GLY F 408 -24.03 -16.87 -47.54
N THR F 409 -23.38 -16.15 -48.44
CA THR F 409 -21.93 -16.24 -48.59
C THR F 409 -21.23 -15.68 -47.35
N TYR F 410 -20.21 -16.38 -46.90
CA TYR F 410 -19.46 -16.00 -45.70
C TYR F 410 -18.10 -15.46 -46.12
N GLU F 411 -17.69 -14.34 -45.54
CA GLU F 411 -16.34 -13.82 -45.77
C GLU F 411 -15.53 -13.86 -44.48
N PRO F 412 -14.50 -14.69 -44.41
CA PRO F 412 -13.51 -14.56 -43.34
C PRO F 412 -12.46 -13.53 -43.70
N LEU F 413 -11.72 -13.09 -42.69
CA LEU F 413 -10.64 -12.14 -42.91
C LEU F 413 -9.30 -12.74 -42.49
N LYS G 82 20.90 59.47 19.99
CA LYS G 82 20.31 60.05 18.79
C LYS G 82 19.38 59.05 18.11
N LEU G 83 18.09 59.41 18.02
CA LEU G 83 17.07 58.48 17.53
C LEU G 83 17.19 58.31 16.02
N ARG G 84 17.29 57.06 15.56
CA ARG G 84 17.44 56.77 14.15
C ARG G 84 16.12 56.93 13.40
N THR G 85 16.22 57.31 12.13
CA THR G 85 15.05 57.59 11.30
C THR G 85 15.25 57.00 9.92
N LEU G 86 14.13 56.75 9.22
CA LEU G 86 14.15 56.20 7.87
C LEU G 86 13.31 57.06 6.94
N ASN G 87 13.66 57.03 5.65
CA ASN G 87 13.00 57.80 4.61
C ASN G 87 12.43 56.85 3.56
N VAL G 88 11.13 56.99 3.27
CA VAL G 88 10.43 56.13 2.33
C VAL G 88 9.44 56.97 1.53
N LYS G 89 9.06 56.45 0.36
CA LYS G 89 8.18 57.17 -0.56
C LYS G 89 7.20 56.23 -1.22
N GLY G 90 5.92 56.59 -1.19
CA GLY G 90 4.88 55.78 -1.81
C GLY G 90 3.53 56.40 -1.51
N GLN G 91 2.55 56.06 -2.36
CA GLN G 91 1.25 56.68 -2.23
C GLN G 91 0.53 56.22 -0.96
N LEU G 92 -0.50 56.99 -0.60
CA LEU G 92 -1.36 56.69 0.53
C LEU G 92 -2.55 55.85 0.05
N LEU G 93 -2.99 54.93 0.89
CA LEU G 93 -4.13 54.09 0.56
C LEU G 93 -5.33 54.44 1.44
N THR G 94 -5.31 53.98 2.69
CA THR G 94 -6.41 54.19 3.61
C THR G 94 -5.93 54.95 4.84
N LYS G 95 -6.89 55.49 5.58
CA LYS G 95 -6.65 56.08 6.89
C LYS G 95 -7.68 55.51 7.86
N THR G 96 -7.21 54.83 8.90
CA THR G 96 -8.08 54.23 9.89
C THR G 96 -7.73 54.78 11.27
N THR G 97 -8.74 55.28 11.98
CA THR G 97 -8.60 55.68 13.37
C THR G 97 -9.45 54.78 14.25
N MET G 98 -8.97 54.56 15.48
CA MET G 98 -9.66 53.72 16.45
C MET G 98 -9.18 54.10 17.84
N SER G 99 -9.73 53.43 18.85
CA SER G 99 -9.50 53.82 20.23
C SER G 99 -9.32 52.58 21.11
N ILE G 100 -8.35 52.65 22.02
CA ILE G 100 -8.13 51.64 23.04
C ILE G 100 -7.81 52.37 24.34
N ASN G 101 -8.72 52.31 25.31
CA ASN G 101 -8.55 52.97 26.61
C ASN G 101 -8.38 54.48 26.45
N ASN G 102 -9.25 55.07 25.61
CA ASN G 102 -9.34 56.53 25.45
C ASN G 102 -8.02 57.13 24.98
N GLU G 103 -7.39 56.47 24.01
CA GLU G 103 -6.16 56.99 23.39
C GLU G 103 -6.28 56.71 21.88
N ASP G 104 -6.62 57.75 21.13
CA ASP G 104 -6.95 57.60 19.72
C ASP G 104 -5.70 57.24 18.91
N TYR G 105 -5.76 56.12 18.18
CA TYR G 105 -4.70 55.71 17.28
C TYR G 105 -5.08 56.05 15.85
N TYR G 106 -4.10 56.53 15.08
CA TYR G 106 -4.31 56.94 13.70
C TYR G 106 -3.31 56.21 12.82
N LEU G 107 -3.83 55.43 11.85
CA LEU G 107 -2.99 54.58 11.00
C LEU G 107 -3.07 55.03 9.56
N PHE G 108 -1.95 54.89 8.84
CA PHE G 108 -1.86 55.23 7.42
C PHE G 108 -1.24 54.07 6.68
N LYS G 109 -2.03 53.42 5.82
CA LYS G 109 -1.56 52.29 5.00
C LYS G 109 -0.93 52.86 3.74
N PHE G 110 0.40 52.83 3.67
CA PHE G 110 1.13 53.42 2.56
C PHE G 110 1.62 52.35 1.59
N LEU G 111 1.74 52.73 0.33
CA LEU G 111 2.14 51.82 -0.75
C LEU G 111 3.61 52.06 -1.09
N VAL G 112 4.47 51.51 -0.25
CA VAL G 112 5.92 51.61 -0.45
C VAL G 112 6.37 50.39 -1.24
N ASN G 113 6.80 50.62 -2.48
CA ASN G 113 7.34 49.58 -3.36
C ASN G 113 6.29 48.53 -3.74
N ASN G 114 5.01 48.92 -3.77
CA ASN G 114 3.90 47.99 -3.99
C ASN G 114 3.78 47.01 -2.81
N LYS G 115 4.04 47.51 -1.60
CA LYS G 115 3.91 46.73 -0.38
C LYS G 115 3.02 47.48 0.59
N SER G 116 1.95 46.82 1.05
CA SER G 116 1.02 47.44 1.99
C SER G 116 1.62 47.53 3.39
N ILE G 117 2.25 48.66 3.71
CA ILE G 117 2.90 48.88 4.99
C ILE G 117 2.11 49.93 5.76
N ASP G 118 1.71 49.60 6.97
CA ASP G 118 0.98 50.51 7.84
C ASP G 118 1.95 51.31 8.69
N TYR G 119 1.58 52.57 8.95
CA TYR G 119 2.39 53.48 9.76
C TYR G 119 1.52 54.20 10.78
N TYR G 120 2.19 54.73 11.80
CA TYR G 120 1.54 55.49 12.86
C TYR G 120 1.60 56.98 12.57
N GLY G 121 0.66 57.71 13.13
CA GLY G 121 0.64 59.16 12.98
C GLY G 121 -0.34 59.78 13.96
N THR G 122 -0.24 61.09 14.11
CA THR G 122 -1.09 61.82 15.02
C THR G 122 -2.34 62.33 14.31
N GLN G 123 -3.25 62.91 15.10
CA GLN G 123 -4.47 63.49 14.53
C GLN G 123 -4.17 64.62 13.56
N THR G 124 -3.00 65.24 13.66
CA THR G 124 -2.62 66.29 12.72
C THR G 124 -2.39 65.71 11.32
N GLN G 125 -1.54 64.68 11.22
CA GLN G 125 -1.30 64.05 9.93
C GLN G 125 -2.52 63.33 9.39
N PHE G 126 -3.50 63.02 10.26
CA PHE G 126 -4.70 62.35 9.78
C PHE G 126 -5.47 63.20 8.79
N PHE G 127 -5.55 64.51 9.03
CA PHE G 127 -6.20 65.43 8.12
C PHE G 127 -5.24 66.13 7.18
N SER G 128 -3.96 66.20 7.54
CA SER G 128 -2.96 66.86 6.69
C SER G 128 -2.78 66.15 5.36
N LEU G 129 -3.12 64.86 5.28
CA LEU G 129 -2.89 64.06 4.09
C LEU G 129 -4.20 63.71 3.41
N ILE G 130 -4.15 63.53 2.09
CA ILE G 130 -5.31 63.10 1.31
C ILE G 130 -4.90 61.88 0.49
N ASN G 131 -5.87 61.01 0.23
CA ASN G 131 -5.60 59.67 -0.27
C ASN G 131 -5.15 59.70 -1.74
N ASN G 132 -4.63 58.56 -2.18
CA ASN G 132 -3.97 58.38 -3.47
C ASN G 132 -3.06 59.54 -3.85
N LYS G 133 -2.28 60.01 -2.88
CA LYS G 133 -1.30 61.07 -3.12
C LYS G 133 0.06 60.63 -2.62
N THR G 134 1.08 60.80 -3.45
CA THR G 134 2.43 60.35 -3.12
C THR G 134 3.06 61.31 -2.11
N TYR G 135 3.58 60.74 -1.02
CA TYR G 135 4.22 61.52 0.04
C TYR G 135 5.60 60.93 0.30
N GLU G 136 6.64 61.76 0.21
CA GLU G 136 7.97 61.38 0.66
C GLU G 136 8.00 61.50 2.18
N LEU G 137 8.10 60.37 2.87
CA LEU G 137 7.93 60.32 4.32
C LEU G 137 9.27 60.27 5.04
N VAL G 138 9.30 60.90 6.21
CA VAL G 138 10.39 60.80 7.16
C VAL G 138 9.82 60.15 8.41
N LEU G 139 10.28 58.93 8.71
CA LEU G 139 9.73 58.14 9.80
C LEU G 139 10.56 58.31 11.07
N GLN G 140 9.99 57.86 12.18
CA GLN G 140 10.68 57.85 13.47
C GLN G 140 10.19 56.66 14.27
N TYR G 141 11.11 55.93 14.88
CA TYR G 141 10.78 54.71 15.62
C TYR G 141 10.71 55.06 17.12
N SER G 142 9.62 55.71 17.50
CA SER G 142 9.39 56.14 18.87
C SER G 142 8.34 55.26 19.53
N ARG G 143 8.58 54.94 20.81
CA ARG G 143 7.65 54.15 21.62
C ARG G 143 7.35 52.80 20.99
N LYS G 144 8.38 52.19 20.40
CA LYS G 144 8.26 50.88 19.77
C LYS G 144 7.23 50.88 18.64
N LYS G 145 7.06 52.04 18.01
CA LYS G 145 6.10 52.26 16.94
C LYS G 145 6.81 52.99 15.81
N LEU G 146 6.15 53.09 14.66
CA LEU G 146 6.69 53.80 13.51
C LEU G 146 5.81 55.02 13.23
N LEU G 147 6.18 56.16 13.80
CA LEU G 147 5.41 57.39 13.66
C LEU G 147 5.91 58.20 12.48
N ILE G 148 4.99 58.93 11.85
CA ILE G 148 5.32 59.87 10.79
C ILE G 148 5.80 61.16 11.46
N LYS G 149 7.12 61.35 11.50
CA LYS G 149 7.69 62.54 12.12
C LYS G 149 7.41 63.79 11.29
N SER G 150 7.48 63.67 9.98
CA SER G 150 7.25 64.79 9.07
C SER G 150 6.92 64.23 7.69
N TYR G 151 6.45 65.12 6.81
CA TYR G 151 6.05 64.70 5.48
C TYR G 151 6.21 65.83 4.47
N GLU G 152 6.71 65.49 3.30
CA GLU G 152 6.68 66.34 2.12
C GLU G 152 5.68 65.76 1.12
N GLN G 153 4.89 66.62 0.49
CA GLN G 153 4.14 66.21 -0.68
C GLN G 153 5.08 66.10 -1.87
N CYS G 154 4.96 65.02 -2.63
CA CYS G 154 5.87 64.78 -3.74
C CYS G 154 5.06 64.35 -4.97
N GLU G 155 5.78 64.09 -6.06
CA GLU G 155 5.19 63.84 -7.37
C GLU G 155 4.90 62.36 -7.58
N ASP G 156 3.98 62.09 -8.51
CA ASP G 156 3.51 60.74 -8.77
C ASP G 156 4.43 60.02 -9.75
N GLU G 157 4.76 58.76 -9.44
CA GLU G 157 5.77 58.03 -10.17
C GLU G 157 5.25 57.53 -11.51
N ASP G 158 6.20 57.29 -12.42
CA ASP G 158 5.94 56.66 -13.72
C ASP G 158 7.06 55.66 -13.98
N LEU G 159 6.72 54.36 -13.99
CA LEU G 159 7.72 53.32 -14.11
C LEU G 159 7.69 52.64 -15.49
N LEU G 160 7.19 53.33 -16.50
CA LEU G 160 7.22 52.82 -17.87
C LEU G 160 8.52 53.24 -18.54
N MET G 161 8.95 52.43 -19.51
CA MET G 161 10.29 52.50 -20.09
C MET G 161 11.37 52.28 -19.04
N THR G 162 10.97 51.90 -17.82
CA THR G 162 11.87 51.74 -16.68
C THR G 162 11.97 50.26 -16.37
N VAL G 163 13.12 49.66 -16.69
CA VAL G 163 13.30 48.22 -16.54
C VAL G 163 13.39 47.85 -15.08
N CYS G 164 12.73 46.74 -14.71
CA CYS G 164 12.73 46.25 -13.34
C CYS G 164 13.11 44.78 -13.37
N LYS G 165 14.07 44.40 -12.50
CA LYS G 165 14.51 43.01 -12.45
C LYS G 165 13.38 42.06 -12.05
N SER G 166 12.33 42.56 -11.42
CA SER G 166 11.35 41.67 -10.83
C SER G 166 9.95 42.29 -10.90
N VAL G 167 8.95 41.42 -10.76
CA VAL G 167 7.55 41.80 -10.64
C VAL G 167 6.90 40.94 -9.57
N THR G 168 5.74 41.39 -9.09
CA THR G 168 4.98 40.68 -8.10
C THR G 168 3.75 40.04 -8.73
N PHE G 169 3.11 39.13 -7.99
CA PHE G 169 1.82 38.61 -8.42
C PHE G 169 0.75 39.68 -8.34
N GLN G 170 0.94 40.69 -7.48
CA GLN G 170 -0.01 41.79 -7.38
C GLN G 170 -0.11 42.54 -8.70
N GLU G 171 1.03 42.72 -9.40
CA GLU G 171 1.01 43.40 -10.69
C GLU G 171 0.24 42.58 -11.72
N PHE G 172 0.45 41.26 -11.74
CA PHE G 172 -0.35 40.40 -12.60
C PHE G 172 -1.83 40.48 -12.22
N CYS G 173 -2.12 40.58 -10.92
CA CYS G 173 -3.50 40.72 -10.47
C CYS G 173 -4.07 42.08 -10.88
N ALA G 174 -3.30 43.14 -10.70
CA ALA G 174 -3.74 44.46 -11.16
C ALA G 174 -3.68 44.60 -12.67
N ASN G 175 -3.06 43.63 -13.37
CA ASN G 175 -2.82 43.72 -14.81
C ASN G 175 -2.06 44.98 -15.17
N GLU G 176 -1.04 45.30 -14.36
CA GLU G 176 -0.29 46.53 -14.54
C GLU G 176 0.57 46.48 -15.80
N ILE G 177 0.59 47.59 -16.53
CA ILE G 177 1.58 47.77 -17.58
C ILE G 177 2.92 48.05 -16.94
N LYS G 178 3.93 47.25 -17.30
CA LYS G 178 5.19 47.29 -16.58
C LYS G 178 6.34 47.03 -17.55
N SER G 179 7.41 47.79 -17.40
CA SER G 179 8.66 47.55 -18.13
C SER G 179 9.59 46.74 -17.24
N LEU G 180 10.03 45.59 -17.75
CA LEU G 180 10.82 44.67 -16.94
C LEU G 180 11.95 44.07 -17.78
N LEU G 181 12.95 43.55 -17.08
CA LEU G 181 14.08 42.87 -17.70
C LEU G 181 13.83 41.36 -17.66
N ALA G 182 13.93 40.73 -18.83
CA ALA G 182 13.71 39.29 -18.92
C ALA G 182 14.82 38.62 -19.72
N LYS G 183 14.66 37.32 -20.01
CA LYS G 183 15.65 36.58 -20.77
C LYS G 183 14.92 35.70 -21.78
N PHE G 184 15.15 35.97 -23.06
CA PHE G 184 14.48 35.22 -24.12
C PHE G 184 15.11 33.83 -24.27
N LEU G 185 14.30 32.93 -24.82
CA LEU G 185 14.65 31.52 -25.01
C LEU G 185 13.51 30.79 -25.72
N TYR G 186 13.87 29.92 -26.66
CA TYR G 186 12.96 29.23 -27.57
C TYR G 186 12.29 30.19 -28.55
N GLY G 187 10.96 30.16 -28.63
CA GLY G 187 10.23 30.99 -29.59
C GLY G 187 9.83 30.23 -30.84
N PHE G 188 8.53 30.06 -31.05
CA PHE G 188 8.04 29.22 -32.14
C PHE G 188 6.70 29.74 -32.64
N LYS G 189 6.29 29.23 -33.79
CA LYS G 189 4.96 29.47 -34.33
C LYS G 189 4.02 28.36 -33.87
N ILE G 190 2.84 28.75 -33.37
CA ILE G 190 1.88 27.76 -32.89
C ILE G 190 1.45 26.85 -34.02
N TYR G 191 1.43 25.56 -33.75
CA TYR G 191 1.01 24.56 -34.74
C TYR G 191 -0.42 24.83 -35.19
N GLY G 192 -0.69 24.49 -36.45
CA GLY G 192 -2.01 24.63 -37.03
C GLY G 192 -2.51 26.05 -37.21
N SER G 193 -1.77 27.04 -36.72
CA SER G 193 -2.14 28.44 -36.84
C SER G 193 -1.28 29.12 -37.90
N SER G 194 -1.83 30.19 -38.47
CA SER G 194 -1.10 31.04 -39.40
C SER G 194 -0.81 32.42 -38.85
N ASN G 195 -1.48 32.82 -37.76
CA ASN G 195 -1.38 34.17 -37.23
C ASN G 195 -0.44 34.25 -36.02
N VAL G 196 -0.71 33.47 -35.00
CA VAL G 196 -0.11 33.68 -33.69
C VAL G 196 1.22 32.95 -33.59
N TYR G 197 2.21 33.64 -33.02
CA TYR G 197 3.48 33.05 -32.62
C TYR G 197 3.59 33.14 -31.10
N LYS G 198 4.48 32.34 -30.53
CA LYS G 198 4.62 32.28 -29.09
C LYS G 198 6.08 32.48 -28.71
N LEU G 199 6.32 33.30 -27.68
CA LEU G 199 7.64 33.61 -27.18
C LEU G 199 7.74 33.19 -25.73
N VAL G 200 8.89 32.62 -25.36
CA VAL G 200 9.08 32.02 -24.04
C VAL G 200 10.15 32.82 -23.31
N PHE G 201 9.77 33.49 -22.24
CA PHE G 201 10.67 34.33 -21.46
C PHE G 201 10.83 33.79 -20.05
N VAL G 202 12.01 33.95 -19.50
CA VAL G 202 12.27 33.71 -18.08
C VAL G 202 12.32 35.06 -17.38
N ILE G 203 11.42 35.24 -16.41
CA ILE G 203 11.34 36.48 -15.65
C ILE G 203 11.52 36.15 -14.17
N LEU G 204 11.81 37.19 -13.39
CA LEU G 204 11.99 37.07 -11.95
C LEU G 204 10.71 37.53 -11.27
N LEU G 205 9.99 36.60 -10.67
CA LEU G 205 8.74 36.90 -9.98
C LEU G 205 8.94 36.82 -8.48
N GLU G 206 8.19 37.66 -7.74
CA GLU G 206 8.30 37.75 -6.30
C GLU G 206 6.92 37.53 -5.70
N ASP G 207 6.82 36.57 -4.78
CA ASP G 207 5.57 36.34 -4.06
C ASP G 207 5.46 37.31 -2.89
N ASN G 208 4.34 37.26 -2.17
CA ASN G 208 4.15 38.13 -1.02
C ASN G 208 5.00 37.70 0.18
N ASN G 209 5.63 36.53 0.11
CA ASN G 209 6.61 36.16 1.13
C ASN G 209 7.97 36.81 0.87
N GLY G 210 8.22 37.30 -0.34
CA GLY G 210 9.42 38.04 -0.67
C GLY G 210 10.43 37.27 -1.48
N THR G 211 10.36 35.94 -1.48
CA THR G 211 11.38 35.13 -2.16
C THR G 211 11.27 35.30 -3.67
N ILE G 212 12.33 35.80 -4.28
CA ILE G 212 12.39 35.97 -5.74
C ILE G 212 13.02 34.73 -6.35
N ASN G 213 12.33 34.16 -7.33
CA ASN G 213 12.82 32.99 -8.04
C ASN G 213 12.52 33.14 -9.53
N GLY G 214 13.28 32.41 -10.34
CA GLY G 214 13.11 32.48 -11.77
C GLY G 214 11.96 31.59 -12.23
N VAL G 215 11.05 32.16 -13.00
CA VAL G 215 9.92 31.43 -13.56
C VAL G 215 9.94 31.60 -15.08
N GLN G 216 9.16 30.76 -15.75
CA GLN G 216 9.03 30.76 -17.19
C GLN G 216 7.68 31.34 -17.56
N VAL G 217 7.66 32.27 -18.52
CA VAL G 217 6.43 32.91 -18.94
C VAL G 217 6.26 32.77 -20.45
N GLU G 218 5.02 32.53 -20.86
CA GLU G 218 4.66 32.43 -22.27
C GLU G 218 4.18 33.79 -22.77
N MET G 219 4.28 33.98 -24.08
CA MET G 219 3.91 35.26 -24.69
C MET G 219 3.47 35.03 -26.12
N MET G 220 2.22 35.39 -26.42
CA MET G 220 1.65 35.28 -27.75
C MET G 220 1.53 36.66 -28.38
N SER G 221 1.57 36.70 -29.71
CA SER G 221 1.41 37.93 -30.46
C SER G 221 1.18 37.60 -31.93
N ASP G 222 0.46 38.50 -32.61
CA ASP G 222 0.27 38.40 -34.04
C ASP G 222 1.51 38.93 -34.77
N PHE G 223 1.58 38.66 -36.08
CA PHE G 223 2.82 38.92 -36.81
C PHE G 223 3.15 40.40 -36.85
N LYS G 224 2.17 41.25 -37.18
CA LYS G 224 2.48 42.66 -37.37
C LYS G 224 2.84 43.33 -36.06
N ARG G 225 2.22 42.91 -34.95
CA ARG G 225 2.67 43.41 -33.65
C ARG G 225 4.10 42.98 -33.39
N LEU G 226 4.47 41.78 -33.83
CA LEU G 226 5.83 41.28 -33.65
C LEU G 226 6.80 41.87 -34.66
N SER G 227 6.31 42.29 -35.83
CA SER G 227 7.19 42.86 -36.85
C SER G 227 7.90 44.10 -36.32
N GLY G 228 7.14 45.07 -35.84
CA GLY G 228 7.71 46.27 -35.26
C GLY G 228 8.07 46.17 -33.81
N ALA G 229 7.85 45.01 -33.18
CA ALA G 229 8.16 44.87 -31.76
C ALA G 229 9.65 44.98 -31.50
N PHE G 230 10.48 44.34 -32.33
CA PHE G 230 11.91 44.30 -32.10
C PHE G 230 12.55 45.64 -32.45
N LYS G 231 13.38 46.15 -31.54
CA LYS G 231 14.09 47.40 -31.76
C LYS G 231 15.46 47.13 -32.37
N ASN G 232 15.88 48.01 -33.27
CA ASN G 232 17.13 47.93 -34.01
C ASN G 232 17.23 46.68 -34.88
N HIS G 233 16.16 45.90 -34.97
CA HIS G 233 16.08 44.73 -35.83
C HIS G 233 14.92 44.93 -36.80
N VAL G 234 15.13 44.57 -38.06
CA VAL G 234 14.23 44.92 -39.14
C VAL G 234 13.58 43.64 -39.65
N ILE G 235 12.27 43.52 -39.47
CA ILE G 235 11.52 42.33 -39.84
C ILE G 235 10.48 42.71 -40.88
N GLU G 236 10.49 42.02 -42.01
CA GLU G 236 9.54 42.25 -43.10
C GLU G 236 8.73 41.03 -43.47
N ASN G 237 9.17 39.83 -43.11
CA ASN G 237 8.49 38.60 -43.47
C ASN G 237 8.69 37.58 -42.36
N GLU G 238 7.99 36.44 -42.49
CA GLU G 238 8.04 35.42 -41.45
C GLU G 238 9.44 34.84 -41.31
N ASN G 239 10.09 34.53 -42.44
CA ASN G 239 11.43 33.95 -42.39
C ASN G 239 12.41 34.87 -41.67
N ASP G 240 12.20 36.19 -41.77
CA ASP G 240 13.03 37.12 -41.01
C ASP G 240 12.73 37.03 -39.52
N LEU G 241 11.45 36.89 -39.16
CA LEU G 241 11.07 36.85 -37.75
C LEU G 241 11.74 35.69 -37.02
N PHE G 242 11.84 34.52 -37.67
CA PHE G 242 12.46 33.38 -37.02
C PHE G 242 13.97 33.58 -36.86
N ASP G 243 14.61 34.21 -37.85
CA ASP G 243 16.04 34.47 -37.74
C ASP G 243 16.34 35.41 -36.58
N CYS G 244 15.48 36.42 -36.37
CA CYS G 244 15.64 37.30 -35.22
C CYS G 244 15.47 36.52 -33.91
N MET G 245 14.45 35.66 -33.86
CA MET G 245 14.22 34.84 -32.67
C MET G 245 15.43 33.97 -32.36
N TYR G 246 15.94 33.27 -33.37
CA TYR G 246 16.99 32.28 -33.15
C TYR G 246 18.31 32.97 -32.77
N LYS G 247 18.61 34.11 -33.37
CA LYS G 247 19.75 34.89 -32.92
C LYS G 247 19.59 35.31 -31.46
N SER G 248 18.37 35.72 -31.09
CA SER G 248 18.10 36.26 -29.76
C SER G 248 17.82 35.19 -28.71
N GLU G 249 17.87 33.91 -29.07
CA GLU G 249 17.72 32.87 -28.06
C GLU G 249 18.84 32.95 -27.03
N GLU G 250 18.48 32.72 -25.77
CA GLU G 250 19.42 32.78 -24.65
C GLU G 250 20.12 34.13 -24.58
N LYS G 251 19.38 35.19 -24.87
CA LYS G 251 19.88 36.55 -24.76
C LYS G 251 18.93 37.34 -23.87
N TYR G 252 19.46 38.39 -23.24
CA TYR G 252 18.66 39.20 -22.33
C TYR G 252 17.96 40.31 -23.09
N PHE G 253 16.79 40.70 -22.59
CA PHE G 253 15.92 41.66 -23.25
C PHE G 253 15.40 42.70 -22.28
N ASN G 254 15.17 43.91 -22.80
CA ASN G 254 14.45 44.97 -22.13
C ASN G 254 13.05 45.02 -22.73
N LEU G 255 12.04 44.70 -21.94
CA LEU G 255 10.66 44.60 -22.40
C LEU G 255 9.92 45.86 -21.98
N TYR G 256 9.71 46.77 -22.94
CA TYR G 256 9.08 48.05 -22.65
C TYR G 256 7.56 47.94 -22.81
N ARG G 257 6.84 48.27 -21.74
CA ARG G 257 5.38 48.38 -21.75
C ARG G 257 4.72 47.02 -22.06
N ILE G 258 5.09 46.01 -21.29
CA ILE G 258 4.46 44.70 -21.37
C ILE G 258 3.36 44.63 -20.33
N LYS G 259 2.29 43.91 -20.67
CA LYS G 259 1.13 43.78 -19.79
C LYS G 259 1.14 42.42 -19.10
N CYS G 260 0.93 42.42 -17.79
CA CYS G 260 0.78 41.19 -17.03
C CYS G 260 -0.68 40.76 -17.07
N ASN G 261 -0.92 39.50 -17.44
CA ASN G 261 -2.27 38.99 -17.66
C ASN G 261 -2.70 38.03 -16.57
N HIS G 262 -4.00 38.02 -16.30
CA HIS G 262 -4.61 37.14 -15.31
C HIS G 262 -6.02 36.83 -15.80
N ASN G 263 -6.33 35.54 -15.96
CA ASN G 263 -7.49 35.12 -16.73
C ASN G 263 -8.50 34.37 -15.86
N ALA G 264 -9.63 34.02 -16.49
CA ALA G 264 -10.61 33.15 -15.84
C ALA G 264 -9.95 31.86 -15.36
N ASN G 265 -9.42 31.08 -16.30
CA ASN G 265 -8.37 30.13 -15.97
C ASN G 265 -7.09 30.92 -15.74
N ASN G 266 -6.67 31.02 -14.47
CA ASN G 266 -5.68 31.97 -13.99
C ASN G 266 -4.57 32.25 -15.00
N TYR G 267 -3.70 31.28 -15.25
CA TYR G 267 -2.78 31.29 -16.39
C TYR G 267 -2.12 32.65 -16.63
N LYS G 268 -1.15 33.03 -15.79
CA LYS G 268 -0.52 34.34 -15.92
C LYS G 268 0.43 34.35 -17.12
N SER G 269 0.35 35.41 -17.92
CA SER G 269 1.15 35.49 -19.14
C SER G 269 1.50 36.95 -19.42
N LEU G 270 2.12 37.19 -20.58
CA LEU G 270 2.52 38.52 -21.03
C LEU G 270 2.00 38.75 -22.44
N SER G 271 1.53 39.97 -22.70
CA SER G 271 0.98 40.34 -24.00
C SER G 271 1.75 41.52 -24.59
N LEU G 272 1.66 41.65 -25.90
CA LEU G 272 2.26 42.78 -26.61
C LEU G 272 1.21 43.87 -26.79
N SER G 273 1.51 45.08 -26.33
CA SER G 273 0.70 46.23 -26.64
C SER G 273 1.22 46.89 -27.92
N SER G 274 0.46 47.87 -28.43
CA SER G 274 0.88 48.57 -29.63
C SER G 274 2.13 49.41 -29.40
N ASN G 275 2.43 49.77 -28.14
CA ASN G 275 3.56 50.60 -27.80
C ASN G 275 4.85 49.82 -27.56
N SER G 276 4.77 48.50 -27.49
CA SER G 276 5.83 47.71 -26.89
C SER G 276 7.04 47.57 -27.81
N GLN G 277 8.22 47.86 -27.28
CA GLN G 277 9.49 47.52 -27.89
C GLN G 277 10.15 46.40 -27.10
N LEU G 278 10.98 45.62 -27.78
CA LEU G 278 11.67 44.48 -27.18
C LEU G 278 13.14 44.53 -27.59
N GLU G 279 13.88 45.52 -27.09
CA GLU G 279 15.26 45.62 -27.50
C GLU G 279 16.10 44.56 -26.81
N ARG G 280 17.01 43.98 -27.59
CA ARG G 280 17.92 42.96 -27.11
C ARG G 280 19.06 43.63 -26.34
N LEU G 281 19.30 43.16 -25.10
CA LEU G 281 20.42 43.69 -24.34
C LEU G 281 21.75 43.19 -24.89
N GLU G 282 21.72 42.09 -25.64
CA GLU G 282 22.81 41.59 -26.48
C GLU G 282 24.03 41.10 -25.70
N THR G 283 24.72 41.99 -24.99
CA THR G 283 26.01 41.67 -24.40
C THR G 283 25.90 41.63 -22.88
N ASP G 284 26.18 40.46 -22.30
CA ASP G 284 26.27 40.34 -20.85
C ASP G 284 27.58 40.93 -20.38
N ASP G 285 27.52 41.79 -19.36
CA ASP G 285 28.74 42.34 -18.77
C ASP G 285 29.38 41.31 -17.85
N SER G 286 29.46 40.06 -18.32
CA SER G 286 29.98 38.94 -17.54
C SER G 286 29.39 38.91 -16.13
N MET G 287 28.12 39.31 -16.01
CA MET G 287 27.46 39.34 -14.70
C MET G 287 26.80 37.98 -14.51
N PHE G 288 27.63 36.99 -14.16
CA PHE G 288 27.18 35.63 -13.92
C PHE G 288 26.16 35.53 -12.79
N GLU G 289 25.94 36.64 -12.07
CA GLU G 289 24.96 36.65 -11.00
C GLU G 289 23.54 36.57 -11.53
N TYR G 290 23.29 37.08 -12.74
CA TYR G 290 21.96 36.94 -13.35
C TYR G 290 21.69 35.49 -13.76
N GLU G 291 22.64 34.86 -14.48
CA GLU G 291 22.44 33.48 -14.91
C GLU G 291 22.16 32.56 -13.74
N PHE G 292 22.87 32.76 -12.62
CA PHE G 292 22.45 32.25 -11.33
C PHE G 292 20.97 32.49 -11.05
N GLN G 293 20.56 33.75 -11.02
CA GLN G 293 19.22 34.10 -10.59
C GLN G 293 18.16 33.60 -11.56
N TYR G 294 18.48 33.58 -12.85
CA TYR G 294 17.48 33.31 -13.91
C TYR G 294 17.47 31.82 -14.25
N ASP G 295 16.99 31.02 -13.29
CA ASP G 295 16.77 29.59 -13.49
C ASP G 295 15.36 29.25 -13.05
N TYR G 296 14.75 28.29 -13.75
CA TYR G 296 13.32 28.04 -13.60
C TYR G 296 13.01 26.57 -13.38
N THR G 297 11.86 26.35 -12.75
CA THR G 297 11.29 25.02 -12.56
C THR G 297 9.81 24.94 -12.90
N VAL G 298 9.07 26.04 -12.85
CA VAL G 298 7.65 26.06 -13.15
C VAL G 298 7.36 27.14 -14.18
N ASN G 299 6.39 26.86 -15.05
CA ASN G 299 5.89 27.83 -16.01
C ASN G 299 4.60 28.43 -15.46
N ILE G 300 4.55 29.76 -15.36
CA ILE G 300 3.36 30.43 -14.82
C ILE G 300 2.24 30.52 -15.83
N SER G 301 2.42 29.99 -17.04
CA SER G 301 1.36 29.92 -18.04
C SER G 301 0.69 28.56 -18.07
N ARG G 302 1.47 27.49 -18.18
CA ARG G 302 0.94 26.14 -18.15
C ARG G 302 0.67 25.70 -16.72
N SER G 303 -0.21 24.72 -16.56
CA SER G 303 -0.61 24.23 -15.24
C SER G 303 0.37 23.16 -14.80
N ASN G 304 1.38 23.56 -14.02
CA ASN G 304 2.42 22.65 -13.53
C ASN G 304 3.07 21.87 -14.68
N LYS G 305 3.33 22.57 -15.78
CA LYS G 305 3.99 22.00 -16.94
C LYS G 305 4.95 23.05 -17.49
N ILE G 306 6.07 22.60 -18.03
CA ILE G 306 7.04 23.54 -18.60
C ILE G 306 7.18 23.28 -20.10
N ILE G 307 8.03 24.07 -20.76
CA ILE G 307 8.28 23.95 -22.19
C ILE G 307 9.76 23.76 -22.40
N GLN G 308 10.12 22.81 -23.27
CA GLN G 308 11.50 22.44 -23.51
C GLN G 308 11.69 22.15 -24.99
N LYS G 309 12.81 22.62 -25.56
CA LYS G 309 13.05 22.53 -26.99
C LYS G 309 14.19 21.55 -27.27
N HIS G 310 13.94 20.59 -28.15
CA HIS G 310 14.89 19.55 -28.49
C HIS G 310 15.27 19.63 -29.95
N ARG G 311 16.56 19.45 -30.24
CA ARG G 311 17.05 19.37 -31.61
C ARG G 311 17.02 17.90 -32.04
N VAL G 312 16.15 17.59 -33.00
CA VAL G 312 15.99 16.20 -33.44
C VAL G 312 17.23 15.76 -34.19
N THR G 313 17.76 14.59 -33.82
CA THR G 313 18.96 14.04 -34.44
C THR G 313 18.72 12.67 -35.03
N GLY G 314 18.09 11.77 -34.27
CA GLY G 314 17.88 10.41 -34.70
C GLY G 314 16.56 10.21 -35.41
N ASN G 315 16.11 8.94 -35.41
CA ASN G 315 14.95 8.51 -36.17
C ASN G 315 13.67 9.24 -35.76
N PHE G 316 13.18 10.13 -36.61
CA PHE G 316 11.90 10.79 -36.39
C PHE G 316 10.83 10.00 -37.13
N THR G 317 9.84 9.51 -36.38
CA THR G 317 8.81 8.65 -36.94
C THR G 317 7.44 9.17 -36.53
N SER G 318 6.57 9.38 -37.53
CA SER G 318 5.21 9.83 -37.31
C SER G 318 4.23 8.93 -38.05
N GLU G 319 2.98 8.97 -37.61
CA GLU G 319 1.94 8.11 -38.17
C GLU G 319 0.58 8.66 -37.76
N ARG G 320 -0.27 8.94 -38.75
CA ARG G 320 -1.60 9.47 -38.50
C ARG G 320 -2.39 8.54 -37.58
N ASN G 321 -3.03 9.11 -36.57
CA ASN G 321 -3.79 8.29 -35.64
C ASN G 321 -4.74 9.16 -34.83
N ILE G 322 -6.02 8.81 -34.85
CA ILE G 322 -7.03 9.51 -34.06
C ILE G 322 -7.46 8.60 -32.92
N TYR G 323 -7.88 9.22 -31.82
CA TYR G 323 -8.28 8.49 -30.63
C TYR G 323 -9.76 8.78 -30.31
N GLN G 324 -10.28 8.05 -29.32
CA GLN G 324 -11.67 8.25 -28.89
C GLN G 324 -11.98 9.71 -28.61
N ASN G 325 -11.00 10.46 -28.13
CA ASN G 325 -11.23 11.82 -27.65
C ASN G 325 -10.71 12.92 -28.58
N SER G 326 -9.80 12.63 -29.50
CA SER G 326 -9.27 13.68 -30.37
C SER G 326 -8.51 13.07 -31.53
N ASP G 327 -8.08 13.93 -32.45
CA ASP G 327 -7.26 13.60 -33.61
C ASP G 327 -5.81 13.99 -33.31
N ARG G 328 -4.88 13.04 -33.47
CA ARG G 328 -3.51 13.23 -33.02
C ARG G 328 -2.53 12.69 -34.04
N PHE G 329 -1.23 12.80 -33.72
CA PHE G 329 -0.13 12.23 -34.49
C PHE G 329 0.85 11.62 -33.50
N VAL G 330 0.98 10.29 -33.51
CA VAL G 330 1.96 9.63 -32.65
C VAL G 330 3.34 9.83 -33.24
N ILE G 331 4.26 10.36 -32.42
CA ILE G 331 5.56 10.82 -32.89
C ILE G 331 6.64 10.29 -31.95
N SER G 332 7.78 9.87 -32.53
CA SER G 332 8.92 9.40 -31.75
C SER G 332 10.20 9.85 -32.44
N TYR G 333 11.04 10.59 -31.72
CA TYR G 333 12.30 11.07 -32.26
C TYR G 333 13.40 10.93 -31.22
N ASP G 334 14.64 10.91 -31.70
CA ASP G 334 15.81 10.74 -30.86
C ASP G 334 16.59 12.05 -30.77
N THR G 335 17.01 12.42 -29.57
CA THR G 335 17.91 13.53 -29.34
C THR G 335 19.25 12.99 -28.85
N ALA G 336 20.22 13.90 -28.67
CA ALA G 336 21.49 13.52 -28.09
C ALA G 336 21.37 13.10 -26.64
N ASN G 337 20.23 13.38 -25.99
CA ASN G 337 20.01 13.04 -24.60
C ASN G 337 19.34 11.66 -24.46
N GLU G 338 18.18 11.50 -25.07
CA GLU G 338 17.34 10.31 -24.93
C GLU G 338 16.21 10.41 -25.95
N LYS G 339 15.41 9.35 -26.04
CA LYS G 339 14.38 9.23 -27.07
C LYS G 339 13.00 9.58 -26.51
N ILE G 340 12.31 10.48 -27.19
CA ILE G 340 11.01 11.00 -26.75
C ILE G 340 9.92 10.34 -27.60
N LYS G 341 8.95 9.72 -26.93
CA LYS G 341 7.70 9.30 -27.57
C LYS G 341 6.62 10.27 -27.12
N THR G 342 6.15 11.10 -28.06
CA THR G 342 5.25 12.20 -27.73
C THR G 342 4.05 12.19 -28.67
N SER G 343 3.32 13.30 -28.70
CA SER G 343 2.08 13.40 -29.45
C SER G 343 1.76 14.86 -29.72
N ILE G 344 1.13 15.11 -30.87
CA ILE G 344 0.68 16.43 -31.26
C ILE G 344 -0.82 16.37 -31.54
N TYR G 345 -1.49 17.51 -31.40
CA TYR G 345 -2.94 17.59 -31.50
C TYR G 345 -3.31 18.30 -32.79
N ASN G 346 -4.09 17.62 -33.64
CA ASN G 346 -4.39 18.11 -34.99
C ASN G 346 -5.50 19.13 -34.97
N ARG G 347 -5.14 20.39 -35.17
CA ARG G 347 -6.09 21.49 -35.24
C ARG G 347 -5.67 22.46 -36.36
N MET G 348 -6.61 22.79 -37.22
CA MET G 348 -6.43 23.91 -38.13
C MET G 348 -7.10 25.18 -37.61
N GLU G 349 -6.78 26.29 -38.26
CA GLU G 349 -7.27 27.61 -37.91
C GLU G 349 -7.82 28.25 -39.18
N ASN G 350 -9.12 28.56 -39.16
CA ASN G 350 -9.78 29.28 -40.24
C ASN G 350 -9.72 28.51 -41.57
N ALA G 351 -10.32 27.32 -41.54
CA ALA G 351 -10.65 26.56 -42.74
C ALA G 351 -12.17 26.61 -42.85
N GLU G 352 -12.68 27.63 -43.53
CA GLU G 352 -14.11 27.90 -43.59
C GLU G 352 -14.73 27.21 -44.79
N SER G 353 -15.79 26.44 -44.54
CA SER G 353 -16.51 25.70 -45.58
C SER G 353 -15.54 24.85 -46.41
N LYS G 354 -14.68 24.10 -45.70
CA LYS G 354 -13.54 23.46 -46.32
C LYS G 354 -13.50 21.98 -45.94
N THR G 355 -13.50 21.12 -46.97
CA THR G 355 -12.91 19.80 -46.82
C THR G 355 -11.41 19.88 -46.66
N ASP G 356 -10.83 21.08 -46.84
CA ASP G 356 -9.39 21.26 -46.78
C ASP G 356 -8.81 20.88 -45.43
N TYR G 357 -9.63 20.85 -44.37
CA TYR G 357 -9.10 20.46 -43.07
C TYR G 357 -8.51 19.06 -43.11
N ASP G 358 -9.23 18.12 -43.72
CA ASP G 358 -8.73 16.74 -43.77
C ASP G 358 -7.59 16.57 -44.77
N THR G 359 -7.68 17.21 -45.94
CA THR G 359 -6.61 17.05 -46.93
C THR G 359 -5.39 17.90 -46.60
N SER G 360 -5.53 18.93 -45.76
CA SER G 360 -4.34 19.63 -45.27
C SER G 360 -3.66 18.86 -44.15
N ILE G 361 -4.40 18.06 -43.40
CA ILE G 361 -3.78 17.18 -42.42
C ILE G 361 -3.04 16.05 -43.12
N THR G 362 -3.66 15.45 -44.16
CA THR G 362 -2.96 14.45 -44.95
C THR G 362 -1.79 15.08 -45.70
N LEU G 363 -1.88 16.37 -46.02
CA LEU G 363 -0.74 17.10 -46.55
C LEU G 363 0.42 17.05 -45.57
N LYS G 364 0.16 17.39 -44.30
CA LYS G 364 1.22 17.43 -43.30
C LYS G 364 1.72 16.03 -42.95
N ASP G 365 0.85 15.03 -42.98
CA ASP G 365 1.28 13.65 -42.72
C ASP G 365 2.40 13.25 -43.67
N VAL G 366 2.32 13.68 -44.92
CA VAL G 366 3.39 13.41 -45.88
C VAL G 366 4.70 14.03 -45.40
N THR G 367 4.65 15.31 -45.01
CA THR G 367 5.87 16.01 -44.61
C THR G 367 6.52 15.38 -43.39
N LEU G 368 5.71 14.71 -42.54
CA LEU G 368 6.25 14.11 -41.33
C LEU G 368 7.12 12.89 -41.64
N SER G 369 6.59 11.94 -42.41
CA SER G 369 7.37 10.77 -42.79
C SER G 369 8.55 11.13 -43.68
N GLN G 370 8.57 12.34 -44.25
CA GLN G 370 9.72 12.79 -45.03
C GLN G 370 10.85 13.30 -44.16
N LEU G 371 10.53 13.90 -43.01
CA LEU G 371 11.55 14.55 -42.18
C LEU G 371 12.66 13.60 -41.78
N ASN G 372 12.36 12.31 -41.64
CA ASN G 372 13.39 11.33 -41.31
C ASN G 372 14.55 11.40 -42.30
N SER G 373 14.24 11.38 -43.59
CA SER G 373 15.27 11.34 -44.62
C SER G 373 15.89 12.71 -44.89
N LEU G 374 15.26 13.80 -44.43
CA LEU G 374 15.89 15.11 -44.58
C LEU G 374 16.95 15.35 -43.51
N ILE G 375 16.68 14.94 -42.26
CA ILE G 375 17.64 15.18 -41.19
C ILE G 375 18.92 14.37 -41.41
N GLU G 376 18.78 13.13 -41.87
CA GLU G 376 19.94 12.28 -42.05
C GLU G 376 20.89 12.82 -43.11
N SER G 377 20.34 13.37 -44.19
CA SER G 377 21.15 13.92 -45.28
C SER G 377 21.67 15.32 -44.99
N ASN G 378 21.53 15.79 -43.75
CA ASN G 378 21.95 17.14 -43.35
C ASN G 378 21.31 18.21 -44.24
N LEU G 379 20.10 17.92 -44.76
CA LEU G 379 19.37 18.91 -45.53
C LEU G 379 18.67 19.91 -44.63
N VAL G 380 18.07 19.44 -43.54
CA VAL G 380 17.40 20.32 -42.58
C VAL G 380 17.68 19.84 -41.18
N GLN G 381 17.53 20.76 -40.23
CA GLN G 381 17.60 20.48 -38.80
C GLN G 381 16.26 20.88 -38.19
N VAL G 382 15.82 20.10 -37.19
CA VAL G 382 14.49 20.28 -36.62
C VAL G 382 14.61 20.56 -35.13
N ASP G 383 13.98 21.65 -34.69
CA ASP G 383 13.80 21.97 -33.28
C ASP G 383 12.34 21.71 -32.94
N VAL G 384 12.10 20.76 -32.04
CA VAL G 384 10.75 20.41 -31.60
C VAL G 384 10.51 21.05 -30.24
N TYR G 385 9.63 22.04 -30.20
CA TYR G 385 9.23 22.67 -28.95
C TYR G 385 8.17 21.80 -28.29
N LEU G 386 8.42 21.44 -27.02
CA LEU G 386 7.65 20.40 -26.35
C LEU G 386 7.19 20.89 -24.97
N VAL G 387 5.90 20.81 -24.71
CA VAL G 387 5.35 21.07 -23.38
C VAL G 387 5.40 19.75 -22.62
N THR G 388 6.28 19.68 -21.62
CA THR G 388 6.48 18.48 -20.84
C THR G 388 6.19 18.76 -19.37
N ASP G 389 5.53 17.80 -18.71
CA ASP G 389 5.37 17.89 -17.26
C ASP G 389 6.73 17.72 -16.61
N PRO G 390 7.16 18.67 -15.77
CA PRO G 390 8.48 18.50 -15.12
C PRO G 390 8.58 17.20 -14.34
N ASN G 391 7.47 16.79 -13.75
CA ASN G 391 7.46 15.63 -12.85
C ASN G 391 7.35 14.33 -13.63
N ASN G 392 6.55 14.31 -14.69
CA ASN G 392 6.28 13.10 -15.46
C ASN G 392 6.80 13.29 -16.88
N VAL G 393 7.72 12.41 -17.28
CA VAL G 393 8.25 12.46 -18.65
C VAL G 393 7.20 12.04 -19.66
N LYS G 394 6.23 11.22 -19.23
CA LYS G 394 5.29 10.60 -20.18
C LYS G 394 4.22 11.58 -20.65
N ASN G 395 3.90 12.61 -19.87
CA ASN G 395 3.07 13.69 -20.38
C ASN G 395 3.88 14.50 -21.38
N ASN G 396 3.47 14.45 -22.65
CA ASN G 396 4.29 15.00 -23.73
C ASN G 396 3.36 15.52 -24.81
N VAL G 397 3.28 16.85 -24.96
CA VAL G 397 2.42 17.49 -25.94
C VAL G 397 3.26 18.45 -26.76
N ILE G 398 3.31 18.23 -28.07
CA ILE G 398 4.03 19.13 -28.98
C ILE G 398 3.15 20.35 -29.24
N ALA G 399 3.68 21.53 -28.95
CA ALA G 399 2.98 22.77 -29.19
C ALA G 399 3.45 23.51 -30.44
N GLY G 400 4.62 23.16 -30.97
CA GLY G 400 5.13 23.79 -32.17
C GLY G 400 6.37 23.11 -32.68
N ILE G 401 6.61 23.20 -33.99
CA ILE G 401 7.81 22.65 -34.62
C ILE G 401 8.36 23.68 -35.58
N THR G 402 9.69 23.72 -35.68
CA THR G 402 10.39 24.61 -36.60
C THR G 402 11.44 23.80 -37.35
N LYS G 403 11.57 24.06 -38.64
CA LYS G 403 12.53 23.36 -39.49
C LYS G 403 13.55 24.35 -40.03
N ILE G 404 14.82 24.01 -39.93
CA ILE G 404 15.91 24.92 -40.26
C ILE G 404 16.61 24.44 -41.52
N GLU G 405 16.22 24.98 -42.68
CA GLU G 405 16.81 24.56 -43.93
C GLU G 405 18.25 25.04 -44.07
N ILE G 406 19.02 24.31 -44.88
CA ILE G 406 20.39 24.71 -45.21
C ILE G 406 20.43 26.11 -45.78
N ASP G 407 19.48 26.44 -46.67
CA ASP G 407 19.49 27.73 -47.35
C ASP G 407 18.87 28.84 -46.50
N GLY G 408 18.88 28.72 -45.18
CA GLY G 408 18.47 29.79 -44.30
C GLY G 408 16.99 30.09 -44.25
N THR G 409 16.18 29.45 -45.10
CA THR G 409 14.73 29.60 -45.00
C THR G 409 14.27 29.04 -43.65
N TYR G 410 13.03 29.34 -43.28
CA TYR G 410 12.46 28.83 -42.04
C TYR G 410 11.04 28.36 -42.32
N GLU G 411 10.77 27.07 -42.07
CA GLU G 411 9.42 26.53 -42.17
C GLU G 411 8.90 26.13 -40.81
N PRO G 412 7.96 26.86 -40.23
CA PRO G 412 7.18 26.33 -39.12
C PRO G 412 6.05 25.44 -39.64
N LEU G 413 5.40 24.76 -38.72
CA LEU G 413 4.31 23.86 -39.08
C LEU G 413 3.06 24.13 -38.23
N LYS H 82 -32.54 -10.46 -56.03
CA LYS H 82 -31.89 -9.24 -56.50
C LYS H 82 -30.75 -8.84 -55.57
N LEU H 83 -29.88 -7.95 -56.06
CA LEU H 83 -28.80 -7.40 -55.27
C LEU H 83 -29.23 -6.05 -54.70
N ARG H 84 -29.20 -5.92 -53.38
CA ARG H 84 -29.61 -4.67 -52.76
C ARG H 84 -28.59 -3.57 -53.04
N THR H 85 -29.05 -2.32 -52.89
CA THR H 85 -28.25 -1.15 -53.20
C THR H 85 -28.59 -0.05 -52.21
N LEU H 86 -27.76 1.00 -52.20
CA LEU H 86 -27.94 2.14 -51.31
C LEU H 86 -27.39 3.40 -51.95
N ASN H 87 -28.01 4.54 -51.63
CA ASN H 87 -27.62 5.83 -52.16
C ASN H 87 -27.11 6.72 -51.03
N VAL H 88 -25.95 7.34 -51.24
CA VAL H 88 -25.38 8.30 -50.30
C VAL H 88 -24.80 9.45 -51.11
N LYS H 89 -24.50 10.55 -50.40
CA LYS H 89 -23.94 11.74 -51.03
C LYS H 89 -22.95 12.38 -50.06
N GLY H 90 -21.68 12.40 -50.44
CA GLY H 90 -20.65 13.07 -49.68
C GLY H 90 -19.81 13.97 -50.57
N GLN H 91 -18.59 14.28 -50.16
CA GLN H 91 -17.69 15.07 -50.98
C GLN H 91 -16.33 14.37 -51.05
N LEU H 92 -15.88 14.10 -52.27
CA LEU H 92 -14.68 13.30 -52.48
C LEU H 92 -13.45 13.99 -51.89
N LEU H 93 -12.54 13.17 -51.35
CA LEU H 93 -11.29 13.66 -50.78
C LEU H 93 -10.10 13.17 -51.57
N THR H 94 -9.78 11.88 -51.53
CA THR H 94 -8.65 11.34 -52.26
C THR H 94 -9.10 10.14 -53.09
N LYS H 95 -8.26 9.78 -54.06
CA LYS H 95 -8.53 8.69 -54.99
C LYS H 95 -7.25 7.87 -55.13
N THR H 96 -7.35 6.56 -54.95
CA THR H 96 -6.18 5.71 -54.82
C THR H 96 -6.31 4.50 -55.73
N THR H 97 -5.21 4.17 -56.43
CA THR H 97 -5.13 2.96 -57.22
C THR H 97 -3.91 2.14 -56.80
N MET H 98 -4.10 0.81 -56.79
CA MET H 98 -3.08 -0.11 -56.32
C MET H 98 -3.23 -1.41 -57.10
N SER H 99 -2.18 -2.24 -57.09
CA SER H 99 -2.14 -3.48 -57.85
C SER H 99 -1.86 -4.64 -56.90
N ILE H 100 -2.76 -5.63 -56.90
CA ILE H 100 -2.60 -6.86 -56.13
C ILE H 100 -2.66 -8.03 -57.09
N ASN H 101 -1.57 -8.80 -57.18
CA ASN H 101 -1.50 -9.97 -58.04
C ASN H 101 -1.91 -9.62 -59.47
N ASN H 102 -1.34 -8.53 -59.99
CA ASN H 102 -1.65 -8.03 -61.33
C ASN H 102 -3.15 -7.76 -61.50
N GLU H 103 -3.75 -7.16 -60.47
CA GLU H 103 -5.15 -6.77 -60.50
C GLU H 103 -5.27 -5.36 -59.94
N ASP H 104 -5.90 -4.46 -60.71
CA ASP H 104 -5.93 -3.04 -60.38
C ASP H 104 -7.18 -2.73 -59.56
N TYR H 105 -6.97 -2.33 -58.31
CA TYR H 105 -8.03 -1.77 -57.49
C TYR H 105 -8.00 -0.25 -57.58
N TYR H 106 -9.17 0.37 -57.48
CA TYR H 106 -9.30 1.83 -57.56
C TYR H 106 -10.23 2.30 -56.44
N LEU H 107 -9.72 3.17 -55.58
CA LEU H 107 -10.39 3.55 -54.34
C LEU H 107 -10.71 5.04 -54.31
N PHE H 108 -11.71 5.39 -53.50
CA PHE H 108 -12.30 6.74 -53.47
C PHE H 108 -12.56 7.11 -52.02
N LYS H 109 -11.69 7.96 -51.45
CA LYS H 109 -11.88 8.43 -50.08
C LYS H 109 -12.85 9.59 -50.09
N PHE H 110 -14.02 9.40 -49.49
CA PHE H 110 -15.09 10.38 -49.49
C PHE H 110 -15.32 10.92 -48.09
N LEU H 111 -16.15 11.95 -48.00
CA LEU H 111 -16.44 12.64 -46.74
C LEU H 111 -17.94 12.54 -46.49
N VAL H 112 -18.37 11.41 -45.90
CA VAL H 112 -19.77 11.14 -45.63
C VAL H 112 -20.04 11.45 -44.16
N ASN H 113 -20.94 12.41 -43.91
CA ASN H 113 -21.25 12.89 -42.56
C ASN H 113 -20.02 13.46 -41.87
N ASN H 114 -19.11 14.04 -42.66
CA ASN H 114 -17.80 14.48 -42.19
C ASN H 114 -17.05 13.33 -41.53
N LYS H 115 -17.05 12.18 -42.22
CA LYS H 115 -16.39 10.96 -41.76
C LYS H 115 -15.79 10.25 -42.97
N SER H 116 -14.55 9.78 -42.82
CA SER H 116 -13.81 9.21 -43.94
C SER H 116 -14.25 7.77 -44.17
N ILE H 117 -14.90 7.53 -45.32
CA ILE H 117 -15.32 6.20 -45.74
C ILE H 117 -14.80 5.96 -47.14
N ASP H 118 -14.18 4.80 -47.36
CA ASP H 118 -13.59 4.45 -48.65
C ASP H 118 -14.55 3.58 -49.46
N TYR H 119 -14.47 3.72 -50.78
CA TYR H 119 -15.28 2.93 -51.70
C TYR H 119 -14.42 2.47 -52.87
N TYR H 120 -14.89 1.42 -53.55
CA TYR H 120 -14.17 0.83 -54.66
C TYR H 120 -14.63 1.44 -55.99
N GLY H 121 -13.83 1.21 -57.03
CA GLY H 121 -14.16 1.74 -58.33
C GLY H 121 -13.34 1.08 -59.41
N THR H 122 -13.49 1.61 -60.63
CA THR H 122 -12.81 1.11 -61.82
C THR H 122 -11.93 2.21 -62.42
N GLN H 123 -11.20 1.85 -63.47
CA GLN H 123 -10.38 2.83 -64.18
C GLN H 123 -11.22 3.93 -64.81
N THR H 124 -12.53 3.69 -65.01
CA THR H 124 -13.38 4.70 -65.62
C THR H 124 -13.73 5.81 -64.63
N GLN H 125 -14.34 5.46 -63.50
CA GLN H 125 -14.71 6.47 -62.51
C GLN H 125 -13.50 7.19 -61.92
N PHE H 126 -12.29 6.65 -62.09
CA PHE H 126 -11.10 7.33 -61.59
C PHE H 126 -10.91 8.69 -62.26
N PHE H 127 -10.80 8.69 -63.59
CA PHE H 127 -10.58 9.93 -64.33
C PHE H 127 -11.84 10.77 -64.46
N SER H 128 -13.01 10.19 -64.17
CA SER H 128 -14.26 10.96 -64.24
C SER H 128 -14.37 11.93 -63.09
N LEU H 129 -14.28 11.43 -61.86
CA LEU H 129 -14.46 12.26 -60.68
C LEU H 129 -13.29 13.25 -60.53
N ILE H 130 -13.55 14.33 -59.80
CA ILE H 130 -12.53 15.31 -59.48
C ILE H 130 -12.56 15.57 -57.98
N ASN H 131 -11.39 15.77 -57.40
CA ASN H 131 -11.25 15.90 -55.96
C ASN H 131 -11.98 17.15 -55.45
N ASN H 132 -12.35 17.12 -54.17
CA ASN H 132 -13.00 18.23 -53.48
C ASN H 132 -14.32 18.62 -54.13
N LYS H 133 -14.97 17.69 -54.80
CA LYS H 133 -16.24 17.95 -55.48
C LYS H 133 -17.33 17.09 -54.87
N THR H 134 -18.53 17.66 -54.75
CA THR H 134 -19.66 16.93 -54.18
C THR H 134 -20.30 16.04 -55.24
N TYR H 135 -20.54 14.78 -54.88
CA TYR H 135 -21.07 13.79 -55.80
C TYR H 135 -22.23 13.04 -55.14
N GLU H 136 -23.30 12.83 -55.90
CA GLU H 136 -24.41 11.98 -55.47
C GLU H 136 -24.12 10.56 -55.94
N LEU H 137 -23.90 9.65 -54.99
CA LEU H 137 -23.39 8.32 -55.28
C LEU H 137 -24.49 7.27 -55.21
N VAL H 138 -24.40 6.29 -56.11
CA VAL H 138 -25.20 5.07 -56.06
C VAL H 138 -24.25 3.91 -55.82
N LEU H 139 -24.51 3.14 -54.78
CA LEU H 139 -23.60 2.07 -54.35
C LEU H 139 -24.27 0.72 -54.51
N GLN H 140 -23.47 -0.30 -54.80
CA GLN H 140 -23.95 -1.66 -54.92
C GLN H 140 -22.94 -2.62 -54.29
N TYR H 141 -23.45 -3.62 -53.60
CA TYR H 141 -22.61 -4.60 -52.89
C TYR H 141 -22.56 -5.88 -53.72
N SER H 142 -21.36 -6.23 -54.17
CA SER H 142 -21.12 -7.43 -54.96
C SER H 142 -19.62 -7.70 -54.96
N ARG H 143 -19.25 -8.96 -55.19
CA ARG H 143 -17.88 -9.42 -55.00
C ARG H 143 -17.37 -9.02 -53.62
N LYS H 144 -18.28 -9.12 -52.63
CA LYS H 144 -18.01 -8.78 -51.22
C LYS H 144 -17.23 -7.48 -51.06
N LYS H 145 -17.71 -6.44 -51.77
CA LYS H 145 -17.08 -5.12 -51.75
C LYS H 145 -18.16 -4.07 -51.99
N LEU H 146 -17.82 -2.81 -51.69
CA LEU H 146 -18.69 -1.67 -51.94
C LEU H 146 -18.14 -0.86 -53.10
N LEU H 147 -18.90 -0.80 -54.20
CA LEU H 147 -18.48 -0.08 -55.40
C LEU H 147 -19.46 1.02 -55.75
N ILE H 148 -19.01 1.93 -56.60
CA ILE H 148 -19.82 3.03 -57.10
C ILE H 148 -20.50 2.55 -58.39
N LYS H 149 -21.79 2.24 -58.29
CA LYS H 149 -22.54 1.80 -59.47
C LYS H 149 -22.62 2.91 -60.50
N SER H 150 -23.29 4.01 -60.16
CA SER H 150 -23.40 5.17 -61.03
C SER H 150 -23.26 6.43 -60.20
N TYR H 151 -22.53 7.41 -60.73
CA TYR H 151 -22.26 8.64 -60.01
C TYR H 151 -22.96 9.82 -60.66
N GLU H 152 -23.51 10.69 -59.83
CA GLU H 152 -24.00 12.00 -60.21
C GLU H 152 -23.14 13.05 -59.52
N GLN H 153 -23.45 14.33 -59.77
CA GLN H 153 -22.70 15.42 -59.15
C GLN H 153 -23.64 16.44 -58.55
N CYS H 154 -23.17 17.09 -57.49
CA CYS H 154 -23.82 18.24 -56.88
C CYS H 154 -22.77 19.34 -56.75
N GLU H 155 -23.17 20.49 -56.20
CA GLU H 155 -22.28 21.64 -56.14
C GLU H 155 -22.49 22.40 -54.83
N ASP H 156 -21.45 22.41 -53.99
CA ASP H 156 -21.27 23.38 -52.91
C ASP H 156 -22.52 23.52 -52.05
N GLU H 157 -22.84 22.43 -51.33
CA GLU H 157 -23.96 22.48 -50.40
C GLU H 157 -23.54 23.27 -49.16
N ASP H 158 -24.24 24.36 -48.90
CA ASP H 158 -23.91 25.27 -47.80
C ASP H 158 -24.87 25.03 -46.65
N LEU H 159 -24.33 24.85 -45.45
CA LEU H 159 -25.12 24.47 -44.29
C LEU H 159 -25.09 25.53 -43.19
N LEU H 160 -24.80 26.78 -43.54
CA LEU H 160 -24.95 27.87 -42.58
C LEU H 160 -26.43 28.17 -42.39
N MET H 161 -26.74 28.80 -41.24
CA MET H 161 -28.11 29.11 -40.87
C MET H 161 -28.93 27.83 -40.70
N THR H 162 -28.27 26.69 -40.87
CA THR H 162 -28.91 25.38 -40.79
C THR H 162 -28.53 24.75 -39.45
N VAL H 163 -29.50 24.64 -38.55
CA VAL H 163 -29.21 24.16 -37.20
C VAL H 163 -28.80 22.70 -37.22
N CYS H 164 -28.11 22.29 -36.17
CA CYS H 164 -27.56 20.93 -36.07
C CYS H 164 -27.62 20.44 -34.63
N LYS H 165 -28.13 19.23 -34.44
CA LYS H 165 -28.12 18.61 -33.12
C LYS H 165 -26.69 18.30 -32.69
N SER H 166 -25.94 17.60 -33.54
CA SER H 166 -24.63 17.09 -33.20
C SER H 166 -23.57 17.67 -34.13
N VAL H 167 -22.38 17.87 -33.58
CA VAL H 167 -21.19 18.26 -34.34
C VAL H 167 -20.03 17.37 -33.92
N THR H 168 -19.21 16.98 -34.88
CA THR H 168 -18.10 16.09 -34.57
C THR H 168 -16.93 16.88 -33.99
N PHE H 169 -16.00 16.15 -33.38
CA PHE H 169 -14.77 16.77 -32.88
C PHE H 169 -13.89 17.28 -34.01
N GLN H 170 -14.02 16.71 -35.21
CA GLN H 170 -13.26 17.21 -36.36
C GLN H 170 -13.61 18.65 -36.68
N GLU H 171 -14.82 19.09 -36.34
CA GLU H 171 -15.26 20.44 -36.68
C GLU H 171 -14.60 21.47 -35.78
N PHE H 172 -14.44 21.17 -34.50
CA PHE H 172 -13.71 22.06 -33.61
C PHE H 172 -12.25 22.19 -34.02
N CYS H 173 -11.67 21.11 -34.56
CA CYS H 173 -10.30 21.16 -35.05
C CYS H 173 -10.21 21.91 -36.37
N ALA H 174 -11.20 21.73 -37.25
CA ALA H 174 -11.27 22.52 -38.47
C ALA H 174 -11.55 24.00 -38.21
N ASN H 175 -11.85 24.36 -36.97
CA ASN H 175 -12.24 25.72 -36.61
C ASN H 175 -13.38 26.22 -37.49
N GLU H 176 -14.36 25.34 -37.69
CA GLU H 176 -15.46 25.60 -38.61
C GLU H 176 -16.51 26.48 -37.96
N ILE H 177 -17.02 27.45 -38.72
CA ILE H 177 -18.19 28.21 -38.31
C ILE H 177 -19.43 27.39 -38.61
N LYS H 178 -20.31 27.26 -37.63
CA LYS H 178 -21.43 26.34 -37.76
C LYS H 178 -22.65 26.88 -37.01
N SER H 179 -23.83 26.58 -37.55
CA SER H 179 -25.08 26.83 -36.86
C SER H 179 -25.56 25.50 -36.26
N LEU H 180 -25.66 25.46 -34.94
CA LEU H 180 -26.04 24.25 -34.24
C LEU H 180 -27.09 24.55 -33.18
N LEU H 181 -27.76 23.49 -32.73
CA LEU H 181 -28.70 23.59 -31.62
C LEU H 181 -27.95 23.39 -30.31
N ALA H 182 -28.19 24.30 -29.36
CA ALA H 182 -27.64 24.20 -28.03
C ALA H 182 -28.70 24.61 -27.03
N LYS H 183 -28.45 24.27 -25.76
CA LYS H 183 -29.34 24.64 -24.67
C LYS H 183 -28.62 25.63 -23.77
N PHE H 184 -29.22 26.80 -23.57
CA PHE H 184 -28.69 27.75 -22.60
C PHE H 184 -28.92 27.24 -21.19
N LEU H 185 -27.86 27.26 -20.38
CA LEU H 185 -27.97 26.92 -18.97
C LEU H 185 -28.11 28.19 -18.14
N TYR H 186 -27.03 28.97 -18.10
CA TYR H 186 -26.92 30.15 -17.25
C TYR H 186 -25.65 30.90 -17.62
N GLY H 187 -25.71 32.24 -17.48
CA GLY H 187 -24.57 33.07 -17.79
C GLY H 187 -24.36 34.10 -16.69
N PHE H 188 -23.21 34.77 -16.77
CA PHE H 188 -22.81 35.69 -15.72
C PHE H 188 -21.71 36.60 -16.24
N LYS H 189 -21.28 37.53 -15.38
CA LYS H 189 -20.13 38.39 -15.65
C LYS H 189 -18.91 37.79 -14.97
N ILE H 190 -17.79 37.73 -15.70
CA ILE H 190 -16.56 37.17 -15.13
C ILE H 190 -16.04 38.10 -14.05
N TYR H 191 -15.53 37.52 -12.97
CA TYR H 191 -15.00 38.32 -11.87
C TYR H 191 -13.83 39.17 -12.34
N GLY H 192 -13.73 40.37 -11.76
CA GLY H 192 -12.65 41.27 -12.06
C GLY H 192 -12.88 42.12 -13.29
N SER H 193 -13.52 41.54 -14.31
CA SER H 193 -13.74 42.25 -15.56
C SER H 193 -14.94 43.18 -15.45
N SER H 194 -14.95 44.18 -16.36
CA SER H 194 -16.04 45.14 -16.42
C SER H 194 -16.82 45.10 -17.74
N ASN H 195 -16.34 44.35 -18.74
CA ASN H 195 -17.01 44.30 -20.03
C ASN H 195 -17.00 42.89 -20.63
N VAL H 196 -16.69 41.85 -19.85
CA VAL H 196 -16.56 40.50 -20.35
C VAL H 196 -17.56 39.60 -19.63
N TYR H 197 -18.23 38.74 -20.40
CA TYR H 197 -19.26 37.86 -19.87
C TYR H 197 -19.03 36.45 -20.40
N LYS H 198 -19.72 35.49 -19.77
CA LYS H 198 -19.60 34.08 -20.12
C LYS H 198 -20.99 33.45 -20.19
N LEU H 199 -21.25 32.70 -21.26
CA LEU H 199 -22.47 31.93 -21.43
C LEU H 199 -22.14 30.46 -21.41
N VAL H 200 -22.96 29.68 -20.70
CA VAL H 200 -22.75 28.24 -20.56
C VAL H 200 -23.85 27.53 -21.34
N PHE H 201 -23.46 26.76 -22.36
CA PHE H 201 -24.38 26.03 -23.20
C PHE H 201 -24.15 24.53 -23.06
N VAL H 202 -25.18 23.76 -23.42
CA VAL H 202 -25.07 22.31 -23.55
C VAL H 202 -25.24 21.96 -25.02
N ILE H 203 -24.23 21.32 -25.59
CA ILE H 203 -24.25 20.87 -26.97
C ILE H 203 -24.05 19.35 -26.99
N LEU H 204 -24.28 18.77 -28.17
CA LEU H 204 -24.07 17.34 -28.39
C LEU H 204 -22.87 17.17 -29.30
N LEU H 205 -21.86 16.44 -28.81
CA LEU H 205 -20.62 16.21 -29.54
C LEU H 205 -20.53 14.76 -29.98
N GLU H 206 -20.07 14.55 -31.21
CA GLU H 206 -19.87 13.20 -31.76
C GLU H 206 -18.38 12.94 -31.88
N ASP H 207 -17.93 11.82 -31.30
CA ASP H 207 -16.56 11.38 -31.48
C ASP H 207 -16.47 10.51 -32.74
N ASN H 208 -15.28 9.95 -32.99
CA ASN H 208 -15.09 9.14 -34.19
C ASN H 208 -15.88 7.84 -34.12
N ASN H 209 -16.13 7.33 -32.91
CA ASN H 209 -16.89 6.10 -32.76
C ASN H 209 -18.33 6.25 -33.21
N GLY H 210 -18.82 7.48 -33.39
CA GLY H 210 -20.20 7.72 -33.72
C GLY H 210 -21.12 7.85 -32.53
N THR H 211 -20.59 7.71 -31.31
CA THR H 211 -21.39 7.89 -30.10
C THR H 211 -21.58 9.38 -29.84
N ILE H 212 -22.84 9.80 -29.74
CA ILE H 212 -23.18 11.20 -29.48
C ILE H 212 -23.30 11.40 -27.98
N ASN H 213 -22.53 12.35 -27.44
CA ASN H 213 -22.48 12.59 -26.01
C ASN H 213 -22.80 14.05 -25.73
N GLY H 214 -23.63 14.29 -24.72
CA GLY H 214 -23.94 15.65 -24.31
C GLY H 214 -22.82 16.22 -23.45
N VAL H 215 -22.29 17.36 -23.86
CA VAL H 215 -21.17 17.98 -23.17
C VAL H 215 -21.49 19.44 -22.88
N GLN H 216 -20.88 19.97 -21.83
CA GLN H 216 -21.03 21.36 -21.42
C GLN H 216 -19.98 22.20 -22.16
N VAL H 217 -20.40 23.33 -22.72
CA VAL H 217 -19.53 24.17 -23.52
C VAL H 217 -19.61 25.61 -23.05
N GLU H 218 -18.50 26.32 -23.13
CA GLU H 218 -18.38 27.71 -22.72
C GLU H 218 -18.30 28.60 -23.95
N MET H 219 -18.63 29.88 -23.75
CA MET H 219 -18.70 30.83 -24.87
C MET H 219 -18.62 32.23 -24.30
N MET H 220 -17.48 32.90 -24.52
CA MET H 220 -17.21 34.23 -23.99
C MET H 220 -17.42 35.29 -25.06
N SER H 221 -17.88 36.46 -24.63
CA SER H 221 -18.14 37.56 -25.56
C SER H 221 -18.19 38.87 -24.79
N ASP H 222 -17.86 39.95 -25.49
CA ASP H 222 -18.04 41.29 -24.96
C ASP H 222 -19.51 41.68 -25.02
N PHE H 223 -19.88 42.70 -24.24
CA PHE H 223 -21.27 43.08 -24.12
C PHE H 223 -21.84 43.54 -25.46
N LYS H 224 -21.11 44.40 -26.16
CA LYS H 224 -21.53 44.93 -27.44
C LYS H 224 -21.97 43.82 -28.41
N ARG H 225 -21.10 42.83 -28.62
CA ARG H 225 -21.43 41.77 -29.58
C ARG H 225 -22.58 40.90 -29.08
N LEU H 226 -22.75 40.76 -27.76
CA LEU H 226 -23.87 39.98 -27.25
C LEU H 226 -25.20 40.69 -27.46
N SER H 227 -25.21 42.02 -27.43
CA SER H 227 -26.45 42.76 -27.63
C SER H 227 -27.09 42.42 -28.97
N GLY H 228 -26.29 42.46 -30.04
CA GLY H 228 -26.82 42.16 -31.36
C GLY H 228 -27.04 40.69 -31.64
N ALA H 229 -26.37 39.81 -30.87
CA ALA H 229 -26.44 38.39 -31.16
C ALA H 229 -27.83 37.81 -30.94
N PHE H 230 -28.56 38.32 -29.96
CA PHE H 230 -29.86 37.76 -29.59
C PHE H 230 -30.91 38.21 -30.61
N LYS H 231 -31.28 37.31 -31.51
CA LYS H 231 -32.35 37.61 -32.46
C LYS H 231 -33.68 37.75 -31.73
N ASN H 232 -34.39 38.84 -32.02
CA ASN H 232 -35.71 39.14 -31.44
C ASN H 232 -35.62 39.34 -29.92
N HIS H 233 -34.54 39.96 -29.47
CA HIS H 233 -34.41 40.40 -28.08
C HIS H 233 -33.64 41.72 -28.07
N VAL H 234 -34.24 42.74 -27.46
CA VAL H 234 -33.63 44.06 -27.41
C VAL H 234 -32.82 44.19 -26.13
N ILE H 235 -31.50 44.35 -26.28
CA ILE H 235 -30.58 44.55 -25.16
C ILE H 235 -29.77 45.80 -25.44
N GLU H 236 -29.75 46.73 -24.46
CA GLU H 236 -29.14 48.03 -24.67
C GLU H 236 -28.21 48.49 -23.54
N ASN H 237 -28.33 47.93 -22.34
CA ASN H 237 -27.43 48.28 -21.25
C ASN H 237 -27.08 47.00 -20.48
N GLU H 238 -26.20 47.14 -19.47
CA GLU H 238 -25.68 45.98 -18.77
C GLU H 238 -26.78 45.22 -18.05
N ASN H 239 -27.77 45.92 -17.51
CA ASN H 239 -28.83 45.27 -16.73
C ASN H 239 -29.80 44.48 -17.60
N ASP H 240 -29.90 44.79 -18.89
CA ASP H 240 -30.80 44.06 -19.79
C ASP H 240 -30.24 42.72 -20.22
N LEU H 241 -28.92 42.54 -20.20
CA LEU H 241 -28.35 41.25 -20.59
C LEU H 241 -28.66 40.17 -19.57
N PHE H 242 -28.82 40.54 -18.30
CA PHE H 242 -28.97 39.55 -17.25
C PHE H 242 -30.38 38.97 -17.22
N ASP H 243 -31.40 39.84 -17.14
CA ASP H 243 -32.77 39.34 -17.02
C ASP H 243 -33.22 38.60 -18.27
N CYS H 244 -32.63 38.91 -19.43
CA CYS H 244 -32.92 38.12 -20.63
C CYS H 244 -32.38 36.70 -20.49
N MET H 245 -31.19 36.56 -19.91
CA MET H 245 -30.64 35.23 -19.65
C MET H 245 -31.47 34.49 -18.60
N TYR H 246 -31.84 35.18 -17.52
CA TYR H 246 -32.57 34.55 -16.43
C TYR H 246 -34.02 34.21 -16.79
N LYS H 247 -34.53 34.73 -17.90
CA LYS H 247 -35.79 34.26 -18.45
C LYS H 247 -35.60 33.36 -19.66
N SER H 248 -34.37 33.24 -20.17
CA SER H 248 -34.01 32.25 -21.16
C SER H 248 -33.34 31.03 -20.52
N GLU H 249 -33.37 30.93 -19.19
CA GLU H 249 -32.76 29.79 -18.51
C GLU H 249 -33.39 28.48 -18.98
N GLU H 250 -32.55 27.48 -19.19
CA GLU H 250 -32.97 26.13 -19.52
C GLU H 250 -33.87 26.11 -20.77
N LYS H 251 -33.67 27.08 -21.66
CA LYS H 251 -34.40 27.16 -22.92
C LYS H 251 -33.44 26.90 -24.07
N TYR H 252 -33.92 26.15 -25.07
CA TYR H 252 -33.09 25.79 -26.20
C TYR H 252 -32.90 26.98 -27.14
N PHE H 253 -31.71 27.08 -27.72
CA PHE H 253 -31.34 28.19 -28.60
C PHE H 253 -30.81 27.66 -29.92
N ASN H 254 -31.15 28.36 -31.00
CA ASN H 254 -30.57 28.10 -32.32
C ASN H 254 -29.32 28.98 -32.43
N LEU H 255 -28.18 28.42 -32.04
CA LEU H 255 -26.90 29.12 -32.17
C LEU H 255 -26.51 29.15 -33.64
N TYR H 256 -26.70 30.30 -34.28
CA TYR H 256 -26.47 30.42 -35.71
C TYR H 256 -25.04 30.86 -35.98
N ARG H 257 -24.34 30.08 -36.81
CA ARG H 257 -23.03 30.42 -37.38
C ARG H 257 -22.03 30.87 -36.30
N ILE H 258 -21.89 30.02 -35.28
CA ILE H 258 -20.90 30.20 -34.23
C ILE H 258 -19.63 29.48 -34.63
N LYS H 259 -18.50 29.92 -34.06
CA LYS H 259 -17.21 29.32 -34.37
C LYS H 259 -16.83 28.29 -33.32
N CYS H 260 -16.31 27.16 -33.78
CA CYS H 260 -15.91 26.04 -32.92
C CYS H 260 -14.39 25.94 -32.97
N ASN H 261 -13.73 26.46 -31.93
CA ASN H 261 -12.31 26.80 -32.01
C ASN H 261 -11.53 26.03 -30.96
N HIS H 262 -10.28 25.74 -31.30
CA HIS H 262 -9.41 25.00 -30.41
C HIS H 262 -8.30 25.95 -30.01
N ASN H 263 -7.51 25.61 -29.00
CA ASN H 263 -6.49 26.56 -28.54
C ASN H 263 -5.11 25.95 -28.38
N ALA H 264 -4.15 26.76 -27.93
CA ALA H 264 -2.81 26.23 -27.67
C ALA H 264 -3.00 25.21 -26.58
N ASN H 265 -3.93 25.49 -25.66
CA ASN H 265 -4.24 24.54 -24.58
C ASN H 265 -5.35 23.53 -24.95
N ASN H 266 -5.66 23.39 -26.23
CA ASN H 266 -6.68 22.41 -26.67
C ASN H 266 -7.99 22.42 -25.90
N TYR H 267 -8.70 23.54 -25.91
CA TYR H 267 -9.96 23.69 -25.21
C TYR H 267 -10.96 23.87 -26.33
N LYS H 268 -12.11 23.23 -26.25
CA LYS H 268 -13.08 23.32 -27.32
C LYS H 268 -14.19 24.28 -26.91
N SER H 269 -14.18 25.50 -27.43
CA SER H 269 -15.17 26.47 -26.97
C SER H 269 -15.98 27.00 -28.15
N LEU H 270 -17.10 27.63 -27.81
CA LEU H 270 -17.90 28.37 -28.77
C LEU H 270 -17.57 29.86 -28.65
N SER H 271 -17.65 30.56 -29.78
CA SER H 271 -17.28 31.97 -29.80
C SER H 271 -18.05 32.68 -30.89
N LEU H 272 -18.63 33.83 -30.53
CA LEU H 272 -19.52 34.55 -31.43
C LEU H 272 -18.75 35.12 -32.63
N SER H 273 -19.34 34.99 -33.80
CA SER H 273 -18.92 35.79 -34.94
C SER H 273 -19.48 37.20 -34.80
N SER H 274 -18.93 38.13 -35.60
CA SER H 274 -19.50 39.47 -35.65
C SER H 274 -20.97 39.42 -36.02
N ASN H 275 -21.34 38.45 -36.86
CA ASN H 275 -22.71 38.25 -37.32
C ASN H 275 -23.16 36.83 -36.99
N SER H 276 -23.90 36.71 -35.89
CA SER H 276 -24.39 35.43 -35.37
C SER H 276 -25.74 35.69 -34.71
N GLN H 277 -26.56 34.65 -34.61
CA GLN H 277 -27.92 34.79 -34.10
C GLN H 277 -28.19 33.77 -33.00
N LEU H 278 -28.79 34.23 -31.91
CA LEU H 278 -29.19 33.38 -30.80
C LEU H 278 -30.70 33.50 -30.64
N GLU H 279 -31.43 32.45 -31.04
CA GLU H 279 -32.88 32.47 -31.13
C GLU H 279 -33.48 31.50 -30.13
N ARG H 280 -34.44 31.95 -29.34
CA ARG H 280 -35.18 31.06 -28.45
C ARG H 280 -36.09 30.17 -29.29
N LEU H 281 -35.83 28.85 -29.28
CA LEU H 281 -36.66 27.95 -30.07
C LEU H 281 -38.08 27.86 -29.52
N GLU H 282 -38.23 28.01 -28.20
CA GLU H 282 -39.54 28.22 -27.57
C GLU H 282 -40.49 27.04 -27.76
N THR H 283 -39.96 25.83 -27.92
CA THR H 283 -40.77 24.65 -28.17
C THR H 283 -40.61 23.69 -26.99
N ASP H 284 -41.50 23.79 -26.01
CA ASP H 284 -41.54 22.78 -24.96
C ASP H 284 -42.07 21.43 -25.48
N ASP H 285 -42.83 21.45 -26.56
CA ASP H 285 -43.25 20.21 -27.20
C ASP H 285 -42.14 19.68 -28.11
N SER H 286 -42.01 18.35 -28.14
CA SER H 286 -41.04 17.56 -28.90
C SER H 286 -39.63 17.63 -28.31
N MET H 287 -39.39 18.44 -27.28
CA MET H 287 -38.10 18.43 -26.58
C MET H 287 -38.13 17.57 -25.32
N PHE H 288 -39.27 16.95 -25.02
CA PHE H 288 -39.40 16.10 -23.85
C PHE H 288 -38.76 14.74 -24.08
N TYR H 294 -29.03 13.49 -22.51
CA TYR H 294 -28.42 14.73 -22.98
C TYR H 294 -27.76 15.49 -21.82
N ASP H 295 -27.85 14.92 -20.62
CA ASP H 295 -27.30 15.57 -19.44
C ASP H 295 -25.78 15.61 -19.50
N TYR H 296 -25.20 16.72 -19.05
CA TYR H 296 -23.77 16.93 -19.17
C TYR H 296 -23.00 16.24 -18.05
N THR H 297 -21.88 15.63 -18.41
CA THR H 297 -20.98 14.97 -17.48
C THR H 297 -19.64 15.68 -17.35
N VAL H 298 -19.11 16.21 -18.45
CA VAL H 298 -17.82 16.89 -18.45
C VAL H 298 -17.93 18.17 -19.29
N ASN H 299 -17.09 19.14 -18.96
CA ASN H 299 -16.98 20.39 -19.71
C ASN H 299 -15.79 20.29 -20.64
N ILE H 300 -16.02 20.45 -21.94
CA ILE H 300 -14.93 20.38 -22.91
C ILE H 300 -14.07 21.62 -22.87
N SER H 301 -14.57 22.73 -22.32
CA SER H 301 -13.82 23.97 -22.22
C SER H 301 -13.05 24.10 -20.91
N ARG H 302 -12.95 23.02 -20.13
CA ARG H 302 -12.20 23.04 -18.88
C ARG H 302 -11.76 21.62 -18.57
N SER H 303 -10.45 21.39 -18.52
CA SER H 303 -9.89 20.05 -18.42
C SER H 303 -10.29 19.35 -17.12
N ASN H 304 -11.08 18.28 -17.23
CA ASN H 304 -11.49 17.43 -16.12
C ASN H 304 -12.29 18.19 -15.06
N LYS H 305 -12.92 19.30 -15.42
CA LYS H 305 -13.79 20.04 -14.52
C LYS H 305 -15.09 20.37 -15.23
N ILE H 306 -16.06 20.89 -14.45
CA ILE H 306 -17.34 21.37 -14.99
C ILE H 306 -17.74 22.64 -14.24
N ILE H 307 -18.97 23.10 -14.49
CA ILE H 307 -19.51 24.31 -13.88
C ILE H 307 -20.92 24.02 -13.36
N GLN H 308 -21.24 24.56 -12.19
CA GLN H 308 -22.58 24.45 -11.62
C GLN H 308 -22.98 25.77 -10.99
N LYS H 309 -24.26 26.12 -11.12
CA LYS H 309 -24.81 27.34 -10.55
C LYS H 309 -25.60 26.99 -9.28
N HIS H 310 -25.28 27.68 -8.19
CA HIS H 310 -25.97 27.50 -6.92
C HIS H 310 -26.81 28.74 -6.60
N ARG H 311 -27.64 28.61 -5.57
CA ARG H 311 -28.42 29.72 -5.03
C ARG H 311 -28.08 29.84 -3.55
N VAL H 312 -27.50 30.98 -3.16
CA VAL H 312 -27.08 31.18 -1.78
C VAL H 312 -28.32 31.42 -0.92
N THR H 313 -28.50 30.57 0.09
CA THR H 313 -29.69 30.60 0.95
C THR H 313 -29.41 31.18 2.32
N GLY H 314 -28.43 30.66 3.04
CA GLY H 314 -28.21 31.05 4.42
C GLY H 314 -26.88 31.72 4.71
N ASN H 315 -26.11 31.12 5.62
CA ASN H 315 -24.93 31.77 6.19
C ASN H 315 -23.85 31.95 5.13
N PHE H 316 -23.49 33.21 4.87
CA PHE H 316 -22.48 33.56 3.88
C PHE H 316 -21.35 34.32 4.57
N THR H 317 -20.11 33.91 4.30
CA THR H 317 -18.95 34.50 4.98
C THR H 317 -17.83 34.74 4.00
N SER H 318 -17.13 35.86 4.18
CA SER H 318 -16.02 36.28 3.32
C SER H 318 -14.81 36.63 4.16
N GLU H 319 -13.64 36.18 3.71
CA GLU H 319 -12.40 36.38 4.44
C GLU H 319 -11.33 36.63 3.40
N ARG H 320 -10.76 37.84 3.43
CA ARG H 320 -9.70 38.17 2.49
C ARG H 320 -8.48 37.39 2.91
N ASN H 321 -8.20 36.37 2.19
CA ASN H 321 -6.97 35.67 2.43
C ASN H 321 -5.89 36.12 1.49
N ILE H 322 -4.72 36.40 1.99
CA ILE H 322 -3.63 36.56 1.02
C ILE H 322 -2.61 35.43 1.23
N TYR H 323 -2.30 34.76 0.14
CA TYR H 323 -1.39 33.62 0.13
C TYR H 323 -0.22 33.87 -0.79
N GLN H 324 0.84 33.13 -0.51
CA GLN H 324 2.03 33.01 -1.34
C GLN H 324 1.67 32.81 -2.80
N ASN H 325 0.60 32.07 -3.06
CA ASN H 325 0.23 31.77 -4.44
C ASN H 325 -0.73 32.79 -5.05
N SER H 326 -1.61 33.42 -4.27
CA SER H 326 -2.46 34.47 -4.81
C SER H 326 -3.19 35.19 -3.70
N ASP H 327 -3.63 36.42 -4.01
CA ASP H 327 -4.64 37.11 -3.22
C ASP H 327 -6.00 36.52 -3.50
N ARG H 328 -6.68 36.04 -2.47
CA ARG H 328 -7.96 35.36 -2.65
C ARG H 328 -8.97 35.88 -1.65
N PHE H 329 -10.20 35.40 -1.82
CA PHE H 329 -11.25 35.51 -0.83
C PHE H 329 -11.69 34.10 -0.48
N VAL H 330 -11.77 33.81 0.81
CA VAL H 330 -12.33 32.56 1.28
C VAL H 330 -13.82 32.77 1.56
N ILE H 331 -14.66 31.93 0.94
CA ILE H 331 -16.10 32.07 1.00
C ILE H 331 -16.73 30.75 1.42
N SER H 332 -17.73 30.83 2.30
CA SER H 332 -18.56 29.67 2.66
C SER H 332 -20.00 30.12 2.68
N TYR H 333 -20.84 29.46 1.90
CA TYR H 333 -22.23 29.85 1.75
C TYR H 333 -23.14 28.63 1.83
N ASP H 334 -24.40 28.87 2.17
CA ASP H 334 -25.42 27.83 2.25
C ASP H 334 -26.14 27.67 0.92
N THR H 335 -26.40 26.42 0.56
CA THR H 335 -27.47 26.06 -0.35
C THR H 335 -28.33 25.02 0.34
N ALA H 336 -29.60 24.93 -0.09
CA ALA H 336 -30.47 23.91 0.45
C ALA H 336 -29.91 22.51 0.23
N ASN H 337 -28.96 22.36 -0.68
CA ASN H 337 -28.36 21.07 -0.99
C ASN H 337 -27.24 20.72 -0.01
N GLU H 338 -26.21 21.57 0.06
CA GLU H 338 -25.09 21.33 0.96
C GLU H 338 -24.55 22.67 1.47
N LYS H 339 -23.43 22.61 2.17
CA LYS H 339 -22.65 23.78 2.56
C LYS H 339 -21.35 23.77 1.76
N ILE H 340 -21.13 24.82 0.96
CA ILE H 340 -19.98 24.91 0.07
C ILE H 340 -18.95 25.84 0.68
N LYS H 341 -17.71 25.37 0.78
CA LYS H 341 -16.56 26.23 1.00
C LYS H 341 -15.76 26.29 -0.29
N THR H 342 -15.26 27.48 -0.61
CA THR H 342 -14.60 27.71 -1.88
C THR H 342 -13.77 28.98 -1.79
N SER H 343 -12.97 29.21 -2.83
CA SER H 343 -12.13 30.39 -2.93
C SER H 343 -12.33 31.02 -4.31
N ILE H 344 -12.02 32.32 -4.39
CA ILE H 344 -12.09 33.05 -5.65
C ILE H 344 -10.80 33.83 -5.83
N TYR H 345 -10.15 33.62 -6.98
CA TYR H 345 -8.91 34.32 -7.27
C TYR H 345 -9.21 35.80 -7.56
N ASN H 346 -8.40 36.69 -7.00
CA ASN H 346 -8.64 38.12 -7.12
C ASN H 346 -7.83 38.68 -8.29
N ARG H 347 -8.51 39.45 -9.13
CA ARG H 347 -7.89 40.10 -10.27
C ARG H 347 -8.63 41.40 -10.56
N MET H 348 -7.99 42.26 -11.36
CA MET H 348 -8.58 43.51 -11.78
C MET H 348 -8.32 43.69 -13.27
N GLU H 349 -9.38 44.02 -14.03
CA GLU H 349 -9.28 44.03 -15.48
C GLU H 349 -8.26 45.06 -15.96
N ASN H 350 -8.31 46.27 -15.41
CA ASN H 350 -7.49 47.37 -15.88
C ASN H 350 -6.77 48.04 -14.71
N ALA H 351 -5.59 48.57 -15.00
CA ALA H 351 -4.79 49.36 -14.05
C ALA H 351 -4.54 50.72 -14.68
N GLU H 352 -5.58 51.55 -14.73
CA GLU H 352 -5.54 52.76 -15.55
C GLU H 352 -4.63 53.83 -14.95
N SER H 353 -4.52 53.88 -13.62
CA SER H 353 -3.73 54.92 -12.98
C SER H 353 -3.46 54.50 -11.54
N LYS H 354 -2.33 54.99 -11.02
CA LYS H 354 -1.95 54.88 -9.60
C LYS H 354 -2.29 53.51 -9.01
N THR H 355 -2.78 53.49 -7.78
CA THR H 355 -3.17 52.25 -7.12
C THR H 355 -4.70 52.13 -7.12
N ASP H 356 -5.20 51.22 -7.94
CA ASP H 356 -6.62 50.90 -7.99
C ASP H 356 -6.93 49.48 -7.52
N TYR H 357 -6.00 48.54 -7.73
CA TYR H 357 -6.22 47.16 -7.31
C TYR H 357 -6.48 47.07 -5.81
N ASP H 358 -5.61 47.68 -5.01
CA ASP H 358 -5.77 47.63 -3.56
C ASP H 358 -7.06 48.31 -3.12
N THR H 359 -7.40 49.43 -3.73
CA THR H 359 -8.57 50.18 -3.29
C THR H 359 -9.86 49.50 -3.73
N SER H 360 -9.88 48.92 -4.93
CA SER H 360 -11.11 48.31 -5.44
C SER H 360 -11.32 46.88 -4.97
N ILE H 361 -10.26 46.18 -4.55
CA ILE H 361 -10.45 44.86 -3.96
C ILE H 361 -11.01 44.98 -2.55
N THR H 362 -10.45 45.90 -1.75
CA THR H 362 -11.02 46.18 -0.44
C THR H 362 -12.44 46.72 -0.55
N LEU H 363 -12.74 47.44 -1.64
CA LEU H 363 -14.11 47.87 -1.91
C LEU H 363 -15.03 46.66 -2.07
N LYS H 364 -14.52 45.57 -2.65
CA LYS H 364 -15.34 44.39 -2.87
C LYS H 364 -15.49 43.55 -1.61
N ASP H 365 -14.46 43.50 -0.75
CA ASP H 365 -14.60 42.85 0.55
C ASP H 365 -15.77 43.43 1.33
N VAL H 366 -16.05 44.71 1.14
CA VAL H 366 -17.12 45.37 1.89
C VAL H 366 -18.48 44.88 1.40
N THR H 367 -18.69 44.92 0.07
CA THR H 367 -19.93 44.38 -0.49
C THR H 367 -20.13 42.92 -0.11
N LEU H 368 -19.04 42.20 0.17
CA LEU H 368 -19.14 40.80 0.55
C LEU H 368 -19.64 40.65 1.98
N SER H 369 -19.01 41.34 2.93
CA SER H 369 -19.45 41.27 4.32
C SER H 369 -20.84 41.89 4.53
N GLN H 370 -21.49 42.36 3.47
CA GLN H 370 -22.86 42.85 3.54
C GLN H 370 -23.87 41.87 2.95
N LEU H 371 -23.44 40.95 2.10
CA LEU H 371 -24.37 40.06 1.42
C LEU H 371 -25.21 39.28 2.41
N ASN H 372 -24.58 38.74 3.46
CA ASN H 372 -25.31 37.95 4.44
C ASN H 372 -26.43 38.76 5.08
N SER H 373 -26.18 40.04 5.33
CA SER H 373 -27.22 40.91 5.88
C SER H 373 -28.35 41.13 4.88
N LEU H 374 -28.05 41.05 3.59
CA LEU H 374 -29.06 41.32 2.56
C LEU H 374 -29.84 40.08 2.16
N ILE H 375 -29.23 38.89 2.22
CA ILE H 375 -29.95 37.68 1.84
C ILE H 375 -31.03 37.36 2.84
N GLU H 376 -30.74 37.54 4.14
CA GLU H 376 -31.76 37.33 5.17
C GLU H 376 -32.94 38.26 4.96
N SER H 377 -32.66 39.53 4.67
CA SER H 377 -33.70 40.53 4.48
C SER H 377 -34.45 40.36 3.17
N ASN H 378 -34.10 39.36 2.36
CA ASN H 378 -34.64 39.17 1.01
C ASN H 378 -34.48 40.43 0.17
N LEU H 379 -33.62 41.36 0.60
CA LEU H 379 -33.33 42.53 -0.21
C LEU H 379 -32.59 42.13 -1.49
N VAL H 380 -31.83 41.04 -1.45
CA VAL H 380 -31.22 40.46 -2.64
C VAL H 380 -31.27 38.95 -2.52
N GLN H 381 -31.35 38.29 -3.68
CA GLN H 381 -31.00 36.88 -3.82
C GLN H 381 -29.66 36.79 -4.53
N VAL H 382 -28.97 35.67 -4.32
CA VAL H 382 -27.60 35.51 -4.80
C VAL H 382 -27.51 34.24 -5.63
N ASP H 383 -26.90 34.34 -6.81
CA ASP H 383 -26.57 33.20 -7.64
C ASP H 383 -25.06 33.10 -7.74
N VAL H 384 -24.51 31.93 -7.42
CA VAL H 384 -23.08 31.68 -7.45
C VAL H 384 -22.79 30.67 -8.54
N TYR H 385 -21.99 31.07 -9.52
CA TYR H 385 -21.55 30.19 -10.61
C TYR H 385 -20.19 29.62 -10.22
N LEU H 386 -20.17 28.34 -9.87
CA LEU H 386 -19.02 27.71 -9.26
C LEU H 386 -18.40 26.69 -10.20
N VAL H 387 -17.08 26.70 -10.28
CA VAL H 387 -16.34 25.71 -11.06
C VAL H 387 -16.01 24.54 -10.14
N THR H 388 -16.42 23.34 -10.53
CA THR H 388 -16.26 22.16 -9.70
C THR H 388 -15.63 21.02 -10.48
N ASP H 389 -14.73 20.31 -9.82
CA ASP H 389 -14.23 19.04 -10.33
C ASP H 389 -15.24 17.96 -9.98
N PRO H 390 -15.83 17.27 -10.97
CA PRO H 390 -16.75 16.17 -10.62
C PRO H 390 -16.07 15.12 -9.75
N ASN H 391 -14.78 14.88 -10.00
CA ASN H 391 -14.04 13.89 -9.23
C ASN H 391 -13.82 14.36 -7.79
N ASN H 392 -13.47 15.63 -7.62
CA ASN H 392 -13.00 16.16 -6.34
C ASN H 392 -13.88 17.31 -5.89
N VAL H 393 -14.43 17.19 -4.68
CA VAL H 393 -15.20 18.29 -4.11
C VAL H 393 -14.28 19.47 -3.76
N LYS H 394 -12.99 19.20 -3.51
CA LYS H 394 -12.09 20.25 -3.06
C LYS H 394 -11.87 21.32 -4.12
N ASN H 395 -11.61 20.92 -5.35
CA ASN H 395 -11.28 21.86 -6.43
C ASN H 395 -12.51 22.72 -6.74
N ASN H 396 -12.74 23.70 -5.88
CA ASN H 396 -13.86 24.62 -6.01
C ASN H 396 -13.32 26.03 -6.13
N VAL H 397 -13.50 26.64 -7.29
CA VAL H 397 -13.14 28.03 -7.54
C VAL H 397 -14.39 28.75 -8.06
N ILE H 398 -14.56 30.00 -7.65
CA ILE H 398 -15.71 30.79 -8.08
C ILE H 398 -15.41 31.42 -9.43
N ALA H 399 -16.36 31.32 -10.35
CA ALA H 399 -16.21 31.91 -11.68
C ALA H 399 -16.97 33.22 -11.83
N GLY H 400 -18.14 33.35 -11.19
CA GLY H 400 -18.89 34.58 -11.25
C GLY H 400 -19.97 34.62 -10.20
N ILE H 401 -20.38 35.85 -9.84
CA ILE H 401 -21.50 36.10 -8.94
C ILE H 401 -22.40 37.17 -9.55
N THR H 402 -23.69 36.90 -9.51
CA THR H 402 -24.72 37.80 -10.00
C THR H 402 -25.70 38.03 -8.86
N LYS H 403 -25.73 39.26 -8.32
CA LYS H 403 -26.67 39.60 -7.27
C LYS H 403 -27.98 40.07 -7.88
N ILE H 404 -29.09 39.73 -7.23
CA ILE H 404 -30.43 39.97 -7.77
C ILE H 404 -31.20 40.75 -6.71
N GLU H 405 -31.29 42.06 -6.87
CA GLU H 405 -31.90 42.92 -5.86
C GLU H 405 -33.42 43.00 -6.05
N ILE H 406 -34.09 43.49 -5.01
CA ILE H 406 -35.54 43.57 -5.00
C ILE H 406 -36.05 44.41 -6.17
N ASP H 407 -35.40 45.54 -6.44
CA ASP H 407 -35.81 46.45 -7.49
C ASP H 407 -35.40 45.99 -8.89
N GLY H 408 -35.09 44.71 -9.07
CA GLY H 408 -34.76 44.17 -10.37
C GLY H 408 -33.39 44.52 -10.89
N THR H 409 -32.68 45.45 -10.25
CA THR H 409 -31.34 45.81 -10.69
C THR H 409 -30.40 44.62 -10.53
N TYR H 410 -29.52 44.43 -11.51
CA TYR H 410 -28.52 43.37 -11.48
C TYR H 410 -27.14 43.99 -11.26
N GLU H 411 -26.45 43.55 -10.22
CA GLU H 411 -25.09 44.02 -9.93
C GLU H 411 -24.15 42.82 -9.86
N PRO H 412 -23.44 42.51 -10.93
CA PRO H 412 -22.44 41.45 -10.86
C PRO H 412 -21.12 41.95 -10.28
N LEU H 413 -20.07 41.15 -10.36
CA LEU H 413 -18.77 41.54 -9.83
C LEU H 413 -17.64 41.20 -10.81
#